data_8WHS
#
_entry.id   8WHS
#
loop_
_entity.id
_entity.type
_entity.pdbx_description
1 polymer 'Spike glycoprotein'
2 polymer 'Processed angiotensin-converting enzyme 2'
3 branched beta-D-mannopyranose-(1-4)-2-acetamido-2-deoxy-beta-D-glucopyranose
4 non-polymer 2-acetamido-2-deoxy-beta-D-glucopyranose
5 non-polymer 'ZINC ION'
6 non-polymer 'CHLORIDE ION'
#
loop_
_entity_poly.entity_id
_entity_poly.type
_entity_poly.pdbx_seq_one_letter_code
_entity_poly.pdbx_strand_id
1 'polypeptide(L)'
;ATMFVFLVLLPLVSSQCVMPLFNLITTTQSYTNSFTRGVYYPDKVFRSSVLHLTQDLFLPFFSNVTWFHAISGTNGTKRF
DNPVLPFNDGVYFASTEKSNIIRGWIFGTTLDSKTQSLLIVNNATNVFIKVCEFQFCNDPFLDVYHKNNKSWMESESGVY
SSANNCTFEYVSQPFLMDLEGKQGNFKNLREFVFKNIDGYFKIYSKHTPIIGRDFPQGFSALEPLVDLPIGINITRFQTL
LALNRSYLTPGDSSSGWTAGAADYYVGYLQPRTFLLKYNENGTITDAVDCALDPLSETKCTLKSFTVEKGIYQTSNFRVQ
PTESIVRFPNVTNLCPFHEVFNATRFASVYAWNRTRISNCVADYSVLYNFAPFFAFKCYGVSPTKLNDLCFTNVYADSFV
IKGNEVSQIAPGQTGNIADYNYKLPDDFTGCVIAWNSNKLDSKHSGNYDYWYRLFRKSKLKPFERDISTEIYQAGNKPCK
GKGPNCYFPLQSYGFRPTYGVGHQPYRVVVLSFELLHAPATVCGPKKSTNLVKNKCVNFNFNGLTGTGVLTKSNKKFLPF
QQFGRDIVDTTDAVRDPQTLEILDITPCSFGGVSVITPGTNTSNQVAVLYQGVNCTEVSVAIHADQLTPTWRVYSTGSNV
FQTRAGCLIGAEYVNNSYECDIPIGAGICASYQTQTKSRRAAASVASQSIIAYTMSLGAENSVAYSNNSIAIPTNFTISV
TTEILPVSMTKTSVDCTMYICGDSTECSNLLLQYGSFCTQLKRALTGIAVEQDKNTQEVFAQVKQIYKTPPIKYFGGFNF
SQILPDPSKPSKRSPIEDLLFNKVTLADAGFIKQYGDCLGDIAARDLICAQKFNGLTVLPPLLTDEMIAQYTSALLAGTI
TSGWTFGAGPALQIPFPMQMAYRFNGIGVTQNVLYENQKLIANQFNSAIGKIQDSLFSTPSALGKLQDVVNHNAQALNTL
VKQLSSKFGAISSVLNDILSRLDPPEAEVQIDRLITGRLQSLQTYVTQQLIRAAEIRASANLAATKMSECVLGQSKRVDF
CGKGYHLMSFPQSAPHGVVFLHVTYVPAQEKNFTTAPAICHDGKAHFPREGVFVSNGTHWFVTQRNFYEPQIITTDNTFV
SGNCDVVIGIVNNTVYDPLQLELDSFKEELDKYFKNHTSPDVDLGDISGINASVVNIQKEIDRLNEVAKNLNESLIDLQE
LGKYEQ
;
A,B,C
2 'polypeptide(L)'
;STIEEQAKTFLDKFNHEAEDLFYQSSLASWNYNTNITEENVQNMNNAGDKWSAFLKEQSTLAQMYPLQEIQNLTVKLQLQ
ALQQNGSSVLSEDKSKRLNTILNTMSTIYSTGKVCNPDNPQECLLLEPGLNEIMANSLDYNERLWAWESWRSEVGKQLRP
LYEEYVVLKNEMARANHYEDYGDYWRGDYEVNGVDGYDYSRGQLIEDVEHTFEEIKPLYEHLHAYVRAKLMNAYPSYISP
IGCLPAHLLGDMWGRFWTNLYSLTVPFGQKPNIDVTDAMVDQAWDAQRIFKEAEKFFVSVGLPNMTQGFWENSMLTDPGN
VQKAVCHPTAWDLGKGDFRILMCTKVTMDDFLTAHHEMGHIQYDMAYAAQPFLLRNGANEGFHEAVGEIMSLSAATPKHL
KSIGLLSPDFQEDNETEINFLLKQALTIVGTLPFTYMLEKWRWMVFKGEIPKDQWMKKWWEMKREIVGVVEPVPHDETYC
DPASLFHVSNDYSFIRYYTRTLYQFQFQEALCQAAKHEGPLHKCDISNSTEAGQKLFNMLRLGKSEPWTLALENVVGAKN
MNVRPLLNYFEPLFTWLKDQNKNSFVGWSTDWSPYAD
;
D
#
loop_
_chem_comp.id
_chem_comp.type
_chem_comp.name
_chem_comp.formula
BMA D-saccharide, beta linking beta-D-mannopyranose 'C6 H12 O6'
CL non-polymer 'CHLORIDE ION' 'Cl -1'
NAG D-saccharide, beta linking 2-acetamido-2-deoxy-beta-D-glucopyranose 'C8 H15 N O6'
ZN non-polymer 'ZINC ION' 'Zn 2'
#
# COMPACT_ATOMS: atom_id res chain seq x y z
N THR A 26 -10.10 54.47 -28.51
CA THR A 26 -10.67 54.47 -27.17
C THR A 26 -11.54 53.23 -26.94
N THR A 27 -12.22 53.20 -25.81
CA THR A 27 -13.07 52.06 -25.48
C THR A 27 -14.10 52.47 -24.44
N THR A 28 -15.13 51.66 -24.31
CA THR A 28 -16.11 51.77 -23.24
C THR A 28 -15.92 50.64 -22.24
N GLN A 29 -16.74 50.64 -21.20
CA GLN A 29 -16.73 49.58 -20.20
C GLN A 29 -18.15 49.16 -19.86
N SER A 30 -18.98 48.97 -20.89
CA SER A 30 -20.33 48.48 -20.68
C SER A 30 -20.28 47.03 -20.19
N TYR A 31 -21.27 46.66 -19.39
CA TYR A 31 -21.38 45.32 -18.84
C TYR A 31 -22.60 44.63 -19.41
N THR A 32 -22.41 43.43 -19.94
CA THR A 32 -23.49 42.60 -20.45
C THR A 32 -23.40 41.23 -19.80
N ASN A 33 -24.28 40.33 -20.21
CA ASN A 33 -24.33 38.98 -19.68
C ASN A 33 -23.80 38.00 -20.72
N SER A 34 -23.02 37.01 -20.26
CA SER A 34 -22.51 36.01 -21.17
C SER A 34 -23.58 35.01 -21.62
N PHE A 35 -24.70 34.95 -20.90
CA PHE A 35 -25.73 33.93 -21.14
C PHE A 35 -25.08 32.55 -21.00
N THR A 36 -25.57 31.55 -21.73
CA THR A 36 -24.94 30.24 -21.78
C THR A 36 -23.89 30.26 -22.88
N ARG A 37 -22.62 30.28 -22.48
CA ARG A 37 -21.53 30.53 -23.43
C ARG A 37 -20.19 30.25 -22.78
N GLY A 38 -19.23 29.82 -23.60
CA GLY A 38 -17.85 29.70 -23.17
C GLY A 38 -17.48 28.34 -22.60
N VAL A 39 -17.87 27.27 -23.28
CA VAL A 39 -17.64 25.91 -22.80
C VAL A 39 -16.75 25.18 -23.80
N TYR A 40 -15.67 24.60 -23.30
CA TYR A 40 -14.76 23.78 -24.08
C TYR A 40 -14.68 22.38 -23.46
N TYR A 41 -14.07 21.45 -24.20
CA TYR A 41 -13.90 20.07 -23.68
C TYR A 41 -12.73 20.08 -22.68
N PRO A 42 -12.94 19.69 -21.41
CA PRO A 42 -11.83 19.63 -20.44
C PRO A 42 -10.78 18.60 -20.79
N ASP A 43 -11.15 17.56 -21.54
CA ASP A 43 -10.25 16.46 -21.85
C ASP A 43 -10.39 16.14 -23.33
N LYS A 44 -9.81 15.00 -23.74
CA LYS A 44 -9.86 14.53 -25.12
C LYS A 44 -10.36 13.09 -25.18
N VAL A 45 -11.42 12.79 -24.43
CA VAL A 45 -11.89 11.41 -24.27
C VAL A 45 -13.30 11.30 -24.86
N PHE A 46 -13.44 10.39 -25.81
CA PHE A 46 -14.73 10.17 -26.47
C PHE A 46 -15.78 9.69 -25.49
N ARG A 47 -16.98 10.24 -25.63
CA ARG A 47 -18.10 9.88 -24.77
C ARG A 47 -19.38 9.94 -25.60
N SER A 48 -20.38 9.17 -25.18
CA SER A 48 -21.65 9.12 -25.90
C SER A 48 -22.77 8.76 -24.94
N SER A 49 -23.86 9.52 -25.01
CA SER A 49 -25.03 9.31 -24.16
C SER A 49 -24.66 9.35 -22.67
N VAL A 50 -23.73 10.25 -22.33
CA VAL A 50 -23.29 10.42 -20.96
C VAL A 50 -23.56 11.85 -20.53
N LEU A 51 -23.60 12.06 -19.22
CA LEU A 51 -23.79 13.37 -18.63
C LEU A 51 -22.58 13.71 -17.78
N HIS A 52 -21.39 13.51 -18.35
CA HIS A 52 -20.16 13.55 -17.58
C HIS A 52 -19.98 14.89 -16.87
N LEU A 53 -19.90 14.83 -15.56
CA LEU A 53 -19.78 16.01 -14.70
C LEU A 53 -18.31 16.24 -14.41
N THR A 54 -17.86 17.48 -14.63
CA THR A 54 -16.46 17.83 -14.43
C THR A 54 -16.34 18.93 -13.40
N GLN A 55 -15.27 18.84 -12.60
CA GLN A 55 -14.86 19.90 -11.70
C GLN A 55 -13.61 20.52 -12.32
N ASP A 56 -13.79 21.62 -13.02
CA ASP A 56 -12.71 22.17 -13.84
C ASP A 56 -12.93 23.67 -13.97
N LEU A 57 -11.87 24.35 -14.40
CA LEU A 57 -11.91 25.80 -14.57
C LEU A 57 -12.79 26.17 -15.76
N PHE A 58 -13.84 26.95 -15.49
CA PHE A 58 -14.80 27.34 -16.50
C PHE A 58 -15.30 28.75 -16.24
N LEU A 59 -15.83 29.38 -17.28
CA LEU A 59 -16.46 30.69 -17.17
C LEU A 59 -17.87 30.52 -16.62
N PRO A 60 -18.33 31.37 -15.70
CA PRO A 60 -19.63 31.16 -15.07
C PRO A 60 -20.78 31.36 -16.06
N PHE A 61 -21.88 30.66 -15.80
CA PHE A 61 -23.08 30.80 -16.63
C PHE A 61 -23.83 32.08 -16.28
N PHE A 62 -24.35 32.77 -17.29
CA PHE A 62 -25.00 34.06 -17.13
C PHE A 62 -24.09 35.08 -16.45
N SER A 63 -22.79 34.83 -16.50
CA SER A 63 -21.81 35.70 -15.86
C SER A 63 -21.74 37.05 -16.56
N ASN A 64 -20.94 37.94 -16.01
CA ASN A 64 -20.85 39.32 -16.49
C ASN A 64 -19.61 39.46 -17.35
N VAL A 65 -19.83 39.58 -18.66
CA VAL A 65 -18.76 39.79 -19.63
C VAL A 65 -18.64 41.29 -19.87
N THR A 66 -17.41 41.79 -19.71
CA THR A 66 -17.14 43.24 -19.86
C THR A 66 -16.97 43.55 -21.35
N TRP A 67 -17.99 44.13 -21.95
CA TRP A 67 -17.96 44.44 -23.38
C TRP A 67 -17.25 45.77 -23.61
N PHE A 68 -16.30 45.72 -24.55
CA PHE A 68 -15.52 46.94 -24.86
C PHE A 68 -15.87 47.39 -26.28
N HIS A 69 -15.14 48.39 -26.78
CA HIS A 69 -15.33 48.95 -28.10
C HIS A 69 -13.99 49.46 -28.59
N ALA A 70 -13.86 49.62 -29.90
CA ALA A 70 -12.59 50.05 -30.49
C ALA A 70 -12.86 51.10 -31.56
N ILE A 71 -12.10 52.19 -31.50
CA ILE A 71 -12.18 53.23 -32.53
C ILE A 71 -10.79 53.49 -33.10
N ASP A 81 -7.18 53.13 -24.29
CA ASP A 81 -6.65 52.58 -25.53
C ASP A 81 -5.97 51.23 -25.28
N ASN A 82 -6.73 50.15 -25.52
CA ASN A 82 -6.21 48.78 -25.28
C ASN A 82 -5.68 48.69 -23.85
N PRO A 83 -6.53 48.76 -22.80
CA PRO A 83 -6.02 48.63 -21.43
C PRO A 83 -5.51 47.23 -21.14
N VAL A 84 -4.66 47.13 -20.13
CA VAL A 84 -4.14 45.84 -19.68
C VAL A 84 -5.19 45.16 -18.81
N LEU A 85 -5.44 43.88 -19.08
CA LEU A 85 -6.45 43.13 -18.29
C LEU A 85 -5.73 42.19 -17.33
N PRO A 86 -6.07 42.14 -16.03
CA PRO A 86 -5.48 41.16 -15.12
C PRO A 86 -5.78 39.73 -15.57
N PHE A 87 -4.89 38.81 -15.20
CA PHE A 87 -5.02 37.41 -15.54
C PHE A 87 -5.05 36.59 -14.25
N ASN A 88 -6.09 35.79 -14.07
CA ASN A 88 -6.20 34.91 -12.91
C ASN A 88 -7.12 33.76 -13.27
N ASP A 89 -6.59 32.55 -13.24
CA ASP A 89 -7.35 31.32 -13.51
C ASP A 89 -8.05 31.38 -14.87
N GLY A 90 -7.31 31.75 -15.92
CA GLY A 90 -7.83 31.72 -17.27
C GLY A 90 -8.56 33.00 -17.66
N VAL A 91 -8.65 33.21 -18.96
CA VAL A 91 -9.45 34.30 -19.53
C VAL A 91 -10.25 33.78 -20.71
N TYR A 92 -11.57 34.00 -20.67
CA TYR A 92 -12.43 33.75 -21.82
C TYR A 92 -12.40 34.98 -22.72
N PHE A 93 -12.45 34.76 -24.04
CA PHE A 93 -12.42 35.90 -25.00
C PHE A 93 -13.41 35.65 -26.14
N ALA A 94 -14.13 36.70 -26.57
CA ALA A 94 -15.06 36.57 -27.72
C ALA A 94 -14.94 37.82 -28.59
N SER A 95 -15.24 37.70 -29.89
CA SER A 95 -15.11 38.84 -30.82
C SER A 95 -15.97 38.64 -32.07
N THR A 96 -16.92 39.52 -32.33
CA THR A 96 -17.73 39.43 -33.54
C THR A 96 -17.28 40.55 -34.47
N GLU A 97 -16.72 40.18 -35.62
CA GLU A 97 -16.13 41.14 -36.53
C GLU A 97 -16.49 40.77 -37.96
N LYS A 98 -16.34 41.73 -38.86
CA LYS A 98 -16.70 41.51 -40.25
C LYS A 98 -15.70 40.58 -40.94
N SER A 99 -14.45 41.03 -41.07
CA SER A 99 -13.39 40.17 -41.59
C SER A 99 -12.29 39.96 -40.55
N ASN A 100 -11.65 41.03 -40.08
CA ASN A 100 -10.61 40.93 -39.06
C ASN A 100 -10.27 42.31 -38.51
N ILE A 101 -10.32 42.45 -37.19
CA ILE A 101 -9.88 43.68 -36.54
C ILE A 101 -9.01 43.40 -35.34
N ILE A 102 -8.93 42.13 -34.97
CA ILE A 102 -8.13 41.67 -33.83
C ILE A 102 -7.04 40.74 -34.35
N ARG A 103 -5.81 40.97 -33.91
CA ARG A 103 -4.68 40.14 -34.33
C ARG A 103 -4.35 39.02 -33.35
N GLY A 104 -3.96 39.35 -32.13
CA GLY A 104 -3.51 38.32 -31.22
C GLY A 104 -3.39 38.82 -29.81
N TRP A 105 -2.77 38.00 -28.97
CA TRP A 105 -2.70 38.26 -27.54
C TRP A 105 -1.27 38.11 -27.05
N ILE A 106 -0.85 39.03 -26.20
CA ILE A 106 0.45 38.99 -25.54
C ILE A 106 0.22 38.64 -24.07
N PHE A 107 1.23 38.02 -23.44
CA PHE A 107 1.11 37.62 -22.05
C PHE A 107 2.41 37.87 -21.29
N GLY A 108 2.52 37.27 -20.09
CA GLY A 108 3.69 37.42 -19.26
C GLY A 108 3.38 38.24 -18.02
N THR A 109 4.43 38.82 -17.44
CA THR A 109 4.29 39.63 -16.23
C THR A 109 5.07 40.92 -16.42
N THR A 110 4.40 42.05 -16.17
CA THR A 110 4.96 43.41 -16.24
C THR A 110 5.33 43.83 -17.66
N LEU A 111 5.19 42.93 -18.63
CA LEU A 111 5.37 43.25 -20.05
C LEU A 111 6.68 43.98 -20.33
N ASP A 112 7.76 43.52 -19.69
CA ASP A 112 9.05 44.17 -19.85
C ASP A 112 10.15 43.14 -20.06
N SER A 113 11.36 43.60 -20.34
CA SER A 113 12.49 42.70 -20.55
C SER A 113 13.13 42.27 -19.23
N LYS A 114 12.28 41.81 -18.32
CA LYS A 114 12.74 41.23 -17.06
C LYS A 114 12.02 39.93 -16.71
N THR A 115 10.81 39.70 -17.22
CA THR A 115 10.06 38.49 -16.95
C THR A 115 9.59 37.91 -18.28
N GLN A 116 9.61 36.58 -18.39
CA GLN A 116 9.29 35.92 -19.65
C GLN A 116 7.84 36.18 -20.04
N SER A 117 7.60 36.28 -21.35
CA SER A 117 6.28 36.61 -21.88
C SER A 117 5.84 35.60 -22.94
N LEU A 118 4.76 35.92 -23.65
CA LEU A 118 4.23 35.07 -24.69
C LEU A 118 3.56 35.94 -25.76
N LEU A 119 3.55 35.43 -26.99
CA LEU A 119 2.87 36.12 -28.09
C LEU A 119 2.11 35.09 -28.91
N ILE A 120 0.85 35.39 -29.19
CA ILE A 120 -0.01 34.54 -30.02
C ILE A 120 -0.35 35.36 -31.26
N VAL A 121 0.53 36.27 -31.64
CA VAL A 121 0.27 37.17 -32.75
C VAL A 121 0.05 36.37 -34.03
N ASN A 122 -0.98 36.75 -34.78
CA ASN A 122 -1.45 36.00 -35.93
C ASN A 122 -1.36 36.85 -37.19
N ASN A 123 -1.33 36.17 -38.33
CA ASN A 123 -1.36 36.81 -39.64
C ASN A 123 -2.25 35.97 -40.55
N ALA A 124 -2.13 36.21 -41.86
CA ALA A 124 -3.05 35.62 -42.82
C ALA A 124 -2.98 34.09 -42.84
N THR A 125 -1.80 33.50 -42.62
CA THR A 125 -1.61 32.09 -42.91
C THR A 125 -1.24 31.21 -41.73
N ASN A 126 -0.85 31.77 -40.59
CA ASN A 126 -0.41 30.93 -39.49
C ASN A 126 -0.48 31.72 -38.17
N VAL A 127 0.14 31.18 -37.13
CA VAL A 127 0.30 31.85 -35.86
C VAL A 127 1.80 32.04 -35.60
N PHE A 128 2.11 32.66 -34.48
CA PHE A 128 3.49 33.02 -34.14
C PHE A 128 3.79 32.77 -32.67
N ILE A 129 3.39 31.59 -32.18
CA ILE A 129 3.56 31.27 -30.76
C ILE A 129 5.04 31.31 -30.40
N LYS A 130 5.39 32.09 -29.37
CA LYS A 130 6.77 32.19 -28.91
C LYS A 130 6.79 32.68 -27.48
N VAL A 131 7.68 32.10 -26.68
CA VAL A 131 7.87 32.48 -25.29
C VAL A 131 9.13 33.33 -25.23
N CYS A 132 8.97 34.63 -25.02
CA CYS A 132 10.08 35.57 -25.16
C CYS A 132 10.05 36.55 -24.00
N GLU A 133 11.04 37.46 -23.99
CA GLU A 133 11.14 38.49 -22.96
C GLU A 133 11.24 39.86 -23.61
N PHE A 134 10.32 40.15 -24.53
CA PHE A 134 10.29 41.42 -25.25
C PHE A 134 10.26 42.60 -24.28
N GLN A 135 10.74 43.75 -24.76
CA GLN A 135 10.82 44.96 -23.93
C GLN A 135 9.54 45.79 -24.03
N PHE A 136 9.22 46.28 -25.22
CA PHE A 136 8.05 47.14 -25.44
C PHE A 136 7.95 47.46 -26.92
N CYS A 137 6.75 47.87 -27.33
CA CYS A 137 6.51 48.37 -28.69
C CYS A 137 5.78 49.70 -28.70
N ASN A 138 4.86 49.93 -27.77
CA ASN A 138 4.05 51.14 -27.68
C ASN A 138 3.24 51.40 -28.95
N ASP A 139 2.85 50.34 -29.65
CA ASP A 139 2.05 50.47 -30.87
C ASP A 139 1.23 49.21 -31.13
N GLY A 158 6.15 44.08 -36.36
CA GLY A 158 6.85 44.89 -35.37
C GLY A 158 6.01 45.18 -34.14
N VAL A 159 5.87 44.19 -33.27
CA VAL A 159 5.15 44.32 -32.02
C VAL A 159 6.05 44.16 -30.81
N TYR A 160 7.36 44.06 -31.02
CA TYR A 160 8.30 43.90 -29.92
C TYR A 160 9.66 44.41 -30.36
N SER A 161 10.53 44.65 -29.37
CA SER A 161 11.86 45.20 -29.63
C SER A 161 12.94 44.52 -28.81
N SER A 162 12.74 43.25 -28.43
CA SER A 162 13.75 42.52 -27.67
C SER A 162 13.57 41.03 -27.91
N ALA A 163 14.70 40.35 -28.16
CA ALA A 163 14.68 38.91 -28.41
C ALA A 163 15.86 38.20 -27.73
N ASN A 164 16.34 38.73 -26.61
CA ASN A 164 17.54 38.20 -25.97
C ASN A 164 17.35 36.77 -25.47
N ASN A 165 16.54 36.59 -24.43
CA ASN A 165 16.24 35.27 -23.88
C ASN A 165 14.88 34.78 -24.38
N CYS A 166 14.79 34.56 -25.69
CA CYS A 166 13.52 34.26 -26.35
C CYS A 166 13.68 33.00 -27.20
N THR A 167 13.17 31.89 -26.70
CA THR A 167 13.18 30.59 -27.38
C THR A 167 11.77 30.01 -27.36
N PHE A 168 11.66 28.73 -27.73
CA PHE A 168 10.39 28.00 -27.74
C PHE A 168 9.39 28.66 -28.69
N GLU A 169 9.84 28.89 -29.92
CA GLU A 169 8.95 29.34 -30.98
C GLU A 169 8.05 28.18 -31.40
N TYR A 170 6.96 28.52 -32.09
CA TYR A 170 5.99 27.52 -32.51
C TYR A 170 5.18 28.07 -33.67
N VAL A 171 4.92 27.22 -34.65
CA VAL A 171 4.15 27.58 -35.84
C VAL A 171 3.14 26.48 -36.11
N SER A 172 1.90 26.87 -36.41
CA SER A 172 0.85 25.92 -36.75
C SER A 172 -0.17 26.63 -37.63
N GLN A 173 -1.33 26.02 -37.79
CA GLN A 173 -2.39 26.62 -38.60
C GLN A 173 -2.91 27.90 -37.93
N PRO A 174 -3.38 28.86 -38.72
CA PRO A 174 -3.85 30.12 -38.13
C PRO A 174 -5.09 29.91 -37.28
N PHE A 175 -5.21 30.75 -36.25
CA PHE A 175 -6.30 30.61 -35.29
C PHE A 175 -7.65 31.04 -35.82
N LEU A 176 -7.70 31.85 -36.88
CA LEU A 176 -8.96 32.41 -37.37
C LEU A 176 -9.35 31.75 -38.68
N MET A 177 -10.62 31.31 -38.75
CA MET A 177 -11.24 30.80 -39.95
C MET A 177 -12.48 31.64 -40.23
N ASP A 178 -12.52 32.25 -41.41
CA ASP A 178 -13.62 33.14 -41.78
C ASP A 178 -14.26 32.65 -43.07
N LEU A 179 -15.58 32.49 -43.04
CA LEU A 179 -16.34 32.02 -44.18
C LEU A 179 -17.57 32.90 -44.39
N GLU A 180 -17.84 33.25 -45.64
CA GLU A 180 -18.98 34.08 -45.99
C GLU A 180 -19.73 33.45 -47.14
N GLY A 181 -21.06 33.48 -47.06
CA GLY A 181 -21.90 33.00 -48.14
C GLY A 181 -22.23 34.09 -49.13
N LYS A 182 -21.21 34.67 -49.74
CA LYS A 182 -21.34 35.80 -50.67
C LYS A 182 -22.01 37.00 -50.00
N GLN A 183 -21.83 37.15 -48.70
CA GLN A 183 -22.37 38.28 -47.97
C GLN A 183 -21.64 38.41 -46.64
N GLY A 184 -21.55 39.64 -46.14
CA GLY A 184 -20.94 39.90 -44.85
C GLY A 184 -21.84 39.71 -43.66
N ASN A 185 -23.09 39.30 -43.88
CA ASN A 185 -24.03 39.11 -42.79
C ASN A 185 -23.65 37.92 -41.89
N PHE A 186 -22.77 37.04 -42.37
CA PHE A 186 -22.32 35.89 -41.58
C PHE A 186 -21.20 36.33 -40.63
N LYS A 187 -21.58 37.15 -39.65
CA LYS A 187 -20.65 37.62 -38.65
C LYS A 187 -20.33 36.51 -37.65
N ASN A 188 -19.26 35.77 -37.89
CA ASN A 188 -18.93 34.65 -37.03
C ASN A 188 -18.38 35.14 -35.70
N LEU A 189 -18.87 34.53 -34.62
CA LEU A 189 -18.40 34.82 -33.28
C LEU A 189 -17.23 33.90 -32.96
N ARG A 190 -16.09 34.49 -32.61
CA ARG A 190 -14.85 33.76 -32.39
C ARG A 190 -14.56 33.70 -30.90
N GLU A 191 -14.87 32.57 -30.28
CA GLU A 191 -14.68 32.37 -28.87
C GLU A 191 -13.29 31.80 -28.61
N PHE A 192 -12.66 32.24 -27.52
CA PHE A 192 -11.36 31.75 -27.11
C PHE A 192 -11.31 31.64 -25.59
N VAL A 193 -10.73 30.55 -25.09
CA VAL A 193 -10.52 30.36 -23.66
C VAL A 193 -9.14 29.75 -23.46
N PHE A 194 -8.41 30.22 -22.45
CA PHE A 194 -7.08 29.72 -22.14
C PHE A 194 -6.98 29.37 -20.66
N LYS A 195 -6.00 28.53 -20.32
CA LYS A 195 -5.67 28.29 -18.93
C LYS A 195 -4.22 27.84 -18.84
N ASN A 196 -3.63 28.04 -17.67
CA ASN A 196 -2.23 27.75 -17.41
C ASN A 196 -2.07 26.86 -16.19
N ILE A 197 -2.90 25.82 -16.10
CA ILE A 197 -2.79 24.88 -14.99
C ILE A 197 -1.48 24.10 -15.12
N ASP A 198 -0.68 24.12 -14.05
CA ASP A 198 0.67 23.55 -14.01
C ASP A 198 1.43 23.85 -15.31
N GLY A 199 1.44 25.12 -15.69
CA GLY A 199 1.96 25.48 -17.01
C GLY A 199 1.01 24.96 -18.07
N TYR A 200 1.56 24.27 -19.06
CA TYR A 200 0.80 23.54 -20.07
C TYR A 200 -0.35 24.39 -20.63
N PHE A 201 0.03 25.53 -21.21
CA PHE A 201 -0.97 26.46 -21.72
C PHE A 201 -1.79 25.80 -22.83
N LYS A 202 -3.10 25.84 -22.66
CA LYS A 202 -4.05 25.24 -23.58
C LYS A 202 -4.81 26.36 -24.26
N ILE A 203 -5.09 26.20 -25.55
CA ILE A 203 -5.89 27.23 -26.28
C ILE A 203 -7.11 26.52 -26.91
N TYR A 204 -8.29 27.15 -26.85
CA TYR A 204 -9.51 26.56 -27.44
C TYR A 204 -10.21 27.61 -28.30
N SER A 205 -10.65 27.24 -29.51
CA SER A 205 -11.32 28.18 -30.39
C SER A 205 -12.46 27.51 -31.15
N LYS A 206 -13.43 28.33 -31.56
CA LYS A 206 -14.58 27.86 -32.35
C LYS A 206 -15.24 29.06 -33.00
N HIS A 207 -15.71 28.91 -34.22
CA HIS A 207 -16.31 30.00 -34.98
C HIS A 207 -17.73 29.62 -35.37
N THR A 208 -18.70 30.42 -34.91
CA THR A 208 -20.11 30.17 -35.20
C THR A 208 -20.61 31.18 -36.21
N PRO A 209 -20.81 30.79 -37.49
CA PRO A 209 -21.27 31.70 -38.53
C PRO A 209 -22.77 31.94 -38.49
N ASP A 214 -27.24 41.62 -28.76
CA ASP A 214 -26.20 41.69 -27.74
C ASP A 214 -25.25 40.51 -27.82
N PHE A 215 -25.77 39.34 -27.46
CA PHE A 215 -24.94 38.15 -27.36
C PHE A 215 -25.80 36.91 -27.55
N PRO A 216 -25.52 36.08 -28.55
CA PRO A 216 -26.36 34.89 -28.78
C PRO A 216 -26.34 33.93 -27.60
N GLN A 217 -27.48 33.28 -27.39
CA GLN A 217 -27.65 32.34 -26.29
C GLN A 217 -27.72 30.88 -26.73
N GLY A 218 -27.26 30.55 -27.93
CA GLY A 218 -27.16 29.15 -28.32
C GLY A 218 -25.85 28.53 -27.88
N PHE A 219 -25.92 27.25 -27.51
CA PHE A 219 -24.72 26.54 -27.10
C PHE A 219 -23.81 26.29 -28.29
N SER A 220 -22.52 26.59 -28.10
CA SER A 220 -21.50 26.28 -29.10
C SER A 220 -20.28 25.75 -28.35
N ALA A 221 -19.81 24.56 -28.72
CA ALA A 221 -18.63 23.99 -28.10
C ALA A 221 -17.38 24.76 -28.52
N LEU A 222 -16.25 24.45 -27.87
CA LEU A 222 -14.98 25.15 -28.18
C LEU A 222 -13.89 24.11 -28.41
N GLU A 223 -13.65 23.73 -29.66
CA GLU A 223 -12.66 22.67 -29.97
C GLU A 223 -11.28 23.09 -29.46
N PRO A 224 -10.54 22.21 -28.73
CA PRO A 224 -9.18 22.54 -28.28
C PRO A 224 -8.27 22.81 -29.49
N LEU A 225 -7.36 23.78 -29.35
CA LEU A 225 -6.44 24.13 -30.47
C LEU A 225 -5.05 23.53 -30.19
N VAL A 226 -4.23 24.23 -29.40
CA VAL A 226 -2.84 23.75 -29.15
C VAL A 226 -2.62 23.63 -27.64
N ASP A 227 -1.76 22.69 -27.22
CA ASP A 227 -1.50 22.47 -25.81
C ASP A 227 0.01 22.25 -25.65
N LEU A 228 0.71 23.27 -25.18
CA LEU A 228 2.16 23.22 -25.05
C LEU A 228 2.61 23.75 -23.69
N PRO A 229 3.72 23.22 -23.16
CA PRO A 229 4.14 23.57 -21.79
C PRO A 229 4.76 24.94 -21.66
N ILE A 230 3.94 25.98 -21.47
CA ILE A 230 4.46 27.33 -21.29
C ILE A 230 5.26 27.43 -20.01
N GLY A 231 4.62 27.20 -18.87
CA GLY A 231 5.30 27.22 -17.58
C GLY A 231 5.90 28.55 -17.19
N ILE A 232 5.14 29.65 -17.33
CA ILE A 232 5.59 30.96 -16.87
C ILE A 232 4.49 31.55 -16.00
N ASN A 233 4.89 32.45 -15.11
CA ASN A 233 3.98 33.07 -14.15
C ASN A 233 3.14 34.11 -14.89
N ILE A 234 2.05 33.63 -15.50
CA ILE A 234 1.18 34.49 -16.29
C ILE A 234 0.29 35.30 -15.33
N THR A 235 0.40 36.63 -15.41
CA THR A 235 -0.32 37.48 -14.48
C THR A 235 -1.13 38.56 -15.19
N ARG A 236 -0.65 39.00 -16.35
CA ARG A 236 -1.27 40.10 -17.08
C ARG A 236 -1.64 39.68 -18.50
N PHE A 237 -2.87 40.03 -18.89
CA PHE A 237 -3.46 39.60 -20.15
C PHE A 237 -3.73 40.82 -21.02
N GLN A 238 -3.25 40.79 -22.26
CA GLN A 238 -3.44 41.90 -23.18
C GLN A 238 -3.89 41.37 -24.54
N THR A 239 -4.14 42.33 -25.44
CA THR A 239 -4.61 41.98 -26.79
C THR A 239 -4.08 43.03 -27.77
N LEU A 240 -4.08 42.71 -29.06
CA LEU A 240 -3.63 43.58 -30.13
C LEU A 240 -4.83 44.18 -30.85
N LEU A 241 -4.52 44.88 -31.95
CA LEU A 241 -5.51 45.42 -32.87
C LEU A 241 -4.94 45.35 -34.29
N ALA A 242 -5.73 45.83 -35.25
CA ALA A 242 -5.35 45.77 -36.66
C ALA A 242 -5.33 47.15 -37.27
N LEU A 243 -5.13 47.24 -38.60
CA LEU A 243 -5.09 48.51 -39.30
C LEU A 243 -6.22 48.58 -40.30
N ASN A 244 -6.78 49.77 -40.46
CA ASN A 244 -7.94 49.98 -41.32
C ASN A 244 -7.85 51.36 -41.95
N ARG A 245 -8.47 51.50 -43.12
CA ARG A 245 -8.55 52.78 -43.80
C ARG A 245 -9.99 53.05 -44.25
N ALA A 262 -17.86 46.61 -30.57
CA ALA A 262 -18.59 45.56 -31.27
C ALA A 262 -17.84 44.23 -31.16
N ASP A 263 -16.98 44.11 -30.15
CA ASP A 263 -16.22 42.85 -29.93
C ASP A 263 -15.55 42.89 -28.55
N TYR A 264 -14.40 42.23 -28.40
CA TYR A 264 -13.64 42.27 -27.12
C TYR A 264 -14.52 41.84 -25.95
N TYR A 265 -15.14 40.65 -26.03
CA TYR A 265 -15.91 40.14 -24.87
C TYR A 265 -14.94 39.35 -23.98
N VAL A 266 -14.61 39.88 -22.80
CA VAL A 266 -13.57 39.21 -21.95
C VAL A 266 -14.19 38.66 -20.66
N GLY A 267 -14.11 37.35 -20.45
CA GLY A 267 -14.60 36.75 -19.23
C GLY A 267 -13.45 36.17 -18.42
N TYR A 268 -13.75 35.86 -17.17
CA TYR A 268 -12.76 35.36 -16.22
C TYR A 268 -13.26 34.06 -15.60
N LEU A 269 -12.47 33.01 -15.75
CA LEU A 269 -12.90 31.69 -15.34
C LEU A 269 -12.46 31.42 -13.90
N GLN A 270 -13.29 30.67 -13.18
CA GLN A 270 -13.02 30.22 -11.83
C GLN A 270 -13.31 28.73 -11.75
N PRO A 271 -12.72 28.02 -10.80
CA PRO A 271 -13.02 26.59 -10.67
C PRO A 271 -14.49 26.39 -10.28
N ARG A 272 -15.27 25.88 -11.23
CA ARG A 272 -16.67 25.58 -11.01
C ARG A 272 -17.00 24.22 -11.61
N THR A 273 -17.77 23.45 -10.85
CA THR A 273 -18.25 22.16 -11.31
C THR A 273 -19.26 22.36 -12.42
N PHE A 274 -19.08 21.67 -13.53
CA PHE A 274 -19.99 21.73 -14.66
C PHE A 274 -20.51 20.33 -14.97
N LEU A 275 -21.62 20.28 -15.71
CA LEU A 275 -22.16 19.04 -16.21
C LEU A 275 -22.53 19.23 -17.67
N LEU A 276 -21.95 18.42 -18.55
CA LEU A 276 -22.08 18.60 -19.99
C LEU A 276 -22.79 17.40 -20.61
N LYS A 277 -23.79 17.68 -21.43
CA LYS A 277 -24.54 16.66 -22.13
C LYS A 277 -23.79 16.30 -23.41
N TYR A 278 -23.23 15.09 -23.45
CA TYR A 278 -22.50 14.61 -24.61
C TYR A 278 -23.45 13.96 -25.60
N ASN A 279 -23.45 14.47 -26.83
CA ASN A 279 -24.26 13.89 -27.89
C ASN A 279 -23.75 12.49 -28.23
N GLU A 280 -24.61 11.70 -28.87
CA GLU A 280 -24.26 10.33 -29.22
C GLU A 280 -23.04 10.29 -30.15
N ASN A 281 -22.85 11.33 -30.96
CA ASN A 281 -21.70 11.39 -31.84
C ASN A 281 -20.41 11.73 -31.11
N GLY A 282 -20.50 12.31 -29.91
CA GLY A 282 -19.33 12.74 -29.18
C GLY A 282 -19.21 14.24 -28.98
N THR A 283 -20.15 15.03 -29.51
CA THR A 283 -20.15 16.46 -29.28
C THR A 283 -20.85 16.77 -27.96
N ILE A 284 -21.03 18.06 -27.67
CA ILE A 284 -21.75 18.51 -26.48
C ILE A 284 -22.90 19.41 -26.91
N THR A 285 -24.07 19.19 -26.33
CA THR A 285 -25.30 19.85 -26.73
C THR A 285 -25.88 20.77 -25.67
N ASP A 286 -25.76 20.41 -24.38
CA ASP A 286 -26.28 21.23 -23.30
C ASP A 286 -25.30 21.22 -22.14
N ALA A 287 -25.29 22.30 -21.37
CA ALA A 287 -24.46 22.38 -20.18
C ALA A 287 -25.20 23.19 -19.11
N VAL A 288 -25.00 22.80 -17.86
CA VAL A 288 -25.60 23.50 -16.72
C VAL A 288 -24.48 23.85 -15.75
N ASP A 289 -24.62 24.99 -15.08
CA ASP A 289 -23.67 25.37 -14.04
C ASP A 289 -24.22 24.96 -12.69
N CYS A 290 -23.33 24.48 -11.82
CA CYS A 290 -23.73 23.98 -10.51
C CYS A 290 -23.55 25.01 -9.41
N ALA A 291 -23.50 26.30 -9.76
CA ALA A 291 -23.50 27.38 -8.78
C ALA A 291 -24.37 28.54 -9.26
N LEU A 292 -25.51 28.22 -9.90
CA LEU A 292 -26.39 29.23 -10.46
C LEU A 292 -27.74 29.28 -9.77
N ASP A 293 -28.46 28.16 -9.72
CA ASP A 293 -29.80 28.12 -9.15
C ASP A 293 -29.93 26.89 -8.29
N PRO A 294 -30.89 26.88 -7.36
CA PRO A 294 -31.18 25.64 -6.64
C PRO A 294 -31.50 24.49 -7.57
N LEU A 295 -32.26 24.76 -8.64
CA LEU A 295 -32.63 23.69 -9.56
C LEU A 295 -31.42 23.17 -10.30
N SER A 296 -30.51 24.07 -10.71
CA SER A 296 -29.28 23.64 -11.36
C SER A 296 -28.42 22.81 -10.42
N GLU A 297 -28.33 23.21 -9.15
CA GLU A 297 -27.58 22.41 -8.20
C GLU A 297 -28.20 21.04 -7.98
N THR A 298 -29.54 20.98 -7.96
CA THR A 298 -30.22 19.67 -7.80
C THR A 298 -29.87 18.75 -8.98
N LYS A 299 -30.19 19.18 -10.21
CA LYS A 299 -29.94 18.33 -11.40
C LYS A 299 -28.44 18.01 -11.48
N CYS A 300 -27.59 18.93 -11.03
CA CYS A 300 -26.11 18.69 -11.04
C CYS A 300 -25.79 17.49 -10.13
N THR A 301 -26.39 17.44 -8.94
CA THR A 301 -26.08 16.35 -7.97
C THR A 301 -26.50 15.00 -8.55
N LEU A 302 -27.71 14.91 -9.10
CA LEU A 302 -28.22 13.63 -9.66
C LEU A 302 -27.68 13.43 -11.08
N LYS A 303 -26.91 14.39 -11.59
CA LYS A 303 -26.27 14.26 -12.93
C LYS A 303 -27.31 13.86 -13.98
N SER A 304 -28.44 14.58 -14.02
CA SER A 304 -29.48 14.31 -15.06
C SER A 304 -30.07 15.65 -15.51
N PHE A 305 -30.91 15.64 -16.55
CA PHE A 305 -31.54 16.86 -17.01
C PHE A 305 -33.02 16.95 -16.67
N THR A 306 -33.63 15.87 -16.19
CA THR A 306 -35.02 15.86 -15.77
C THR A 306 -35.09 15.53 -14.28
N VAL A 307 -35.74 16.41 -13.52
CA VAL A 307 -35.87 16.20 -12.04
C VAL A 307 -37.33 15.89 -11.71
N GLU A 308 -37.60 14.69 -11.21
CA GLU A 308 -38.95 14.30 -10.83
C GLU A 308 -39.43 15.12 -9.65
N LYS A 309 -40.75 15.20 -9.49
CA LYS A 309 -41.34 15.95 -8.39
C LYS A 309 -40.89 15.36 -7.05
N GLY A 310 -40.50 16.23 -6.13
CA GLY A 310 -40.07 15.79 -4.82
C GLY A 310 -39.14 16.82 -4.20
N ILE A 311 -38.60 16.43 -3.05
CA ILE A 311 -37.68 17.28 -2.28
C ILE A 311 -36.34 16.57 -2.22
N TYR A 312 -35.29 17.31 -2.65
CA TYR A 312 -33.94 16.72 -2.73
C TYR A 312 -32.97 17.47 -1.81
N GLN A 313 -32.34 16.74 -0.89
CA GLN A 313 -31.32 17.32 0.00
C GLN A 313 -30.01 17.39 -0.75
N THR A 314 -29.50 18.60 -0.98
CA THR A 314 -28.37 18.79 -1.89
C THR A 314 -27.08 19.17 -1.16
N SER A 315 -27.07 20.27 -0.42
CA SER A 315 -25.81 20.78 0.11
C SER A 315 -26.05 21.26 1.54
N ASN A 316 -25.04 21.94 2.11
CA ASN A 316 -25.14 22.53 3.43
C ASN A 316 -24.69 23.99 3.38
N PHE A 317 -25.40 24.83 4.10
CA PHE A 317 -25.09 26.25 4.18
C PHE A 317 -24.31 26.54 5.46
N ARG A 318 -23.60 27.65 5.46
CA ARG A 318 -22.91 28.14 6.64
C ARG A 318 -22.73 29.64 6.52
N VAL A 319 -22.87 30.34 7.64
CA VAL A 319 -22.70 31.83 7.65
C VAL A 319 -21.21 32.14 7.74
N GLN A 320 -20.62 32.64 6.65
CA GLN A 320 -19.22 32.98 6.62
C GLN A 320 -18.96 34.15 7.54
N PRO A 321 -17.87 34.12 8.36
CA PRO A 321 -17.60 35.18 9.34
C PRO A 321 -17.39 36.54 8.69
N THR A 322 -17.91 37.58 9.33
CA THR A 322 -17.76 38.95 8.82
C THR A 322 -16.32 39.40 8.94
N GLU A 323 -15.81 39.44 10.16
CA GLU A 323 -14.47 39.88 10.48
C GLU A 323 -13.69 38.69 11.04
N SER A 324 -12.42 38.91 11.36
CA SER A 324 -11.60 37.91 12.06
C SER A 324 -10.99 38.61 13.27
N ILE A 325 -11.49 38.28 14.47
CA ILE A 325 -10.99 38.86 15.71
C ILE A 325 -9.90 37.95 16.26
N VAL A 326 -8.79 38.55 16.66
CA VAL A 326 -7.69 37.83 17.30
C VAL A 326 -7.40 38.49 18.64
N ARG A 327 -7.29 37.64 19.67
CA ARG A 327 -7.00 38.12 21.05
C ARG A 327 -5.74 37.42 21.54
N PHE A 328 -4.60 38.11 21.49
CA PHE A 328 -3.30 37.57 21.86
C PHE A 328 -2.78 38.37 23.05
N PRO A 329 -1.80 37.84 23.82
CA PRO A 329 -1.66 38.26 25.22
C PRO A 329 -1.38 39.75 25.39
N ASN A 330 -1.92 40.33 26.45
CA ASN A 330 -1.84 41.81 26.62
C ASN A 330 -0.41 42.33 26.39
N VAL A 331 0.59 41.67 26.96
CA VAL A 331 1.94 42.21 26.83
C VAL A 331 2.45 41.95 25.42
N THR A 332 3.46 42.70 25.02
CA THR A 332 4.11 42.58 23.72
C THR A 332 5.62 42.48 23.89
N ASN A 333 6.04 41.63 24.82
CA ASN A 333 7.46 41.47 25.14
C ASN A 333 8.13 40.56 24.13
N LEU A 334 9.14 41.08 23.44
CA LEU A 334 9.99 40.23 22.62
C LEU A 334 10.74 39.26 23.51
N CYS A 335 10.90 38.03 23.03
CA CYS A 335 11.54 36.99 23.82
C CYS A 335 13.03 37.27 23.95
N PRO A 336 13.68 36.71 24.98
CA PRO A 336 15.12 36.93 25.16
C PRO A 336 15.97 36.06 24.25
N PHE A 337 15.36 35.52 23.19
CA PHE A 337 16.02 34.74 22.16
C PHE A 337 17.38 35.32 21.78
N HIS A 338 17.45 36.65 21.69
CA HIS A 338 18.70 37.32 21.33
C HIS A 338 19.82 36.95 22.29
N GLU A 339 19.53 36.99 23.59
CA GLU A 339 20.53 36.62 24.59
C GLU A 339 20.94 35.15 24.45
N VAL A 340 19.98 34.28 24.15
CA VAL A 340 20.28 32.85 24.06
C VAL A 340 21.21 32.58 22.87
N PHE A 341 20.92 33.15 21.71
CA PHE A 341 21.63 32.79 20.49
C PHE A 341 23.03 33.38 20.37
N ASN A 342 23.35 34.47 21.08
CA ASN A 342 24.68 35.03 20.91
C ASN A 342 25.45 35.18 22.21
N ALA A 343 25.29 34.25 23.16
CA ALA A 343 26.24 34.14 24.25
C ALA A 343 27.61 33.76 23.70
N THR A 344 28.61 33.78 24.59
CA THR A 344 29.98 33.49 24.17
C THR A 344 30.53 32.18 24.70
N ARG A 345 29.83 31.48 25.58
CA ARG A 345 30.33 30.27 26.22
C ARG A 345 29.26 29.18 26.24
N PHE A 346 28.67 28.89 25.09
CA PHE A 346 27.68 27.82 24.99
C PHE A 346 28.20 26.54 25.62
N ALA A 347 27.43 26.02 26.59
CA ALA A 347 27.82 24.81 27.29
C ALA A 347 27.78 23.61 26.34
N SER A 348 28.69 22.67 26.59
CA SER A 348 28.81 21.51 25.72
C SER A 348 27.63 20.55 25.91
N VAL A 349 27.65 19.44 25.17
CA VAL A 349 26.49 18.51 25.20
C VAL A 349 26.43 17.79 26.56
N TYR A 350 27.57 17.40 27.12
CA TYR A 350 27.56 16.63 28.40
C TYR A 350 26.70 17.38 29.43
N ALA A 351 26.91 18.69 29.56
CA ALA A 351 26.07 19.49 30.45
C ALA A 351 25.31 20.47 29.57
N TRP A 352 24.20 19.98 28.99
CA TRP A 352 23.41 20.80 28.03
C TRP A 352 22.71 21.95 28.75
N ASN A 353 23.26 23.16 28.64
CA ASN A 353 22.67 24.34 29.25
C ASN A 353 21.23 24.49 28.78
N ARG A 354 20.28 24.38 29.70
CA ARG A 354 18.86 24.54 29.41
C ARG A 354 18.41 25.88 29.98
N THR A 355 17.94 26.76 29.10
CA THR A 355 17.42 28.05 29.50
C THR A 355 15.89 28.07 29.41
N ARG A 356 15.29 29.03 30.08
CA ARG A 356 13.84 29.14 30.17
C ARG A 356 13.36 30.35 29.39
N ILE A 357 12.40 30.13 28.49
CA ILE A 357 11.77 31.17 27.71
C ILE A 357 10.30 31.20 28.08
N SER A 358 9.86 32.29 28.70
CA SER A 358 8.49 32.39 29.17
C SER A 358 8.07 33.86 29.19
N ASN A 359 6.76 34.08 29.10
CA ASN A 359 6.16 35.41 29.22
C ASN A 359 6.76 36.38 28.20
N CYS A 360 6.58 36.03 26.93
CA CYS A 360 7.13 36.84 25.85
C CYS A 360 6.34 36.58 24.57
N VAL A 361 6.51 37.49 23.62
CA VAL A 361 5.94 37.36 22.28
C VAL A 361 7.04 36.85 21.37
N ALA A 362 6.77 35.78 20.64
CA ALA A 362 7.80 35.03 19.93
C ALA A 362 7.83 35.46 18.45
N ASP A 363 8.78 36.33 18.11
CA ASP A 363 9.05 36.70 16.72
C ASP A 363 10.39 36.09 16.33
N TYR A 364 10.36 35.23 15.31
CA TYR A 364 11.54 34.46 14.92
C TYR A 364 12.26 35.03 13.70
N SER A 365 11.84 36.19 13.22
CA SER A 365 12.62 36.88 12.19
C SER A 365 14.03 37.19 12.72
N VAL A 366 14.12 37.59 13.98
CA VAL A 366 15.42 37.79 14.61
C VAL A 366 16.19 36.48 14.68
N LEU A 367 15.48 35.35 14.86
CA LEU A 367 16.14 34.06 14.81
C LEU A 367 16.73 33.80 13.42
N TYR A 368 15.96 34.17 12.39
CA TYR A 368 16.46 34.00 10.99
C TYR A 368 17.71 34.86 10.79
N ASN A 369 17.68 36.11 11.26
CA ASN A 369 18.82 37.00 11.10
C ASN A 369 20.04 36.47 11.85
N PHE A 370 19.85 36.00 13.08
CA PHE A 370 20.95 35.48 13.89
C PHE A 370 21.18 34.00 13.61
N ALA A 371 21.25 33.63 12.33
CA ALA A 371 21.48 32.25 11.95
C ALA A 371 21.92 32.11 10.49
N PRO A 372 23.21 32.00 10.21
CA PRO A 372 23.62 31.53 8.89
C PRO A 372 23.29 30.04 8.76
N PHE A 373 22.00 29.76 8.58
CA PHE A 373 21.51 28.35 8.57
C PHE A 373 22.39 27.40 7.76
N PHE A 374 22.88 26.34 8.41
CA PHE A 374 23.64 25.29 7.68
C PHE A 374 22.94 23.97 7.97
N ALA A 375 22.07 23.95 8.99
CA ALA A 375 21.31 22.74 9.36
C ALA A 375 20.13 23.13 10.25
N PHE A 376 19.00 23.50 9.65
CA PHE A 376 17.82 23.96 10.44
C PHE A 376 16.71 22.90 10.37
N LYS A 377 17.08 21.62 10.37
CA LYS A 377 16.07 20.53 10.29
C LYS A 377 15.09 20.68 11.46
N CYS A 378 13.79 20.58 11.19
CA CYS A 378 12.76 20.73 12.24
C CYS A 378 11.80 19.54 12.19
N TYR A 379 11.28 19.11 13.34
CA TYR A 379 10.42 17.93 13.36
C TYR A 379 9.05 18.23 13.95
N GLY A 380 8.99 18.69 15.20
CA GLY A 380 7.72 18.97 15.83
C GLY A 380 7.02 20.21 15.33
N VAL A 381 7.77 21.20 14.86
CA VAL A 381 7.24 22.46 14.38
C VAL A 381 7.91 22.77 13.06
N SER A 382 7.23 23.52 12.19
CA SER A 382 7.87 23.96 10.96
C SER A 382 8.29 25.41 11.08
N PRO A 383 9.46 25.84 10.53
CA PRO A 383 9.93 27.22 10.75
C PRO A 383 9.30 28.31 9.89
N THR A 384 8.55 27.97 8.85
CA THR A 384 8.02 29.03 7.98
C THR A 384 6.88 29.78 8.66
N LYS A 385 5.78 29.09 8.94
CA LYS A 385 4.61 29.69 9.59
C LYS A 385 4.66 29.50 11.10
N LEU A 386 5.74 29.97 11.72
CA LEU A 386 6.00 29.66 13.11
C LEU A 386 5.44 30.73 14.06
N ASN A 387 5.25 31.95 13.60
CA ASN A 387 4.81 33.05 14.45
C ASN A 387 3.30 33.10 14.64
N ASP A 388 2.56 32.11 14.13
CA ASP A 388 1.12 32.02 14.34
C ASP A 388 0.76 31.10 15.50
N LEU A 389 1.69 30.87 16.42
CA LEU A 389 1.53 29.86 17.45
C LEU A 389 1.62 30.46 18.85
N CYS A 390 0.86 29.88 19.76
CA CYS A 390 0.85 30.27 21.17
C CYS A 390 1.40 29.13 22.00
N PHE A 391 2.67 29.26 22.42
CA PHE A 391 3.33 28.25 23.24
C PHE A 391 3.18 28.59 24.72
N THR A 392 2.96 27.56 25.53
CA THR A 392 2.91 27.74 26.98
C THR A 392 4.30 27.99 27.53
N ASN A 393 5.21 27.04 27.35
CA ASN A 393 6.58 27.16 27.80
C ASN A 393 7.54 26.79 26.68
N VAL A 394 8.67 27.47 26.63
CA VAL A 394 9.70 27.22 25.63
C VAL A 394 11.01 26.90 26.35
N TYR A 395 11.65 25.81 25.95
CA TYR A 395 12.93 25.39 26.50
C TYR A 395 14.02 25.61 25.45
N ALA A 396 15.09 26.30 25.84
CA ALA A 396 16.15 26.69 24.92
C ALA A 396 17.48 26.12 25.42
N ASP A 397 17.78 24.91 25.00
CA ASP A 397 19.07 24.29 25.26
C ASP A 397 19.99 24.57 24.08
N SER A 398 21.25 24.88 24.38
CA SER A 398 22.27 25.10 23.37
C SER A 398 23.48 24.24 23.70
N PHE A 399 24.09 23.63 22.68
CA PHE A 399 25.35 22.94 22.87
C PHE A 399 26.11 22.90 21.55
N VAL A 400 27.40 23.17 21.62
CA VAL A 400 28.27 23.14 20.44
C VAL A 400 28.74 21.71 20.24
N ILE A 401 28.73 21.26 18.98
CA ILE A 401 28.86 19.84 18.67
C ILE A 401 29.31 19.71 17.22
N LYS A 402 29.79 18.51 16.86
CA LYS A 402 30.38 18.27 15.54
C LYS A 402 29.36 18.33 14.41
N GLY A 403 29.85 18.22 13.18
CA GLY A 403 28.97 18.33 12.02
C GLY A 403 28.08 17.12 11.85
N ASN A 404 28.65 15.92 11.98
CA ASN A 404 27.84 14.71 11.83
C ASN A 404 26.95 14.49 13.04
N GLU A 405 27.38 14.92 14.23
CA GLU A 405 26.47 14.85 15.36
C GLU A 405 25.32 15.85 15.26
N VAL A 406 25.40 16.83 14.37
CA VAL A 406 24.22 17.62 14.03
C VAL A 406 23.17 16.73 13.39
N SER A 407 23.57 15.86 12.47
CA SER A 407 22.66 14.85 11.95
C SER A 407 22.27 13.85 13.02
N GLN A 408 23.15 13.61 13.99
CA GLN A 408 22.85 12.64 15.05
C GLN A 408 21.70 13.12 15.92
N ILE A 409 21.66 14.40 16.26
CA ILE A 409 20.64 14.90 17.18
C ILE A 409 19.31 14.97 16.43
N ALA A 410 18.33 14.21 16.90
CA ALA A 410 17.00 14.09 16.31
C ALA A 410 16.12 13.29 17.27
N PRO A 411 14.80 13.38 17.17
CA PRO A 411 13.95 12.58 18.07
C PRO A 411 14.13 11.10 17.81
N GLY A 412 14.76 10.40 18.76
CA GLY A 412 14.92 8.94 18.63
C GLY A 412 16.07 8.53 17.72
N GLN A 413 17.29 8.96 18.04
CA GLN A 413 18.47 8.55 17.29
C GLN A 413 19.42 7.77 18.17
N THR A 414 20.59 7.45 17.63
CA THR A 414 21.59 6.66 18.34
C THR A 414 22.98 7.20 18.05
N GLY A 415 23.91 6.87 18.94
CA GLY A 415 25.29 7.28 18.79
C GLY A 415 25.97 7.55 20.13
N ASN A 416 27.25 7.91 20.08
CA ASN A 416 28.01 8.18 21.33
C ASN A 416 27.41 9.40 22.04
N ILE A 417 26.75 10.29 21.29
CA ILE A 417 26.18 11.53 21.89
C ILE A 417 24.68 11.35 22.10
N ALA A 418 23.97 10.84 21.09
CA ALA A 418 22.52 10.71 21.19
C ALA A 418 22.09 9.75 22.29
N ASP A 419 23.01 8.90 22.76
CA ASP A 419 22.63 7.89 23.78
C ASP A 419 23.27 8.21 25.14
N TYR A 420 24.38 8.96 25.16
CA TYR A 420 25.09 9.18 26.45
C TYR A 420 25.18 10.67 26.80
N ASN A 421 24.80 11.57 25.88
CA ASN A 421 24.99 13.02 26.15
C ASN A 421 23.64 13.74 26.12
N TYR A 422 22.99 13.76 24.94
CA TYR A 422 21.69 14.48 24.82
C TYR A 422 20.73 13.62 23.99
N LYS A 423 19.78 12.95 24.66
CA LYS A 423 18.76 12.16 23.93
C LYS A 423 17.48 13.00 23.86
N LEU A 424 16.95 13.20 22.66
CA LEU A 424 15.70 13.93 22.52
C LEU A 424 14.51 12.98 22.65
N PRO A 425 13.35 13.46 23.10
CA PRO A 425 12.19 12.58 23.23
C PRO A 425 11.72 12.08 21.87
N ASP A 426 11.17 10.87 21.87
CA ASP A 426 10.63 10.31 20.63
C ASP A 426 9.46 11.15 20.13
N ASP A 427 8.58 11.59 21.02
CA ASP A 427 7.49 12.50 20.67
C ASP A 427 7.90 13.95 20.86
N PHE A 428 9.03 14.32 20.28
CA PHE A 428 9.58 15.66 20.46
C PHE A 428 8.75 16.68 19.70
N THR A 429 8.16 17.62 20.44
CA THR A 429 7.41 18.73 19.87
C THR A 429 8.30 19.97 19.97
N GLY A 430 9.12 20.16 18.95
CA GLY A 430 10.13 21.20 18.97
C GLY A 430 11.14 20.92 17.88
N CYS A 431 12.12 21.82 17.73
CA CYS A 431 13.09 21.69 16.61
C CYS A 431 14.51 22.03 17.09
N VAL A 432 15.51 21.78 16.24
CA VAL A 432 16.93 22.09 16.59
C VAL A 432 17.49 23.06 15.54
N ILE A 433 18.50 23.86 15.91
CA ILE A 433 19.12 24.84 14.97
C ILE A 433 20.63 24.62 14.97
N ALA A 434 21.28 24.65 13.80
CA ALA A 434 22.72 24.47 13.73
C ALA A 434 23.29 25.39 12.65
N TRP A 435 24.26 26.21 13.04
CA TRP A 435 25.02 27.03 12.09
C TRP A 435 26.49 26.97 12.48
N ASN A 436 27.36 27.11 11.48
CA ASN A 436 28.79 26.92 11.72
C ASN A 436 29.37 28.09 12.52
N SER A 437 30.16 27.75 13.54
CA SER A 437 30.82 28.75 14.40
C SER A 437 32.30 28.39 14.48
N ASN A 438 33.07 28.89 13.52
CA ASN A 438 34.52 28.68 13.49
C ASN A 438 35.29 29.92 13.93
N LYS A 439 34.60 30.97 14.38
CA LYS A 439 35.27 32.19 14.80
C LYS A 439 35.27 32.39 16.31
N LEU A 440 34.46 31.63 17.05
CA LEU A 440 34.39 31.77 18.50
C LEU A 440 34.90 30.54 19.26
N ASP A 441 34.88 29.35 18.65
CA ASP A 441 35.36 28.13 19.29
C ASP A 441 36.70 27.70 18.71
N SER A 442 37.40 28.64 18.06
CA SER A 442 38.66 28.32 17.41
C SER A 442 39.65 29.44 17.65
N LYS A 443 40.91 29.07 17.85
CA LYS A 443 41.99 30.02 18.06
C LYS A 443 43.31 29.33 17.71
N HIS A 444 44.34 30.15 17.51
CA HIS A 444 45.66 29.61 17.23
C HIS A 444 46.19 28.85 18.44
N SER A 445 47.06 27.87 18.14
CA SER A 445 47.73 26.99 19.11
C SER A 445 46.79 25.98 19.74
N GLY A 446 45.51 25.98 19.40
CA GLY A 446 44.59 24.96 19.86
C GLY A 446 43.66 25.48 20.95
N ASN A 447 42.61 24.69 21.19
CA ASN A 447 41.61 25.01 22.21
C ASN A 447 40.90 23.72 22.60
N TYR A 448 41.11 23.27 23.83
CA TYR A 448 40.53 22.02 24.32
C TYR A 448 39.52 22.27 25.43
N ASP A 449 38.72 23.33 25.30
CA ASP A 449 37.81 23.72 26.38
C ASP A 449 36.64 22.76 26.51
N TYR A 450 36.03 22.36 25.40
CA TYR A 450 34.77 21.64 25.43
C TYR A 450 34.98 20.18 25.80
N TRP A 451 33.87 19.50 26.13
CA TRP A 451 33.88 18.14 26.61
C TRP A 451 32.65 17.41 26.08
N TYR A 452 32.73 16.07 26.04
CA TYR A 452 31.58 15.25 25.61
C TYR A 452 31.69 13.87 26.26
N ARG A 453 30.59 13.12 26.34
CA ARG A 453 30.61 11.82 27.05
C ARG A 453 30.49 10.64 26.07
N LEU A 454 31.27 9.58 26.30
CA LEU A 454 31.17 8.35 25.47
C LEU A 454 31.19 7.18 26.46
N PHE A 455 31.11 7.50 27.76
CA PHE A 455 31.21 6.47 28.79
C PHE A 455 30.15 6.73 29.86
N ARG A 456 29.01 6.07 29.74
CA ARG A 456 27.94 6.14 30.74
C ARG A 456 27.46 4.73 31.06
N LYS A 457 27.11 4.51 32.33
CA LYS A 457 26.70 3.18 32.76
C LYS A 457 25.43 2.69 32.07
N SER A 458 24.59 3.60 31.59
CA SER A 458 23.34 3.24 30.95
C SER A 458 22.98 4.31 29.93
N LYS A 459 21.88 4.08 29.22
CA LYS A 459 21.38 5.06 28.26
C LYS A 459 20.86 6.30 28.99
N LEU A 460 21.13 7.46 28.38
CA LEU A 460 20.65 8.74 28.97
C LEU A 460 19.21 8.97 28.53
N LYS A 461 18.27 8.96 29.47
CA LYS A 461 16.86 9.14 29.17
C LYS A 461 16.62 10.53 28.58
N PRO A 462 15.57 10.68 27.76
CA PRO A 462 15.34 11.97 27.10
C PRO A 462 15.18 13.11 28.08
N PHE A 463 15.76 14.26 27.73
CA PHE A 463 15.72 15.47 28.53
C PHE A 463 16.25 15.22 29.94
N GLU A 464 17.51 14.79 30.01
CA GLU A 464 18.18 14.55 31.28
C GLU A 464 19.65 14.90 31.14
N ARG A 465 20.22 15.40 32.23
CA ARG A 465 21.63 15.73 32.31
C ARG A 465 22.33 14.81 33.28
N ASP A 466 23.49 14.30 32.88
CA ASP A 466 24.25 13.36 33.71
C ASP A 466 25.65 13.89 33.98
N ILE A 467 25.76 15.16 34.35
CA ILE A 467 27.05 15.76 34.66
C ILE A 467 27.63 15.07 35.88
N SER A 468 28.72 14.32 35.69
CA SER A 468 29.36 13.56 36.76
C SER A 468 30.72 13.11 36.29
N THR A 469 31.62 12.87 37.24
CA THR A 469 32.98 12.43 36.96
C THR A 469 33.20 11.09 37.68
N GLU A 470 32.81 10.00 37.03
CA GLU A 470 33.00 8.66 37.56
C GLU A 470 33.60 7.78 36.49
N ILE A 471 34.76 7.19 36.78
CA ILE A 471 35.48 6.39 35.79
C ILE A 471 34.69 5.11 35.52
N TYR A 472 34.50 4.80 34.24
CA TYR A 472 33.73 3.63 33.85
C TYR A 472 34.46 2.36 34.29
N GLN A 473 33.70 1.41 34.83
CA GLN A 473 34.26 0.13 35.25
C GLN A 473 34.35 -0.82 34.06
N ALA A 474 35.50 -1.47 33.94
CA ALA A 474 35.71 -2.50 32.94
C ALA A 474 36.16 -3.78 33.63
N GLY A 475 35.55 -4.90 33.23
CA GLY A 475 35.80 -6.16 33.89
C GLY A 475 35.09 -6.26 35.22
N ASN A 476 35.86 -6.36 36.31
CA ASN A 476 35.28 -6.40 37.65
C ASN A 476 36.08 -5.58 38.65
N LYS A 477 37.10 -4.85 38.20
CA LYS A 477 37.97 -4.11 39.09
C LYS A 477 37.26 -2.87 39.63
N PRO A 478 37.39 -2.58 40.92
CA PRO A 478 36.85 -1.33 41.47
C PRO A 478 37.73 -0.11 41.21
N CYS A 479 38.66 -0.22 40.27
CA CYS A 479 39.66 0.81 39.99
C CYS A 479 39.02 2.18 39.78
N LYS A 480 39.63 3.19 40.37
CA LYS A 480 39.21 4.59 40.25
C LYS A 480 40.42 5.39 39.77
N GLY A 481 40.50 5.62 38.47
CA GLY A 481 41.61 6.36 37.91
C GLY A 481 41.61 6.27 36.41
N LYS A 482 42.68 6.80 35.81
CA LYS A 482 42.85 6.83 34.37
C LYS A 482 43.91 5.84 33.94
N GLY A 483 43.80 5.39 32.68
CA GLY A 483 44.74 4.45 32.13
C GLY A 483 44.05 3.21 31.56
N PRO A 484 44.80 2.11 31.47
CA PRO A 484 44.20 0.86 30.98
C PRO A 484 43.28 0.25 32.02
N ASN A 485 42.14 -0.27 31.55
CA ASN A 485 41.14 -0.91 32.40
C ASN A 485 40.52 0.07 33.39
N CYS A 486 40.89 1.34 33.29
CA CYS A 486 40.33 2.41 34.13
C CYS A 486 40.22 3.64 33.23
N TYR A 487 39.05 3.81 32.62
CA TYR A 487 38.86 4.82 31.58
C TYR A 487 38.14 6.04 32.14
N PHE A 488 38.67 7.22 31.83
CA PHE A 488 38.03 8.46 32.24
C PHE A 488 36.76 8.68 31.41
N PRO A 489 35.63 8.99 32.06
CA PRO A 489 34.36 9.06 31.30
C PRO A 489 34.32 10.12 30.21
N LEU A 490 34.88 11.30 30.47
CA LEU A 490 34.79 12.42 29.54
C LEU A 490 36.01 12.49 28.65
N GLN A 491 35.80 12.94 27.41
CA GLN A 491 36.89 13.17 26.47
C GLN A 491 36.80 14.60 25.93
N SER A 492 37.92 15.06 25.38
CA SER A 492 38.07 16.46 25.00
C SER A 492 37.47 16.70 23.61
N TYR A 493 36.76 17.82 23.49
CA TYR A 493 36.19 18.23 22.20
C TYR A 493 37.12 19.25 21.52
N GLY A 494 38.31 18.76 21.17
CA GLY A 494 39.36 19.62 20.66
C GLY A 494 38.97 20.40 19.42
N PHE A 495 39.23 21.71 19.44
CA PHE A 495 38.83 22.59 18.35
C PHE A 495 39.96 23.55 18.00
N ARG A 496 40.21 23.68 16.70
CA ARG A 496 41.17 24.57 16.08
C ARG A 496 40.53 25.13 14.82
N PRO A 497 41.07 26.25 14.28
CA PRO A 497 40.43 26.85 13.09
C PRO A 497 40.56 26.03 11.82
N THR A 498 41.17 24.85 11.89
CA THR A 498 41.45 24.03 10.71
C THR A 498 40.91 22.62 10.90
N TYR A 499 39.70 22.37 10.42
CA TYR A 499 39.12 21.02 10.35
C TYR A 499 38.45 20.85 8.99
N GLY A 500 37.85 19.68 8.81
CA GLY A 500 36.98 19.43 7.67
C GLY A 500 35.54 19.85 7.97
N VAL A 501 34.68 19.60 7.00
CA VAL A 501 33.27 20.03 7.12
C VAL A 501 32.60 19.30 8.28
N GLY A 502 32.83 17.99 8.39
CA GLY A 502 32.18 17.20 9.42
C GLY A 502 32.84 17.26 10.78
N HIS A 503 33.89 18.07 10.94
CA HIS A 503 34.63 18.14 12.19
C HIS A 503 34.72 19.56 12.73
N GLN A 504 33.87 20.48 12.23
CA GLN A 504 33.88 21.87 12.64
C GLN A 504 33.09 22.08 13.92
N PRO A 505 33.38 23.16 14.66
CA PRO A 505 32.57 23.52 15.85
C PRO A 505 31.21 24.08 15.48
N TYR A 506 30.28 23.18 15.17
CA TYR A 506 28.92 23.60 14.84
C TYR A 506 28.18 24.01 16.10
N ARG A 507 27.58 25.21 16.07
CA ARG A 507 26.84 25.76 17.20
C ARG A 507 25.39 25.33 17.10
N VAL A 508 24.93 24.57 18.07
CA VAL A 508 23.59 23.99 18.05
C VAL A 508 22.82 24.47 19.26
N VAL A 509 21.61 24.99 19.02
CA VAL A 509 20.67 25.36 20.08
C VAL A 509 19.32 24.78 19.71
N VAL A 510 18.62 24.21 20.68
CA VAL A 510 17.36 23.50 20.46
C VAL A 510 16.24 24.30 21.10
N LEU A 511 15.04 24.19 20.54
CA LEU A 511 13.85 24.84 21.08
C LEU A 511 12.80 23.77 21.34
N SER A 512 12.26 23.74 22.55
CA SER A 512 11.23 22.80 22.95
C SER A 512 9.95 23.55 23.29
N PHE A 513 8.86 23.15 22.66
CA PHE A 513 7.57 23.81 22.84
C PHE A 513 6.55 22.86 23.43
N GLU A 514 5.63 23.42 24.21
CA GLU A 514 4.51 22.68 24.78
C GLU A 514 3.23 23.27 24.21
N LEU A 515 2.81 22.74 23.06
CA LEU A 515 1.58 23.20 22.40
C LEU A 515 0.46 22.23 22.76
N LEU A 516 -0.02 22.35 24.00
CA LEU A 516 -1.08 21.51 24.53
C LEU A 516 -2.15 22.41 25.16
N HIS A 517 -3.22 21.79 25.65
CA HIS A 517 -4.33 22.53 26.24
C HIS A 517 -3.89 23.11 27.57
N ALA A 518 -3.38 24.34 27.52
CA ALA A 518 -2.89 25.04 28.70
C ALA A 518 -2.84 26.53 28.39
N PRO A 519 -2.90 27.40 29.40
CA PRO A 519 -2.84 28.84 29.13
C PRO A 519 -1.46 29.24 28.63
N ALA A 520 -1.38 29.58 27.34
CA ALA A 520 -0.09 29.89 26.73
C ALA A 520 0.41 31.24 27.19
N THR A 521 1.72 31.31 27.45
CA THR A 521 2.36 32.56 27.83
C THR A 521 3.26 33.12 26.75
N VAL A 522 3.54 32.35 25.69
CA VAL A 522 4.39 32.79 24.60
C VAL A 522 3.63 32.63 23.29
N CYS A 523 3.36 33.74 22.61
CA CYS A 523 2.64 33.74 21.36
C CYS A 523 3.43 34.54 20.32
N GLY A 524 2.86 34.63 19.12
CA GLY A 524 3.49 35.36 18.04
C GLY A 524 3.02 36.79 17.96
N PRO A 525 3.81 37.65 17.30
CA PRO A 525 3.45 39.07 17.20
C PRO A 525 2.29 39.32 16.25
N LYS A 526 1.14 39.67 16.82
CA LYS A 526 -0.02 40.05 16.05
C LYS A 526 -0.66 41.28 16.69
N LYS A 527 -1.60 41.88 15.97
CA LYS A 527 -2.37 43.00 16.48
C LYS A 527 -3.70 42.48 17.02
N SER A 528 -3.90 42.61 18.33
CA SER A 528 -5.12 42.12 18.95
C SER A 528 -6.28 43.04 18.60
N THR A 529 -7.30 42.48 17.95
CA THR A 529 -8.48 43.25 17.57
C THR A 529 -9.35 43.51 18.79
N ASN A 530 -10.54 44.06 18.55
CA ASN A 530 -11.54 44.21 19.59
C ASN A 530 -12.46 43.00 19.57
N LEU A 531 -13.56 43.06 20.31
CA LEU A 531 -14.49 41.95 20.44
C LEU A 531 -15.84 42.34 19.87
N VAL A 532 -16.40 41.47 19.03
CA VAL A 532 -17.72 41.66 18.44
C VAL A 532 -18.61 40.53 18.91
N LYS A 533 -19.79 40.87 19.43
CA LYS A 533 -20.69 39.90 20.02
C LYS A 533 -21.93 39.70 19.16
N ASN A 534 -22.54 38.53 19.35
CA ASN A 534 -23.75 38.14 18.61
C ASN A 534 -23.52 38.17 17.10
N LYS A 535 -22.27 37.92 16.70
CA LYS A 535 -21.89 37.99 15.29
C LYS A 535 -20.83 36.93 15.03
N CYS A 536 -21.10 36.07 14.03
CA CYS A 536 -20.14 34.99 13.66
C CYS A 536 -18.82 35.63 13.23
N VAL A 537 -17.74 35.34 13.96
CA VAL A 537 -16.42 35.98 13.65
C VAL A 537 -15.31 34.96 13.94
N ASN A 538 -14.32 34.86 13.04
CA ASN A 538 -13.16 33.96 13.30
C ASN A 538 -12.44 34.44 14.56
N PHE A 539 -12.24 33.55 15.53
CA PHE A 539 -11.60 33.96 16.81
C PHE A 539 -10.22 33.30 16.92
N ASN A 540 -9.28 33.99 17.59
CA ASN A 540 -7.92 33.47 17.75
C ASN A 540 -7.48 33.63 19.20
N PHE A 541 -8.29 33.10 20.12
CA PHE A 541 -7.98 33.22 21.56
C PHE A 541 -6.71 32.43 21.91
N ASN A 542 -5.62 33.14 22.24
CA ASN A 542 -4.37 32.47 22.66
C ASN A 542 -4.13 31.18 21.86
N GLY A 543 -4.20 31.26 20.53
CA GLY A 543 -3.88 30.11 19.71
C GLY A 543 -5.02 29.15 19.46
N LEU A 544 -6.18 29.37 20.09
CA LEU A 544 -7.35 28.51 19.89
C LEU A 544 -8.13 29.08 18.71
N THR A 545 -7.60 28.88 17.51
CA THR A 545 -8.23 29.40 16.31
C THR A 545 -9.52 28.64 16.02
N GLY A 546 -10.59 29.39 15.73
CA GLY A 546 -11.88 28.77 15.39
C GLY A 546 -12.90 29.82 14.98
N THR A 547 -14.06 29.39 14.46
CA THR A 547 -15.12 30.35 14.10
C THR A 547 -16.34 30.10 14.99
N GLY A 548 -16.99 31.16 15.48
CA GLY A 548 -18.14 30.99 16.39
C GLY A 548 -18.75 32.32 16.80
N VAL A 549 -20.00 32.27 17.26
CA VAL A 549 -20.69 33.50 17.75
C VAL A 549 -20.38 33.66 19.25
N LEU A 550 -19.84 34.82 19.63
CA LEU A 550 -19.48 35.09 21.01
C LEU A 550 -20.62 35.82 21.72
N THR A 551 -20.58 35.80 23.04
CA THR A 551 -21.61 36.41 23.86
C THR A 551 -21.09 36.53 25.28
N LYS A 552 -21.91 37.13 26.15
CA LYS A 552 -21.61 37.19 27.56
C LYS A 552 -22.13 35.92 28.25
N SER A 553 -21.42 35.50 29.29
CA SER A 553 -21.76 34.26 29.99
C SER A 553 -21.84 34.52 31.49
N ASN A 554 -22.76 33.82 32.14
CA ASN A 554 -22.98 33.90 33.58
C ASN A 554 -22.32 32.73 34.29
N LYS A 555 -21.17 32.29 33.78
CA LYS A 555 -20.44 31.18 34.36
C LYS A 555 -19.80 31.60 35.67
N LYS A 556 -19.32 30.61 36.43
CA LYS A 556 -18.73 30.87 37.74
C LYS A 556 -17.25 30.51 37.66
N PHE A 557 -16.62 30.96 36.59
CA PHE A 557 -15.24 30.58 36.23
C PHE A 557 -14.29 30.82 37.40
N LEU A 558 -13.63 29.74 37.83
CA LEU A 558 -12.71 29.82 38.95
C LEU A 558 -11.44 30.57 38.55
N PRO A 559 -10.68 31.07 39.54
CA PRO A 559 -9.47 31.85 39.18
C PRO A 559 -8.46 31.09 38.35
N PHE A 560 -8.34 29.77 38.56
CA PHE A 560 -7.35 28.99 37.82
C PHE A 560 -7.89 28.47 36.49
N GLN A 561 -9.16 28.70 36.19
CA GLN A 561 -9.75 28.14 34.98
C GLN A 561 -9.36 28.95 33.75
N GLN A 562 -9.28 28.27 32.60
CA GLN A 562 -9.06 28.93 31.32
C GLN A 562 -10.09 28.49 30.28
N PHE A 563 -10.47 27.22 30.30
CA PHE A 563 -11.33 26.66 29.26
C PHE A 563 -12.57 26.03 29.87
N GLY A 564 -13.37 25.40 29.01
CA GLY A 564 -14.50 24.62 29.46
C GLY A 564 -15.06 23.82 28.29
N ARG A 565 -15.49 22.59 28.59
CA ARG A 565 -15.95 21.67 27.55
C ARG A 565 -17.18 20.92 28.04
N ASP A 566 -17.50 19.84 27.31
CA ASP A 566 -18.60 18.95 27.61
C ASP A 566 -18.04 17.58 27.92
N ILE A 567 -18.93 16.60 28.08
CA ILE A 567 -18.52 15.21 28.08
C ILE A 567 -17.93 14.79 26.74
N VAL A 568 -18.12 15.62 25.70
CA VAL A 568 -17.55 15.37 24.39
C VAL A 568 -16.19 16.03 24.20
N ASP A 569 -15.74 16.80 25.18
CA ASP A 569 -14.38 17.35 25.22
C ASP A 569 -14.12 18.29 24.04
N THR A 570 -15.10 19.15 23.77
CA THR A 570 -14.95 20.21 22.78
C THR A 570 -15.01 21.55 23.50
N THR A 571 -14.04 22.42 23.21
CA THR A 571 -13.94 23.69 23.91
C THR A 571 -15.23 24.49 23.76
N ASP A 572 -15.78 24.93 24.88
CA ASP A 572 -17.08 25.59 24.93
C ASP A 572 -17.01 27.02 25.39
N ALA A 573 -16.31 27.29 26.49
CA ALA A 573 -16.14 28.64 26.99
C ALA A 573 -14.67 28.90 27.23
N VAL A 574 -14.16 29.98 26.65
CA VAL A 574 -12.76 30.36 26.74
C VAL A 574 -12.69 31.73 27.40
N ARG A 575 -12.00 31.80 28.54
CA ARG A 575 -11.91 33.08 29.30
C ARG A 575 -11.24 34.13 28.42
N ASP A 576 -11.89 35.29 28.27
CA ASP A 576 -11.24 36.39 27.50
C ASP A 576 -9.86 36.63 28.12
N PRO A 577 -8.76 36.54 27.34
CA PRO A 577 -7.42 36.69 27.90
C PRO A 577 -7.20 38.13 28.40
N GLN A 578 -8.09 39.05 28.01
CA GLN A 578 -7.90 40.49 28.38
C GLN A 578 -9.05 40.93 29.29
N THR A 579 -10.30 40.71 28.89
CA THR A 579 -11.45 41.24 29.69
C THR A 579 -11.86 40.25 30.79
N LEU A 580 -11.15 39.13 30.95
CA LEU A 580 -11.44 38.21 32.06
C LEU A 580 -12.94 37.94 32.19
N GLU A 581 -13.56 37.61 31.07
CA GLU A 581 -14.97 37.26 31.05
C GLU A 581 -15.15 35.98 30.27
N ILE A 582 -16.26 35.30 30.56
CA ILE A 582 -16.54 33.98 30.01
C ILE A 582 -17.28 34.15 28.70
N LEU A 583 -16.81 33.46 27.66
CA LEU A 583 -17.28 33.66 26.30
C LEU A 583 -17.68 32.32 25.69
N ASP A 584 -18.99 32.11 25.52
CA ASP A 584 -19.44 30.88 24.90
C ASP A 584 -19.02 30.82 23.44
N ILE A 585 -18.88 29.60 22.92
CA ILE A 585 -18.43 29.42 21.51
C ILE A 585 -19.43 28.53 20.77
N THR A 586 -20.23 29.11 19.86
CA THR A 586 -21.22 28.34 19.08
C THR A 586 -20.59 27.95 17.74
N PRO A 587 -21.14 26.99 16.97
CA PRO A 587 -20.62 26.68 15.64
C PRO A 587 -21.22 27.64 14.61
N CYS A 588 -21.12 28.95 14.88
CA CYS A 588 -21.68 29.97 13.95
C CYS A 588 -23.00 29.47 13.36
N SER A 589 -22.97 29.04 12.09
CA SER A 589 -24.20 28.51 11.45
C SER A 589 -23.84 27.30 10.58
N PHE A 590 -24.47 26.15 10.83
CA PHE A 590 -24.25 24.94 10.00
C PHE A 590 -25.59 24.24 9.84
N GLY A 591 -26.02 24.00 8.60
CA GLY A 591 -27.31 23.37 8.38
C GLY A 591 -27.35 22.50 7.16
N GLY A 592 -28.37 22.66 6.34
CA GLY A 592 -28.53 21.87 5.13
C GLY A 592 -29.63 22.41 4.25
N VAL A 593 -29.39 22.48 2.94
CA VAL A 593 -30.32 23.09 2.01
C VAL A 593 -31.08 21.97 1.31
N SER A 594 -32.41 22.07 1.31
CA SER A 594 -33.27 21.15 0.59
C SER A 594 -34.17 21.94 -0.35
N VAL A 595 -34.32 21.45 -1.58
CA VAL A 595 -35.02 22.16 -2.63
C VAL A 595 -36.32 21.43 -2.94
N ILE A 596 -37.43 22.14 -2.80
CA ILE A 596 -38.75 21.60 -3.15
C ILE A 596 -39.09 22.08 -4.55
N THR A 597 -39.35 21.13 -5.44
CA THR A 597 -39.63 21.45 -6.83
C THR A 597 -40.60 20.44 -7.41
N PRO A 598 -41.57 20.88 -8.20
CA PRO A 598 -42.33 19.95 -9.03
C PRO A 598 -41.46 19.49 -10.19
N GLY A 599 -41.96 18.54 -10.95
CA GLY A 599 -41.19 18.03 -12.08
C GLY A 599 -40.86 19.14 -13.06
N THR A 600 -39.63 19.11 -13.56
CA THR A 600 -39.22 20.09 -14.56
C THR A 600 -40.00 19.92 -15.87
N ASN A 601 -40.60 18.76 -16.09
CA ASN A 601 -41.51 18.59 -17.21
C ASN A 601 -42.78 19.42 -17.00
N THR A 602 -43.10 19.77 -15.76
CA THR A 602 -44.29 20.58 -15.45
C THR A 602 -43.96 22.07 -15.31
N SER A 603 -43.02 22.40 -14.44
CA SER A 603 -42.61 23.79 -14.22
C SER A 603 -41.19 23.80 -13.70
N ASN A 604 -40.61 25.00 -13.65
CA ASN A 604 -39.21 25.15 -13.28
C ASN A 604 -38.99 25.96 -11.99
N GLN A 605 -40.05 26.36 -11.31
CA GLN A 605 -39.89 27.10 -10.06
C GLN A 605 -39.41 26.18 -8.95
N VAL A 606 -38.72 26.77 -7.97
CA VAL A 606 -38.18 26.05 -6.82
C VAL A 606 -38.43 26.83 -5.55
N ALA A 607 -38.38 26.12 -4.42
CA ALA A 607 -38.44 26.72 -3.09
C ALA A 607 -37.32 26.12 -2.26
N VAL A 608 -36.75 26.93 -1.36
CA VAL A 608 -35.54 26.57 -0.63
C VAL A 608 -35.84 26.51 0.86
N LEU A 609 -35.35 25.48 1.51
CA LEU A 609 -35.52 25.28 2.95
C LEU A 609 -34.15 25.19 3.61
N TYR A 610 -33.94 25.96 4.66
CA TYR A 610 -32.71 25.96 5.43
C TYR A 610 -32.94 25.12 6.68
N GLN A 611 -32.40 23.91 6.69
CA GLN A 611 -32.75 22.93 7.70
C GLN A 611 -32.24 23.32 9.07
N GLY A 612 -33.11 23.22 10.07
CA GLY A 612 -32.69 23.34 11.46
C GLY A 612 -32.14 24.70 11.84
N VAL A 613 -32.67 25.75 11.21
CA VAL A 613 -32.24 27.14 11.52
C VAL A 613 -33.45 28.05 11.30
N ASN A 614 -33.61 29.09 12.12
CA ASN A 614 -34.79 29.92 12.01
C ASN A 614 -34.51 31.12 11.11
N CYS A 615 -35.49 31.48 10.28
CA CYS A 615 -35.27 32.39 9.16
C CYS A 615 -34.93 33.81 9.58
N THR A 616 -35.19 34.20 10.83
CA THR A 616 -34.76 35.51 11.27
C THR A 616 -33.25 35.63 11.23
N GLU A 617 -32.56 34.50 11.44
CA GLU A 617 -31.07 34.48 11.38
C GLU A 617 -30.62 34.56 9.92
N VAL A 618 -31.24 33.78 9.03
CA VAL A 618 -30.78 33.74 7.65
C VAL A 618 -31.26 34.96 6.86
N SER A 619 -32.39 35.56 7.24
CA SER A 619 -32.86 36.74 6.53
C SER A 619 -31.94 37.94 6.78
N VAL A 620 -31.31 37.97 7.95
CA VAL A 620 -30.32 39.01 8.23
C VAL A 620 -29.05 38.77 7.39
N ALA A 621 -28.60 37.52 7.33
CA ALA A 621 -27.31 37.24 6.70
C ALA A 621 -27.40 37.29 5.18
N ILE A 622 -28.55 36.88 4.61
CA ILE A 622 -28.70 36.94 3.15
C ILE A 622 -28.66 38.39 2.69
N HIS A 623 -29.23 39.30 3.50
CA HIS A 623 -29.20 40.72 3.18
C HIS A 623 -27.79 41.29 3.29
N ALA A 624 -26.96 40.74 4.18
CA ALA A 624 -25.58 41.16 4.33
C ALA A 624 -24.61 40.33 3.50
N ASP A 625 -25.09 39.36 2.73
CA ASP A 625 -24.29 38.59 1.78
C ASP A 625 -23.14 37.86 2.48
N GLN A 626 -23.48 36.91 3.34
CA GLN A 626 -22.49 36.13 4.08
C GLN A 626 -22.74 34.63 4.01
N LEU A 627 -23.67 34.17 3.18
CA LEU A 627 -23.99 32.76 3.11
C LEU A 627 -23.01 32.03 2.20
N THR A 628 -22.63 30.82 2.62
CA THR A 628 -21.88 29.94 1.72
C THR A 628 -22.64 29.65 0.43
N PRO A 629 -23.94 29.34 0.44
CA PRO A 629 -24.66 29.25 -0.84
C PRO A 629 -24.67 30.57 -1.57
N THR A 630 -24.26 30.53 -2.84
CA THR A 630 -24.32 31.70 -3.70
C THR A 630 -25.67 31.83 -4.39
N TRP A 631 -26.32 30.71 -4.70
CA TRP A 631 -27.65 30.77 -5.28
C TRP A 631 -28.60 31.52 -4.34
N ARG A 632 -29.32 32.49 -4.89
CA ARG A 632 -30.12 33.43 -4.09
C ARG A 632 -31.57 33.36 -4.56
N VAL A 633 -32.39 32.66 -3.79
CA VAL A 633 -33.80 32.50 -4.14
C VAL A 633 -34.55 33.78 -3.77
N TYR A 634 -35.66 34.04 -4.45
CA TYR A 634 -36.43 35.25 -4.22
C TYR A 634 -37.16 35.20 -2.89
N SER A 635 -37.38 36.37 -2.31
CA SER A 635 -38.14 36.52 -1.07
C SER A 635 -39.03 37.76 -1.20
N THR A 636 -40.29 37.55 -1.56
CA THR A 636 -41.24 38.62 -1.81
C THR A 636 -41.79 39.23 -0.53
N GLY A 637 -41.74 38.50 0.58
CA GLY A 637 -42.37 38.89 1.83
C GLY A 637 -43.59 38.05 2.12
N SER A 638 -44.36 37.73 1.09
CA SER A 638 -45.43 36.75 1.21
C SER A 638 -44.89 35.32 1.30
N ASN A 639 -43.65 35.08 0.86
CA ASN A 639 -43.08 33.74 0.85
C ASN A 639 -41.97 33.67 1.89
N VAL A 640 -42.38 33.51 3.15
CA VAL A 640 -41.52 33.12 4.27
C VAL A 640 -42.42 32.35 5.23
N PHE A 641 -41.93 31.23 5.75
CA PHE A 641 -42.75 30.42 6.64
C PHE A 641 -41.82 29.74 7.63
N GLN A 642 -42.12 29.91 8.92
CA GLN A 642 -41.35 29.26 9.98
C GLN A 642 -41.93 27.89 10.26
N THR A 643 -41.36 26.86 9.67
CA THR A 643 -41.77 25.51 9.99
C THR A 643 -40.99 25.00 11.21
N ARG A 644 -41.56 24.02 11.89
CA ARG A 644 -40.86 23.37 12.99
C ARG A 644 -39.68 22.55 12.49
N ALA A 645 -39.61 22.26 11.20
CA ALA A 645 -38.58 21.42 10.62
C ALA A 645 -37.47 22.21 9.93
N GLY A 646 -37.42 23.52 10.18
CA GLY A 646 -36.45 24.38 9.52
C GLY A 646 -37.01 25.77 9.31
N CYS A 647 -36.82 26.34 8.13
CA CYS A 647 -37.51 27.57 7.77
C CYS A 647 -37.49 27.70 6.25
N LEU A 648 -38.66 27.99 5.68
CA LEU A 648 -38.90 27.84 4.25
C LEU A 648 -39.00 29.19 3.57
N ILE A 649 -38.36 29.31 2.40
CA ILE A 649 -38.35 30.54 1.63
C ILE A 649 -38.79 30.23 0.20
N GLY A 650 -39.68 31.06 -0.33
CA GLY A 650 -40.12 30.92 -1.70
C GLY A 650 -41.48 30.30 -1.90
N ALA A 651 -42.17 29.95 -0.82
CA ALA A 651 -43.49 29.35 -0.91
C ALA A 651 -44.45 30.07 0.04
N GLU A 652 -45.71 30.15 -0.35
CA GLU A 652 -46.73 30.84 0.43
C GLU A 652 -47.48 29.84 1.30
N TYR A 653 -48.09 30.34 2.37
CA TYR A 653 -48.82 29.49 3.30
C TYR A 653 -50.32 29.59 3.05
N VAL A 654 -50.94 28.47 2.69
CA VAL A 654 -52.37 28.38 2.49
C VAL A 654 -52.93 27.46 3.57
N ASN A 655 -53.95 27.94 4.30
CA ASN A 655 -54.47 27.23 5.45
C ASN A 655 -55.31 26.01 5.09
N ASN A 656 -55.63 25.82 3.82
CA ASN A 656 -56.44 24.68 3.40
C ASN A 656 -55.70 23.38 3.71
N SER A 657 -56.43 22.27 3.64
CA SER A 657 -55.88 20.96 3.95
C SER A 657 -56.12 20.01 2.78
N TYR A 658 -55.07 19.31 2.38
CA TYR A 658 -55.13 18.35 1.29
C TYR A 658 -54.31 17.11 1.67
N GLU A 659 -54.43 16.08 0.84
CA GLU A 659 -53.51 14.95 0.97
C GLU A 659 -52.09 15.41 0.68
N CYS A 660 -51.14 14.89 1.46
CA CYS A 660 -49.76 15.33 1.31
C CYS A 660 -49.21 14.97 -0.06
N ASP A 661 -48.46 15.88 -0.65
CA ASP A 661 -47.84 15.70 -1.95
C ASP A 661 -46.32 15.66 -1.84
N ILE A 662 -45.72 16.70 -1.28
CA ILE A 662 -44.27 16.74 -1.06
C ILE A 662 -44.01 16.87 0.43
N PRO A 663 -43.69 15.78 1.13
CA PRO A 663 -43.49 15.86 2.59
C PRO A 663 -42.27 16.70 2.93
N ILE A 664 -42.51 17.76 3.71
CA ILE A 664 -41.43 18.62 4.18
C ILE A 664 -40.99 18.27 5.60
N GLY A 665 -41.92 18.25 6.54
CA GLY A 665 -41.57 17.92 7.91
C GLY A 665 -42.44 18.60 8.95
N ALA A 666 -42.65 17.93 10.08
CA ALA A 666 -43.44 18.46 11.18
C ALA A 666 -44.87 18.77 10.75
N GLY A 667 -45.46 17.86 9.98
CA GLY A 667 -46.84 18.01 9.57
C GLY A 667 -47.09 19.08 8.54
N ILE A 668 -46.09 19.41 7.73
CA ILE A 668 -46.22 20.42 6.68
C ILE A 668 -45.90 19.77 5.34
N CYS A 669 -46.75 20.01 4.35
CA CYS A 669 -46.54 19.51 3.00
C CYS A 669 -46.76 20.64 2.01
N ALA A 670 -45.92 20.67 0.97
CA ALA A 670 -46.03 21.66 -0.09
C ALA A 670 -46.42 20.97 -1.40
N SER A 671 -47.07 21.73 -2.28
CA SER A 671 -47.53 21.16 -3.54
C SER A 671 -47.69 22.26 -4.57
N TYR A 672 -47.71 21.84 -5.84
CA TYR A 672 -47.93 22.73 -6.97
C TYR A 672 -49.41 22.66 -7.32
N GLN A 673 -50.15 23.73 -7.00
CA GLN A 673 -51.58 23.75 -7.17
C GLN A 673 -51.98 25.03 -7.90
N THR A 674 -52.94 24.90 -8.81
CA THR A 674 -53.35 25.98 -9.69
C THR A 674 -53.98 27.13 -8.91
N GLN A 675 -53.63 28.34 -9.32
CA GLN A 675 -54.15 29.54 -8.68
C GLN A 675 -55.60 29.78 -9.09
N SER A 687 -50.87 31.32 -13.19
CA SER A 687 -52.01 30.55 -12.71
C SER A 687 -51.57 29.37 -11.86
N GLN A 688 -50.26 29.24 -11.68
CA GLN A 688 -49.68 28.16 -10.91
C GLN A 688 -48.54 28.70 -10.05
N SER A 689 -48.39 28.12 -8.85
CA SER A 689 -47.33 28.52 -7.93
C SER A 689 -47.17 27.42 -6.89
N ILE A 690 -46.31 27.67 -5.91
CA ILE A 690 -45.97 26.71 -4.87
C ILE A 690 -46.50 27.23 -3.54
N ILE A 691 -47.27 26.40 -2.84
CA ILE A 691 -47.91 26.78 -1.59
C ILE A 691 -47.55 25.77 -0.51
N ALA A 692 -47.70 26.20 0.74
CA ALA A 692 -47.45 25.35 1.89
C ALA A 692 -48.72 25.21 2.72
N TYR A 693 -49.10 23.97 3.01
CA TYR A 693 -50.32 23.70 3.74
C TYR A 693 -50.06 22.64 4.79
N THR A 694 -51.10 22.33 5.56
CA THR A 694 -51.01 21.30 6.59
C THR A 694 -51.68 20.02 6.10
N MET A 695 -51.16 18.88 6.56
CA MET A 695 -51.69 17.59 6.14
C MET A 695 -53.14 17.43 6.58
N SER A 696 -53.92 16.79 5.71
CA SER A 696 -55.30 16.40 6.03
C SER A 696 -55.30 14.88 6.21
N LEU A 697 -55.55 14.44 7.44
CA LEU A 697 -55.48 13.01 7.74
C LEU A 697 -56.52 12.19 6.99
N GLY A 698 -57.71 12.75 6.77
CA GLY A 698 -58.71 12.04 6.02
C GLY A 698 -60.03 12.78 6.03
N ALA A 699 -60.92 12.32 5.15
CA ALA A 699 -62.24 12.92 5.05
C ALA A 699 -62.99 12.73 6.36
N GLU A 700 -63.37 13.84 6.98
CA GLU A 700 -64.02 13.80 8.28
C GLU A 700 -65.37 13.11 8.17
N ASN A 701 -65.64 12.17 9.06
CA ASN A 701 -66.87 11.40 9.05
C ASN A 701 -67.30 11.12 10.49
N SER A 702 -68.60 10.98 10.69
CA SER A 702 -69.17 10.73 12.01
C SER A 702 -70.19 9.61 11.93
N VAL A 703 -70.17 8.72 12.93
CA VAL A 703 -71.08 7.60 12.97
C VAL A 703 -72.27 7.96 13.86
N ALA A 704 -73.35 7.21 13.71
CA ALA A 704 -74.65 7.53 14.31
C ALA A 704 -75.04 6.53 15.41
N TYR A 705 -74.11 6.16 16.28
CA TYR A 705 -74.38 5.12 17.27
C TYR A 705 -75.59 5.46 18.13
N SER A 706 -76.41 4.44 18.39
CA SER A 706 -77.61 4.61 19.21
C SER A 706 -77.81 3.34 20.02
N ASN A 707 -78.88 3.33 20.82
CA ASN A 707 -79.13 2.20 21.72
C ASN A 707 -79.70 1.00 20.96
N ASN A 708 -80.54 1.24 19.95
CA ASN A 708 -81.20 0.16 19.23
C ASN A 708 -81.22 0.41 17.72
N SER A 709 -80.11 0.81 17.14
CA SER A 709 -80.02 1.05 15.70
C SER A 709 -78.95 0.14 15.10
N ILE A 710 -79.30 -0.55 14.02
CA ILE A 710 -78.35 -1.33 13.25
C ILE A 710 -78.55 -1.05 11.77
N ALA A 711 -77.44 -0.99 11.04
CA ALA A 711 -77.46 -0.94 9.59
C ALA A 711 -76.83 -2.23 9.06
N ILE A 712 -77.58 -2.96 8.24
CA ILE A 712 -77.07 -4.21 7.68
C ILE A 712 -77.10 -4.12 6.16
N PRO A 713 -76.07 -4.62 5.48
CA PRO A 713 -75.98 -4.43 4.03
C PRO A 713 -77.06 -5.18 3.28
N THR A 714 -77.53 -4.59 2.20
CA THR A 714 -78.54 -5.19 1.34
C THR A 714 -77.94 -5.75 0.05
N ASN A 715 -76.74 -5.32 -0.33
CA ASN A 715 -76.15 -5.67 -1.60
C ASN A 715 -74.65 -5.94 -1.37
N PHE A 716 -73.94 -6.25 -2.44
CA PHE A 716 -72.51 -6.52 -2.31
C PHE A 716 -71.80 -6.19 -3.62
N THR A 717 -70.49 -6.02 -3.53
CA THR A 717 -69.63 -5.82 -4.68
C THR A 717 -68.43 -6.74 -4.58
N ILE A 718 -67.85 -7.08 -5.74
CA ILE A 718 -66.70 -7.95 -5.83
C ILE A 718 -65.52 -7.13 -6.34
N SER A 719 -64.45 -7.07 -5.56
CA SER A 719 -63.30 -6.24 -5.88
C SER A 719 -62.05 -7.10 -5.95
N VAL A 720 -61.20 -6.82 -6.93
CA VAL A 720 -59.95 -7.54 -7.15
C VAL A 720 -58.80 -6.56 -6.96
N THR A 721 -57.99 -6.77 -5.93
CA THR A 721 -56.84 -5.94 -5.67
C THR A 721 -55.56 -6.69 -6.07
N THR A 722 -54.42 -6.03 -5.91
CA THR A 722 -53.13 -6.59 -6.31
C THR A 722 -52.08 -6.32 -5.25
N GLU A 723 -51.08 -7.20 -5.18
CA GLU A 723 -49.98 -7.08 -4.24
C GLU A 723 -48.70 -7.59 -4.89
N ILE A 724 -47.60 -6.88 -4.67
CA ILE A 724 -46.32 -7.17 -5.32
C ILE A 724 -45.25 -7.30 -4.25
N LEU A 725 -44.48 -8.39 -4.30
CA LEU A 725 -43.41 -8.63 -3.34
C LEU A 725 -42.16 -9.13 -4.06
N PRO A 726 -40.98 -8.57 -3.77
CA PRO A 726 -39.74 -9.13 -4.31
C PRO A 726 -39.45 -10.49 -3.71
N VAL A 727 -38.82 -11.36 -4.51
CA VAL A 727 -38.57 -12.73 -4.07
C VAL A 727 -37.08 -13.04 -4.10
N SER A 728 -36.34 -12.40 -5.01
CA SER A 728 -34.92 -12.70 -5.14
C SER A 728 -34.19 -11.51 -5.75
N MET A 729 -32.86 -11.52 -5.63
CA MET A 729 -32.02 -10.46 -6.14
C MET A 729 -30.85 -11.07 -6.92
N THR A 730 -30.11 -10.21 -7.62
CA THR A 730 -29.08 -10.66 -8.54
C THR A 730 -27.91 -11.31 -7.79
N LYS A 731 -27.31 -12.31 -8.42
CA LYS A 731 -26.21 -13.07 -7.85
C LYS A 731 -24.89 -12.59 -8.47
N THR A 732 -23.98 -12.12 -7.63
CA THR A 732 -22.66 -11.68 -8.06
C THR A 732 -21.58 -12.56 -7.43
N SER A 733 -20.47 -12.73 -8.12
CA SER A 733 -19.40 -13.63 -7.71
C SER A 733 -18.03 -12.96 -7.87
N VAL A 734 -17.90 -11.78 -7.28
CA VAL A 734 -16.71 -10.92 -7.39
C VAL A 734 -15.46 -11.68 -6.97
N ASP A 735 -14.32 -11.39 -7.60
CA ASP A 735 -13.05 -12.02 -7.24
C ASP A 735 -12.01 -10.95 -6.90
N CYS A 736 -11.47 -11.05 -5.68
CA CYS A 736 -10.68 -9.96 -5.12
C CYS A 736 -9.34 -9.81 -5.82
N THR A 737 -8.67 -10.92 -6.13
CA THR A 737 -7.31 -10.85 -6.65
C THR A 737 -7.25 -10.02 -7.93
N MET A 738 -8.07 -10.38 -8.91
CA MET A 738 -8.14 -9.60 -10.13
C MET A 738 -8.81 -8.24 -9.94
N TYR A 739 -9.79 -8.12 -9.03
CA TYR A 739 -10.39 -6.81 -8.86
C TYR A 739 -9.37 -5.78 -8.41
N ILE A 740 -8.59 -6.09 -7.39
CA ILE A 740 -7.70 -5.10 -6.77
C ILE A 740 -6.34 -5.07 -7.44
N CYS A 741 -5.87 -6.20 -7.99
CA CYS A 741 -4.58 -6.25 -8.69
C CYS A 741 -4.81 -6.75 -10.10
N GLY A 742 -5.07 -5.83 -11.02
CA GLY A 742 -5.25 -6.24 -12.40
C GLY A 742 -4.00 -6.92 -12.90
N ASP A 743 -4.09 -8.26 -13.04
CA ASP A 743 -3.05 -9.15 -13.57
C ASP A 743 -1.62 -8.71 -13.23
N SER A 744 -1.39 -8.38 -11.96
CA SER A 744 -0.08 -7.93 -11.48
C SER A 744 0.40 -8.85 -10.37
N THR A 745 1.52 -9.53 -10.63
CA THR A 745 2.01 -10.54 -9.70
C THR A 745 2.49 -9.92 -8.40
N GLU A 746 3.12 -8.75 -8.46
CA GLU A 746 3.61 -8.09 -7.24
C GLU A 746 2.46 -7.68 -6.34
N CYS A 747 1.41 -7.10 -6.93
CA CYS A 747 0.23 -6.77 -6.13
C CYS A 747 -0.43 -8.01 -5.57
N SER A 748 -0.44 -9.11 -6.34
CA SER A 748 -0.95 -10.37 -5.81
C SER A 748 -0.13 -10.85 -4.62
N ASN A 749 1.19 -10.75 -4.71
CA ASN A 749 2.06 -11.16 -3.60
C ASN A 749 1.81 -10.30 -2.37
N LEU A 750 1.65 -8.99 -2.55
CA LEU A 750 1.39 -8.13 -1.42
C LEU A 750 0.05 -8.44 -0.77
N LEU A 751 -0.98 -8.75 -1.58
CA LEU A 751 -2.24 -9.19 -1.01
C LEU A 751 -2.12 -10.53 -0.30
N LEU A 752 -1.16 -11.36 -0.71
CA LEU A 752 -0.95 -12.62 -0.01
C LEU A 752 -0.58 -12.40 1.46
N GLN A 753 -0.08 -11.21 1.81
CA GLN A 753 0.31 -10.91 3.18
C GLN A 753 -0.88 -10.66 4.11
N TYR A 754 -2.06 -10.35 3.59
CA TYR A 754 -3.19 -9.96 4.40
C TYR A 754 -3.98 -11.15 4.94
N GLY A 755 -3.41 -12.35 4.90
CA GLY A 755 -4.12 -13.48 5.46
C GLY A 755 -5.35 -13.85 4.66
N SER A 756 -6.37 -14.30 5.40
CA SER A 756 -7.62 -14.74 4.79
C SER A 756 -8.64 -13.60 4.71
N PHE A 757 -8.29 -12.52 4.02
CA PHE A 757 -9.24 -11.44 3.79
C PHE A 757 -9.95 -11.56 2.46
N CYS A 758 -9.76 -12.67 1.73
CA CYS A 758 -10.43 -12.92 0.46
C CYS A 758 -11.37 -14.12 0.54
N THR A 759 -10.96 -15.16 1.27
CA THR A 759 -11.81 -16.33 1.45
C THR A 759 -13.11 -15.98 2.14
N GLN A 760 -13.06 -15.09 3.13
CA GLN A 760 -14.28 -14.65 3.81
C GLN A 760 -15.23 -13.99 2.81
N LEU A 761 -14.69 -13.14 1.93
CA LEU A 761 -15.51 -12.47 0.93
C LEU A 761 -16.17 -13.47 -0.01
N LYS A 762 -15.37 -14.42 -0.52
CA LYS A 762 -15.92 -15.40 -1.46
C LYS A 762 -16.98 -16.27 -0.81
N ARG A 763 -16.75 -16.67 0.45
CA ARG A 763 -17.74 -17.49 1.15
C ARG A 763 -19.03 -16.72 1.37
N ALA A 764 -18.92 -15.43 1.74
CA ALA A 764 -20.12 -14.63 1.91
C ALA A 764 -20.92 -14.54 0.62
N LEU A 765 -20.23 -14.32 -0.51
CA LEU A 765 -20.96 -14.16 -1.77
C LEU A 765 -21.62 -15.47 -2.21
N THR A 766 -20.94 -16.60 -2.03
CA THR A 766 -21.56 -17.86 -2.39
C THR A 766 -22.76 -18.18 -1.49
N GLY A 767 -22.67 -17.81 -0.20
CA GLY A 767 -23.83 -17.95 0.66
C GLY A 767 -25.01 -17.13 0.18
N ILE A 768 -24.74 -15.90 -0.27
CA ILE A 768 -25.81 -15.06 -0.81
C ILE A 768 -26.48 -15.73 -2.01
N ALA A 769 -25.66 -16.28 -2.92
CA ALA A 769 -26.23 -16.91 -4.11
C ALA A 769 -27.11 -18.11 -3.76
N VAL A 770 -26.62 -18.98 -2.88
CA VAL A 770 -27.41 -20.14 -2.49
C VAL A 770 -28.70 -19.70 -1.81
N GLU A 771 -28.63 -18.63 -1.01
CA GLU A 771 -29.83 -18.12 -0.36
C GLU A 771 -30.86 -17.66 -1.38
N GLN A 772 -30.43 -16.97 -2.43
CA GLN A 772 -31.38 -16.51 -3.45
C GLN A 772 -32.08 -17.69 -4.12
N ASP A 773 -31.31 -18.72 -4.46
CA ASP A 773 -31.92 -19.89 -5.10
C ASP A 773 -32.94 -20.55 -4.17
N LYS A 774 -32.59 -20.69 -2.89
CA LYS A 774 -33.53 -21.28 -1.94
C LYS A 774 -34.80 -20.43 -1.79
N ASN A 775 -34.65 -19.10 -1.81
CA ASN A 775 -35.82 -18.23 -1.72
C ASN A 775 -36.79 -18.48 -2.87
N THR A 776 -36.28 -18.48 -4.09
CA THR A 776 -37.19 -18.68 -5.22
C THR A 776 -37.84 -20.06 -5.18
N GLN A 777 -37.07 -21.07 -4.76
CA GLN A 777 -37.64 -22.40 -4.65
C GLN A 777 -38.77 -22.45 -3.61
N GLU A 778 -38.53 -21.90 -2.42
CA GLU A 778 -39.55 -21.90 -1.39
C GLU A 778 -40.81 -21.20 -1.86
N VAL A 779 -40.66 -20.06 -2.54
CA VAL A 779 -41.85 -19.30 -2.93
C VAL A 779 -42.67 -20.05 -3.98
N PHE A 780 -42.01 -20.59 -5.01
CA PHE A 780 -42.78 -21.08 -6.16
C PHE A 780 -43.03 -22.58 -6.16
N ALA A 781 -42.10 -23.39 -5.66
CA ALA A 781 -42.29 -24.84 -5.72
C ALA A 781 -43.15 -25.35 -4.58
N GLN A 782 -44.38 -24.83 -4.46
CA GLN A 782 -45.27 -25.17 -3.38
C GLN A 782 -46.10 -26.41 -3.65
N VAL A 783 -46.19 -26.86 -4.91
CA VAL A 783 -46.98 -28.01 -5.28
C VAL A 783 -46.07 -29.04 -5.94
N LYS A 784 -46.37 -30.32 -5.73
CA LYS A 784 -45.46 -31.38 -6.15
C LYS A 784 -45.76 -31.85 -7.58
N GLN A 785 -47.03 -31.96 -7.93
CA GLN A 785 -47.43 -32.45 -9.25
C GLN A 785 -47.96 -31.27 -10.07
N ILE A 786 -47.61 -31.23 -11.35
CA ILE A 786 -48.06 -30.15 -12.22
C ILE A 786 -49.37 -30.57 -12.89
N TYR A 787 -50.42 -29.81 -12.66
CA TYR A 787 -51.71 -30.02 -13.30
C TYR A 787 -51.84 -29.11 -14.52
N LYS A 788 -52.84 -29.38 -15.33
CA LYS A 788 -53.17 -28.53 -16.46
C LYS A 788 -54.66 -28.25 -16.48
N THR A 789 -55.01 -27.06 -16.97
CA THR A 789 -56.40 -26.65 -17.02
C THR A 789 -57.17 -27.50 -18.03
N PRO A 790 -58.47 -27.65 -17.84
CA PRO A 790 -59.28 -28.40 -18.81
C PRO A 790 -59.23 -27.75 -20.17
N PRO A 791 -59.40 -28.53 -21.25
CA PRO A 791 -59.34 -27.93 -22.59
C PRO A 791 -60.37 -26.84 -22.81
N ILE A 792 -61.56 -26.97 -22.24
CA ILE A 792 -62.62 -25.98 -22.39
C ILE A 792 -62.49 -24.95 -21.27
N LYS A 793 -62.87 -23.71 -21.58
CA LYS A 793 -62.90 -22.64 -20.59
C LYS A 793 -64.36 -22.20 -20.42
N TYR A 794 -65.10 -22.93 -19.60
CA TYR A 794 -66.43 -22.51 -19.16
C TYR A 794 -66.60 -22.97 -17.72
N PHE A 795 -66.24 -22.10 -16.78
CA PHE A 795 -66.41 -22.38 -15.36
C PHE A 795 -67.63 -21.63 -14.84
N GLY A 796 -68.79 -21.97 -15.39
CA GLY A 796 -70.03 -21.38 -14.94
C GLY A 796 -70.21 -19.92 -15.32
N GLY A 797 -69.54 -19.45 -16.36
CA GLY A 797 -69.61 -18.08 -16.79
C GLY A 797 -68.44 -17.22 -16.40
N PHE A 798 -67.58 -17.72 -15.51
CA PHE A 798 -66.41 -16.95 -15.10
C PHE A 798 -65.37 -16.94 -16.21
N ASN A 799 -64.77 -15.77 -16.44
CA ASN A 799 -63.76 -15.58 -17.47
C ASN A 799 -62.38 -15.59 -16.82
N PHE A 800 -61.52 -16.49 -17.27
CA PHE A 800 -60.17 -16.64 -16.71
C PHE A 800 -59.09 -16.54 -17.77
N SER A 801 -59.42 -16.07 -18.98
CA SER A 801 -58.42 -16.01 -20.05
C SER A 801 -57.31 -15.03 -19.77
N GLN A 802 -57.60 -13.94 -19.05
CA GLN A 802 -56.59 -12.93 -18.77
C GLN A 802 -55.46 -13.44 -17.88
N ILE A 803 -55.68 -14.51 -17.13
CA ILE A 803 -54.65 -15.07 -16.27
C ILE A 803 -54.18 -16.45 -16.70
N LEU A 804 -54.95 -17.17 -17.50
CA LEU A 804 -54.53 -18.49 -17.96
C LEU A 804 -53.44 -18.36 -19.02
N PRO A 805 -52.64 -19.41 -19.23
CA PRO A 805 -51.58 -19.33 -20.24
C PRO A 805 -52.13 -19.10 -21.63
N ASP A 806 -51.34 -18.39 -22.44
CA ASP A 806 -51.72 -18.09 -23.81
C ASP A 806 -50.94 -18.99 -24.75
N PRO A 807 -51.57 -19.99 -25.39
CA PRO A 807 -50.83 -20.89 -26.27
C PRO A 807 -50.19 -20.18 -27.46
N SER A 808 -50.83 -19.12 -27.98
CA SER A 808 -50.28 -18.42 -29.14
C SER A 808 -48.92 -17.81 -28.84
N LYS A 809 -48.77 -17.24 -27.65
CA LYS A 809 -47.49 -16.66 -27.27
C LYS A 809 -46.44 -17.77 -27.12
N PRO A 810 -45.29 -17.65 -27.77
CA PRO A 810 -44.28 -18.72 -27.68
C PRO A 810 -43.72 -18.92 -26.29
N SER A 811 -43.76 -17.89 -25.44
CA SER A 811 -43.27 -18.00 -24.07
C SER A 811 -44.31 -18.59 -23.12
N LYS A 812 -45.54 -18.79 -23.57
CA LYS A 812 -46.63 -19.34 -22.75
C LYS A 812 -46.84 -18.50 -21.50
N ARG A 813 -47.19 -17.24 -21.72
CA ARG A 813 -47.41 -16.29 -20.64
C ARG A 813 -48.79 -15.67 -20.78
N SER A 814 -49.42 -15.43 -19.63
CA SER A 814 -50.71 -14.76 -19.62
C SER A 814 -50.55 -13.30 -20.05
N PRO A 815 -51.62 -12.70 -20.57
CA PRO A 815 -51.53 -11.27 -20.94
C PRO A 815 -51.11 -10.36 -19.79
N ILE A 816 -51.57 -10.63 -18.57
CA ILE A 816 -51.11 -9.83 -17.42
C ILE A 816 -49.61 -10.06 -17.19
N GLU A 817 -49.18 -11.32 -17.30
CA GLU A 817 -47.77 -11.64 -17.13
C GLU A 817 -46.90 -10.92 -18.16
N ASP A 818 -47.42 -10.74 -19.38
CA ASP A 818 -46.68 -10.00 -20.39
C ASP A 818 -46.49 -8.54 -20.00
N LEU A 819 -47.53 -7.90 -19.47
CA LEU A 819 -47.37 -6.53 -19.00
C LEU A 819 -46.36 -6.45 -17.87
N LEU A 820 -46.40 -7.42 -16.95
CA LEU A 820 -45.44 -7.41 -15.85
C LEU A 820 -44.02 -7.57 -16.37
N PHE A 821 -43.82 -8.40 -17.40
CA PHE A 821 -42.48 -8.58 -17.95
C PHE A 821 -42.00 -7.35 -18.71
N ASN A 822 -42.90 -6.69 -19.46
CA ASN A 822 -42.48 -5.54 -20.26
C ASN A 822 -42.28 -4.29 -19.43
N LYS A 823 -43.05 -4.09 -18.36
CA LYS A 823 -42.94 -2.88 -17.56
C LYS A 823 -41.72 -2.84 -16.66
N VAL A 824 -40.97 -3.93 -16.57
CA VAL A 824 -39.76 -4.00 -15.76
C VAL A 824 -38.57 -4.16 -16.69
N THR A 825 -37.61 -3.25 -16.61
CA THR A 825 -36.42 -3.26 -17.45
C THR A 825 -35.21 -3.62 -16.59
N LEU A 826 -34.49 -4.67 -17.01
CA LEU A 826 -33.34 -5.15 -16.27
C LEU A 826 -32.06 -4.66 -16.93
N ALA A 827 -31.23 -3.94 -16.15
CA ALA A 827 -29.95 -3.49 -16.67
C ALA A 827 -29.00 -4.67 -16.89
N ASP A 828 -28.98 -5.63 -15.97
CA ASP A 828 -28.14 -6.81 -16.08
C ASP A 828 -29.05 -8.04 -16.12
N ALA A 829 -29.20 -8.64 -17.31
CA ALA A 829 -30.04 -9.82 -17.43
C ALA A 829 -29.38 -11.06 -16.85
N GLY A 830 -28.07 -11.18 -17.00
CA GLY A 830 -27.35 -12.33 -16.47
C GLY A 830 -27.12 -13.48 -17.43
N PHE A 831 -28.18 -13.96 -18.05
CA PHE A 831 -28.11 -15.08 -18.99
C PHE A 831 -27.87 -14.58 -20.42
N ILE A 832 -26.83 -13.77 -20.59
CA ILE A 832 -26.59 -13.11 -21.86
C ILE A 832 -25.33 -13.59 -22.56
N LYS A 833 -24.32 -14.00 -21.79
CA LYS A 833 -23.02 -14.36 -22.42
C LYS A 833 -22.60 -13.15 -23.27
N GLN A 834 -22.85 -11.94 -22.77
CA GLN A 834 -22.55 -10.69 -23.53
C GLN A 834 -21.08 -10.68 -23.96
N TYR A 835 -20.18 -11.17 -23.11
CA TYR A 835 -18.75 -11.23 -23.49
C TYR A 835 -18.66 -11.68 -24.96
N GLY A 836 -18.06 -10.83 -25.81
CA GLY A 836 -17.97 -11.14 -27.25
C GLY A 836 -18.53 -10.01 -28.10
N ASP A 837 -19.52 -9.28 -27.57
CA ASP A 837 -20.07 -8.10 -28.30
C ASP A 837 -19.49 -6.84 -27.66
N CYS A 838 -18.72 -6.99 -26.58
CA CYS A 838 -18.09 -5.84 -25.94
C CYS A 838 -17.06 -5.21 -26.88
N LEU A 839 -16.30 -6.04 -27.59
CA LEU A 839 -15.42 -5.52 -28.63
C LEU A 839 -16.21 -4.97 -29.80
N GLY A 840 -17.41 -5.50 -30.04
CA GLY A 840 -18.31 -5.04 -31.08
C GLY A 840 -19.34 -4.03 -30.64
N ASP A 841 -19.12 -3.37 -29.50
CA ASP A 841 -20.10 -2.42 -28.96
C ASP A 841 -20.26 -1.19 -29.85
N ILE A 842 -19.32 -0.95 -30.77
CA ILE A 842 -19.37 0.16 -31.71
C ILE A 842 -19.32 1.49 -30.96
N ALA A 843 -20.37 1.79 -30.20
CA ALA A 843 -20.38 2.99 -29.38
C ALA A 843 -19.65 2.71 -28.07
N ALA A 844 -19.73 3.64 -27.12
CA ALA A 844 -19.14 3.42 -25.81
C ALA A 844 -19.80 2.23 -25.14
N ARG A 845 -18.98 1.33 -24.58
CA ARG A 845 -19.52 0.12 -24.00
C ARG A 845 -20.30 0.43 -22.73
N ASP A 846 -21.23 -0.46 -22.40
CA ASP A 846 -22.22 -0.20 -21.37
C ASP A 846 -21.78 -0.79 -20.03
N LEU A 847 -22.70 -0.78 -19.07
CA LEU A 847 -22.37 -1.15 -17.70
C LEU A 847 -21.91 -2.59 -17.60
N ILE A 848 -22.56 -3.50 -18.34
CA ILE A 848 -22.25 -4.92 -18.22
C ILE A 848 -20.81 -5.19 -18.63
N CYS A 849 -20.42 -4.72 -19.81
CA CYS A 849 -19.06 -4.93 -20.29
C CYS A 849 -18.05 -4.21 -19.39
N ALA A 850 -18.38 -2.99 -18.96
CA ALA A 850 -17.46 -2.24 -18.11
C ALA A 850 -17.22 -2.96 -16.79
N GLN A 851 -18.26 -3.54 -16.20
CA GLN A 851 -18.08 -4.38 -15.02
C GLN A 851 -17.23 -5.60 -15.34
N LYS A 852 -17.49 -6.24 -16.48
CA LYS A 852 -16.71 -7.41 -16.87
C LYS A 852 -15.23 -7.09 -16.99
N PHE A 853 -14.90 -5.81 -17.23
CA PHE A 853 -13.51 -5.44 -17.47
C PHE A 853 -12.62 -5.70 -16.24
N ASN A 854 -13.17 -5.58 -15.04
CA ASN A 854 -12.36 -5.53 -13.82
C ASN A 854 -12.79 -6.59 -12.81
N GLY A 855 -12.93 -7.84 -13.27
CA GLY A 855 -13.12 -8.96 -12.35
C GLY A 855 -14.45 -9.00 -11.64
N LEU A 856 -15.52 -8.89 -12.42
CA LEU A 856 -16.87 -8.74 -11.87
C LEU A 856 -17.84 -9.47 -12.78
N THR A 857 -18.61 -10.39 -12.24
CA THR A 857 -19.59 -11.12 -13.03
C THR A 857 -20.93 -11.16 -12.33
N VAL A 858 -21.98 -11.41 -13.10
CA VAL A 858 -23.25 -11.83 -12.53
C VAL A 858 -23.45 -13.29 -12.90
N LEU A 859 -24.32 -13.97 -12.17
CA LEU A 859 -24.42 -15.41 -12.29
C LEU A 859 -25.88 -15.78 -12.49
N PRO A 860 -26.19 -16.69 -13.43
CA PRO A 860 -27.58 -16.85 -13.85
C PRO A 860 -28.38 -17.63 -12.82
N PRO A 861 -29.67 -17.36 -12.70
CA PRO A 861 -30.51 -18.13 -11.78
C PRO A 861 -30.70 -19.56 -12.25
N LEU A 862 -30.85 -20.47 -11.29
CA LEU A 862 -31.02 -21.87 -11.64
C LEU A 862 -32.39 -22.14 -12.26
N LEU A 863 -33.45 -21.61 -11.66
CA LEU A 863 -34.80 -21.77 -12.19
C LEU A 863 -35.06 -20.65 -13.18
N THR A 864 -35.08 -20.99 -14.47
CA THR A 864 -35.25 -20.00 -15.52
C THR A 864 -36.62 -19.34 -15.42
N ASP A 865 -36.75 -18.17 -16.03
CA ASP A 865 -37.99 -17.41 -15.97
C ASP A 865 -39.11 -18.10 -16.74
N GLU A 866 -38.82 -19.25 -17.33
CA GLU A 866 -39.83 -20.01 -18.06
C GLU A 866 -40.45 -21.11 -17.21
N MET A 867 -39.64 -21.85 -16.44
CA MET A 867 -40.18 -22.88 -15.57
C MET A 867 -41.03 -22.29 -14.44
N ILE A 868 -40.68 -21.09 -13.99
CA ILE A 868 -41.51 -20.40 -12.99
C ILE A 868 -42.92 -20.18 -13.54
N ALA A 869 -43.02 -19.89 -14.84
CA ALA A 869 -44.33 -19.78 -15.47
C ALA A 869 -45.08 -21.09 -15.44
N GLN A 870 -44.39 -22.23 -15.62
CA GLN A 870 -45.06 -23.52 -15.53
C GLN A 870 -45.55 -23.80 -14.12
N TYR A 871 -44.74 -23.45 -13.11
CA TYR A 871 -45.19 -23.61 -11.73
C TYR A 871 -46.42 -22.77 -11.45
N THR A 872 -46.41 -21.52 -11.90
CA THR A 872 -47.56 -20.64 -11.71
C THR A 872 -48.79 -21.19 -12.43
N SER A 873 -48.62 -21.70 -13.64
CA SER A 873 -49.73 -22.26 -14.38
C SER A 873 -50.32 -23.47 -13.67
N ALA A 874 -49.47 -24.34 -13.12
CA ALA A 874 -49.97 -25.50 -12.38
C ALA A 874 -50.73 -25.05 -11.14
N LEU A 875 -50.20 -24.07 -10.41
CA LEU A 875 -50.88 -23.58 -9.23
C LEU A 875 -52.23 -22.97 -9.58
N LEU A 876 -52.31 -22.25 -10.71
CA LEU A 876 -53.57 -21.66 -11.14
C LEU A 876 -54.57 -22.72 -11.56
N ALA A 877 -54.12 -23.73 -12.32
CA ALA A 877 -55.03 -24.75 -12.80
C ALA A 877 -55.45 -25.70 -11.70
N GLY A 878 -54.73 -25.73 -10.58
CA GLY A 878 -55.14 -26.55 -9.46
C GLY A 878 -56.19 -25.90 -8.58
N THR A 879 -56.17 -24.59 -8.45
CA THR A 879 -57.04 -23.87 -7.53
C THR A 879 -58.40 -23.50 -8.12
N ILE A 880 -58.61 -23.71 -9.41
CA ILE A 880 -59.88 -23.38 -10.03
C ILE A 880 -60.64 -24.60 -10.52
N THR A 881 -60.08 -25.80 -10.42
CA THR A 881 -60.79 -27.01 -10.79
C THR A 881 -60.91 -28.03 -9.66
N SER A 882 -60.27 -27.78 -8.52
CA SER A 882 -60.32 -28.69 -7.39
C SER A 882 -60.45 -27.99 -6.05
N GLY A 883 -60.57 -26.66 -6.03
CA GLY A 883 -60.71 -25.96 -4.77
C GLY A 883 -59.40 -25.91 -4.02
N TRP A 884 -59.48 -26.06 -2.70
CA TRP A 884 -58.30 -26.10 -1.84
C TRP A 884 -57.93 -27.51 -1.43
N THR A 885 -58.50 -28.53 -2.08
CA THR A 885 -58.22 -29.91 -1.68
C THR A 885 -56.83 -30.34 -2.14
N PHE A 886 -56.31 -29.73 -3.20
CA PHE A 886 -55.01 -30.14 -3.72
C PHE A 886 -53.87 -29.71 -2.81
N GLY A 887 -54.10 -28.74 -1.93
CA GLY A 887 -53.07 -28.29 -1.00
C GLY A 887 -52.97 -29.08 0.28
N ALA A 888 -53.96 -29.92 0.58
CA ALA A 888 -53.98 -30.73 1.78
C ALA A 888 -53.76 -32.21 1.51
N GLY A 889 -54.34 -32.74 0.43
CA GLY A 889 -54.16 -34.12 0.08
C GLY A 889 -54.27 -34.33 -1.42
N PRO A 890 -54.98 -35.39 -1.83
CA PRO A 890 -55.21 -35.61 -3.27
C PRO A 890 -56.13 -34.54 -3.83
N ALA A 891 -56.04 -34.34 -5.14
CA ALA A 891 -56.87 -33.33 -5.82
C ALA A 891 -58.24 -33.92 -6.13
N LEU A 892 -59.27 -33.34 -5.54
CA LEU A 892 -60.64 -33.78 -5.75
C LEU A 892 -61.39 -32.69 -6.51
N GLN A 893 -62.00 -33.05 -7.64
CA GLN A 893 -62.63 -32.05 -8.49
C GLN A 893 -63.95 -31.59 -7.87
N ILE A 894 -64.36 -30.37 -8.24
CA ILE A 894 -65.61 -29.78 -7.80
C ILE A 894 -65.93 -28.62 -8.73
N PRO A 895 -67.17 -28.48 -9.18
CA PRO A 895 -67.50 -27.39 -10.11
C PRO A 895 -67.28 -26.02 -9.49
N PHE A 896 -66.91 -25.06 -10.35
CA PHE A 896 -66.64 -23.71 -9.85
C PHE A 896 -67.83 -23.04 -9.16
N PRO A 897 -69.07 -23.15 -9.64
CA PRO A 897 -70.17 -22.56 -8.85
C PRO A 897 -70.24 -23.11 -7.43
N MET A 898 -70.01 -24.41 -7.25
CA MET A 898 -70.06 -24.96 -5.90
C MET A 898 -68.85 -24.56 -5.07
N GLN A 899 -67.68 -24.45 -5.70
CA GLN A 899 -66.52 -23.93 -4.98
C GLN A 899 -66.78 -22.51 -4.50
N MET A 900 -67.35 -21.66 -5.36
CA MET A 900 -67.66 -20.30 -4.97
C MET A 900 -68.73 -20.28 -3.88
N ALA A 901 -69.68 -21.21 -3.93
CA ALA A 901 -70.68 -21.29 -2.86
C ALA A 901 -70.02 -21.60 -1.52
N TYR A 902 -69.06 -22.53 -1.51
CA TYR A 902 -68.36 -22.83 -0.27
C TYR A 902 -67.57 -21.61 0.22
N ARG A 903 -66.90 -20.91 -0.68
CA ARG A 903 -66.13 -19.73 -0.28
C ARG A 903 -67.06 -18.63 0.24
N PHE A 904 -68.29 -18.53 -0.29
CA PHE A 904 -69.27 -17.63 0.28
C PHE A 904 -69.67 -18.07 1.68
N ASN A 905 -69.91 -19.37 1.87
CA ASN A 905 -70.28 -19.87 3.18
C ASN A 905 -69.19 -19.64 4.21
N GLY A 906 -67.93 -19.53 3.76
CA GLY A 906 -66.85 -19.31 4.70
C GLY A 906 -66.78 -17.92 5.29
N ILE A 907 -67.52 -16.95 4.75
CA ILE A 907 -67.50 -15.58 5.25
C ILE A 907 -68.80 -15.20 5.95
N GLY A 908 -69.69 -16.16 6.17
CA GLY A 908 -70.89 -15.92 6.95
C GLY A 908 -72.18 -15.75 6.18
N VAL A 909 -72.14 -15.70 4.86
CA VAL A 909 -73.34 -15.58 4.03
C VAL A 909 -73.65 -16.95 3.42
N THR A 910 -74.91 -17.32 3.43
CA THR A 910 -75.33 -18.62 2.94
C THR A 910 -75.14 -18.72 1.43
N GLN A 911 -75.10 -19.96 0.95
CA GLN A 911 -74.84 -20.21 -0.47
C GLN A 911 -76.03 -19.84 -1.34
N ASN A 912 -77.20 -19.68 -0.73
CA ASN A 912 -78.37 -19.23 -1.48
C ASN A 912 -78.11 -17.89 -2.16
N VAL A 913 -77.31 -17.02 -1.52
CA VAL A 913 -77.01 -15.72 -2.12
C VAL A 913 -76.30 -15.91 -3.46
N LEU A 914 -75.32 -16.81 -3.51
CA LEU A 914 -74.62 -17.07 -4.77
C LEU A 914 -75.55 -17.71 -5.78
N TYR A 915 -76.31 -18.72 -5.38
CA TYR A 915 -77.18 -19.35 -6.37
C TYR A 915 -78.29 -18.43 -6.85
N GLU A 916 -78.54 -17.33 -6.14
CA GLU A 916 -79.45 -16.30 -6.62
C GLU A 916 -78.77 -15.29 -7.54
N ASN A 917 -77.57 -14.83 -7.21
CA ASN A 917 -76.92 -13.75 -7.94
C ASN A 917 -75.65 -14.22 -8.63
N GLN A 918 -75.70 -15.45 -9.18
CA GLN A 918 -74.58 -15.97 -9.95
C GLN A 918 -74.22 -15.09 -11.14
N LYS A 919 -75.22 -14.65 -11.91
CA LYS A 919 -74.94 -13.80 -13.06
C LYS A 919 -74.32 -12.47 -12.62
N LEU A 920 -74.86 -11.88 -11.56
CA LEU A 920 -74.33 -10.62 -11.07
C LEU A 920 -72.87 -10.78 -10.64
N ILE A 921 -72.56 -11.83 -9.89
CA ILE A 921 -71.20 -11.98 -9.40
C ILE A 921 -70.24 -12.30 -10.55
N ALA A 922 -70.70 -13.06 -11.55
CA ALA A 922 -69.84 -13.30 -12.72
C ALA A 922 -69.54 -12.00 -13.45
N ASN A 923 -70.55 -11.15 -13.63
CA ASN A 923 -70.32 -9.88 -14.30
C ASN A 923 -69.37 -8.99 -13.51
N GLN A 924 -69.54 -8.92 -12.19
CA GLN A 924 -68.64 -8.10 -11.38
C GLN A 924 -67.21 -8.61 -11.44
N PHE A 925 -67.03 -9.93 -11.38
CA PHE A 925 -65.70 -10.51 -11.48
C PHE A 925 -65.04 -10.15 -12.80
N ASN A 926 -65.78 -10.32 -13.90
CA ASN A 926 -65.20 -10.02 -15.21
C ASN A 926 -64.86 -8.54 -15.34
N SER A 927 -65.72 -7.66 -14.82
CA SER A 927 -65.43 -6.23 -14.88
C SER A 927 -64.17 -5.88 -14.11
N ALA A 928 -64.02 -6.45 -12.90
CA ALA A 928 -62.83 -6.17 -12.10
C ALA A 928 -61.57 -6.68 -12.79
N ILE A 929 -61.64 -7.89 -13.36
CA ILE A 929 -60.48 -8.45 -14.05
C ILE A 929 -60.09 -7.58 -15.23
N GLY A 930 -61.09 -7.09 -15.98
CA GLY A 930 -60.78 -6.18 -17.06
C GLY A 930 -60.15 -4.88 -16.58
N LYS A 931 -60.65 -4.34 -15.47
CA LYS A 931 -60.16 -3.04 -15.01
C LYS A 931 -58.73 -3.06 -14.50
N ILE A 932 -58.33 -4.13 -13.81
CA ILE A 932 -56.98 -4.10 -13.23
C ILE A 932 -55.90 -4.05 -14.31
N GLN A 933 -56.18 -4.60 -15.50
CA GLN A 933 -55.20 -4.55 -16.57
C GLN A 933 -54.92 -3.11 -16.98
N ASP A 934 -55.96 -2.32 -17.20
CA ASP A 934 -55.77 -0.92 -17.55
C ASP A 934 -55.17 -0.14 -16.39
N SER A 935 -55.53 -0.51 -15.15
CA SER A 935 -54.96 0.17 -13.99
C SER A 935 -53.45 0.00 -13.95
N LEU A 936 -52.96 -1.22 -14.23
CA LEU A 936 -51.51 -1.41 -14.31
C LEU A 936 -50.91 -0.80 -15.57
N PHE A 937 -51.67 -0.76 -16.66
CA PHE A 937 -51.14 -0.23 -17.92
C PHE A 937 -50.89 1.27 -17.83
N SER A 938 -51.87 2.04 -17.37
CA SER A 938 -51.80 3.48 -17.46
C SER A 938 -51.03 4.13 -16.32
N THR A 939 -50.78 3.41 -15.23
CA THR A 939 -50.07 3.99 -14.10
C THR A 939 -48.61 4.25 -14.46
N PRO A 940 -48.01 5.32 -13.91
CA PRO A 940 -46.60 5.61 -14.18
C PRO A 940 -45.67 4.50 -13.72
N SER A 941 -45.76 4.13 -12.44
CA SER A 941 -44.92 3.08 -11.89
C SER A 941 -45.65 2.44 -10.71
N ALA A 942 -46.31 1.31 -10.95
CA ALA A 942 -46.87 0.50 -9.89
C ALA A 942 -45.96 -0.65 -9.48
N LEU A 943 -45.02 -1.03 -10.33
CA LEU A 943 -44.07 -2.08 -10.02
C LEU A 943 -42.78 -1.50 -9.49
N GLY A 944 -42.88 -0.35 -8.81
CA GLY A 944 -41.68 0.29 -8.27
C GLY A 944 -40.93 -0.55 -7.27
N LYS A 945 -41.63 -1.45 -6.57
CA LYS A 945 -40.96 -2.30 -5.58
C LYS A 945 -39.95 -3.23 -6.24
N LEU A 946 -40.31 -3.82 -7.38
CA LEU A 946 -39.38 -4.69 -8.08
C LEU A 946 -38.31 -3.89 -8.83
N GLN A 947 -38.66 -2.69 -9.28
CA GLN A 947 -37.68 -1.85 -9.97
C GLN A 947 -36.62 -1.33 -9.00
N ASP A 948 -36.97 -1.18 -7.73
CA ASP A 948 -36.09 -0.61 -6.73
C ASP A 948 -34.93 -1.52 -6.34
N VAL A 949 -34.80 -2.71 -6.92
CA VAL A 949 -33.75 -3.64 -6.53
C VAL A 949 -32.64 -3.66 -7.57
N VAL A 950 -33.04 -3.78 -8.83
CA VAL A 950 -32.07 -3.78 -9.93
C VAL A 950 -31.30 -2.46 -9.95
N ASN A 951 -31.99 -1.35 -9.69
CA ASN A 951 -31.33 -0.05 -9.67
C ASN A 951 -30.27 0.01 -8.58
N HIS A 952 -30.58 -0.50 -7.39
CA HIS A 952 -29.62 -0.46 -6.29
C HIS A 952 -28.42 -1.35 -6.58
N ASN A 953 -28.67 -2.53 -7.14
CA ASN A 953 -27.56 -3.43 -7.47
C ASN A 953 -26.65 -2.80 -8.53
N ALA A 954 -27.24 -2.21 -9.56
CA ALA A 954 -26.45 -1.56 -10.60
C ALA A 954 -25.67 -0.38 -10.03
N GLN A 955 -26.28 0.37 -9.11
CA GLN A 955 -25.60 1.49 -8.49
C GLN A 955 -24.37 1.03 -7.72
N ALA A 956 -24.52 -0.06 -6.94
CA ALA A 956 -23.39 -0.58 -6.18
C ALA A 956 -22.27 -1.04 -7.11
N LEU A 957 -22.63 -1.74 -8.18
CA LEU A 957 -21.60 -2.19 -9.13
C LEU A 957 -20.88 -1.00 -9.76
N ASN A 958 -21.63 0.02 -10.16
CA ASN A 958 -21.00 1.22 -10.73
C ASN A 958 -20.05 1.86 -9.73
N THR A 959 -20.47 1.94 -8.45
CA THR A 959 -19.60 2.57 -7.46
C THR A 959 -18.28 1.84 -7.29
N LEU A 960 -18.32 0.51 -7.14
CA LEU A 960 -17.04 -0.13 -6.86
C LEU A 960 -16.22 -0.31 -8.14
N VAL A 961 -16.83 -0.11 -9.30
CA VAL A 961 -16.01 0.05 -10.50
C VAL A 961 -15.31 1.40 -10.51
N LYS A 962 -16.05 2.47 -10.19
CA LYS A 962 -15.49 3.81 -10.22
C LYS A 962 -14.44 4.00 -9.13
N GLN A 963 -14.46 3.15 -8.10
CA GLN A 963 -13.46 3.25 -7.04
C GLN A 963 -12.07 2.85 -7.51
N LEU A 964 -11.95 2.27 -8.71
CA LEU A 964 -10.66 1.85 -9.22
C LEU A 964 -9.88 3.01 -9.81
N SER A 965 -10.52 4.18 -9.92
CA SER A 965 -9.87 5.34 -10.52
C SER A 965 -9.55 6.41 -9.49
N SER A 966 -9.38 6.04 -8.23
CA SER A 966 -9.05 6.98 -7.17
C SER A 966 -7.62 6.71 -6.69
N LYS A 967 -6.89 7.78 -6.42
CA LYS A 967 -5.47 7.65 -6.11
C LYS A 967 -5.24 7.14 -4.70
N PHE A 968 -6.17 7.40 -3.78
CA PHE A 968 -6.06 6.99 -2.37
C PHE A 968 -4.82 7.57 -1.71
N GLY A 969 -4.35 8.72 -2.20
CA GLY A 969 -3.17 9.34 -1.63
C GLY A 969 -1.87 8.69 -2.06
N ALA A 970 -1.59 8.73 -3.36
CA ALA A 970 -0.36 8.14 -3.89
C ALA A 970 0.01 8.87 -5.17
N ILE A 971 1.12 8.45 -5.77
CA ILE A 971 1.63 9.10 -6.96
C ILE A 971 0.65 8.99 -8.12
N SER A 972 0.09 7.81 -8.33
CA SER A 972 -0.82 7.59 -9.46
C SER A 972 -1.71 6.40 -9.12
N SER A 973 -2.75 6.21 -9.95
CA SER A 973 -3.69 5.12 -9.76
C SER A 973 -3.45 3.95 -10.71
N VAL A 974 -2.54 4.08 -11.66
CA VAL A 974 -2.23 3.02 -12.62
C VAL A 974 -0.99 2.30 -12.13
N LEU A 975 -1.08 0.98 -11.98
CA LEU A 975 0.00 0.22 -11.36
C LEU A 975 1.24 0.17 -12.25
N ASN A 976 1.05 -0.13 -13.54
CA ASN A 976 2.20 -0.18 -14.45
C ASN A 976 2.83 1.20 -14.61
N ASP A 977 2.05 2.25 -14.37
CA ASP A 977 2.58 3.61 -14.49
C ASP A 977 3.38 3.99 -13.24
N ILE A 978 2.83 3.70 -12.06
CA ILE A 978 3.48 4.07 -10.81
C ILE A 978 4.76 3.25 -10.67
N LEU A 979 4.77 2.00 -11.09
CA LEU A 979 6.01 1.23 -10.82
C LEU A 979 7.19 1.92 -11.52
N SER A 980 7.12 2.08 -12.84
CA SER A 980 8.23 2.70 -13.60
C SER A 980 8.18 4.20 -13.41
N ARG A 981 8.84 4.71 -12.38
CA ARG A 981 8.88 6.16 -12.06
C ARG A 981 9.28 6.23 -10.59
N LEU A 982 9.62 5.08 -10.03
CA LEU A 982 10.07 5.02 -8.63
C LEU A 982 10.74 3.66 -8.47
N ASP A 983 11.59 3.49 -7.46
CA ASP A 983 12.28 2.19 -7.22
C ASP A 983 11.31 1.25 -6.49
N PRO A 984 11.50 -0.09 -6.54
CA PRO A 984 10.51 -1.04 -5.98
C PRO A 984 9.99 -0.76 -4.55
N PRO A 985 10.78 -0.77 -3.47
CA PRO A 985 10.25 -0.60 -2.11
C PRO A 985 9.60 0.78 -1.91
N GLU A 986 10.19 1.84 -2.47
CA GLU A 986 9.53 3.17 -2.38
C GLU A 986 8.21 3.09 -3.16
N ALA A 987 8.24 2.46 -4.33
CA ALA A 987 6.98 2.25 -5.10
C ALA A 987 6.12 1.22 -4.36
N GLU A 988 6.74 0.34 -3.58
CA GLU A 988 5.95 -0.63 -2.75
C GLU A 988 5.21 0.15 -1.67
N VAL A 989 5.91 1.05 -0.98
CA VAL A 989 5.22 1.92 0.01
C VAL A 989 4.00 2.48 -0.73
N GLN A 990 4.15 2.76 -2.02
CA GLN A 990 3.00 3.24 -2.82
C GLN A 990 1.97 2.12 -3.12
N ILE A 991 2.45 0.99 -3.63
CA ILE A 991 1.53 -0.12 -3.96
C ILE A 991 0.84 -0.57 -2.68
N ASP A 992 1.50 -0.63 -1.55
CA ASP A 992 0.75 -1.07 -0.36
C ASP A 992 -0.38 -0.11 -0.02
N ARG A 993 -0.16 1.20 -0.14
CA ARG A 993 -1.32 2.12 0.06
C ARG A 993 -2.45 1.83 -0.94
N LEU A 994 -2.13 1.80 -2.23
CA LEU A 994 -3.23 1.46 -3.16
C LEU A 994 -3.91 0.16 -2.70
N ILE A 995 -3.20 -0.87 -2.27
CA ILE A 995 -3.91 -2.13 -1.89
C ILE A 995 -4.80 -1.84 -0.69
N THR A 996 -4.24 -1.43 0.42
CA THR A 996 -5.06 -1.21 1.65
C THR A 996 -6.29 -0.40 1.30
N GLY A 997 -6.28 0.33 0.20
CA GLY A 997 -7.56 0.96 -0.19
C GLY A 997 -8.50 -0.04 -0.83
N ARG A 998 -8.43 -0.32 -2.12
CA ARG A 998 -9.21 -1.24 -2.92
C ARG A 998 -9.78 -2.37 -2.09
N LEU A 999 -9.12 -2.71 -0.98
CA LEU A 999 -9.69 -3.72 -0.08
C LEU A 999 -10.87 -3.18 0.73
N GLN A 1000 -10.77 -1.94 1.21
CA GLN A 1000 -11.89 -1.34 1.93
C GLN A 1000 -13.12 -1.23 1.04
N SER A 1001 -12.93 -0.85 -0.22
CA SER A 1001 -14.08 -0.77 -1.13
C SER A 1001 -14.81 -2.10 -1.21
N LEU A 1002 -14.06 -3.19 -1.39
CA LEU A 1002 -14.66 -4.51 -1.53
C LEU A 1002 -15.35 -4.94 -0.24
N GLN A 1003 -14.75 -4.64 0.91
CA GLN A 1003 -15.37 -4.99 2.19
C GLN A 1003 -16.71 -4.29 2.35
N THR A 1004 -16.76 -2.99 2.02
CA THR A 1004 -18.02 -2.26 2.11
C THR A 1004 -19.06 -2.86 1.18
N TYR A 1005 -18.66 -3.20 -0.04
CA TYR A 1005 -19.59 -3.82 -0.98
C TYR A 1005 -20.19 -5.10 -0.40
N VAL A 1006 -19.33 -5.97 0.16
CA VAL A 1006 -19.82 -7.24 0.67
C VAL A 1006 -20.79 -7.05 1.82
N THR A 1007 -20.45 -6.14 2.75
CA THR A 1007 -21.34 -5.93 3.90
C THR A 1007 -22.71 -5.41 3.46
N GLN A 1008 -22.72 -4.44 2.54
CA GLN A 1008 -24.01 -3.93 2.07
C GLN A 1008 -24.81 -5.01 1.36
N GLN A 1009 -24.15 -5.87 0.59
CA GLN A 1009 -24.87 -6.96 -0.07
C GLN A 1009 -25.47 -7.92 0.96
N LEU A 1010 -24.75 -8.19 2.05
CA LEU A 1010 -25.32 -9.05 3.09
C LEU A 1010 -26.58 -8.45 3.69
N ILE A 1011 -26.54 -7.15 3.98
CA ILE A 1011 -27.72 -6.51 4.59
C ILE A 1011 -28.91 -6.55 3.64
N ARG A 1012 -28.69 -6.21 2.36
CA ARG A 1012 -29.80 -6.30 1.41
C ARG A 1012 -30.30 -7.72 1.24
N ALA A 1013 -29.40 -8.71 1.30
CA ALA A 1013 -29.83 -10.10 1.18
C ALA A 1013 -30.75 -10.50 2.32
N ALA A 1014 -30.42 -10.12 3.55
CA ALA A 1014 -31.33 -10.38 4.66
C ALA A 1014 -32.68 -9.70 4.49
N GLU A 1015 -32.68 -8.43 4.07
CA GLU A 1015 -33.95 -7.75 3.85
C GLU A 1015 -34.79 -8.40 2.76
N ILE A 1016 -34.17 -8.92 1.70
CA ILE A 1016 -34.88 -9.63 0.65
C ILE A 1016 -35.41 -10.98 1.13
N ARG A 1017 -34.63 -11.68 1.96
CA ARG A 1017 -35.07 -12.98 2.46
C ARG A 1017 -36.31 -12.84 3.34
N ALA A 1018 -36.39 -11.76 4.12
CA ALA A 1018 -37.59 -11.54 4.91
C ALA A 1018 -38.84 -11.46 4.02
N SER A 1019 -38.76 -10.69 2.93
CA SER A 1019 -39.88 -10.57 2.02
C SER A 1019 -40.17 -11.88 1.31
N ALA A 1020 -39.15 -12.66 0.99
CA ALA A 1020 -39.37 -13.96 0.37
C ALA A 1020 -40.14 -14.88 1.30
N ASN A 1021 -39.79 -14.89 2.59
CA ASN A 1021 -40.54 -15.69 3.56
C ASN A 1021 -41.98 -15.23 3.65
N LEU A 1022 -42.20 -13.90 3.67
CA LEU A 1022 -43.57 -13.40 3.71
C LEU A 1022 -44.36 -13.83 2.48
N ALA A 1023 -43.72 -13.78 1.30
CA ALA A 1023 -44.40 -14.17 0.07
C ALA A 1023 -44.76 -15.65 0.09
N ALA A 1024 -43.86 -16.49 0.60
CA ALA A 1024 -44.17 -17.92 0.70
C ALA A 1024 -45.36 -18.17 1.62
N THR A 1025 -45.38 -17.48 2.77
CA THR A 1025 -46.50 -17.62 3.69
C THR A 1025 -47.80 -17.16 3.03
N LYS A 1026 -47.77 -16.02 2.34
CA LYS A 1026 -48.97 -15.51 1.69
C LYS A 1026 -49.46 -16.47 0.62
N MET A 1027 -48.54 -17.03 -0.17
CA MET A 1027 -48.93 -18.02 -1.17
C MET A 1027 -49.64 -19.20 -0.53
N SER A 1028 -49.00 -19.81 0.47
CA SER A 1028 -49.61 -20.97 1.11
C SER A 1028 -50.97 -20.64 1.71
N GLU A 1029 -51.09 -19.50 2.39
CA GLU A 1029 -52.30 -19.17 3.12
C GLU A 1029 -53.44 -18.74 2.19
N CYS A 1030 -53.24 -17.67 1.42
CA CYS A 1030 -54.33 -17.16 0.60
C CYS A 1030 -54.57 -18.02 -0.64
N VAL A 1031 -53.51 -18.48 -1.31
CA VAL A 1031 -53.71 -19.17 -2.58
C VAL A 1031 -54.22 -20.59 -2.35
N LEU A 1032 -53.63 -21.32 -1.41
CA LEU A 1032 -53.99 -22.70 -1.15
C LEU A 1032 -55.03 -22.82 -0.04
N GLY A 1033 -56.12 -22.05 -0.13
CA GLY A 1033 -57.14 -22.09 0.89
C GLY A 1033 -57.77 -20.73 1.15
N GLN A 1034 -58.61 -20.64 2.19
CA GLN A 1034 -59.26 -19.39 2.56
C GLN A 1034 -58.78 -18.95 3.93
N SER A 1035 -58.44 -17.67 4.06
CA SER A 1035 -57.84 -17.14 5.27
C SER A 1035 -58.84 -16.27 6.02
N LYS A 1036 -58.84 -16.38 7.35
CA LYS A 1036 -59.70 -15.55 8.19
C LYS A 1036 -58.99 -14.32 8.73
N ARG A 1037 -57.66 -14.23 8.59
CA ARG A 1037 -56.93 -13.06 9.03
C ARG A 1037 -57.37 -11.84 8.24
N VAL A 1038 -57.62 -10.72 8.93
CA VAL A 1038 -58.14 -9.55 8.26
C VAL A 1038 -56.99 -8.73 7.66
N ASP A 1039 -57.24 -8.15 6.49
CA ASP A 1039 -56.31 -7.28 5.78
C ASP A 1039 -55.02 -8.01 5.41
N PHE A 1040 -54.98 -9.33 5.63
CA PHE A 1040 -53.83 -10.10 5.17
C PHE A 1040 -53.89 -10.30 3.66
N CYS A 1041 -54.93 -10.95 3.17
CA CYS A 1041 -55.13 -11.13 1.73
C CYS A 1041 -56.13 -10.10 1.19
N GLY A 1042 -55.71 -8.84 1.20
CA GLY A 1042 -56.50 -7.77 0.62
C GLY A 1042 -57.47 -7.13 1.58
N LYS A 1043 -58.10 -6.05 1.12
CA LYS A 1043 -59.08 -5.32 1.90
C LYS A 1043 -60.48 -5.88 1.66
N GLY A 1044 -61.12 -6.37 2.72
CA GLY A 1044 -62.43 -6.98 2.62
C GLY A 1044 -62.41 -8.42 3.11
N TYR A 1045 -63.55 -9.08 2.95
CA TYR A 1045 -63.66 -10.49 3.30
C TYR A 1045 -63.07 -11.32 2.17
N HIS A 1046 -62.05 -12.12 2.47
CA HIS A 1046 -61.29 -12.83 1.46
C HIS A 1046 -62.10 -13.96 0.84
N LEU A 1047 -61.99 -14.11 -0.48
CA LEU A 1047 -62.60 -15.22 -1.20
C LEU A 1047 -61.54 -16.14 -1.82
N MET A 1048 -60.65 -15.60 -2.63
CA MET A 1048 -59.62 -16.40 -3.28
C MET A 1048 -58.58 -15.46 -3.88
N SER A 1049 -57.48 -16.04 -4.36
CA SER A 1049 -56.40 -15.27 -4.96
C SER A 1049 -55.69 -16.11 -6.01
N PHE A 1050 -55.01 -15.43 -6.93
CA PHE A 1050 -54.34 -16.07 -8.06
C PHE A 1050 -52.91 -15.54 -8.12
N PRO A 1051 -51.92 -16.38 -8.39
CA PRO A 1051 -50.55 -15.89 -8.51
C PRO A 1051 -50.16 -15.58 -9.95
N GLN A 1052 -49.26 -14.62 -10.11
CA GLN A 1052 -48.67 -14.30 -11.40
C GLN A 1052 -47.19 -14.03 -11.19
N SER A 1053 -46.36 -14.56 -12.10
CA SER A 1053 -44.92 -14.41 -11.96
C SER A 1053 -44.45 -13.13 -12.62
N ALA A 1054 -43.47 -12.49 -11.99
CA ALA A 1054 -42.85 -11.26 -12.46
C ALA A 1054 -41.35 -11.39 -12.30
N PRO A 1055 -40.56 -10.59 -13.03
CA PRO A 1055 -39.11 -10.66 -12.87
C PRO A 1055 -38.69 -10.36 -11.44
N HIS A 1056 -37.99 -11.32 -10.83
CA HIS A 1056 -37.48 -11.19 -9.47
C HIS A 1056 -38.60 -10.99 -8.45
N GLY A 1057 -39.77 -11.55 -8.68
CA GLY A 1057 -40.87 -11.36 -7.75
C GLY A 1057 -42.11 -12.09 -8.17
N VAL A 1058 -43.17 -11.88 -7.41
CA VAL A 1058 -44.46 -12.52 -7.65
C VAL A 1058 -45.57 -11.48 -7.43
N VAL A 1059 -46.71 -11.70 -8.08
CA VAL A 1059 -47.83 -10.78 -8.03
C VAL A 1059 -49.08 -11.58 -7.68
N PHE A 1060 -49.80 -11.13 -6.65
CA PHE A 1060 -51.01 -11.79 -6.20
C PHE A 1060 -52.24 -10.99 -6.61
N LEU A 1061 -53.32 -11.69 -6.94
CA LEU A 1061 -54.57 -11.07 -7.37
C LEU A 1061 -55.66 -11.50 -6.39
N HIS A 1062 -55.78 -10.78 -5.28
CA HIS A 1062 -56.73 -11.15 -4.25
C HIS A 1062 -58.15 -10.79 -4.67
N VAL A 1063 -59.08 -11.72 -4.49
CA VAL A 1063 -60.50 -11.49 -4.75
C VAL A 1063 -61.18 -11.40 -3.39
N THR A 1064 -61.86 -10.29 -3.15
CA THR A 1064 -62.46 -10.00 -1.85
C THR A 1064 -63.94 -9.67 -2.01
N TYR A 1065 -64.69 -9.86 -0.94
CA TYR A 1065 -66.12 -9.58 -0.91
C TYR A 1065 -66.35 -8.33 -0.06
N VAL A 1066 -66.96 -7.30 -0.66
CA VAL A 1066 -67.16 -6.01 0.00
C VAL A 1066 -68.65 -5.75 0.06
N PRO A 1067 -69.20 -5.45 1.24
CA PRO A 1067 -70.64 -5.13 1.33
C PRO A 1067 -71.01 -3.85 0.57
N ALA A 1068 -72.29 -3.50 0.57
CA ALA A 1068 -72.80 -2.43 -0.26
C ALA A 1068 -73.94 -1.75 0.48
N GLN A 1069 -74.80 -1.06 -0.27
CA GLN A 1069 -75.86 -0.19 0.26
C GLN A 1069 -76.49 -0.77 1.53
N GLU A 1070 -76.52 0.05 2.58
CA GLU A 1070 -76.96 -0.36 3.90
C GLU A 1070 -78.06 0.56 4.38
N LYS A 1071 -78.97 0.01 5.18
CA LYS A 1071 -80.11 0.76 5.68
C LYS A 1071 -80.31 0.52 7.17
N ASN A 1072 -80.44 1.60 7.93
CA ASN A 1072 -80.71 1.53 9.36
C ASN A 1072 -82.13 0.99 9.60
N PHE A 1073 -82.26 -0.02 10.46
CA PHE A 1073 -83.64 -0.46 10.70
C PHE A 1073 -84.14 -0.26 12.14
N THR A 1074 -83.68 -1.13 13.04
CA THR A 1074 -84.05 -1.18 14.45
C THR A 1074 -83.42 -2.47 14.97
N THR A 1075 -83.26 -2.65 16.28
CA THR A 1075 -82.72 -3.92 16.76
C THR A 1075 -83.14 -4.14 18.20
N ALA A 1076 -82.87 -5.35 18.69
CA ALA A 1076 -83.23 -5.75 20.05
C ALA A 1076 -82.45 -6.98 20.46
N PRO A 1077 -82.04 -7.06 21.74
CA PRO A 1077 -81.25 -8.22 22.18
C PRO A 1077 -82.02 -9.53 22.11
N ALA A 1078 -83.16 -9.64 22.78
CA ALA A 1078 -83.95 -10.86 22.77
C ALA A 1078 -85.42 -10.49 22.68
N ILE A 1079 -86.20 -11.41 22.10
CA ILE A 1079 -87.65 -11.25 21.97
C ILE A 1079 -88.30 -12.13 23.03
N CYS A 1080 -89.17 -11.52 23.83
CA CYS A 1080 -89.81 -12.22 24.94
C CYS A 1080 -91.24 -12.57 24.55
N HIS A 1081 -91.44 -13.81 24.09
CA HIS A 1081 -92.78 -14.24 23.72
C HIS A 1081 -93.62 -14.48 24.96
N ASP A 1082 -93.22 -15.45 25.80
CA ASP A 1082 -93.94 -15.76 27.04
C ASP A 1082 -92.90 -16.04 28.13
N GLY A 1083 -92.44 -14.98 28.78
CA GLY A 1083 -91.54 -15.11 29.91
C GLY A 1083 -90.20 -15.74 29.60
N LYS A 1084 -89.88 -15.93 28.32
CA LYS A 1084 -88.62 -16.54 27.92
C LYS A 1084 -87.95 -15.72 26.84
N ALA A 1085 -86.66 -15.52 26.99
CA ALA A 1085 -85.88 -14.77 26.02
C ALA A 1085 -85.46 -15.68 24.87
N HIS A 1086 -85.83 -15.30 23.66
CA HIS A 1086 -85.45 -16.01 22.45
C HIS A 1086 -84.29 -15.28 21.78
N PHE A 1087 -83.34 -16.03 21.26
CA PHE A 1087 -82.18 -15.42 20.64
C PHE A 1087 -81.96 -16.02 19.26
N PRO A 1088 -81.50 -15.23 18.29
CA PRO A 1088 -81.22 -15.80 16.97
C PRO A 1088 -80.07 -16.80 17.07
N ARG A 1089 -80.20 -17.91 16.33
CA ARG A 1089 -79.11 -18.88 16.29
C ARG A 1089 -77.86 -18.29 15.65
N GLU A 1090 -78.02 -17.64 14.50
CA GLU A 1090 -76.98 -16.79 13.96
C GLU A 1090 -77.65 -15.60 13.31
N GLY A 1091 -76.96 -14.47 13.29
CA GLY A 1091 -77.51 -13.25 12.74
C GLY A 1091 -78.07 -12.36 13.83
N VAL A 1092 -78.92 -11.43 13.42
CA VAL A 1092 -79.41 -10.37 14.28
C VAL A 1092 -80.92 -10.32 14.22
N PHE A 1093 -81.54 -9.83 15.29
CA PHE A 1093 -82.95 -9.46 15.28
C PHE A 1093 -83.08 -8.08 14.65
N VAL A 1094 -83.90 -7.98 13.61
CA VAL A 1094 -84.07 -6.72 12.90
C VAL A 1094 -85.56 -6.47 12.76
N SER A 1095 -85.94 -5.19 12.77
CA SER A 1095 -87.32 -4.78 12.61
C SER A 1095 -87.39 -3.78 11.47
N ASN A 1096 -88.30 -4.04 10.52
CA ASN A 1096 -88.59 -3.08 9.46
C ASN A 1096 -88.91 -1.71 10.04
N GLY A 1097 -89.61 -1.71 11.17
CA GLY A 1097 -90.17 -0.52 11.77
C GLY A 1097 -91.52 -0.85 12.38
N THR A 1098 -92.13 -1.95 11.93
CA THR A 1098 -93.44 -2.35 12.44
C THR A 1098 -93.47 -3.84 12.79
N HIS A 1099 -92.68 -4.67 12.10
CA HIS A 1099 -92.68 -6.11 12.29
C HIS A 1099 -91.28 -6.58 12.63
N TRP A 1100 -91.18 -7.67 13.39
CA TRP A 1100 -89.88 -8.23 13.74
C TRP A 1100 -89.55 -9.45 12.90
N PHE A 1101 -88.25 -9.60 12.62
CA PHE A 1101 -87.76 -10.63 11.71
C PHE A 1101 -86.41 -11.13 12.21
N VAL A 1102 -85.80 -12.00 11.41
CA VAL A 1102 -84.42 -12.44 11.61
C VAL A 1102 -83.68 -12.31 10.29
N THR A 1103 -82.36 -12.30 10.36
CA THR A 1103 -81.53 -12.17 9.17
C THR A 1103 -80.12 -12.63 9.49
N GLN A 1104 -79.25 -12.55 8.49
CA GLN A 1104 -77.84 -12.81 8.68
C GLN A 1104 -77.13 -11.52 9.10
N ARG A 1105 -75.81 -11.54 9.06
CA ARG A 1105 -75.01 -10.35 9.36
C ARG A 1105 -74.62 -9.59 8.08
N ASN A 1106 -73.94 -10.26 7.16
CA ASN A 1106 -73.33 -9.61 6.00
C ASN A 1106 -74.28 -9.48 4.82
N PHE A 1107 -75.52 -9.94 4.94
CA PHE A 1107 -76.48 -9.77 3.86
C PHE A 1107 -77.87 -9.72 4.47
N TYR A 1108 -78.70 -8.81 3.96
CA TYR A 1108 -80.05 -8.63 4.47
C TYR A 1108 -81.01 -9.51 3.69
N GLU A 1109 -81.57 -10.50 4.37
CA GLU A 1109 -82.60 -11.37 3.79
C GLU A 1109 -83.65 -11.59 4.86
N PRO A 1110 -84.85 -11.09 4.65
CA PRO A 1110 -85.84 -11.04 5.72
C PRO A 1110 -86.62 -12.34 5.89
N GLN A 1111 -86.43 -12.97 7.05
CA GLN A 1111 -86.92 -14.31 7.30
C GLN A 1111 -87.94 -14.28 8.43
N ILE A 1112 -89.02 -15.03 8.24
CA ILE A 1112 -90.10 -15.03 9.22
C ILE A 1112 -89.60 -15.71 10.49
N ILE A 1113 -89.94 -15.11 11.63
CA ILE A 1113 -89.43 -15.61 12.91
C ILE A 1113 -90.02 -16.98 13.21
N THR A 1114 -89.15 -17.92 13.54
CA THR A 1114 -89.52 -19.33 13.65
C THR A 1114 -88.79 -19.93 14.84
N THR A 1115 -89.33 -21.06 15.34
CA THR A 1115 -88.70 -21.75 16.45
C THR A 1115 -87.41 -22.45 16.05
N ASP A 1116 -87.15 -22.61 14.76
CA ASP A 1116 -85.89 -23.22 14.33
C ASP A 1116 -84.78 -22.18 14.14
N ASN A 1117 -85.15 -20.91 13.96
CA ASN A 1117 -84.15 -19.87 13.85
C ASN A 1117 -83.82 -19.23 15.19
N THR A 1118 -84.50 -19.63 16.26
CA THR A 1118 -84.25 -19.09 17.59
C THR A 1118 -84.12 -20.22 18.59
N PHE A 1119 -83.28 -19.99 19.60
CA PHE A 1119 -83.13 -20.88 20.74
C PHE A 1119 -83.53 -20.14 21.99
N VAL A 1120 -83.99 -20.87 23.01
CA VAL A 1120 -84.58 -20.29 24.21
C VAL A 1120 -83.72 -20.61 25.42
N SER A 1121 -83.35 -19.56 26.16
CA SER A 1121 -82.74 -19.66 27.47
C SER A 1121 -82.83 -18.32 28.18
N GLY A 1122 -83.59 -18.24 29.27
CA GLY A 1122 -83.75 -16.98 29.96
C GLY A 1122 -85.06 -16.93 30.72
N ASN A 1123 -85.35 -15.73 31.25
CA ASN A 1123 -86.54 -15.54 32.07
C ASN A 1123 -87.23 -14.20 31.85
N CYS A 1124 -86.83 -13.43 30.84
CA CYS A 1124 -87.54 -12.21 30.42
C CYS A 1124 -87.54 -11.13 31.50
N ASP A 1125 -86.55 -11.09 32.40
CA ASP A 1125 -86.50 -10.05 33.41
C ASP A 1125 -85.11 -9.52 33.69
N VAL A 1126 -84.10 -9.87 32.90
CA VAL A 1126 -82.72 -9.58 33.25
C VAL A 1126 -81.97 -8.99 32.07
N VAL A 1127 -82.55 -9.09 30.87
CA VAL A 1127 -81.93 -8.51 29.69
C VAL A 1127 -82.48 -7.10 29.48
N ILE A 1128 -81.60 -6.15 29.19
CA ILE A 1128 -82.00 -4.76 28.99
C ILE A 1128 -82.16 -4.50 27.50
N GLY A 1129 -83.07 -3.57 27.18
CA GLY A 1129 -83.43 -3.31 25.80
C GLY A 1129 -84.42 -4.30 25.21
N ILE A 1130 -84.97 -5.19 26.04
CA ILE A 1130 -85.87 -6.23 25.55
C ILE A 1130 -87.18 -5.61 25.05
N VAL A 1131 -87.82 -6.29 24.10
CA VAL A 1131 -89.04 -5.80 23.47
C VAL A 1131 -90.02 -6.97 23.45
N ASN A 1132 -91.26 -6.68 23.07
CA ASN A 1132 -92.32 -7.68 23.03
C ASN A 1132 -92.75 -7.96 21.60
N ASN A 1133 -92.96 -9.23 21.29
CA ASN A 1133 -93.54 -9.68 20.04
C ASN A 1133 -93.78 -11.18 20.18
N THR A 1134 -94.24 -11.80 19.11
CA THR A 1134 -94.58 -13.22 19.12
C THR A 1134 -93.68 -14.00 18.17
N VAL A 1135 -93.29 -15.19 18.59
CA VAL A 1135 -92.49 -16.10 17.78
C VAL A 1135 -93.34 -17.31 17.41
N TYR A 1136 -93.30 -17.68 16.14
CA TYR A 1136 -94.11 -18.76 15.60
C TYR A 1136 -93.29 -20.03 15.52
N ASP A 1137 -93.98 -21.16 15.44
CA ASP A 1137 -93.34 -22.45 15.36
C ASP A 1137 -93.99 -23.31 14.28
N PRO A 1138 -93.23 -24.07 13.50
CA PRO A 1138 -93.82 -24.97 12.52
C PRO A 1138 -94.32 -26.29 13.08
N LEU A 1139 -94.32 -26.45 14.40
CA LEU A 1139 -94.70 -27.70 15.05
C LEU A 1139 -96.14 -27.70 15.52
N GLN A 1140 -96.60 -26.60 16.11
CA GLN A 1140 -97.99 -26.53 16.58
C GLN A 1140 -98.97 -26.51 15.42
N LEU A 1141 -98.56 -25.93 14.30
CA LEU A 1141 -99.43 -25.89 13.12
C LEU A 1141 -99.69 -27.28 12.57
N GLU A 1142 -98.66 -28.12 12.53
CA GLU A 1142 -98.80 -29.49 12.02
C GLU A 1142 -99.07 -30.48 13.15
N THR B 26 27.69 -46.57 -20.84
CA THR B 26 26.49 -46.37 -21.64
C THR B 26 25.25 -46.42 -20.76
N THR B 27 24.21 -45.69 -21.17
CA THR B 27 22.99 -45.61 -20.38
C THR B 27 21.79 -45.46 -21.30
N THR B 28 20.64 -45.91 -20.81
CA THR B 28 19.37 -45.80 -21.52
C THR B 28 18.61 -44.59 -21.00
N GLN B 29 17.53 -44.23 -21.72
CA GLN B 29 16.78 -43.01 -21.39
C GLN B 29 15.29 -43.19 -21.60
N SER B 30 14.78 -44.40 -21.36
CA SER B 30 13.34 -44.63 -21.43
C SER B 30 12.64 -44.01 -20.23
N TYR B 31 11.36 -43.67 -20.43
CA TYR B 31 10.64 -42.79 -19.52
C TYR B 31 9.62 -43.57 -18.71
N THR B 32 9.50 -43.23 -17.42
CA THR B 32 8.53 -43.81 -16.51
C THR B 32 7.73 -42.71 -15.84
N ASN B 33 6.80 -43.11 -14.96
CA ASN B 33 5.97 -42.17 -14.21
C ASN B 33 6.48 -42.05 -12.79
N SER B 34 6.32 -40.86 -12.20
CA SER B 34 6.79 -40.63 -10.85
C SER B 34 5.88 -41.24 -9.79
N PHE B 35 4.62 -41.49 -10.19
CA PHE B 35 3.62 -41.97 -9.20
C PHE B 35 3.54 -40.95 -8.08
N THR B 36 3.09 -41.36 -6.91
CA THR B 36 3.10 -40.48 -5.74
C THR B 36 4.40 -40.73 -4.97
N ARG B 37 5.34 -39.80 -5.14
CA ARG B 37 6.67 -40.02 -4.52
C ARG B 37 7.51 -38.75 -4.58
N GLY B 38 8.23 -38.44 -3.51
CA GLY B 38 9.14 -37.30 -3.47
C GLY B 38 8.70 -36.18 -2.56
N VAL B 39 8.21 -36.52 -1.37
CA VAL B 39 7.72 -35.53 -0.41
C VAL B 39 8.54 -35.66 0.87
N TYR B 40 9.09 -34.54 1.34
CA TYR B 40 9.96 -34.56 2.55
C TYR B 40 9.29 -33.80 3.69
N TYR B 41 10.08 -33.37 4.68
CA TYR B 41 9.53 -32.56 5.81
C TYR B 41 9.94 -31.10 5.61
N PRO B 42 9.06 -30.23 5.06
CA PRO B 42 9.40 -28.83 4.79
C PRO B 42 9.58 -28.00 6.05
N ASP B 43 8.83 -28.29 7.12
CA ASP B 43 8.88 -27.45 8.34
C ASP B 43 9.65 -28.16 9.46
N LYS B 44 10.40 -27.41 10.27
CA LYS B 44 11.10 -27.99 11.41
C LYS B 44 10.16 -28.19 12.58
N VAL B 45 8.87 -28.41 12.30
CA VAL B 45 7.82 -28.27 13.29
C VAL B 45 6.99 -29.54 13.34
N PHE B 46 6.81 -30.07 14.54
CA PHE B 46 6.00 -31.24 14.78
C PHE B 46 4.53 -30.94 14.53
N ARG B 47 3.80 -31.94 14.03
CA ARG B 47 2.36 -31.83 13.85
C ARG B 47 1.72 -33.16 14.21
N SER B 48 0.40 -33.14 14.42
CA SER B 48 -0.33 -34.34 14.80
C SER B 48 -1.80 -34.17 14.44
N SER B 49 -2.33 -35.10 13.65
CA SER B 49 -3.72 -35.09 13.20
C SER B 49 -4.07 -33.78 12.50
N VAL B 50 -3.14 -33.30 11.66
CA VAL B 50 -3.37 -32.09 10.89
C VAL B 50 -3.31 -32.42 9.41
N LEU B 51 -3.74 -31.46 8.60
CA LEU B 51 -3.76 -31.58 7.15
C LEU B 51 -3.03 -30.39 6.55
N HIS B 52 -1.83 -30.12 7.07
CA HIS B 52 -1.14 -28.87 6.79
C HIS B 52 -0.82 -28.72 5.31
N LEU B 53 -1.09 -27.53 4.78
CA LEU B 53 -0.85 -27.19 3.40
C LEU B 53 0.35 -26.27 3.31
N THR B 54 1.28 -26.61 2.40
CA THR B 54 2.53 -25.83 2.29
C THR B 54 2.83 -25.49 0.82
N GLN B 55 3.34 -24.29 0.56
CA GLN B 55 3.73 -23.84 -0.77
C GLN B 55 5.25 -23.86 -0.83
N ASP B 56 5.79 -24.85 -1.55
CA ASP B 56 7.26 -25.02 -1.65
C ASP B 56 7.55 -25.95 -2.81
N LEU B 57 8.72 -25.81 -3.45
CA LEU B 57 9.05 -26.62 -4.62
C LEU B 57 9.04 -28.11 -4.28
N PHE B 58 8.35 -28.87 -5.13
CA PHE B 58 8.19 -30.33 -4.86
C PHE B 58 8.06 -31.10 -6.19
N LEU B 59 8.47 -32.36 -6.18
CA LEU B 59 8.34 -33.22 -7.36
C LEU B 59 6.86 -33.48 -7.66
N PRO B 60 6.38 -33.19 -8.86
CA PRO B 60 4.95 -33.32 -9.13
C PRO B 60 4.48 -34.77 -9.08
N PHE B 61 3.23 -34.96 -8.68
CA PHE B 61 2.66 -36.30 -8.61
C PHE B 61 2.31 -36.81 -10.00
N PHE B 62 2.52 -38.11 -10.21
CA PHE B 62 2.24 -38.79 -11.48
C PHE B 62 3.02 -38.14 -12.63
N SER B 63 4.07 -37.41 -12.27
CA SER B 63 4.85 -36.65 -13.23
C SER B 63 5.81 -37.58 -13.96
N ASN B 64 6.49 -37.03 -14.96
CA ASN B 64 7.41 -37.80 -15.78
C ASN B 64 8.79 -37.81 -15.14
N VAL B 65 9.40 -38.99 -15.08
CA VAL B 65 10.74 -39.16 -14.52
C VAL B 65 11.54 -40.02 -15.50
N THR B 66 12.83 -39.71 -15.63
CA THR B 66 13.70 -40.40 -16.57
C THR B 66 14.44 -41.51 -15.85
N TRP B 67 14.22 -42.75 -16.28
CA TRP B 67 14.90 -43.91 -15.71
C TRP B 67 16.07 -44.28 -16.60
N PHE B 68 17.26 -44.31 -16.02
CA PHE B 68 18.49 -44.61 -16.76
C PHE B 68 18.97 -46.00 -16.41
N HIS B 69 20.13 -46.34 -16.96
CA HIS B 69 20.76 -47.63 -16.72
C HIS B 69 22.27 -47.40 -16.61
N ALA B 70 23.00 -48.38 -16.10
CA ALA B 70 24.44 -48.21 -15.92
C ALA B 70 25.16 -49.46 -16.41
N ILE B 71 26.19 -49.24 -17.23
CA ILE B 71 27.01 -50.34 -17.75
C ILE B 71 28.42 -49.84 -18.01
N ASP B 81 27.77 -41.62 -21.80
CA ASP B 81 28.25 -42.04 -20.48
C ASP B 81 28.06 -40.94 -19.46
N ASN B 82 27.25 -41.21 -18.43
CA ASN B 82 26.92 -40.29 -17.35
C ASN B 82 26.59 -38.89 -17.88
N PRO B 83 25.45 -38.74 -18.56
CA PRO B 83 25.09 -37.42 -19.09
C PRO B 83 24.88 -36.41 -17.97
N VAL B 84 25.48 -35.24 -18.14
CA VAL B 84 25.40 -34.18 -17.14
C VAL B 84 24.01 -33.57 -17.25
N LEU B 85 23.13 -33.96 -16.35
CA LEU B 85 21.75 -33.52 -16.40
C LEU B 85 21.60 -32.12 -15.78
N PRO B 86 20.82 -31.25 -16.41
CA PRO B 86 20.66 -29.89 -15.86
C PRO B 86 19.87 -29.90 -14.56
N PHE B 87 20.08 -28.85 -13.78
CA PHE B 87 19.50 -28.70 -12.45
C PHE B 87 18.80 -27.34 -12.42
N ASN B 88 17.51 -27.34 -12.06
CA ASN B 88 16.77 -26.10 -11.87
C ASN B 88 15.59 -26.37 -10.97
N ASP B 89 15.42 -25.52 -9.95
CA ASP B 89 14.28 -25.59 -9.03
C ASP B 89 14.23 -26.92 -8.28
N GLY B 90 15.38 -27.54 -8.06
CA GLY B 90 15.46 -28.79 -7.33
C GLY B 90 15.52 -30.00 -8.24
N VAL B 91 16.18 -31.03 -7.73
CA VAL B 91 16.33 -32.31 -8.45
C VAL B 91 15.93 -33.45 -7.53
N TYR B 92 14.94 -34.24 -7.95
CA TYR B 92 14.58 -35.46 -7.25
C TYR B 92 15.52 -36.56 -7.69
N PHE B 93 15.91 -37.41 -6.75
CA PHE B 93 16.82 -38.52 -7.02
C PHE B 93 16.22 -39.78 -6.43
N ALA B 94 16.51 -40.92 -7.06
CA ALA B 94 16.11 -42.21 -6.51
C ALA B 94 16.97 -43.29 -7.14
N SER B 95 17.17 -44.37 -6.38
CA SER B 95 17.90 -45.53 -6.87
C SER B 95 17.55 -46.72 -5.99
N THR B 96 17.46 -47.89 -6.61
CA THR B 96 17.39 -49.16 -5.88
C THR B 96 18.58 -50.01 -6.30
N GLU B 97 19.20 -50.66 -5.33
CA GLU B 97 20.49 -51.29 -5.53
C GLU B 97 20.62 -52.47 -4.59
N LYS B 98 21.60 -53.33 -4.86
CA LYS B 98 21.85 -54.48 -3.99
C LYS B 98 22.70 -54.07 -2.79
N SER B 99 23.95 -53.69 -3.03
CA SER B 99 24.80 -53.16 -1.96
C SER B 99 25.28 -51.74 -2.27
N ASN B 100 25.93 -51.52 -3.41
CA ASN B 100 26.45 -50.19 -3.70
C ASN B 100 26.82 -50.05 -5.17
N ILE B 101 26.35 -48.98 -5.81
CA ILE B 101 26.79 -48.65 -7.15
C ILE B 101 26.93 -47.15 -7.35
N ILE B 102 26.53 -46.40 -6.33
CA ILE B 102 26.51 -44.94 -6.37
C ILE B 102 27.37 -44.43 -5.22
N ARG B 103 28.28 -43.50 -5.51
CA ARG B 103 29.15 -42.92 -4.51
C ARG B 103 28.72 -41.51 -4.10
N GLY B 104 28.58 -40.61 -5.06
CA GLY B 104 28.21 -39.24 -4.74
C GLY B 104 27.76 -38.47 -5.96
N TRP B 105 27.78 -37.14 -5.83
CA TRP B 105 27.30 -36.25 -6.87
C TRP B 105 28.20 -35.03 -6.96
N ILE B 106 28.19 -34.40 -8.13
CA ILE B 106 28.90 -33.14 -8.34
C ILE B 106 27.92 -32.12 -8.92
N PHE B 107 27.95 -30.91 -8.37
CA PHE B 107 27.03 -29.86 -8.78
C PHE B 107 27.79 -28.65 -9.30
N GLY B 108 27.08 -27.57 -9.61
CA GLY B 108 27.69 -26.33 -10.02
C GLY B 108 27.41 -26.00 -11.49
N THR B 109 28.17 -25.03 -11.97
CA THR B 109 28.09 -24.59 -13.36
C THR B 109 29.47 -24.70 -14.01
N THR B 110 29.50 -25.24 -15.22
CA THR B 110 30.67 -25.44 -16.08
C THR B 110 31.64 -26.49 -15.56
N LEU B 111 31.41 -27.03 -14.35
CA LEU B 111 32.15 -28.16 -13.80
C LEU B 111 33.66 -28.09 -14.03
N ASP B 112 34.25 -26.92 -13.83
CA ASP B 112 35.68 -26.76 -14.07
C ASP B 112 36.32 -25.87 -13.00
N SER B 113 37.61 -25.61 -13.13
CA SER B 113 38.32 -24.74 -12.19
C SER B 113 38.14 -23.27 -12.52
N LYS B 114 36.89 -22.84 -12.71
CA LYS B 114 36.57 -21.43 -12.90
C LYS B 114 35.38 -20.97 -12.07
N THR B 115 34.45 -21.86 -11.72
CA THR B 115 33.32 -21.53 -10.86
C THR B 115 33.26 -22.56 -9.74
N GLN B 116 32.65 -22.15 -8.63
CA GLN B 116 32.57 -23.02 -7.46
C GLN B 116 31.69 -24.23 -7.75
N SER B 117 32.13 -25.39 -7.28
CA SER B 117 31.44 -26.65 -7.52
C SER B 117 31.25 -27.36 -6.19
N LEU B 118 30.60 -28.53 -6.25
CA LEU B 118 30.25 -29.28 -5.06
C LEU B 118 30.59 -30.75 -5.29
N LEU B 119 30.86 -31.46 -4.20
CA LEU B 119 31.21 -32.88 -4.27
C LEU B 119 30.77 -33.55 -2.98
N ILE B 120 29.89 -34.56 -3.11
CA ILE B 120 29.24 -35.17 -1.95
C ILE B 120 29.49 -36.68 -1.94
N VAL B 121 30.66 -37.11 -2.44
CA VAL B 121 30.92 -38.54 -2.56
C VAL B 121 30.96 -39.18 -1.18
N ASN B 122 30.20 -40.26 -1.02
CA ASN B 122 30.21 -41.02 0.22
C ASN B 122 31.27 -42.11 0.17
N ASN B 123 31.51 -42.74 1.31
CA ASN B 123 32.42 -43.88 1.40
C ASN B 123 31.91 -44.81 2.49
N ALA B 124 32.80 -45.69 2.97
CA ALA B 124 32.38 -46.76 3.88
C ALA B 124 31.80 -46.22 5.18
N THR B 125 32.40 -45.17 5.75
CA THR B 125 32.03 -44.74 7.09
C THR B 125 31.49 -43.31 7.19
N ASN B 126 31.85 -42.43 6.26
CA ASN B 126 31.44 -41.02 6.35
C ASN B 126 31.13 -40.50 4.95
N VAL B 127 31.07 -39.18 4.84
CA VAL B 127 30.82 -38.50 3.58
C VAL B 127 31.97 -37.53 3.31
N PHE B 128 31.94 -36.91 2.13
CA PHE B 128 33.00 -36.00 1.70
C PHE B 128 32.42 -34.72 1.13
N ILE B 129 31.46 -34.12 1.83
CA ILE B 129 30.84 -32.88 1.34
C ILE B 129 31.88 -31.77 1.36
N LYS B 130 32.05 -31.12 0.21
CA LYS B 130 32.96 -29.99 0.10
C LYS B 130 32.51 -29.08 -1.03
N VAL B 131 32.70 -27.78 -0.84
CA VAL B 131 32.33 -26.77 -1.82
C VAL B 131 33.64 -26.17 -2.32
N CYS B 132 34.14 -26.68 -3.43
CA CYS B 132 35.46 -26.31 -3.92
C CYS B 132 35.37 -26.03 -5.42
N GLU B 133 36.54 -25.86 -6.04
CA GLU B 133 36.64 -25.49 -7.45
C GLU B 133 37.47 -26.50 -8.21
N PHE B 134 37.12 -27.79 -8.07
CA PHE B 134 37.82 -28.87 -8.74
C PHE B 134 38.03 -28.56 -10.21
N GLN B 135 39.19 -28.96 -10.73
CA GLN B 135 39.52 -28.69 -12.14
C GLN B 135 38.88 -29.72 -13.07
N PHE B 136 39.29 -30.99 -12.96
CA PHE B 136 38.78 -32.05 -13.82
C PHE B 136 39.29 -33.41 -13.34
N CYS B 137 38.52 -34.46 -13.61
CA CYS B 137 38.96 -35.83 -13.38
C CYS B 137 38.80 -36.71 -14.61
N ASN B 138 37.71 -36.54 -15.36
CA ASN B 138 37.45 -37.31 -16.59
C ASN B 138 37.44 -38.82 -16.32
N ASP B 139 37.02 -39.22 -15.13
CA ASP B 139 37.01 -40.63 -14.75
C ASP B 139 35.89 -40.92 -13.75
N GLY B 158 40.42 -40.02 -6.02
CA GLY B 158 40.77 -39.50 -7.33
C GLY B 158 39.55 -39.03 -8.12
N VAL B 159 38.89 -37.98 -7.61
CA VAL B 159 37.74 -37.39 -8.26
C VAL B 159 37.95 -35.92 -8.59
N TYR B 160 39.00 -35.30 -8.04
CA TYR B 160 39.25 -33.87 -8.22
C TYR B 160 40.74 -33.66 -8.40
N SER B 161 41.08 -32.50 -8.98
CA SER B 161 42.49 -32.21 -9.27
C SER B 161 42.87 -30.76 -8.97
N SER B 162 42.07 -30.03 -8.18
CA SER B 162 42.40 -28.66 -7.83
C SER B 162 41.60 -28.25 -6.60
N ALA B 163 42.28 -27.74 -5.58
CA ALA B 163 41.65 -27.30 -4.34
C ALA B 163 42.25 -26.00 -3.84
N ASN B 164 42.71 -25.16 -4.76
CA ASN B 164 43.42 -23.93 -4.40
C ASN B 164 42.54 -22.97 -3.61
N ASN B 165 41.51 -22.43 -4.24
CA ASN B 165 40.59 -21.48 -3.58
C ASN B 165 39.33 -22.21 -3.14
N CYS B 166 39.50 -23.09 -2.14
CA CYS B 166 38.43 -23.99 -1.71
C CYS B 166 38.35 -24.03 -0.20
N THR B 167 37.11 -24.08 0.31
CA THR B 167 36.81 -24.15 1.74
C THR B 167 35.53 -24.97 1.91
N PHE B 168 34.92 -24.84 3.09
CA PHE B 168 33.63 -25.46 3.40
C PHE B 168 33.72 -26.99 3.33
N GLU B 169 34.59 -27.54 4.17
CA GLU B 169 34.75 -28.99 4.29
C GLU B 169 33.81 -29.51 5.38
N TYR B 170 32.95 -30.45 5.01
CA TYR B 170 31.94 -30.99 5.92
C TYR B 170 32.00 -32.51 5.93
N VAL B 171 31.99 -33.08 7.12
CA VAL B 171 32.04 -34.53 7.31
C VAL B 171 31.03 -34.91 8.39
N SER B 172 30.23 -35.92 8.11
CA SER B 172 29.19 -36.36 9.04
C SER B 172 28.93 -37.85 8.82
N GLN B 173 27.82 -38.32 9.38
CA GLN B 173 27.45 -39.72 9.24
C GLN B 173 27.12 -40.06 7.80
N PRO B 174 27.36 -41.30 7.37
CA PRO B 174 27.09 -41.67 5.99
C PRO B 174 25.60 -41.62 5.67
N PHE B 175 25.31 -41.22 4.43
CA PHE B 175 23.92 -41.07 4.01
C PHE B 175 23.26 -42.42 3.69
N LEU B 176 23.99 -43.36 3.11
CA LEU B 176 23.40 -44.63 2.71
C LEU B 176 23.46 -45.58 3.91
N MET B 177 22.31 -46.07 4.35
CA MET B 177 22.20 -47.16 5.31
C MET B 177 21.65 -48.40 4.63
N ASP B 178 22.37 -49.52 4.74
CA ASP B 178 22.02 -50.76 4.08
C ASP B 178 21.80 -51.86 5.11
N LEU B 179 20.65 -52.53 5.00
CA LEU B 179 20.32 -53.66 5.87
C LEU B 179 19.76 -54.79 5.02
N GLU B 180 20.13 -56.03 5.36
CA GLU B 180 19.66 -57.21 4.66
C GLU B 180 19.27 -58.27 5.67
N GLY B 181 18.14 -58.93 5.42
CA GLY B 181 17.68 -60.00 6.27
C GLY B 181 18.27 -61.33 5.86
N LYS B 182 19.61 -61.43 5.90
CA LYS B 182 20.35 -62.62 5.48
C LYS B 182 20.11 -62.97 4.01
N GLN B 183 19.67 -62.01 3.21
CA GLN B 183 19.41 -62.23 1.79
C GLN B 183 19.47 -60.90 1.06
N GLY B 184 19.84 -60.97 -0.21
CA GLY B 184 19.92 -59.80 -1.06
C GLY B 184 18.62 -59.37 -1.70
N ASN B 185 17.52 -60.08 -1.44
CA ASN B 185 16.24 -59.71 -2.01
C ASN B 185 15.70 -58.40 -1.45
N PHE B 186 16.16 -57.99 -0.27
CA PHE B 186 15.72 -56.74 0.34
C PHE B 186 16.43 -55.57 -0.36
N LYS B 187 15.96 -55.29 -1.58
CA LYS B 187 16.52 -54.23 -2.40
C LYS B 187 16.05 -52.90 -1.85
N ASN B 188 16.82 -52.37 -0.89
CA ASN B 188 16.48 -51.10 -0.28
C ASN B 188 16.47 -49.99 -1.32
N LEU B 189 15.41 -49.17 -1.25
CA LEU B 189 15.25 -48.05 -2.20
C LEU B 189 15.55 -46.73 -1.47
N ARG B 190 16.40 -45.89 -2.07
CA ARG B 190 16.77 -44.60 -1.48
C ARG B 190 16.21 -43.50 -2.36
N GLU B 191 15.56 -42.53 -1.72
CA GLU B 191 14.96 -41.39 -2.40
C GLU B 191 15.63 -40.12 -1.87
N PHE B 192 16.22 -39.35 -2.78
CA PHE B 192 17.00 -38.17 -2.41
C PHE B 192 16.41 -36.94 -3.09
N VAL B 193 16.26 -35.87 -2.33
CA VAL B 193 15.76 -34.60 -2.85
C VAL B 193 16.65 -33.49 -2.34
N PHE B 194 17.09 -32.60 -3.24
CA PHE B 194 17.91 -31.45 -2.86
C PHE B 194 17.31 -30.18 -3.43
N LYS B 195 17.65 -29.06 -2.82
CA LYS B 195 17.25 -27.74 -3.33
C LYS B 195 18.30 -26.73 -2.91
N ASN B 196 18.26 -25.56 -3.56
CA ASN B 196 19.20 -24.48 -3.29
C ASN B 196 18.47 -23.14 -3.22
N ILE B 197 17.33 -23.12 -2.55
CA ILE B 197 16.60 -21.88 -2.37
C ILE B 197 17.34 -20.99 -1.38
N ASP B 198 17.59 -19.74 -1.78
CA ASP B 198 18.48 -18.81 -1.09
C ASP B 198 19.70 -19.52 -0.52
N GLY B 199 20.45 -20.21 -1.38
CA GLY B 199 21.53 -21.04 -0.92
C GLY B 199 20.99 -22.16 -0.05
N TYR B 200 21.61 -22.34 1.12
CA TYR B 200 21.14 -23.27 2.15
C TYR B 200 20.81 -24.64 1.56
N PHE B 201 21.85 -25.30 1.05
CA PHE B 201 21.66 -26.60 0.40
C PHE B 201 21.07 -27.60 1.37
N LYS B 202 19.99 -28.24 0.95
CA LYS B 202 19.21 -29.13 1.78
C LYS B 202 19.27 -30.55 1.21
N ILE B 203 19.54 -31.52 2.08
CA ILE B 203 19.63 -32.92 1.70
C ILE B 203 18.66 -33.72 2.56
N TYR B 204 17.85 -34.55 1.90
CA TYR B 204 16.87 -35.39 2.58
C TYR B 204 16.99 -36.81 2.04
N SER B 205 16.57 -37.79 2.86
CA SER B 205 16.64 -39.18 2.44
C SER B 205 15.71 -40.03 3.28
N LYS B 206 15.36 -41.20 2.74
CA LYS B 206 14.67 -42.27 3.46
C LYS B 206 14.90 -43.56 2.69
N HIS B 207 15.18 -44.63 3.41
CA HIS B 207 15.44 -45.93 2.80
C HIS B 207 14.27 -46.85 3.11
N THR B 208 13.68 -47.43 2.05
CA THR B 208 12.53 -48.31 2.18
C THR B 208 12.94 -49.73 1.79
N PRO B 209 13.20 -50.62 2.74
CA PRO B 209 13.62 -52.01 2.46
C PRO B 209 12.45 -52.90 2.05
N ASP B 214 9.21 -51.97 -11.07
CA ASP B 214 9.19 -50.62 -11.62
C ASP B 214 9.38 -49.56 -10.53
N PHE B 215 8.27 -49.17 -9.89
CA PHE B 215 8.34 -48.09 -8.87
C PHE B 215 7.24 -48.26 -7.84
N PRO B 216 7.53 -48.16 -6.52
CA PRO B 216 6.53 -48.34 -5.47
C PRO B 216 5.45 -47.26 -5.50
N GLN B 217 4.22 -47.60 -5.09
CA GLN B 217 3.12 -46.61 -5.07
C GLN B 217 2.90 -46.13 -3.62
N GLY B 218 2.85 -47.05 -2.66
CA GLY B 218 2.65 -46.69 -1.24
C GLY B 218 3.47 -45.48 -0.85
N PHE B 219 2.83 -44.51 -0.18
CA PHE B 219 3.53 -43.27 0.16
C PHE B 219 4.80 -43.53 0.98
N SER B 220 5.81 -42.69 0.76
CA SER B 220 7.05 -42.72 1.52
C SER B 220 7.40 -41.29 1.89
N ALA B 221 8.01 -41.11 3.07
CA ALA B 221 8.43 -39.79 3.51
C ALA B 221 9.91 -39.57 3.15
N LEU B 222 10.45 -38.45 3.61
CA LEU B 222 11.88 -38.18 3.47
C LEU B 222 12.36 -37.46 4.73
N GLU B 223 13.44 -37.96 5.32
CA GLU B 223 13.94 -37.42 6.58
C GLU B 223 15.14 -36.53 6.34
N PRO B 224 15.08 -35.26 6.71
CA PRO B 224 16.25 -34.38 6.54
C PRO B 224 17.47 -34.94 7.26
N LEU B 225 18.64 -34.77 6.64
CA LEU B 225 19.90 -35.16 7.24
C LEU B 225 20.80 -33.95 7.52
N VAL B 226 21.08 -33.14 6.51
CA VAL B 226 21.96 -31.99 6.67
C VAL B 226 21.31 -30.76 6.04
N ASP B 227 21.77 -29.59 6.47
CA ASP B 227 21.34 -28.32 5.90
C ASP B 227 22.49 -27.34 6.05
N LEU B 228 23.19 -27.05 4.95
CA LEU B 228 24.40 -26.25 4.97
C LEU B 228 24.26 -25.10 3.98
N PRO B 229 24.55 -23.86 4.40
CA PRO B 229 24.33 -22.70 3.53
C PRO B 229 25.42 -22.50 2.49
N ILE B 230 25.29 -23.19 1.36
CA ILE B 230 26.33 -23.12 0.33
C ILE B 230 26.38 -21.74 -0.30
N GLY B 231 25.22 -21.24 -0.74
CA GLY B 231 25.14 -19.89 -1.29
C GLY B 231 25.96 -19.68 -2.55
N ILE B 232 25.93 -20.63 -3.48
CA ILE B 232 26.62 -20.48 -4.77
C ILE B 232 25.62 -20.70 -5.90
N ASN B 233 26.13 -20.55 -7.12
CA ASN B 233 25.30 -20.73 -8.34
C ASN B 233 25.44 -22.19 -8.81
N ILE B 234 24.31 -22.87 -9.00
CA ILE B 234 24.30 -24.26 -9.42
C ILE B 234 23.37 -24.40 -10.63
N THR B 235 23.83 -25.10 -11.67
CA THR B 235 23.02 -25.23 -12.91
C THR B 235 23.02 -26.67 -13.44
N ARG B 236 24.08 -27.44 -13.20
CA ARG B 236 24.16 -28.78 -13.76
C ARG B 236 24.42 -29.81 -12.66
N PHE B 237 24.02 -31.04 -12.93
CA PHE B 237 24.07 -32.13 -11.96
C PHE B 237 24.61 -33.39 -12.62
N GLN B 238 25.35 -34.19 -11.84
CA GLN B 238 25.93 -35.43 -12.32
C GLN B 238 25.97 -36.43 -11.17
N THR B 239 26.01 -37.71 -11.51
CA THR B 239 26.09 -38.79 -10.53
C THR B 239 27.32 -39.65 -10.79
N LEU B 240 28.02 -39.98 -9.71
CA LEU B 240 29.25 -40.77 -9.75
C LEU B 240 28.93 -42.25 -9.74
N LEU B 241 29.97 -43.07 -9.95
CA LEU B 241 29.84 -44.51 -10.03
C LEU B 241 30.73 -45.18 -8.99
N ALA B 242 30.68 -46.51 -8.96
CA ALA B 242 31.54 -47.32 -8.10
C ALA B 242 32.29 -48.34 -8.95
N LEU B 243 32.98 -49.28 -8.31
CA LEU B 243 33.76 -50.29 -9.01
C LEU B 243 33.20 -51.67 -8.74
N ASN B 244 33.24 -52.52 -9.77
CA ASN B 244 32.76 -53.89 -9.67
C ASN B 244 33.63 -54.78 -10.53
N ARG B 245 33.66 -56.06 -10.19
CA ARG B 245 34.45 -57.04 -10.93
C ARG B 245 33.67 -58.33 -11.14
N ALA B 262 18.53 -50.07 -13.52
CA ALA B 262 17.37 -50.36 -12.68
C ALA B 262 17.29 -49.26 -11.64
N ASP B 263 17.90 -48.13 -11.97
CA ASP B 263 18.14 -47.05 -11.01
C ASP B 263 18.58 -45.82 -11.82
N TYR B 264 19.00 -44.76 -11.11
CA TYR B 264 19.00 -43.36 -11.57
C TYR B 264 17.61 -42.78 -11.78
N TYR B 265 16.59 -43.26 -11.08
CA TYR B 265 15.30 -42.57 -11.13
C TYR B 265 15.50 -41.11 -10.75
N VAL B 266 15.26 -40.21 -11.71
CA VAL B 266 15.52 -38.78 -11.54
C VAL B 266 14.23 -38.02 -11.80
N GLY B 267 13.95 -37.03 -10.95
CA GLY B 267 12.81 -36.16 -11.13
C GLY B 267 13.21 -34.71 -11.10
N TYR B 268 12.22 -33.85 -11.30
CA TYR B 268 12.38 -32.41 -11.26
C TYR B 268 11.37 -31.79 -10.31
N LEU B 269 11.85 -30.99 -9.36
CA LEU B 269 10.94 -30.29 -8.46
C LEU B 269 10.54 -28.94 -9.04
N GLN B 270 9.29 -28.56 -8.81
CA GLN B 270 8.73 -27.33 -9.31
C GLN B 270 7.99 -26.63 -8.18
N PRO B 271 7.89 -25.30 -8.22
CA PRO B 271 7.13 -24.61 -7.17
C PRO B 271 5.65 -24.90 -7.27
N ARG B 272 5.15 -25.71 -6.33
CA ARG B 272 3.77 -26.12 -6.28
C ARG B 272 3.26 -25.96 -4.85
N THR B 273 1.94 -26.06 -4.69
CA THR B 273 1.31 -26.09 -3.38
C THR B 273 1.01 -27.55 -3.04
N PHE B 274 1.48 -28.00 -1.89
CA PHE B 274 1.27 -29.37 -1.47
C PHE B 274 0.46 -29.41 -0.19
N LEU B 275 -0.28 -30.49 -0.01
CA LEU B 275 -1.07 -30.73 1.20
C LEU B 275 -0.73 -32.12 1.72
N LEU B 276 -0.15 -32.17 2.91
CA LEU B 276 0.31 -33.41 3.52
C LEU B 276 -0.59 -33.76 4.70
N LYS B 277 -0.94 -35.03 4.81
CA LYS B 277 -1.67 -35.51 5.97
C LYS B 277 -0.66 -36.05 6.98
N TYR B 278 -0.85 -35.70 8.24
CA TYR B 278 0.04 -36.09 9.31
C TYR B 278 -0.65 -37.09 10.22
N ASN B 279 0.03 -38.20 10.52
CA ASN B 279 -0.50 -39.17 11.45
C ASN B 279 -0.38 -38.63 12.87
N GLU B 280 -1.12 -39.23 13.80
CA GLU B 280 -1.15 -38.73 15.17
C GLU B 280 0.23 -38.77 15.82
N ASN B 281 1.16 -39.54 15.26
CA ASN B 281 2.53 -39.57 15.76
C ASN B 281 3.46 -38.63 15.02
N GLY B 282 2.97 -37.90 14.03
CA GLY B 282 3.79 -36.96 13.29
C GLY B 282 4.29 -37.45 11.95
N THR B 283 4.04 -38.71 11.61
CA THR B 283 4.42 -39.23 10.31
C THR B 283 3.40 -38.81 9.25
N ILE B 284 3.81 -38.88 7.99
CA ILE B 284 2.98 -38.47 6.86
C ILE B 284 2.64 -39.73 6.09
N THR B 285 1.38 -40.18 6.20
CA THR B 285 0.96 -41.40 5.54
C THR B 285 0.48 -41.16 4.11
N ASP B 286 0.12 -39.92 3.78
CA ASP B 286 -0.36 -39.62 2.43
C ASP B 286 -0.03 -38.18 2.09
N ALA B 287 -0.02 -37.89 0.79
CA ALA B 287 0.15 -36.53 0.30
C ALA B 287 -0.66 -36.38 -0.98
N VAL B 288 -1.16 -35.16 -1.21
CA VAL B 288 -1.99 -34.86 -2.38
C VAL B 288 -1.55 -33.53 -2.96
N ASP B 289 -1.26 -33.51 -4.25
CA ASP B 289 -0.84 -32.30 -4.94
C ASP B 289 -2.01 -31.33 -5.08
N CYS B 290 -1.74 -30.17 -5.65
CA CYS B 290 -2.77 -29.14 -5.85
C CYS B 290 -2.74 -28.54 -7.25
N ALA B 291 -1.96 -29.10 -8.18
CA ALA B 291 -1.90 -28.57 -9.54
C ALA B 291 -1.85 -29.68 -10.57
N LEU B 292 -2.49 -30.82 -10.29
CA LEU B 292 -2.41 -32.00 -11.13
C LEU B 292 -3.76 -32.37 -11.74
N ASP B 293 -4.80 -32.46 -10.91
CA ASP B 293 -6.13 -32.89 -11.34
C ASP B 293 -7.17 -31.95 -10.74
N PRO B 294 -8.32 -31.80 -11.41
CA PRO B 294 -9.40 -31.02 -10.79
C PRO B 294 -9.81 -31.54 -9.43
N LEU B 295 -9.84 -32.86 -9.25
CA LEU B 295 -10.16 -33.41 -7.94
C LEU B 295 -9.10 -33.05 -6.92
N SER B 296 -7.83 -33.04 -7.34
CA SER B 296 -6.76 -32.62 -6.45
C SER B 296 -6.91 -31.17 -6.03
N GLU B 297 -7.22 -30.31 -7.00
CA GLU B 297 -7.46 -28.87 -6.69
C GLU B 297 -8.64 -28.79 -5.71
N THR B 298 -9.68 -29.59 -5.94
CA THR B 298 -10.88 -29.58 -5.06
C THR B 298 -10.48 -30.01 -3.65
N LYS B 299 -9.77 -31.13 -3.51
CA LYS B 299 -9.34 -31.63 -2.18
C LYS B 299 -8.42 -30.58 -1.53
N CYS B 300 -7.56 -29.94 -2.33
CA CYS B 300 -6.65 -28.89 -1.82
C CYS B 300 -7.48 -27.67 -1.38
N THR B 301 -8.52 -27.33 -2.15
CA THR B 301 -9.34 -26.13 -1.84
C THR B 301 -10.01 -26.27 -0.48
N LEU B 302 -10.63 -27.42 -0.19
CA LEU B 302 -11.39 -27.55 1.09
C LEU B 302 -10.49 -28.10 2.20
N LYS B 303 -9.20 -28.35 1.88
CA LYS B 303 -8.23 -28.83 2.91
C LYS B 303 -8.79 -30.10 3.56
N SER B 304 -8.81 -31.22 2.83
CA SER B 304 -9.39 -32.46 3.34
C SER B 304 -8.95 -33.60 2.45
N PHE B 305 -9.38 -34.83 2.78
CA PHE B 305 -9.18 -35.98 1.90
C PHE B 305 -10.48 -36.60 1.44
N THR B 306 -11.61 -36.22 2.03
CA THR B 306 -12.92 -36.73 1.65
C THR B 306 -13.79 -35.58 1.18
N VAL B 307 -14.37 -35.71 -0.01
CA VAL B 307 -15.23 -34.69 -0.60
C VAL B 307 -16.63 -35.26 -0.75
N GLU B 308 -17.60 -34.63 -0.10
CA GLU B 308 -18.99 -35.02 -0.26
C GLU B 308 -19.46 -34.66 -1.67
N LYS B 309 -20.53 -35.32 -2.09
CA LYS B 309 -21.12 -35.04 -3.39
C LYS B 309 -21.54 -33.58 -3.49
N GLY B 310 -21.18 -32.93 -4.58
CA GLY B 310 -21.56 -31.55 -4.79
C GLY B 310 -20.66 -30.89 -5.82
N ILE B 311 -20.92 -29.61 -6.04
CA ILE B 311 -20.16 -28.79 -6.99
C ILE B 311 -19.41 -27.73 -6.20
N TYR B 312 -18.09 -27.69 -6.38
CA TYR B 312 -17.21 -26.81 -5.62
C TYR B 312 -16.54 -25.81 -6.55
N GLN B 313 -16.61 -24.54 -6.17
CA GLN B 313 -15.94 -23.48 -6.91
C GLN B 313 -14.51 -23.38 -6.40
N THR B 314 -13.55 -23.87 -7.20
CA THR B 314 -12.15 -23.93 -6.70
C THR B 314 -11.33 -22.69 -7.08
N SER B 315 -11.24 -22.36 -8.37
CA SER B 315 -10.37 -21.28 -8.79
C SER B 315 -11.00 -20.59 -10.00
N ASN B 316 -10.21 -19.78 -10.70
CA ASN B 316 -10.68 -19.09 -11.89
C ASN B 316 -9.67 -19.27 -13.02
N PHE B 317 -10.16 -19.13 -14.25
CA PHE B 317 -9.35 -19.32 -15.43
C PHE B 317 -9.22 -17.99 -16.17
N ARG B 318 -8.05 -17.76 -16.77
CA ARG B 318 -7.78 -16.56 -17.53
C ARG B 318 -6.86 -16.90 -18.68
N VAL B 319 -7.28 -16.56 -19.90
CA VAL B 319 -6.46 -16.85 -21.07
C VAL B 319 -5.26 -15.91 -21.06
N GLN B 320 -4.07 -16.48 -20.89
CA GLN B 320 -2.86 -15.68 -20.87
C GLN B 320 -2.58 -15.15 -22.27
N PRO B 321 -2.02 -13.95 -22.40
CA PRO B 321 -1.72 -13.42 -23.73
C PRO B 321 -0.66 -14.24 -24.43
N THR B 322 -0.88 -14.49 -25.73
CA THR B 322 0.08 -15.26 -26.51
C THR B 322 1.27 -14.39 -26.89
N GLU B 323 1.02 -13.33 -27.64
CA GLU B 323 2.04 -12.38 -28.07
C GLU B 323 1.84 -11.06 -27.34
N SER B 324 2.89 -10.22 -27.34
CA SER B 324 2.80 -8.88 -26.69
C SER B 324 3.34 -7.81 -27.66
N ILE B 325 2.46 -7.15 -28.43
CA ILE B 325 2.91 -6.04 -29.32
C ILE B 325 2.91 -4.73 -28.53
N VAL B 326 3.71 -3.76 -28.96
CA VAL B 326 3.70 -2.41 -28.32
C VAL B 326 3.51 -1.39 -29.44
N ARG B 327 2.99 -0.20 -29.13
CA ARG B 327 2.71 0.79 -30.21
C ARG B 327 2.70 2.20 -29.60
N PHE B 328 3.70 3.01 -29.95
CA PHE B 328 3.71 4.42 -29.46
C PHE B 328 3.56 5.35 -30.66
N PRO B 329 3.43 6.69 -30.48
CA PRO B 329 3.36 7.63 -31.62
C PRO B 329 4.59 7.60 -32.55
N ASN B 330 4.47 8.19 -33.74
CA ASN B 330 5.58 8.17 -34.73
C ASN B 330 6.65 9.19 -34.37
N VAL B 331 7.70 9.30 -35.20
CA VAL B 331 8.83 10.26 -34.92
C VAL B 331 9.27 10.91 -36.23
N THR B 332 9.67 12.19 -36.17
CA THR B 332 10.15 12.90 -37.35
C THR B 332 11.03 14.07 -36.93
N ASN B 333 11.37 15.01 -37.83
CA ASN B 333 12.05 16.22 -37.38
C ASN B 333 13.43 15.98 -36.76
N LEU B 334 14.40 15.57 -37.57
CA LEU B 334 15.78 15.39 -37.14
C LEU B 334 16.46 16.74 -36.93
N CYS B 335 17.72 16.70 -36.51
CA CYS B 335 18.53 17.89 -36.34
C CYS B 335 19.47 18.13 -37.51
N PRO B 336 20.10 19.35 -37.59
CA PRO B 336 21.16 19.61 -38.56
C PRO B 336 22.53 19.08 -38.12
N PHE B 337 22.56 17.82 -37.69
CA PHE B 337 23.83 17.19 -37.34
C PHE B 337 24.75 17.11 -38.55
N HIS B 338 24.20 16.82 -39.72
CA HIS B 338 24.99 16.84 -40.94
C HIS B 338 25.52 18.24 -41.23
N GLU B 339 24.68 19.26 -41.03
CA GLU B 339 25.08 20.64 -41.28
C GLU B 339 26.14 21.14 -40.30
N VAL B 340 26.22 20.55 -39.10
CA VAL B 340 27.19 21.01 -38.11
C VAL B 340 28.45 20.15 -38.19
N PHE B 341 28.33 18.95 -38.75
CA PHE B 341 29.45 18.02 -38.86
C PHE B 341 30.06 17.99 -40.25
N ASN B 342 29.61 18.84 -41.17
CA ASN B 342 30.12 18.86 -42.53
C ASN B 342 30.40 20.28 -43.00
N ALA B 343 30.88 21.14 -42.09
CA ALA B 343 31.16 22.52 -42.41
C ALA B 343 32.52 22.62 -43.13
N THR B 344 32.86 23.82 -43.59
CA THR B 344 34.12 24.06 -44.27
C THR B 344 35.01 25.09 -43.60
N ARG B 345 34.47 25.90 -42.69
CA ARG B 345 35.21 27.01 -42.07
C ARG B 345 35.13 26.91 -40.55
N PHE B 346 35.46 25.74 -40.01
CA PHE B 346 35.53 25.55 -38.57
C PHE B 346 36.39 26.64 -37.94
N ALA B 347 35.81 27.38 -37.00
CA ALA B 347 36.46 28.54 -36.43
C ALA B 347 37.66 28.14 -35.58
N SER B 348 38.55 29.10 -35.37
CA SER B 348 39.74 28.88 -34.56
C SER B 348 39.37 28.71 -33.09
N VAL B 349 40.29 28.12 -32.33
CA VAL B 349 40.03 27.83 -30.92
C VAL B 349 39.88 29.10 -30.09
N TYR B 350 40.50 30.22 -30.49
CA TYR B 350 40.37 31.45 -29.73
C TYR B 350 38.96 32.01 -29.79
N ALA B 351 38.16 31.62 -30.78
CA ALA B 351 36.74 31.97 -30.86
C ALA B 351 35.99 30.73 -31.32
N TRP B 352 35.55 29.92 -30.37
CA TRP B 352 34.89 28.65 -30.68
C TRP B 352 33.43 28.91 -31.04
N ASN B 353 33.05 28.54 -32.26
CA ASN B 353 31.67 28.70 -32.70
C ASN B 353 30.76 27.76 -31.92
N ARG B 354 29.62 28.29 -31.47
CA ARG B 354 28.67 27.53 -30.67
C ARG B 354 27.37 27.38 -31.43
N THR B 355 26.88 26.15 -31.53
CA THR B 355 25.61 25.84 -32.18
C THR B 355 24.62 25.31 -31.14
N ARG B 356 23.41 25.85 -31.16
CA ARG B 356 22.37 25.45 -30.21
C ARG B 356 21.50 24.37 -30.85
N ILE B 357 21.22 23.32 -30.09
CA ILE B 357 20.48 22.16 -30.56
C ILE B 357 19.17 22.07 -29.77
N SER B 358 18.05 22.01 -30.49
CA SER B 358 16.74 21.92 -29.87
C SER B 358 15.77 21.31 -30.87
N ASN B 359 14.51 21.15 -30.45
CA ASN B 359 13.36 20.72 -31.25
C ASN B 359 13.66 19.66 -32.30
N CYS B 360 14.16 18.50 -31.87
CA CYS B 360 14.49 17.42 -32.79
C CYS B 360 14.15 16.06 -32.19
N VAL B 361 14.51 15.03 -32.96
CA VAL B 361 14.78 13.70 -32.45
C VAL B 361 16.24 13.40 -32.73
N ALA B 362 16.96 12.93 -31.73
CA ALA B 362 18.42 12.83 -31.77
C ALA B 362 18.82 11.49 -32.40
N ASP B 363 19.08 11.51 -33.70
CA ASP B 363 19.63 10.33 -34.36
C ASP B 363 21.11 10.19 -34.01
N TYR B 364 21.50 9.00 -33.58
CA TYR B 364 22.84 8.77 -33.07
C TYR B 364 23.63 7.73 -33.84
N SER B 365 23.06 7.14 -34.89
CA SER B 365 23.85 6.31 -35.79
C SER B 365 24.80 7.17 -36.62
N VAL B 366 24.45 8.44 -36.83
CA VAL B 366 25.34 9.35 -37.54
C VAL B 366 26.60 9.62 -36.72
N LEU B 367 26.47 9.68 -35.40
CA LEU B 367 27.62 9.84 -34.52
C LEU B 367 28.58 8.66 -34.59
N TYR B 368 28.11 7.50 -35.06
CA TYR B 368 28.93 6.31 -35.19
C TYR B 368 29.52 6.14 -36.59
N ASN B 369 28.66 6.18 -37.62
CA ASN B 369 29.12 5.86 -38.97
C ASN B 369 30.01 6.95 -39.56
N PHE B 370 29.95 8.17 -39.03
CA PHE B 370 30.71 9.28 -39.59
C PHE B 370 32.19 9.14 -39.22
N ALA B 371 33.04 8.91 -40.22
CA ALA B 371 34.49 8.90 -40.13
C ALA B 371 35.01 7.73 -39.28
N PRO B 372 36.24 7.27 -39.52
CA PRO B 372 36.83 6.24 -38.65
C PRO B 372 37.06 6.71 -37.23
N PHE B 373 37.10 8.02 -36.98
CA PHE B 373 37.22 8.62 -35.66
C PHE B 373 38.58 8.36 -35.02
N PHE B 374 38.95 9.18 -34.04
CA PHE B 374 40.20 9.02 -33.31
C PHE B 374 40.05 9.03 -31.80
N ALA B 375 39.03 9.69 -31.25
CA ALA B 375 38.84 9.73 -29.80
C ALA B 375 37.34 9.81 -29.52
N PHE B 376 36.86 8.92 -28.67
CA PHE B 376 35.45 8.85 -28.31
C PHE B 376 35.31 8.73 -26.79
N LYS B 377 36.03 9.58 -26.06
CA LYS B 377 36.00 9.55 -24.61
C LYS B 377 34.75 10.25 -24.10
N CYS B 378 33.83 9.48 -23.52
CA CYS B 378 32.64 10.02 -22.89
C CYS B 378 32.82 10.02 -21.38
N TYR B 379 32.28 11.05 -20.72
CA TYR B 379 32.56 11.28 -19.30
C TYR B 379 31.33 11.06 -18.43
N GLY B 380 30.23 11.76 -18.71
CA GLY B 380 29.07 11.71 -17.82
C GLY B 380 27.95 10.82 -18.30
N VAL B 381 27.92 10.52 -19.59
CA VAL B 381 26.84 9.73 -20.20
C VAL B 381 27.45 8.53 -20.90
N SER B 382 26.85 7.37 -20.69
CA SER B 382 27.33 6.16 -21.35
C SER B 382 27.22 6.33 -22.87
N PRO B 383 28.28 6.01 -23.62
CA PRO B 383 28.25 6.25 -25.08
C PRO B 383 27.30 5.34 -25.82
N THR B 384 26.86 4.23 -25.23
CA THR B 384 25.87 3.37 -25.87
C THR B 384 24.48 3.54 -25.26
N LYS B 385 24.40 3.93 -23.99
CA LYS B 385 23.12 4.22 -23.34
C LYS B 385 22.85 5.72 -23.37
N LEU B 386 22.73 6.22 -24.60
CA LEU B 386 22.53 7.65 -24.82
C LEU B 386 21.24 7.88 -25.60
N ASN B 387 20.75 6.84 -26.26
CA ASN B 387 19.48 6.93 -26.99
C ASN B 387 18.28 6.83 -26.07
N ASP B 388 18.49 6.41 -24.82
CA ASP B 388 17.41 6.24 -23.85
C ASP B 388 17.28 7.41 -22.88
N LEU B 389 17.97 8.51 -23.16
CA LEU B 389 17.95 9.68 -22.30
C LEU B 389 17.36 10.86 -23.06
N CYS B 390 16.56 11.66 -22.38
CA CYS B 390 15.94 12.84 -22.97
C CYS B 390 16.53 14.09 -22.33
N PHE B 391 16.96 15.03 -23.17
CA PHE B 391 17.64 16.24 -22.73
C PHE B 391 16.80 17.46 -23.10
N THR B 392 17.09 18.59 -22.45
CA THR B 392 16.37 19.82 -22.75
C THR B 392 17.09 20.65 -23.79
N ASN B 393 18.32 21.07 -23.51
CA ASN B 393 19.13 21.82 -24.46
C ASN B 393 20.51 21.18 -24.57
N VAL B 394 21.05 21.20 -25.78
CA VAL B 394 22.34 20.58 -26.08
C VAL B 394 23.18 21.56 -26.89
N TYR B 395 24.45 21.68 -26.54
CA TYR B 395 25.36 22.61 -27.21
C TYR B 395 26.52 21.85 -27.83
N ALA B 396 26.96 22.31 -29.01
CA ALA B 396 28.09 21.72 -29.71
C ALA B 396 29.04 22.84 -30.12
N ASP B 397 30.30 22.71 -29.75
CA ASP B 397 31.34 23.70 -30.08
C ASP B 397 32.41 23.00 -30.91
N SER B 398 32.72 23.56 -32.07
CA SER B 398 33.64 22.96 -33.02
C SER B 398 34.82 23.89 -33.26
N PHE B 399 36.02 23.31 -33.26
CA PHE B 399 37.24 24.06 -33.55
C PHE B 399 38.33 23.06 -33.93
N VAL B 400 39.46 23.59 -34.38
CA VAL B 400 40.57 22.78 -34.86
C VAL B 400 41.78 23.02 -33.96
N ILE B 401 42.48 21.94 -33.63
CA ILE B 401 43.66 21.95 -32.77
C ILE B 401 44.67 20.95 -33.32
N LYS B 402 45.81 20.86 -32.65
CA LYS B 402 46.84 19.89 -33.00
C LYS B 402 46.53 18.55 -32.34
N GLY B 403 47.40 17.56 -32.61
CA GLY B 403 47.16 16.22 -32.08
C GLY B 403 47.26 16.15 -30.57
N ASN B 404 48.27 16.80 -30.00
CA ASN B 404 48.46 16.75 -28.56
C ASN B 404 47.32 17.45 -27.82
N GLU B 405 46.83 18.56 -28.38
CA GLU B 405 45.74 19.29 -27.74
C GLU B 405 44.45 18.47 -27.71
N VAL B 406 44.32 17.49 -28.59
CA VAL B 406 43.14 16.62 -28.58
C VAL B 406 43.09 15.83 -27.28
N SER B 407 44.20 15.19 -26.92
CA SER B 407 44.26 14.50 -25.64
C SER B 407 44.32 15.48 -24.48
N GLN B 408 44.80 16.71 -24.73
CA GLN B 408 44.88 17.71 -23.68
C GLN B 408 43.50 18.16 -23.21
N ILE B 409 42.51 18.16 -24.10
CA ILE B 409 41.16 18.56 -23.75
C ILE B 409 40.53 17.45 -22.90
N ALA B 410 40.35 17.72 -21.61
CA ALA B 410 39.78 16.77 -20.67
C ALA B 410 39.48 17.53 -19.37
N PRO B 411 38.49 17.06 -18.61
CA PRO B 411 38.20 17.71 -17.32
C PRO B 411 39.40 17.67 -16.39
N GLY B 412 39.65 18.79 -15.73
CA GLY B 412 40.77 18.91 -14.81
C GLY B 412 42.12 18.72 -15.47
N GLN B 413 42.45 19.57 -16.45
CA GLN B 413 43.73 19.47 -17.14
C GLN B 413 44.47 20.81 -17.14
N THR B 414 45.61 20.85 -17.81
CA THR B 414 46.43 22.06 -17.87
C THR B 414 47.17 22.10 -19.20
N GLY B 415 47.63 23.29 -19.56
CA GLY B 415 48.37 23.51 -20.78
C GLY B 415 47.99 24.82 -21.43
N ASN B 416 48.61 25.07 -22.58
CA ASN B 416 48.39 26.32 -23.30
C ASN B 416 47.06 26.38 -24.02
N ILE B 417 46.41 25.24 -24.26
CA ILE B 417 45.10 25.23 -24.90
C ILE B 417 43.97 25.02 -23.89
N ALA B 418 44.27 24.51 -22.70
CA ALA B 418 43.28 24.31 -21.66
C ALA B 418 43.27 25.42 -20.62
N ASP B 419 44.12 26.43 -20.79
CA ASP B 419 44.20 27.54 -19.84
C ASP B 419 44.13 28.92 -20.49
N TYR B 420 44.25 29.01 -21.82
CA TYR B 420 44.23 30.30 -22.50
C TYR B 420 43.21 30.41 -23.61
N ASN B 421 42.72 29.30 -24.16
CA ASN B 421 41.75 29.35 -25.25
C ASN B 421 40.42 28.72 -24.89
N TYR B 422 40.43 27.47 -24.41
CA TYR B 422 39.20 26.76 -24.09
C TYR B 422 39.34 26.08 -22.74
N LYS B 423 38.33 26.21 -21.88
CA LYS B 423 38.30 25.58 -20.58
C LYS B 423 37.04 24.74 -20.46
N LEU B 424 37.20 23.49 -20.02
CA LEU B 424 36.09 22.58 -19.86
C LEU B 424 35.81 22.34 -18.38
N PRO B 425 34.57 22.45 -17.95
CA PRO B 425 34.28 22.32 -16.52
C PRO B 425 34.54 20.91 -16.02
N ASP B 426 34.86 20.83 -14.72
CA ASP B 426 35.13 19.54 -14.09
C ASP B 426 33.90 18.64 -14.06
N ASP B 427 32.71 19.20 -13.83
CA ASP B 427 31.48 18.44 -13.75
C ASP B 427 30.79 18.31 -15.10
N PHE B 428 31.54 18.41 -16.18
CA PHE B 428 30.97 18.27 -17.51
C PHE B 428 30.52 16.83 -17.75
N THR B 429 29.32 16.68 -18.31
CA THR B 429 28.75 15.37 -18.65
C THR B 429 28.43 15.37 -20.13
N GLY B 430 29.15 14.55 -20.89
CA GLY B 430 28.93 14.49 -22.32
C GLY B 430 29.98 13.65 -23.00
N CYS B 431 30.16 13.91 -24.29
CA CYS B 431 31.12 13.18 -25.09
C CYS B 431 31.94 14.15 -25.93
N VAL B 432 33.17 13.76 -26.25
CA VAL B 432 34.05 14.54 -27.11
C VAL B 432 34.23 13.79 -28.43
N ILE B 433 34.49 14.56 -29.48
CA ILE B 433 34.62 14.03 -30.83
C ILE B 433 35.93 14.52 -31.42
N ALA B 434 36.70 13.63 -32.02
CA ALA B 434 37.98 13.99 -32.62
C ALA B 434 38.28 13.04 -33.77
N TRP B 435 38.38 13.57 -34.98
CA TRP B 435 38.78 12.80 -36.14
C TRP B 435 39.75 13.63 -36.98
N ASN B 436 40.42 12.96 -37.91
CA ASN B 436 41.51 13.56 -38.67
C ASN B 436 40.97 14.25 -39.92
N SER B 437 41.42 15.47 -40.15
CA SER B 437 41.06 16.25 -41.34
C SER B 437 42.36 16.60 -42.07
N ASN B 438 42.59 15.94 -43.21
CA ASN B 438 43.80 16.14 -43.99
C ASN B 438 43.55 16.48 -45.45
N LYS B 439 42.30 16.46 -45.91
CA LYS B 439 41.98 16.74 -47.31
C LYS B 439 41.23 18.05 -47.50
N LEU B 440 40.41 18.46 -46.53
CA LEU B 440 39.68 19.71 -46.63
C LEU B 440 40.42 20.85 -45.92
N ASP B 441 40.76 20.66 -44.65
CA ASP B 441 41.47 21.67 -43.87
C ASP B 441 42.99 21.44 -43.96
N SER B 442 43.49 21.45 -45.19
CA SER B 442 44.91 21.28 -45.45
C SER B 442 45.21 21.79 -46.85
N LYS B 443 46.36 22.43 -47.00
CA LYS B 443 46.76 22.98 -48.29
C LYS B 443 48.27 23.11 -48.33
N HIS B 444 48.81 23.17 -49.54
CA HIS B 444 50.24 23.39 -49.72
C HIS B 444 50.58 24.86 -49.46
N SER B 445 51.89 25.13 -49.43
CA SER B 445 52.45 26.46 -49.22
C SER B 445 52.07 27.06 -47.88
N GLY B 446 51.50 26.27 -46.97
CA GLY B 446 51.15 26.75 -45.65
C GLY B 446 49.73 27.30 -45.57
N ASN B 447 49.14 27.16 -44.39
CA ASN B 447 47.81 27.69 -44.11
C ASN B 447 47.94 28.61 -42.89
N TYR B 448 47.67 29.90 -43.10
CA TYR B 448 47.84 30.91 -42.06
C TYR B 448 46.51 31.49 -41.60
N ASP B 449 45.38 30.91 -42.02
CA ASP B 449 44.08 31.48 -41.69
C ASP B 449 43.63 31.17 -40.26
N TYR B 450 44.23 30.17 -39.62
CA TYR B 450 43.82 29.76 -38.28
C TYR B 450 44.75 30.34 -37.23
N TRP B 451 44.17 30.65 -36.06
CA TRP B 451 44.89 31.33 -35.00
C TRP B 451 44.61 30.64 -33.66
N TYR B 452 45.44 30.96 -32.68
CA TYR B 452 45.24 30.52 -31.30
C TYR B 452 45.98 31.48 -30.39
N ARG B 453 45.52 31.55 -29.15
CA ARG B 453 46.00 32.52 -28.18
C ARG B 453 46.88 31.84 -27.15
N LEU B 454 48.09 32.35 -26.96
CA LEU B 454 49.04 31.80 -26.00
C LEU B 454 49.28 32.71 -24.81
N PHE B 455 48.65 33.88 -24.77
CA PHE B 455 48.91 34.87 -23.73
C PHE B 455 47.61 35.41 -23.19
N ARG B 456 47.47 35.41 -21.87
CA ARG B 456 46.37 36.07 -21.18
C ARG B 456 46.84 36.40 -19.78
N LYS B 457 46.20 37.41 -19.17
CA LYS B 457 46.66 37.91 -17.88
C LYS B 457 46.54 36.84 -16.79
N SER B 458 45.51 36.01 -16.84
CA SER B 458 45.29 35.01 -15.79
C SER B 458 44.67 33.77 -16.43
N LYS B 459 44.09 32.92 -15.61
CA LYS B 459 43.42 31.72 -16.09
C LYS B 459 41.99 32.03 -16.50
N LEU B 460 41.51 31.30 -17.50
CA LEU B 460 40.14 31.50 -17.97
C LEU B 460 39.15 30.72 -17.10
N LYS B 461 37.89 31.08 -17.22
CA LYS B 461 36.79 30.39 -16.58
C LYS B 461 36.09 29.48 -17.58
N PRO B 462 35.47 28.40 -17.13
CA PRO B 462 34.84 27.45 -18.06
C PRO B 462 33.77 28.12 -18.92
N PHE B 463 33.74 27.73 -20.19
CA PHE B 463 32.77 28.22 -21.18
C PHE B 463 32.79 29.75 -21.26
N GLU B 464 33.95 30.27 -21.66
CA GLU B 464 34.17 31.70 -21.78
C GLU B 464 34.69 32.04 -23.17
N ARG B 465 34.18 33.14 -23.73
CA ARG B 465 34.63 33.66 -25.01
C ARG B 465 35.37 34.97 -24.77
N ASP B 466 36.58 35.08 -25.33
CA ASP B 466 37.42 36.27 -25.07
C ASP B 466 38.20 36.58 -26.34
N ILE B 467 37.71 37.58 -27.08
CA ILE B 467 38.43 38.08 -28.26
C ILE B 467 39.21 39.30 -27.79
N SER B 468 40.44 39.06 -27.36
CA SER B 468 41.28 40.11 -26.80
C SER B 468 42.12 40.77 -27.87
N THR B 469 42.24 42.09 -27.78
CA THR B 469 43.05 42.88 -28.71
C THR B 469 44.10 43.73 -28.00
N GLU B 470 44.21 43.66 -26.68
CA GLU B 470 45.19 44.41 -25.94
C GLU B 470 46.56 43.74 -26.03
N ILE B 471 47.61 44.51 -25.71
CA ILE B 471 48.99 44.04 -25.78
C ILE B 471 49.45 43.66 -24.39
N TYR B 472 50.23 42.59 -24.30
CA TYR B 472 50.65 42.04 -23.02
C TYR B 472 51.68 42.96 -22.35
N GLN B 473 51.81 42.79 -21.04
CA GLN B 473 52.80 43.52 -20.25
C GLN B 473 53.47 42.54 -19.30
N ALA B 474 54.79 42.69 -19.10
CA ALA B 474 55.49 41.67 -18.34
C ALA B 474 55.33 41.85 -16.83
N GLY B 475 55.97 42.86 -16.24
CA GLY B 475 55.60 43.23 -14.89
C GLY B 475 55.81 44.66 -14.43
N ASN B 476 56.47 45.49 -15.23
CA ASN B 476 56.85 46.82 -14.73
C ASN B 476 56.68 47.97 -15.71
N LYS B 477 56.68 47.73 -17.01
CA LYS B 477 56.84 48.87 -17.92
C LYS B 477 55.49 49.49 -18.25
N PRO B 478 55.38 50.81 -18.27
CA PRO B 478 54.20 51.47 -18.87
C PRO B 478 54.31 51.53 -20.39
N CYS B 479 54.44 50.37 -21.01
CA CYS B 479 54.72 50.29 -22.44
C CYS B 479 53.47 50.67 -23.25
N LYS B 480 53.71 51.14 -24.47
CA LYS B 480 52.66 51.47 -25.42
C LYS B 480 52.93 50.75 -26.73
N GLY B 481 51.92 50.08 -27.27
CA GLY B 481 52.10 49.35 -28.50
C GLY B 481 52.90 48.08 -28.29
N LYS B 482 53.51 47.60 -29.37
CA LYS B 482 54.31 46.37 -29.34
C LYS B 482 55.74 46.69 -28.88
N GLY B 483 55.88 46.82 -27.57
CA GLY B 483 57.16 47.12 -26.96
C GLY B 483 58.09 45.92 -26.95
N PRO B 484 59.32 46.12 -26.48
CA PRO B 484 60.26 45.00 -26.38
C PRO B 484 59.76 43.87 -25.48
N ASN B 485 59.00 44.20 -24.44
CA ASN B 485 58.40 43.19 -23.57
C ASN B 485 56.89 43.13 -23.73
N CYS B 486 56.36 43.74 -24.79
CA CYS B 486 54.91 43.81 -25.04
C CYS B 486 54.65 43.25 -26.44
N TYR B 487 53.88 42.17 -26.52
CA TYR B 487 53.76 41.39 -27.74
C TYR B 487 52.30 41.21 -28.14
N PHE B 488 52.10 40.90 -29.42
CA PHE B 488 50.77 40.65 -29.95
C PHE B 488 50.36 39.22 -29.60
N PRO B 489 49.28 39.01 -28.82
CA PRO B 489 48.96 37.69 -28.28
C PRO B 489 48.14 36.81 -29.22
N LEU B 490 48.53 36.75 -30.50
CA LEU B 490 47.91 35.87 -31.47
C LEU B 490 49.01 35.21 -32.29
N GLN B 491 48.88 33.90 -32.51
CA GLN B 491 49.80 33.13 -33.33
C GLN B 491 49.02 32.45 -34.45
N SER B 492 49.75 31.78 -35.34
CA SER B 492 49.17 31.15 -36.52
C SER B 492 49.40 29.65 -36.49
N TYR B 493 48.42 28.90 -36.98
CA TYR B 493 48.51 27.44 -37.08
C TYR B 493 48.98 27.07 -38.49
N GLY B 494 50.30 27.08 -38.67
CA GLY B 494 50.89 26.68 -39.93
C GLY B 494 50.60 25.24 -40.26
N PHE B 495 49.78 25.01 -41.27
CA PHE B 495 49.32 23.67 -41.63
C PHE B 495 49.81 23.32 -43.03
N ARG B 496 50.41 22.14 -43.17
CA ARG B 496 50.87 21.63 -44.46
C ARG B 496 50.64 20.14 -44.50
N PRO B 497 50.42 19.55 -45.68
CA PRO B 497 50.11 18.12 -45.78
C PRO B 497 51.30 17.19 -45.62
N THR B 498 52.45 17.68 -45.21
CA THR B 498 53.61 16.83 -44.98
C THR B 498 54.07 16.91 -43.53
N TYR B 499 53.11 16.86 -42.61
CA TYR B 499 53.37 17.04 -41.19
C TYR B 499 53.14 15.73 -40.45
N GLY B 500 53.69 15.67 -39.23
CA GLY B 500 53.54 14.48 -38.41
C GLY B 500 52.15 14.32 -37.86
N VAL B 501 51.84 13.08 -37.45
CA VAL B 501 50.51 12.78 -36.91
C VAL B 501 50.27 13.55 -35.62
N GLY B 502 51.28 13.61 -34.73
CA GLY B 502 51.12 14.36 -33.51
C GLY B 502 50.88 15.83 -33.73
N HIS B 503 51.41 16.39 -34.81
CA HIS B 503 51.20 17.78 -35.19
C HIS B 503 50.07 17.93 -36.21
N GLN B 504 49.41 16.84 -36.58
CA GLN B 504 48.40 16.88 -37.63
C GLN B 504 47.18 17.69 -37.17
N PRO B 505 46.56 18.44 -38.08
CA PRO B 505 45.41 19.28 -37.69
C PRO B 505 44.13 18.48 -37.46
N TYR B 506 43.97 17.91 -36.27
CA TYR B 506 42.76 17.18 -35.94
C TYR B 506 41.56 18.13 -35.86
N ARG B 507 40.38 17.59 -36.16
CA ARG B 507 39.13 18.32 -36.06
C ARG B 507 38.37 17.83 -34.83
N VAL B 508 37.98 18.77 -33.97
CA VAL B 508 37.38 18.44 -32.68
C VAL B 508 36.07 19.22 -32.53
N VAL B 509 35.01 18.50 -32.17
CA VAL B 509 33.75 19.11 -31.78
C VAL B 509 33.29 18.46 -30.48
N VAL B 510 32.85 19.28 -29.53
CA VAL B 510 32.49 18.81 -28.20
C VAL B 510 30.97 18.91 -28.05
N LEU B 511 30.36 17.84 -27.52
CA LEU B 511 28.93 17.78 -27.29
C LEU B 511 28.67 17.85 -25.79
N SER B 512 27.79 18.77 -25.39
CA SER B 512 27.49 19.01 -23.98
C SER B 512 26.00 18.85 -23.75
N PHE B 513 25.65 18.09 -22.71
CA PHE B 513 24.27 17.87 -22.31
C PHE B 513 24.03 18.50 -20.94
N GLU B 514 22.77 18.47 -20.52
CA GLU B 514 22.38 18.96 -19.19
C GLU B 514 21.29 18.05 -18.65
N LEU B 515 21.56 17.42 -17.50
CA LEU B 515 20.57 16.56 -16.84
C LEU B 515 19.90 17.34 -15.71
N LEU B 516 18.98 18.21 -16.12
CA LEU B 516 18.24 19.07 -15.21
C LEU B 516 16.74 18.86 -15.41
N HIS B 517 15.97 19.02 -14.34
CA HIS B 517 14.52 18.86 -14.40
C HIS B 517 13.92 20.01 -15.19
N ALA B 518 13.57 19.76 -16.45
CA ALA B 518 12.98 20.75 -17.33
C ALA B 518 12.33 20.01 -18.50
N PRO B 519 11.33 20.63 -19.16
CA PRO B 519 10.67 19.95 -20.28
C PRO B 519 11.65 19.59 -21.40
N ALA B 520 11.84 18.30 -21.62
CA ALA B 520 12.81 17.82 -22.59
C ALA B 520 12.22 17.91 -24.00
N THR B 521 12.94 18.58 -24.90
CA THR B 521 12.49 18.73 -26.28
C THR B 521 13.22 17.82 -27.25
N VAL B 522 14.43 17.38 -26.92
CA VAL B 522 15.25 16.60 -27.83
C VAL B 522 15.63 15.28 -27.17
N CYS B 523 15.37 14.17 -27.86
CA CYS B 523 15.95 12.87 -27.53
C CYS B 523 15.67 11.91 -28.69
N GLY B 524 16.33 10.76 -28.64
CA GLY B 524 16.39 9.87 -29.78
C GLY B 524 15.05 9.22 -30.08
N PRO B 525 14.94 8.73 -31.31
CA PRO B 525 13.70 8.08 -31.74
C PRO B 525 13.69 6.60 -31.36
N LYS B 526 12.52 6.00 -31.54
CA LYS B 526 12.36 4.55 -31.43
C LYS B 526 11.11 4.16 -32.22
N LYS B 527 11.08 2.91 -32.66
CA LYS B 527 10.02 2.40 -33.52
C LYS B 527 9.56 1.07 -32.95
N SER B 528 8.42 0.58 -33.45
CA SER B 528 7.83 -0.69 -32.90
C SER B 528 7.75 -1.75 -33.99
N THR B 529 6.76 -2.65 -33.89
CA THR B 529 6.62 -3.77 -34.87
C THR B 529 5.40 -3.54 -35.76
N ASN B 530 4.52 -4.54 -35.86
CA ASN B 530 3.34 -4.42 -36.71
C ASN B 530 2.10 -4.75 -35.90
N LEU B 531 0.95 -4.34 -36.42
CA LEU B 531 -0.31 -4.56 -35.72
C LEU B 531 -0.84 -5.97 -35.94
N VAL B 532 -1.41 -6.55 -34.89
CA VAL B 532 -2.12 -7.82 -34.96
C VAL B 532 -3.40 -7.69 -34.17
N LYS B 533 -4.49 -8.24 -34.70
CA LYS B 533 -5.80 -8.11 -34.08
C LYS B 533 -6.41 -9.48 -33.85
N ASN B 534 -7.54 -9.48 -33.14
CA ASN B 534 -8.36 -10.66 -32.91
C ASN B 534 -7.62 -11.75 -32.12
N LYS B 535 -6.69 -11.35 -31.26
CA LYS B 535 -6.07 -12.31 -30.35
C LYS B 535 -5.74 -11.66 -29.01
N CYS B 536 -5.69 -12.47 -27.96
CA CYS B 536 -5.34 -11.98 -26.64
C CYS B 536 -3.87 -11.57 -26.62
N VAL B 537 -3.63 -10.27 -26.67
CA VAL B 537 -2.29 -9.74 -26.85
C VAL B 537 -2.00 -8.71 -25.76
N ASN B 538 -0.82 -8.81 -25.15
CA ASN B 538 -0.38 -7.81 -24.20
C ASN B 538 -0.11 -6.53 -24.97
N PHE B 539 -0.82 -5.46 -24.62
CA PHE B 539 -0.83 -4.21 -25.34
C PHE B 539 -0.23 -3.10 -24.49
N ASN B 540 0.46 -2.15 -25.16
CA ASN B 540 1.12 -1.04 -24.42
C ASN B 540 0.95 0.27 -25.19
N PHE B 541 -0.21 0.49 -25.80
CA PHE B 541 -0.49 1.73 -26.52
C PHE B 541 -0.16 2.97 -25.69
N ASN B 542 0.67 3.85 -26.26
CA ASN B 542 0.99 5.17 -25.71
C ASN B 542 1.24 5.18 -24.21
N GLY B 543 1.78 4.08 -23.68
CA GLY B 543 2.05 3.97 -22.27
C GLY B 543 0.92 3.39 -21.45
N LEU B 544 -0.28 3.25 -22.02
CA LEU B 544 -1.41 2.66 -21.31
C LEU B 544 -1.29 1.14 -21.48
N THR B 545 -0.87 0.47 -20.41
CA THR B 545 -0.55 -0.95 -20.48
C THR B 545 -1.71 -1.79 -19.95
N GLY B 546 -1.88 -2.96 -20.55
CA GLY B 546 -2.88 -3.90 -20.08
C GLY B 546 -2.97 -5.09 -21.00
N THR B 547 -4.02 -5.87 -20.82
CA THR B 547 -4.21 -7.08 -21.61
C THR B 547 -5.64 -7.12 -22.10
N GLY B 548 -5.80 -7.30 -23.41
CA GLY B 548 -7.13 -7.36 -23.97
C GLY B 548 -7.09 -7.66 -25.46
N VAL B 549 -8.19 -8.28 -25.89
CA VAL B 549 -8.35 -8.61 -27.33
C VAL B 549 -8.63 -7.29 -28.04
N LEU B 550 -8.16 -7.16 -29.26
CA LEU B 550 -8.29 -5.94 -30.04
C LEU B 550 -8.90 -6.26 -31.40
N THR B 551 -9.74 -5.35 -31.89
CA THR B 551 -10.44 -5.56 -33.15
C THR B 551 -10.88 -4.21 -33.70
N LYS B 552 -11.49 -4.25 -34.87
CA LYS B 552 -11.97 -3.03 -35.52
C LYS B 552 -13.20 -2.50 -34.80
N SER B 553 -13.38 -1.18 -34.88
CA SER B 553 -14.50 -0.52 -34.21
C SER B 553 -15.12 0.51 -35.14
N ASN B 554 -16.38 0.83 -34.86
CA ASN B 554 -17.15 1.82 -35.62
C ASN B 554 -17.42 3.06 -34.79
N LYS B 555 -16.45 3.45 -33.96
CA LYS B 555 -16.56 4.67 -33.19
C LYS B 555 -16.52 5.89 -34.12
N LYS B 556 -16.69 7.07 -33.53
CA LYS B 556 -16.75 8.29 -34.32
C LYS B 556 -15.78 9.34 -33.78
N PHE B 557 -14.53 8.95 -33.56
CA PHE B 557 -13.57 9.77 -32.84
C PHE B 557 -13.40 11.14 -33.48
N LEU B 558 -13.36 12.16 -32.64
CA LEU B 558 -13.06 13.52 -33.09
C LEU B 558 -11.55 13.69 -33.29
N PRO B 559 -11.14 14.67 -34.11
CA PRO B 559 -9.71 14.81 -34.43
C PRO B 559 -8.81 15.00 -33.22
N PHE B 560 -9.30 15.73 -32.21
CA PHE B 560 -8.50 16.00 -30.99
C PHE B 560 -8.64 14.84 -30.00
N GLN B 561 -9.25 13.73 -30.42
CA GLN B 561 -9.50 12.64 -29.51
C GLN B 561 -8.50 11.51 -29.67
N GLN B 562 -7.99 11.02 -28.54
CA GLN B 562 -7.08 9.88 -28.49
C GLN B 562 -7.65 8.67 -27.79
N PHE B 563 -8.14 8.83 -26.56
CA PHE B 563 -8.65 7.72 -25.77
C PHE B 563 -10.18 7.70 -25.80
N GLY B 564 -10.76 6.73 -25.10
CA GLY B 564 -12.19 6.69 -24.91
C GLY B 564 -12.52 5.90 -23.65
N ARG B 565 -13.47 6.43 -22.89
CA ARG B 565 -13.92 5.75 -21.69
C ARG B 565 -15.44 5.58 -21.75
N ASP B 566 -16.00 5.04 -20.67
CA ASP B 566 -17.42 4.76 -20.56
C ASP B 566 -17.93 5.45 -19.31
N ILE B 567 -19.16 5.12 -18.91
CA ILE B 567 -19.81 5.82 -17.81
C ILE B 567 -19.05 5.61 -16.51
N VAL B 568 -18.30 4.53 -16.39
CA VAL B 568 -17.64 4.19 -15.13
C VAL B 568 -16.11 4.16 -15.27
N ASP B 569 -15.55 5.03 -16.11
CA ASP B 569 -14.13 5.38 -16.06
C ASP B 569 -13.22 4.17 -16.21
N THR B 570 -13.28 3.55 -17.39
CA THR B 570 -12.31 2.55 -17.80
C THR B 570 -12.05 2.70 -19.28
N THR B 571 -10.81 2.49 -19.69
CA THR B 571 -10.41 2.70 -21.08
C THR B 571 -11.21 1.79 -22.00
N ASP B 572 -11.90 2.41 -22.96
CA ASP B 572 -12.81 1.70 -23.85
C ASP B 572 -12.24 1.45 -25.23
N ALA B 573 -11.84 2.50 -25.94
CA ALA B 573 -11.28 2.39 -27.29
C ALA B 573 -10.12 3.35 -27.43
N VAL B 574 -9.08 2.92 -28.13
CA VAL B 574 -7.87 3.71 -28.32
C VAL B 574 -7.64 3.90 -29.80
N ARG B 575 -7.37 5.15 -30.19
CA ARG B 575 -6.97 5.42 -31.56
C ARG B 575 -5.54 4.95 -31.78
N ASP B 576 -5.29 4.25 -32.88
CA ASP B 576 -3.94 3.74 -33.15
C ASP B 576 -3.00 4.90 -33.53
N PRO B 577 -1.93 5.16 -32.78
CA PRO B 577 -1.06 6.29 -33.12
C PRO B 577 -0.37 6.15 -34.47
N GLN B 578 -0.10 4.92 -34.91
CA GLN B 578 0.63 4.69 -36.17
C GLN B 578 -0.32 4.27 -37.29
N THR B 579 -1.62 4.19 -37.00
CA THR B 579 -2.60 3.78 -38.01
C THR B 579 -3.79 4.74 -38.15
N LEU B 580 -4.15 5.49 -37.11
CA LEU B 580 -5.31 6.40 -37.15
C LEU B 580 -6.62 5.65 -37.38
N GLU B 581 -6.71 4.47 -36.80
CA GLU B 581 -7.95 3.69 -36.74
C GLU B 581 -8.41 3.60 -35.30
N ILE B 582 -9.58 2.99 -35.12
CA ILE B 582 -10.20 2.85 -33.80
C ILE B 582 -10.22 1.38 -33.43
N LEU B 583 -9.71 1.06 -32.24
CA LEU B 583 -9.59 -0.30 -31.76
C LEU B 583 -10.12 -0.42 -30.34
N ASP B 584 -10.84 -1.49 -30.07
CA ASP B 584 -11.45 -1.69 -28.77
C ASP B 584 -10.53 -2.49 -27.85
N ILE B 585 -10.93 -2.57 -26.58
CA ILE B 585 -10.26 -3.37 -25.58
C ILE B 585 -11.31 -4.16 -24.80
N THR B 586 -11.07 -5.45 -24.61
CA THR B 586 -12.08 -6.33 -23.96
C THR B 586 -11.37 -7.35 -23.05
N PRO B 587 -11.96 -7.75 -21.91
CA PRO B 587 -11.37 -8.77 -21.03
C PRO B 587 -10.77 -9.97 -21.78
N CYS B 588 -9.65 -10.50 -21.29
CA CYS B 588 -8.97 -11.64 -21.97
C CYS B 588 -9.91 -12.85 -22.07
N SER B 589 -10.43 -13.34 -20.95
CA SER B 589 -11.36 -14.51 -20.92
C SER B 589 -11.80 -14.72 -19.47
N PHE B 590 -11.64 -13.68 -18.64
CA PHE B 590 -11.98 -13.78 -17.23
C PHE B 590 -13.22 -14.62 -16.98
N GLY B 591 -13.09 -15.64 -16.14
CA GLY B 591 -14.19 -16.48 -15.76
C GLY B 591 -13.90 -17.17 -14.44
N GLY B 592 -14.52 -18.34 -14.24
CA GLY B 592 -14.28 -19.13 -13.06
C GLY B 592 -14.61 -20.60 -13.26
N VAL B 593 -13.71 -21.48 -12.88
CA VAL B 593 -13.89 -22.93 -13.06
C VAL B 593 -14.48 -23.50 -11.78
N SER B 594 -15.39 -24.48 -11.94
CA SER B 594 -15.97 -25.20 -10.82
C SER B 594 -16.02 -26.68 -11.18
N VAL B 595 -15.67 -27.54 -10.22
CA VAL B 595 -15.57 -28.97 -10.44
C VAL B 595 -16.80 -29.65 -9.84
N ILE B 596 -17.48 -30.46 -10.64
CA ILE B 596 -18.64 -31.22 -10.17
C ILE B 596 -18.20 -32.66 -9.96
N THR B 597 -18.45 -33.20 -8.77
CA THR B 597 -18.05 -34.54 -8.46
C THR B 597 -19.08 -35.21 -7.55
N PRO B 598 -19.23 -36.52 -7.63
CA PRO B 598 -19.89 -37.27 -6.56
C PRO B 598 -18.89 -37.51 -5.43
N GLY B 599 -19.36 -38.20 -4.39
CA GLY B 599 -18.49 -38.47 -3.26
C GLY B 599 -17.25 -39.26 -3.68
N THR B 600 -16.11 -38.89 -3.09
CA THR B 600 -14.88 -39.60 -3.40
C THR B 600 -14.93 -41.04 -2.92
N ASN B 601 -15.72 -41.32 -1.88
CA ASN B 601 -15.92 -42.70 -1.44
C ASN B 601 -16.76 -43.49 -2.43
N THR B 602 -17.46 -42.82 -3.36
CA THR B 602 -18.26 -43.49 -4.37
C THR B 602 -17.47 -43.66 -5.67
N SER B 603 -16.83 -42.60 -6.14
CA SER B 603 -16.05 -42.65 -7.37
C SER B 603 -15.04 -41.52 -7.37
N ASN B 604 -14.20 -41.49 -8.41
CA ASN B 604 -13.18 -40.47 -8.55
C ASN B 604 -13.33 -39.62 -9.81
N GLN B 605 -14.36 -39.85 -10.62
CA GLN B 605 -14.53 -39.07 -11.84
C GLN B 605 -15.09 -37.69 -11.54
N VAL B 606 -14.63 -36.70 -12.29
CA VAL B 606 -15.10 -35.31 -12.17
C VAL B 606 -15.35 -34.74 -13.55
N ALA B 607 -16.11 -33.65 -13.58
CA ALA B 607 -16.35 -32.88 -14.79
C ALA B 607 -16.18 -31.40 -14.48
N VAL B 608 -15.87 -30.60 -15.49
CA VAL B 608 -15.47 -29.21 -15.31
C VAL B 608 -16.43 -28.31 -16.07
N LEU B 609 -16.71 -27.14 -15.52
CA LEU B 609 -17.53 -26.12 -16.15
C LEU B 609 -16.83 -24.78 -16.06
N TYR B 610 -16.70 -24.09 -17.19
CA TYR B 610 -16.09 -22.77 -17.27
C TYR B 610 -17.19 -21.71 -17.27
N GLN B 611 -17.31 -20.98 -16.16
CA GLN B 611 -18.45 -20.09 -15.95
C GLN B 611 -18.42 -18.92 -16.91
N GLY B 612 -19.58 -18.61 -17.49
CA GLY B 612 -19.81 -17.37 -18.22
C GLY B 612 -18.96 -17.14 -19.45
N VAL B 613 -18.62 -18.21 -20.17
CA VAL B 613 -17.81 -18.12 -21.38
C VAL B 613 -18.25 -19.22 -22.33
N ASN B 614 -18.55 -18.88 -23.58
CA ASN B 614 -18.93 -19.90 -24.54
C ASN B 614 -17.74 -20.80 -24.89
N CYS B 615 -18.03 -22.08 -25.14
CA CYS B 615 -16.98 -23.09 -24.99
C CYS B 615 -16.10 -23.21 -26.20
N THR B 616 -16.51 -22.66 -27.35
CA THR B 616 -15.64 -22.66 -28.51
C THR B 616 -14.39 -21.83 -28.25
N GLU B 617 -14.55 -20.75 -27.47
CA GLU B 617 -13.41 -19.89 -27.11
C GLU B 617 -12.36 -20.70 -26.35
N VAL B 618 -12.79 -21.46 -25.33
CA VAL B 618 -11.82 -22.20 -24.52
C VAL B 618 -11.38 -23.46 -25.25
N SER B 619 -12.24 -24.03 -26.11
CA SER B 619 -11.88 -25.25 -26.82
C SER B 619 -10.67 -25.04 -27.73
N VAL B 620 -10.64 -23.90 -28.43
CA VAL B 620 -9.47 -23.57 -29.24
C VAL B 620 -8.34 -23.06 -28.36
N ALA B 621 -8.66 -22.61 -27.14
CA ALA B 621 -7.62 -22.08 -26.26
C ALA B 621 -6.88 -23.19 -25.54
N ILE B 622 -7.61 -24.21 -25.04
CA ILE B 622 -6.93 -25.36 -24.44
C ILE B 622 -6.12 -26.10 -25.51
N HIS B 623 -6.66 -26.15 -26.73
CA HIS B 623 -5.93 -26.72 -27.84
C HIS B 623 -4.66 -25.94 -28.15
N ALA B 624 -4.65 -24.64 -27.86
CA ALA B 624 -3.47 -23.81 -28.01
C ALA B 624 -2.63 -23.74 -26.74
N ASP B 625 -3.11 -24.31 -25.63
CA ASP B 625 -2.39 -24.35 -24.36
C ASP B 625 -2.02 -22.94 -23.87
N GLN B 626 -3.05 -22.11 -23.69
CA GLN B 626 -2.85 -20.76 -23.16
C GLN B 626 -3.70 -20.50 -21.93
N LEU B 627 -4.16 -21.54 -21.24
CA LEU B 627 -5.02 -21.39 -20.08
C LEU B 627 -4.19 -21.31 -18.81
N THR B 628 -4.61 -20.43 -17.90
CA THR B 628 -3.95 -20.35 -16.59
C THR B 628 -4.04 -21.67 -15.83
N PRO B 629 -5.16 -22.37 -15.75
CA PRO B 629 -5.15 -23.72 -15.16
C PRO B 629 -4.27 -24.66 -15.98
N THR B 630 -3.48 -25.48 -15.27
CA THR B 630 -2.64 -26.46 -15.92
C THR B 630 -3.28 -27.84 -16.01
N TRP B 631 -4.19 -28.17 -15.10
CA TRP B 631 -4.94 -29.41 -15.16
C TRP B 631 -5.81 -29.42 -16.42
N ARG B 632 -5.86 -30.56 -17.10
CA ARG B 632 -6.62 -30.71 -18.34
C ARG B 632 -7.54 -31.91 -18.22
N VAL B 633 -8.84 -31.68 -18.32
CA VAL B 633 -9.84 -32.74 -18.33
C VAL B 633 -10.06 -33.18 -19.77
N TYR B 634 -10.26 -34.48 -19.96
CA TYR B 634 -10.39 -35.04 -21.31
C TYR B 634 -11.63 -34.50 -22.01
N SER B 635 -11.51 -34.34 -23.33
CA SER B 635 -12.59 -33.89 -24.20
C SER B 635 -12.71 -34.90 -25.34
N THR B 636 -13.64 -35.85 -25.19
CA THR B 636 -13.84 -36.92 -26.16
C THR B 636 -14.77 -36.50 -27.30
N GLY B 637 -15.46 -35.37 -27.16
CA GLY B 637 -16.49 -34.97 -28.07
C GLY B 637 -17.88 -35.33 -27.61
N SER B 638 -18.06 -36.51 -27.03
CA SER B 638 -19.32 -36.83 -26.38
C SER B 638 -19.54 -36.05 -25.10
N ASN B 639 -18.49 -35.41 -24.58
CA ASN B 639 -18.58 -34.59 -23.39
C ASN B 639 -18.32 -33.14 -23.78
N VAL B 640 -19.34 -32.50 -24.35
CA VAL B 640 -19.40 -31.07 -24.57
C VAL B 640 -20.84 -30.64 -24.36
N PHE B 641 -21.04 -29.50 -23.73
CA PHE B 641 -22.38 -29.02 -23.40
C PHE B 641 -22.33 -27.50 -23.43
N GLN B 642 -23.26 -26.90 -24.15
CA GLN B 642 -23.39 -25.44 -24.18
C GLN B 642 -24.57 -25.03 -23.30
N THR B 643 -24.30 -24.76 -22.03
CA THR B 643 -25.31 -24.26 -21.12
C THR B 643 -25.39 -22.74 -21.19
N ARG B 644 -26.47 -22.19 -20.65
CA ARG B 644 -26.55 -20.73 -20.51
C ARG B 644 -25.65 -20.23 -19.40
N ALA B 645 -25.14 -21.12 -18.56
CA ALA B 645 -24.34 -20.77 -17.39
C ALA B 645 -22.85 -20.96 -17.62
N GLY B 646 -22.42 -21.19 -18.85
CA GLY B 646 -21.04 -21.48 -19.16
C GLY B 646 -20.98 -22.59 -20.18
N CYS B 647 -19.94 -23.41 -20.10
CA CYS B 647 -19.89 -24.63 -20.90
C CYS B 647 -19.46 -25.78 -20.01
N LEU B 648 -20.03 -26.96 -20.26
CA LEU B 648 -19.78 -28.13 -19.43
C LEU B 648 -18.97 -29.14 -20.22
N ILE B 649 -17.87 -29.61 -19.64
CA ILE B 649 -16.98 -30.56 -20.29
C ILE B 649 -16.72 -31.71 -19.33
N GLY B 650 -16.64 -32.92 -19.86
CA GLY B 650 -16.52 -34.10 -19.04
C GLY B 650 -17.81 -34.80 -18.72
N ALA B 651 -18.96 -34.26 -19.13
CA ALA B 651 -20.25 -34.86 -18.85
C ALA B 651 -21.05 -34.96 -20.14
N GLU B 652 -21.99 -35.91 -20.17
CA GLU B 652 -22.73 -36.25 -21.38
C GLU B 652 -24.21 -35.92 -21.23
N TYR B 653 -24.80 -35.41 -22.31
CA TYR B 653 -26.20 -35.02 -22.30
C TYR B 653 -27.12 -36.21 -22.57
N VAL B 654 -28.18 -36.30 -21.78
CA VAL B 654 -29.29 -37.22 -22.04
C VAL B 654 -30.57 -36.39 -21.98
N ASN B 655 -31.61 -36.86 -22.68
CA ASN B 655 -32.84 -36.10 -22.74
C ASN B 655 -33.88 -36.55 -21.72
N ASN B 656 -33.55 -37.52 -20.87
CA ASN B 656 -34.46 -37.91 -19.81
C ASN B 656 -34.56 -36.78 -18.78
N SER B 657 -35.44 -36.96 -17.80
CA SER B 657 -35.67 -35.96 -16.77
C SER B 657 -35.79 -36.65 -15.42
N TYR B 658 -35.01 -36.20 -14.46
CA TYR B 658 -35.02 -36.75 -13.11
C TYR B 658 -35.10 -35.61 -12.10
N GLU B 659 -35.29 -35.97 -10.85
CA GLU B 659 -35.15 -35.00 -9.77
C GLU B 659 -33.72 -34.46 -9.76
N CYS B 660 -33.60 -33.15 -9.60
CA CYS B 660 -32.27 -32.54 -9.59
C CYS B 660 -31.45 -33.07 -8.43
N ASP B 661 -30.19 -33.44 -8.72
CA ASP B 661 -29.30 -33.97 -7.72
C ASP B 661 -28.27 -32.95 -7.26
N ILE B 662 -27.47 -32.40 -8.18
CA ILE B 662 -26.62 -31.26 -7.90
C ILE B 662 -26.97 -30.17 -8.91
N PRO B 663 -27.12 -28.92 -8.48
CA PRO B 663 -27.58 -27.87 -9.40
C PRO B 663 -26.39 -27.20 -10.09
N ILE B 664 -26.45 -27.14 -11.41
CA ILE B 664 -25.42 -26.49 -12.21
C ILE B 664 -25.82 -25.07 -12.60
N GLY B 665 -27.05 -24.87 -13.05
CA GLY B 665 -27.53 -23.56 -13.41
C GLY B 665 -28.28 -23.53 -14.72
N ALA B 666 -29.12 -22.50 -14.90
CA ALA B 666 -29.89 -22.33 -16.14
C ALA B 666 -30.78 -23.54 -16.43
N GLY B 667 -31.34 -24.13 -15.38
CA GLY B 667 -32.17 -25.30 -15.54
C GLY B 667 -31.45 -26.54 -16.02
N ILE B 668 -30.25 -26.81 -15.50
CA ILE B 668 -29.47 -28.00 -15.83
C ILE B 668 -28.98 -28.62 -14.54
N CYS B 669 -29.04 -29.94 -14.46
CA CYS B 669 -28.55 -30.69 -13.31
C CYS B 669 -27.69 -31.84 -13.79
N ALA B 670 -26.81 -32.32 -12.90
CA ALA B 670 -25.95 -33.45 -13.19
C ALA B 670 -26.02 -34.45 -12.03
N SER B 671 -25.81 -35.73 -12.36
CA SER B 671 -25.88 -36.77 -11.33
C SER B 671 -25.08 -37.97 -11.78
N TYR B 672 -24.67 -38.78 -10.81
CA TYR B 672 -23.95 -40.02 -11.03
C TYR B 672 -24.96 -41.16 -11.14
N GLN B 673 -25.13 -41.70 -12.34
CA GLN B 673 -26.16 -42.69 -12.59
C GLN B 673 -25.56 -43.87 -13.34
N THR B 674 -26.22 -45.01 -13.18
CA THR B 674 -25.80 -46.24 -13.84
C THR B 674 -26.13 -46.20 -15.32
N GLN B 675 -25.26 -46.81 -16.12
CA GLN B 675 -25.42 -46.82 -17.56
C GLN B 675 -26.56 -47.74 -17.98
N SER B 687 -19.74 -48.62 -16.64
CA SER B 687 -21.15 -48.70 -16.29
C SER B 687 -21.56 -47.52 -15.41
N GLN B 688 -20.58 -46.73 -14.99
CA GLN B 688 -20.79 -45.57 -14.13
C GLN B 688 -20.21 -44.34 -14.79
N SER B 689 -20.99 -43.26 -14.86
CA SER B 689 -20.54 -42.05 -15.52
C SER B 689 -21.34 -40.87 -14.97
N ILE B 690 -20.83 -39.66 -15.23
CA ILE B 690 -21.49 -38.43 -14.85
C ILE B 690 -22.32 -37.96 -16.04
N ILE B 691 -23.58 -37.66 -15.79
CA ILE B 691 -24.55 -37.39 -16.85
C ILE B 691 -25.14 -36.00 -16.63
N ALA B 692 -25.63 -35.40 -17.71
CA ALA B 692 -26.21 -34.06 -17.68
C ALA B 692 -27.61 -34.08 -18.24
N TYR B 693 -28.56 -33.52 -17.49
CA TYR B 693 -29.96 -33.53 -17.88
C TYR B 693 -30.61 -32.25 -17.40
N THR B 694 -31.78 -31.94 -17.97
CA THR B 694 -32.59 -30.83 -17.50
C THR B 694 -33.46 -31.29 -16.34
N MET B 695 -33.62 -30.46 -15.33
CA MET B 695 -34.38 -30.85 -14.15
C MET B 695 -35.83 -31.10 -14.50
N SER B 696 -36.44 -32.07 -13.82
CA SER B 696 -37.86 -32.36 -13.98
C SER B 696 -38.63 -31.65 -12.87
N LEU B 697 -39.66 -30.90 -13.24
CA LEU B 697 -40.41 -30.13 -12.26
C LEU B 697 -41.28 -31.00 -11.37
N GLY B 698 -41.66 -32.17 -11.83
CA GLY B 698 -42.47 -33.07 -11.02
C GLY B 698 -43.26 -34.01 -11.91
N ALA B 699 -43.91 -34.96 -11.25
CA ALA B 699 -44.72 -35.95 -11.96
C ALA B 699 -45.84 -35.27 -12.73
N GLU B 700 -46.01 -35.66 -13.99
CA GLU B 700 -47.05 -35.09 -14.84
C GLU B 700 -48.39 -35.70 -14.43
N ASN B 701 -49.35 -34.84 -14.12
CA ASN B 701 -50.67 -35.28 -13.66
C ASN B 701 -51.74 -34.35 -14.20
N SER B 702 -52.94 -34.88 -14.36
CA SER B 702 -54.07 -34.13 -14.88
C SER B 702 -55.31 -34.41 -14.05
N VAL B 703 -56.06 -33.37 -13.74
CA VAL B 703 -57.34 -33.52 -13.05
C VAL B 703 -58.45 -33.67 -14.07
N ALA B 704 -59.61 -34.14 -13.61
CA ALA B 704 -60.71 -34.54 -14.47
C ALA B 704 -61.95 -33.67 -14.29
N TYR B 705 -61.74 -32.35 -14.28
CA TYR B 705 -62.83 -31.41 -14.00
C TYR B 705 -64.01 -31.62 -14.95
N SER B 706 -65.21 -31.57 -14.40
CA SER B 706 -66.43 -31.71 -15.17
C SER B 706 -67.54 -30.93 -14.47
N ASN B 707 -68.68 -30.80 -15.16
CA ASN B 707 -69.74 -29.93 -14.69
C ASN B 707 -70.42 -30.47 -13.43
N ASN B 708 -70.56 -31.78 -13.30
CA ASN B 708 -71.28 -32.36 -12.17
C ASN B 708 -70.58 -33.59 -11.62
N SER B 709 -69.28 -33.52 -11.41
CA SER B 709 -68.50 -34.62 -10.86
C SER B 709 -67.74 -34.13 -9.63
N ILE B 710 -67.82 -34.88 -8.53
CA ILE B 710 -67.03 -34.62 -7.34
C ILE B 710 -66.48 -35.94 -6.82
N ALA B 711 -65.26 -35.92 -6.31
CA ALA B 711 -64.66 -37.05 -5.65
C ALA B 711 -64.63 -36.78 -4.15
N ILE B 712 -65.11 -37.74 -3.37
CA ILE B 712 -65.21 -37.61 -1.91
C ILE B 712 -64.34 -38.69 -1.28
N PRO B 713 -63.42 -38.34 -0.38
CA PRO B 713 -62.54 -39.34 0.23
C PRO B 713 -63.33 -40.28 1.13
N THR B 714 -63.12 -41.58 0.96
CA THR B 714 -63.81 -42.60 1.73
C THR B 714 -62.97 -43.14 2.88
N ASN B 715 -61.70 -42.77 2.97
CA ASN B 715 -60.81 -43.28 4.00
C ASN B 715 -59.88 -42.15 4.42
N PHE B 716 -58.91 -42.47 5.29
CA PHE B 716 -57.97 -41.46 5.74
C PHE B 716 -56.69 -42.13 6.19
N THR B 717 -55.69 -41.30 6.48
CA THR B 717 -54.42 -41.76 7.02
C THR B 717 -53.83 -40.64 7.88
N ILE B 718 -52.88 -41.02 8.73
CA ILE B 718 -52.23 -40.10 9.65
C ILE B 718 -50.73 -40.11 9.38
N SER B 719 -50.16 -38.93 9.18
CA SER B 719 -48.73 -38.77 8.92
C SER B 719 -48.13 -37.89 9.99
N VAL B 720 -47.04 -38.35 10.59
CA VAL B 720 -46.32 -37.60 11.62
C VAL B 720 -45.05 -37.08 10.97
N THR B 721 -45.06 -35.80 10.59
CA THR B 721 -43.88 -35.16 10.02
C THR B 721 -43.01 -34.59 11.13
N THR B 722 -41.94 -33.90 10.75
CA THR B 722 -41.01 -33.32 11.70
C THR B 722 -40.51 -31.98 11.19
N GLU B 723 -40.10 -31.12 12.12
CA GLU B 723 -39.59 -29.79 11.79
C GLU B 723 -38.49 -29.43 12.76
N ILE B 724 -37.38 -28.90 12.25
CA ILE B 724 -36.21 -28.57 13.05
C ILE B 724 -35.90 -27.10 12.86
N LEU B 725 -35.72 -26.38 13.98
CA LEU B 725 -35.48 -24.94 13.95
C LEU B 725 -34.37 -24.54 14.92
N PRO B 726 -33.37 -23.79 14.47
CA PRO B 726 -32.41 -23.22 15.41
C PRO B 726 -33.07 -22.21 16.33
N VAL B 727 -32.57 -22.14 17.57
CA VAL B 727 -33.15 -21.25 18.57
C VAL B 727 -32.10 -20.28 19.11
N SER B 728 -30.85 -20.70 19.15
CA SER B 728 -29.79 -19.86 19.73
C SER B 728 -28.43 -20.40 19.29
N MET B 729 -27.38 -19.64 19.58
CA MET B 729 -26.03 -20.00 19.19
C MET B 729 -25.07 -19.80 20.36
N THR B 730 -23.78 -19.89 20.04
CA THR B 730 -22.73 -19.87 21.05
C THR B 730 -22.41 -18.45 21.48
N LYS B 731 -22.21 -18.27 22.78
CA LYS B 731 -21.91 -16.96 23.36
C LYS B 731 -20.39 -16.80 23.50
N THR B 732 -19.82 -15.83 22.78
CA THR B 732 -18.39 -15.56 22.82
C THR B 732 -18.13 -14.25 23.57
N SER B 733 -16.94 -14.14 24.16
CA SER B 733 -16.57 -13.02 25.01
C SER B 733 -15.15 -12.54 24.70
N VAL B 734 -14.86 -12.34 23.41
CA VAL B 734 -13.52 -11.94 23.00
C VAL B 734 -13.11 -10.62 23.68
N ASP B 735 -11.80 -10.39 23.75
CA ASP B 735 -11.26 -9.17 24.33
C ASP B 735 -10.10 -8.64 23.51
N CYS B 736 -10.21 -7.37 23.12
CA CYS B 736 -9.30 -6.79 22.15
C CYS B 736 -7.88 -6.69 22.68
N THR B 737 -7.72 -6.31 23.94
CA THR B 737 -6.39 -6.02 24.46
C THR B 737 -5.51 -7.27 24.40
N MET B 738 -5.98 -8.37 24.96
CA MET B 738 -5.22 -9.61 24.89
C MET B 738 -5.14 -10.13 23.47
N TYR B 739 -6.18 -9.91 22.65
CA TYR B 739 -6.11 -10.47 21.31
C TYR B 739 -5.03 -9.79 20.47
N ILE B 740 -4.99 -8.46 20.46
CA ILE B 740 -4.12 -7.75 19.52
C ILE B 740 -2.75 -7.46 20.15
N CYS B 741 -2.67 -7.50 21.49
CA CYS B 741 -1.43 -7.20 22.20
C CYS B 741 -1.21 -8.26 23.27
N GLY B 742 -0.49 -9.31 22.92
CA GLY B 742 -0.20 -10.33 23.92
C GLY B 742 0.65 -9.76 25.04
N ASP B 743 0.02 -9.53 26.19
CA ASP B 743 0.61 -9.03 27.43
C ASP B 743 1.77 -8.06 27.21
N SER B 744 1.57 -7.08 26.32
CA SER B 744 2.60 -6.10 26.00
C SER B 744 2.11 -4.71 26.40
N THR B 745 2.82 -4.08 27.33
CA THR B 745 2.43 -2.76 27.79
C THR B 745 2.50 -1.72 26.67
N GLU B 746 3.54 -1.80 25.83
CA GLU B 746 3.68 -0.84 24.74
C GLU B 746 2.55 -0.98 23.72
N CYS B 747 2.20 -2.20 23.34
CA CYS B 747 1.09 -2.39 22.41
C CYS B 747 -0.22 -1.95 23.05
N SER B 748 -0.39 -2.18 24.34
CA SER B 748 -1.60 -1.70 25.01
C SER B 748 -1.66 -0.18 24.98
N ASN B 749 -0.54 0.49 25.23
CA ASN B 749 -0.52 1.95 25.19
C ASN B 749 -0.83 2.48 23.79
N LEU B 750 -0.27 1.83 22.76
CA LEU B 750 -0.57 2.24 21.40
C LEU B 750 -2.05 2.04 21.06
N LEU B 751 -2.62 0.91 21.49
CA LEU B 751 -4.04 0.69 21.31
C LEU B 751 -4.86 1.76 22.00
N LEU B 752 -4.39 2.24 23.15
CA LEU B 752 -5.11 3.29 23.88
C LEU B 752 -5.28 4.57 23.06
N GLN B 753 -4.39 4.84 22.11
CA GLN B 753 -4.48 6.05 21.32
C GLN B 753 -5.61 6.04 20.30
N TYR B 754 -6.25 4.89 20.07
CA TYR B 754 -7.30 4.78 19.06
C TYR B 754 -8.68 5.09 19.62
N GLY B 755 -8.77 5.51 20.87
CA GLY B 755 -10.05 5.84 21.44
C GLY B 755 -10.85 4.60 21.83
N SER B 756 -12.16 4.76 21.81
CA SER B 756 -13.08 3.69 22.20
C SER B 756 -13.38 2.75 21.06
N PHE B 757 -12.36 2.09 20.52
CA PHE B 757 -12.59 1.02 19.56
C PHE B 757 -12.63 -0.35 20.21
N CYS B 758 -12.60 -0.41 21.55
CA CYS B 758 -12.74 -1.65 22.30
C CYS B 758 -14.06 -1.76 23.04
N THR B 759 -14.52 -0.66 23.65
CA THR B 759 -15.77 -0.71 24.41
C THR B 759 -16.94 -1.07 23.52
N GLN B 760 -16.96 -0.55 22.30
CA GLN B 760 -18.03 -0.90 21.36
C GLN B 760 -18.03 -2.40 21.08
N LEU B 761 -16.85 -2.98 20.87
CA LEU B 761 -16.77 -4.42 20.60
C LEU B 761 -17.29 -5.22 21.79
N LYS B 762 -16.85 -4.86 23.00
CA LYS B 762 -17.30 -5.60 24.18
C LYS B 762 -18.80 -5.46 24.39
N ARG B 763 -19.34 -4.26 24.16
CA ARG B 763 -20.77 -4.05 24.27
C ARG B 763 -21.54 -4.88 23.26
N ALA B 764 -21.05 -4.97 22.03
CA ALA B 764 -21.72 -5.77 21.02
C ALA B 764 -21.75 -7.24 21.43
N LEU B 765 -20.63 -7.76 21.91
CA LEU B 765 -20.61 -9.16 22.33
C LEU B 765 -21.54 -9.41 23.50
N THR B 766 -21.59 -8.48 24.47
CA THR B 766 -22.50 -8.63 25.61
C THR B 766 -23.95 -8.63 25.16
N GLY B 767 -24.30 -7.74 24.23
CA GLY B 767 -25.65 -7.73 23.71
C GLY B 767 -26.02 -9.03 23.03
N ILE B 768 -25.09 -9.58 22.24
CA ILE B 768 -25.36 -10.86 21.58
C ILE B 768 -25.63 -11.95 22.61
N ALA B 769 -24.82 -12.00 23.67
CA ALA B 769 -25.02 -13.05 24.68
C ALA B 769 -26.37 -12.93 25.36
N VAL B 770 -26.74 -11.72 25.80
CA VAL B 770 -28.02 -11.53 26.46
C VAL B 770 -29.16 -11.88 25.52
N GLU B 771 -29.01 -11.53 24.24
CA GLU B 771 -30.04 -11.85 23.26
C GLU B 771 -30.24 -13.36 23.11
N GLN B 772 -29.14 -14.12 23.12
CA GLN B 772 -29.27 -15.58 23.05
C GLN B 772 -30.03 -16.13 24.25
N ASP B 773 -29.71 -15.63 25.44
CA ASP B 773 -30.42 -16.07 26.64
C ASP B 773 -31.92 -15.78 26.51
N LYS B 774 -32.27 -14.57 26.06
CA LYS B 774 -33.66 -14.22 25.86
C LYS B 774 -34.34 -15.13 24.84
N ASN B 775 -33.63 -15.46 23.76
CA ASN B 775 -34.19 -16.35 22.74
C ASN B 775 -34.62 -17.67 23.36
N THR B 776 -33.71 -18.32 24.07
CA THR B 776 -34.06 -19.63 24.61
C THR B 776 -35.16 -19.52 25.65
N GLN B 777 -35.16 -18.46 26.45
CA GLN B 777 -36.20 -18.27 27.44
C GLN B 777 -37.57 -18.13 26.78
N GLU B 778 -37.66 -17.28 25.75
CA GLU B 778 -38.93 -17.07 25.07
C GLU B 778 -39.43 -18.36 24.43
N VAL B 779 -38.55 -19.11 23.78
CA VAL B 779 -39.00 -20.30 23.07
C VAL B 779 -39.52 -21.36 24.06
N PHE B 780 -38.81 -21.57 25.17
CA PHE B 780 -39.15 -22.73 25.98
C PHE B 780 -40.02 -22.41 27.20
N ALA B 781 -39.73 -21.33 27.92
CA ALA B 781 -40.47 -21.05 29.16
C ALA B 781 -41.87 -20.54 28.86
N GLN B 782 -42.73 -21.40 28.30
CA GLN B 782 -44.07 -21.01 27.91
C GLN B 782 -45.12 -21.28 28.98
N VAL B 783 -44.87 -22.23 29.89
CA VAL B 783 -45.82 -22.57 30.94
C VAL B 783 -45.19 -22.21 32.28
N LYS B 784 -45.91 -21.43 33.07
CA LYS B 784 -45.40 -21.03 34.38
C LYS B 784 -45.41 -22.21 35.36
N GLN B 785 -46.30 -23.17 35.12
CA GLN B 785 -46.59 -24.23 36.08
C GLN B 785 -46.28 -25.58 35.47
N ILE B 786 -45.35 -26.32 36.09
CA ILE B 786 -44.87 -27.57 35.51
C ILE B 786 -45.78 -28.71 35.97
N TYR B 787 -46.25 -29.51 35.03
CA TYR B 787 -47.08 -30.67 35.30
C TYR B 787 -46.24 -31.93 35.20
N LYS B 788 -46.82 -33.03 35.68
CA LYS B 788 -46.19 -34.34 35.54
C LYS B 788 -47.21 -35.34 35.02
N THR B 789 -46.76 -36.25 34.16
CA THR B 789 -47.64 -37.23 33.56
C THR B 789 -48.16 -38.20 34.61
N PRO B 790 -49.35 -38.76 34.41
CA PRO B 790 -49.88 -39.73 35.36
C PRO B 790 -49.00 -40.96 35.41
N PRO B 791 -48.95 -41.65 36.55
CA PRO B 791 -48.05 -42.82 36.66
C PRO B 791 -48.36 -43.92 35.66
N ILE B 792 -49.62 -44.15 35.35
CA ILE B 792 -50.02 -45.16 34.39
C ILE B 792 -50.08 -44.51 33.00
N LYS B 793 -49.71 -45.28 31.98
CA LYS B 793 -49.72 -44.79 30.59
C LYS B 793 -50.68 -45.65 29.79
N TYR B 794 -51.97 -45.31 29.86
CA TYR B 794 -53.00 -45.88 28.99
C TYR B 794 -53.90 -44.72 28.59
N PHE B 795 -53.58 -44.08 27.48
CA PHE B 795 -54.40 -42.99 26.93
C PHE B 795 -55.28 -43.49 25.79
N GLY B 796 -56.12 -44.47 26.11
CA GLY B 796 -57.07 -44.98 25.15
C GLY B 796 -56.49 -45.86 24.08
N GLY B 797 -55.31 -46.43 24.32
CA GLY B 797 -54.65 -47.28 23.34
C GLY B 797 -53.53 -46.60 22.58
N PHE B 798 -53.32 -45.31 22.78
CA PHE B 798 -52.25 -44.61 22.10
C PHE B 798 -50.92 -44.84 22.83
N ASN B 799 -49.87 -45.09 22.07
CA ASN B 799 -48.51 -45.04 22.59
C ASN B 799 -47.99 -43.62 22.65
N PHE B 800 -47.28 -43.29 23.73
CA PHE B 800 -46.54 -42.05 23.87
C PHE B 800 -45.17 -42.28 24.50
N SER B 801 -44.73 -43.53 24.61
CA SER B 801 -43.49 -43.82 25.32
C SER B 801 -42.26 -43.38 24.54
N GLN B 802 -42.36 -43.30 23.21
CA GLN B 802 -41.22 -42.84 22.42
C GLN B 802 -40.91 -41.37 22.70
N ILE B 803 -41.92 -40.58 23.06
CA ILE B 803 -41.72 -39.16 23.33
C ILE B 803 -41.75 -38.83 24.81
N LEU B 804 -42.27 -39.71 25.67
CA LEU B 804 -42.32 -39.45 27.09
C LEU B 804 -40.94 -39.63 27.72
N PRO B 805 -40.69 -38.99 28.85
CA PRO B 805 -39.37 -39.11 29.50
C PRO B 805 -39.07 -40.56 29.90
N ASP B 806 -37.78 -40.90 29.86
CA ASP B 806 -37.33 -42.24 30.21
C ASP B 806 -36.63 -42.19 31.55
N PRO B 807 -37.24 -42.66 32.64
CA PRO B 807 -36.57 -42.59 33.95
C PRO B 807 -35.28 -43.37 34.03
N SER B 808 -35.14 -44.46 33.26
CA SER B 808 -33.94 -45.29 33.34
C SER B 808 -32.70 -44.50 32.93
N LYS B 809 -32.80 -43.71 31.87
CA LYS B 809 -31.70 -42.85 31.48
C LYS B 809 -31.44 -41.82 32.58
N PRO B 810 -30.18 -41.54 32.92
CA PRO B 810 -29.89 -40.59 34.00
C PRO B 810 -30.16 -39.13 33.64
N SER B 811 -30.27 -38.79 32.36
CA SER B 811 -30.59 -37.43 31.95
C SER B 811 -32.08 -37.17 31.84
N LYS B 812 -32.91 -38.21 31.98
CA LYS B 812 -34.37 -38.09 31.91
C LYS B 812 -34.80 -37.48 30.57
N ARG B 813 -34.40 -38.15 29.50
CA ARG B 813 -34.71 -37.71 28.15
C ARG B 813 -35.28 -38.87 27.36
N SER B 814 -36.20 -38.54 26.45
CA SER B 814 -36.89 -39.52 25.62
C SER B 814 -35.91 -40.18 24.65
N PRO B 815 -36.26 -41.35 24.11
CA PRO B 815 -35.40 -41.95 23.08
C PRO B 815 -35.20 -41.05 21.87
N ILE B 816 -36.23 -40.32 21.46
CA ILE B 816 -36.08 -39.38 20.35
C ILE B 816 -35.09 -38.29 20.72
N GLU B 817 -35.16 -37.77 21.95
CA GLU B 817 -34.18 -36.78 22.38
C GLU B 817 -32.77 -37.36 22.42
N ASP B 818 -32.64 -38.62 22.82
CA ASP B 818 -31.32 -39.25 22.84
C ASP B 818 -30.74 -39.36 21.44
N LEU B 819 -31.56 -39.73 20.45
CA LEU B 819 -31.05 -39.75 19.08
C LEU B 819 -30.62 -38.37 18.62
N LEU B 820 -31.40 -37.34 18.93
CA LEU B 820 -31.04 -35.99 18.52
C LEU B 820 -29.74 -35.53 19.16
N PHE B 821 -29.54 -35.84 20.44
CA PHE B 821 -28.31 -35.44 21.10
C PHE B 821 -27.11 -36.26 20.65
N ASN B 822 -27.33 -37.49 20.18
CA ASN B 822 -26.22 -38.29 19.68
C ASN B 822 -25.85 -37.96 18.24
N LYS B 823 -26.79 -37.44 17.45
CA LYS B 823 -26.53 -37.14 16.04
C LYS B 823 -25.95 -35.75 15.83
N VAL B 824 -25.68 -35.00 16.89
CA VAL B 824 -25.11 -33.66 16.78
C VAL B 824 -23.83 -33.62 17.61
N THR B 825 -22.74 -33.18 16.99
CA THR B 825 -21.44 -33.08 17.63
C THR B 825 -21.04 -31.62 17.78
N LEU B 826 -20.72 -31.21 19.00
CA LEU B 826 -20.34 -29.84 19.31
C LEU B 826 -18.83 -29.74 19.42
N ALA B 827 -18.24 -28.82 18.66
CA ALA B 827 -16.80 -28.58 18.77
C ALA B 827 -16.43 -28.03 20.13
N ASP B 828 -17.19 -27.04 20.62
CA ASP B 828 -16.95 -26.41 21.91
C ASP B 828 -18.22 -26.48 22.74
N ALA B 829 -18.19 -27.26 23.82
CA ALA B 829 -19.35 -27.34 24.69
C ALA B 829 -19.50 -26.09 25.54
N GLY B 830 -18.40 -25.48 25.96
CA GLY B 830 -18.43 -24.29 26.79
C GLY B 830 -18.46 -24.55 28.28
N PHE B 831 -19.32 -25.46 28.73
CA PHE B 831 -19.42 -25.84 30.14
C PHE B 831 -18.47 -26.98 30.48
N ILE B 832 -17.21 -26.85 30.08
CA ILE B 832 -16.24 -27.92 30.24
C ILE B 832 -15.12 -27.55 31.19
N LYS B 833 -14.76 -26.26 31.31
CA LYS B 833 -13.60 -25.83 32.08
C LYS B 833 -12.37 -26.63 31.66
N GLN B 834 -12.06 -26.56 30.37
CA GLN B 834 -11.03 -27.43 29.78
C GLN B 834 -9.64 -27.06 30.29
N TYR B 835 -9.61 -25.98 31.10
CA TYR B 835 -8.33 -25.56 31.73
C TYR B 835 -7.89 -26.69 32.66
N GLY B 836 -6.60 -27.03 32.62
CA GLY B 836 -6.04 -28.11 33.41
C GLY B 836 -5.56 -29.29 32.59
N ASP B 837 -6.23 -29.61 31.48
CA ASP B 837 -5.78 -30.66 30.59
C ASP B 837 -5.01 -30.14 29.38
N CYS B 838 -4.91 -28.81 29.23
CA CYS B 838 -4.14 -28.26 28.11
C CYS B 838 -2.67 -28.63 28.21
N LEU B 839 -2.11 -28.56 29.43
CA LEU B 839 -0.72 -28.97 29.62
C LEU B 839 -0.56 -30.47 29.46
N GLY B 840 -1.58 -31.25 29.80
CA GLY B 840 -1.58 -32.69 29.65
C GLY B 840 -2.09 -33.20 28.33
N ASP B 841 -2.15 -32.32 27.31
CA ASP B 841 -2.69 -32.72 26.02
C ASP B 841 -1.83 -33.77 25.34
N ILE B 842 -0.57 -33.92 25.74
CA ILE B 842 0.36 -34.93 25.24
C ILE B 842 0.58 -34.77 23.74
N ALA B 843 -0.46 -35.01 22.95
CA ALA B 843 -0.39 -34.81 21.52
C ALA B 843 -0.50 -33.31 21.25
N ALA B 844 -0.68 -32.94 19.99
CA ALA B 844 -0.97 -31.55 19.66
C ALA B 844 -2.29 -31.14 20.32
N ARG B 845 -2.32 -29.90 20.81
CA ARG B 845 -3.50 -29.37 21.47
C ARG B 845 -4.67 -29.25 20.49
N ASP B 846 -5.88 -29.11 21.04
CA ASP B 846 -7.06 -29.01 20.21
C ASP B 846 -7.39 -27.55 19.89
N LEU B 847 -8.43 -27.37 19.07
CA LEU B 847 -8.86 -26.04 18.64
C LEU B 847 -9.30 -25.19 19.82
N ILE B 848 -9.98 -25.82 20.79
CA ILE B 848 -10.51 -25.07 21.93
C ILE B 848 -9.37 -24.47 22.74
N CYS B 849 -8.36 -25.29 23.07
CA CYS B 849 -7.23 -24.77 23.82
C CYS B 849 -6.45 -23.74 23.01
N ALA B 850 -6.30 -23.98 21.70
CA ALA B 850 -5.59 -23.03 20.86
C ALA B 850 -6.29 -21.66 20.85
N GLN B 851 -7.63 -21.67 20.78
CA GLN B 851 -8.37 -20.42 20.90
C GLN B 851 -8.20 -19.80 22.28
N LYS B 852 -8.21 -20.63 23.33
CA LYS B 852 -8.00 -20.15 24.68
C LYS B 852 -6.67 -19.44 24.83
N PHE B 853 -5.67 -19.84 24.04
CA PHE B 853 -4.34 -19.24 24.15
C PHE B 853 -4.32 -17.75 23.86
N ASN B 854 -5.34 -17.22 23.18
CA ASN B 854 -5.30 -15.84 22.69
C ASN B 854 -6.48 -15.01 23.17
N GLY B 855 -7.18 -15.44 24.21
CA GLY B 855 -8.29 -14.66 24.71
C GLY B 855 -9.61 -14.90 24.04
N LEU B 856 -9.76 -16.01 23.32
CA LEU B 856 -10.98 -16.34 22.60
C LEU B 856 -11.75 -17.35 23.45
N THR B 857 -12.75 -16.88 24.18
CA THR B 857 -13.44 -17.72 25.16
C THR B 857 -14.91 -17.90 24.80
N VAL B 858 -15.56 -18.84 25.49
CA VAL B 858 -16.96 -19.19 25.25
C VAL B 858 -17.63 -19.31 26.61
N LEU B 859 -18.76 -18.63 26.79
CA LEU B 859 -19.52 -18.68 28.02
C LEU B 859 -20.61 -19.76 27.94
N PRO B 860 -21.02 -20.31 29.07
CA PRO B 860 -22.03 -21.37 29.05
C PRO B 860 -23.44 -20.79 29.10
N PRO B 861 -24.41 -21.46 28.49
CA PRO B 861 -25.78 -20.96 28.51
C PRO B 861 -26.37 -21.00 29.90
N LEU B 862 -27.33 -20.11 30.16
CA LEU B 862 -27.95 -20.02 31.47
C LEU B 862 -28.77 -21.27 31.78
N LEU B 863 -29.64 -21.67 30.86
CA LEU B 863 -30.48 -22.84 31.06
C LEU B 863 -29.76 -24.08 30.58
N THR B 864 -29.40 -24.97 31.49
CA THR B 864 -28.73 -26.20 31.13
C THR B 864 -29.65 -27.08 30.29
N ASP B 865 -29.04 -27.88 29.41
CA ASP B 865 -29.81 -28.74 28.53
C ASP B 865 -30.58 -29.82 29.30
N GLU B 866 -30.27 -30.02 30.57
CA GLU B 866 -31.03 -30.98 31.37
C GLU B 866 -32.41 -30.45 31.73
N MET B 867 -32.51 -29.18 32.09
CA MET B 867 -33.77 -28.61 32.55
C MET B 867 -34.62 -28.01 31.43
N ILE B 868 -34.02 -27.73 30.27
CA ILE B 868 -34.82 -27.48 29.08
C ILE B 868 -35.63 -28.73 28.74
N ALA B 869 -35.03 -29.90 28.92
CA ALA B 869 -35.77 -31.15 28.77
C ALA B 869 -36.92 -31.23 29.76
N GLN B 870 -36.74 -30.69 30.97
CA GLN B 870 -37.83 -30.66 31.95
C GLN B 870 -38.95 -29.73 31.50
N TYR B 871 -38.60 -28.58 30.93
CA TYR B 871 -39.61 -27.69 30.34
C TYR B 871 -40.42 -28.42 29.27
N THR B 872 -39.73 -29.10 28.34
CA THR B 872 -40.45 -29.80 27.28
C THR B 872 -41.29 -30.94 27.85
N SER B 873 -40.80 -31.61 28.90
CA SER B 873 -41.57 -32.67 29.52
C SER B 873 -42.86 -32.15 30.12
N ALA B 874 -42.80 -31.01 30.83
CA ALA B 874 -44.02 -30.42 31.36
C ALA B 874 -44.97 -30.00 30.24
N LEU B 875 -44.43 -29.37 29.20
CA LEU B 875 -45.24 -28.91 28.08
C LEU B 875 -45.93 -30.08 27.39
N LEU B 876 -45.26 -31.23 27.33
CA LEU B 876 -45.79 -32.37 26.60
C LEU B 876 -46.77 -33.17 27.47
N ALA B 877 -46.53 -33.21 28.78
CA ALA B 877 -47.47 -33.90 29.67
C ALA B 877 -48.70 -33.05 29.97
N GLY B 878 -48.65 -31.75 29.70
CA GLY B 878 -49.83 -30.93 29.90
C GLY B 878 -50.81 -31.01 28.74
N THR B 879 -50.30 -31.28 27.53
CA THR B 879 -51.11 -31.24 26.32
C THR B 879 -51.74 -32.58 25.96
N ILE B 880 -51.49 -33.64 26.74
CA ILE B 880 -52.09 -34.94 26.48
C ILE B 880 -52.97 -35.42 27.62
N THR B 881 -53.09 -34.66 28.70
CA THR B 881 -54.00 -34.99 29.79
C THR B 881 -54.99 -33.88 30.11
N SER B 882 -54.89 -32.72 29.44
CA SER B 882 -55.81 -31.62 29.70
C SER B 882 -56.24 -30.90 28.43
N GLY B 883 -55.89 -31.39 27.25
CA GLY B 883 -56.28 -30.71 26.04
C GLY B 883 -55.49 -29.43 25.84
N TRP B 884 -56.14 -28.44 25.23
CA TRP B 884 -55.54 -27.13 25.03
C TRP B 884 -55.87 -26.15 26.15
N THR B 885 -56.59 -26.60 27.18
CA THR B 885 -57.09 -25.67 28.19
C THR B 885 -55.97 -25.14 29.07
N PHE B 886 -54.85 -25.86 29.15
CA PHE B 886 -53.74 -25.40 29.98
C PHE B 886 -53.04 -24.18 29.39
N GLY B 887 -53.26 -23.90 28.11
CA GLY B 887 -52.62 -22.75 27.49
C GLY B 887 -53.39 -21.45 27.62
N ALA B 888 -54.68 -21.53 27.95
CA ALA B 888 -55.52 -20.36 28.10
C ALA B 888 -55.70 -19.93 29.54
N GLY B 889 -56.15 -20.83 30.41
CA GLY B 889 -56.32 -20.53 31.81
C GLY B 889 -55.86 -21.68 32.68
N PRO B 890 -56.74 -22.14 33.57
CA PRO B 890 -56.42 -23.32 34.38
C PRO B 890 -56.39 -24.58 33.51
N ALA B 891 -55.80 -25.64 34.05
CA ALA B 891 -55.74 -26.92 33.35
C ALA B 891 -56.92 -27.78 33.77
N LEU B 892 -57.77 -28.13 32.81
CA LEU B 892 -58.94 -28.97 33.06
C LEU B 892 -58.76 -30.29 32.31
N GLN B 893 -58.83 -31.40 33.04
CA GLN B 893 -58.50 -32.69 32.46
C GLN B 893 -59.64 -33.22 31.60
N ILE B 894 -59.29 -34.02 30.60
CA ILE B 894 -60.25 -34.65 29.69
C ILE B 894 -59.64 -35.95 29.19
N PRO B 895 -60.44 -37.00 28.99
CA PRO B 895 -59.91 -38.23 28.40
C PRO B 895 -59.35 -37.99 26.99
N PHE B 896 -58.27 -38.71 26.69
CA PHE B 896 -57.65 -38.56 25.38
C PHE B 896 -58.57 -38.90 24.20
N PRO B 897 -59.40 -39.94 24.25
CA PRO B 897 -60.37 -40.12 23.16
C PRO B 897 -61.28 -38.90 22.97
N MET B 898 -61.65 -38.22 24.06
CA MET B 898 -62.47 -37.02 23.93
C MET B 898 -61.68 -35.89 23.29
N GLN B 899 -60.42 -35.72 23.69
CA GLN B 899 -59.60 -34.70 23.08
C GLN B 899 -59.44 -34.95 21.59
N MET B 900 -59.19 -36.20 21.20
CA MET B 900 -59.05 -36.52 19.79
C MET B 900 -60.36 -36.32 19.04
N ALA B 901 -61.49 -36.61 19.69
CA ALA B 901 -62.77 -36.34 19.04
C ALA B 901 -62.96 -34.85 18.79
N TYR B 902 -62.59 -34.01 19.75
CA TYR B 902 -62.68 -32.57 19.54
C TYR B 902 -61.77 -32.11 18.40
N ARG B 903 -60.55 -32.64 18.36
CA ARG B 903 -59.62 -32.26 17.29
C ARG B 903 -60.14 -32.72 15.93
N PHE B 904 -60.78 -33.89 15.87
CA PHE B 904 -61.42 -34.33 14.63
C PHE B 904 -62.55 -33.39 14.23
N ASN B 905 -63.38 -33.02 15.21
CA ASN B 905 -64.50 -32.13 14.93
C ASN B 905 -64.04 -30.75 14.49
N GLY B 906 -62.83 -30.35 14.87
CA GLY B 906 -62.33 -29.04 14.45
C GLY B 906 -61.93 -28.93 12.99
N ILE B 907 -61.75 -30.04 12.28
CA ILE B 907 -61.34 -30.02 10.89
C ILE B 907 -62.48 -30.34 9.93
N GLY B 908 -63.71 -30.46 10.44
CA GLY B 908 -64.87 -30.62 9.60
C GLY B 908 -65.42 -32.02 9.46
N VAL B 909 -64.91 -32.98 10.25
CA VAL B 909 -65.41 -34.36 10.23
C VAL B 909 -65.93 -34.68 11.62
N THR B 910 -67.09 -35.31 11.68
CA THR B 910 -67.81 -35.48 12.94
C THR B 910 -67.11 -36.48 13.85
N GLN B 911 -67.53 -36.48 15.12
CA GLN B 911 -66.92 -37.35 16.13
C GLN B 911 -67.24 -38.81 15.89
N ASN B 912 -68.33 -39.08 15.17
CA ASN B 912 -68.75 -40.46 14.91
C ASN B 912 -67.64 -41.26 14.26
N VAL B 913 -66.86 -40.64 13.37
CA VAL B 913 -65.81 -41.37 12.66
C VAL B 913 -64.76 -41.89 13.64
N LEU B 914 -64.30 -41.03 14.55
CA LEU B 914 -63.32 -41.46 15.54
C LEU B 914 -63.91 -42.50 16.49
N TYR B 915 -65.12 -42.26 16.99
CA TYR B 915 -65.67 -43.24 17.91
C TYR B 915 -66.00 -44.56 17.24
N GLU B 916 -66.02 -44.60 15.91
CA GLU B 916 -66.17 -45.86 15.19
C GLU B 916 -64.85 -46.56 14.90
N ASN B 917 -63.80 -45.84 14.53
CA ASN B 917 -62.53 -46.48 14.18
C ASN B 917 -61.39 -46.01 15.07
N GLN B 918 -61.67 -45.93 16.38
CA GLN B 918 -60.65 -45.66 17.38
C GLN B 918 -59.46 -46.61 17.27
N LYS B 919 -59.72 -47.91 17.11
CA LYS B 919 -58.61 -48.86 17.04
C LYS B 919 -57.73 -48.61 15.82
N LEU B 920 -58.34 -48.36 14.66
CA LEU B 920 -57.56 -48.14 13.45
C LEU B 920 -56.75 -46.86 13.56
N ILE B 921 -57.34 -45.79 14.09
CA ILE B 921 -56.57 -44.55 14.21
C ILE B 921 -55.43 -44.71 15.21
N ALA B 922 -55.65 -45.44 16.31
CA ALA B 922 -54.58 -45.68 17.25
C ALA B 922 -53.44 -46.48 16.63
N ASN B 923 -53.78 -47.50 15.84
CA ASN B 923 -52.74 -48.29 15.18
C ASN B 923 -51.94 -47.45 14.21
N GLN B 924 -52.61 -46.60 13.43
CA GLN B 924 -51.89 -45.74 12.50
C GLN B 924 -50.97 -44.77 13.23
N PHE B 925 -51.45 -44.20 14.33
CA PHE B 925 -50.61 -43.30 15.13
C PHE B 925 -49.36 -44.02 15.63
N ASN B 926 -49.54 -45.23 16.17
CA ASN B 926 -48.39 -45.98 16.69
C ASN B 926 -47.40 -46.31 15.59
N SER B 927 -47.89 -46.72 14.42
CA SER B 927 -46.99 -47.04 13.32
C SER B 927 -46.19 -45.82 12.88
N ALA B 928 -46.84 -44.67 12.74
CA ALA B 928 -46.11 -43.47 12.33
C ALA B 928 -45.07 -43.07 13.37
N ILE B 929 -45.44 -43.10 14.65
CA ILE B 929 -44.50 -42.74 15.71
C ILE B 929 -43.31 -43.69 15.66
N GLY B 930 -43.54 -44.98 15.44
CA GLY B 930 -42.45 -45.91 15.36
C GLY B 930 -41.52 -45.64 14.19
N LYS B 931 -42.09 -45.32 13.02
CA LYS B 931 -41.25 -45.21 11.83
C LYS B 931 -40.49 -43.90 11.73
N ILE B 932 -40.94 -42.83 12.40
CA ILE B 932 -40.12 -41.62 12.37
C ILE B 932 -38.77 -41.84 13.05
N GLN B 933 -38.71 -42.73 14.03
CA GLN B 933 -37.45 -43.04 14.70
C GLN B 933 -36.44 -43.59 13.70
N ASP B 934 -36.86 -44.57 12.89
CA ASP B 934 -35.97 -45.11 11.87
C ASP B 934 -35.66 -44.08 10.80
N SER B 935 -36.62 -43.21 10.46
CA SER B 935 -36.34 -42.18 9.47
C SER B 935 -35.23 -41.25 9.92
N LEU B 936 -35.21 -40.87 11.20
CA LEU B 936 -34.11 -40.06 11.72
C LEU B 936 -32.84 -40.86 11.96
N PHE B 937 -32.95 -42.15 12.26
CA PHE B 937 -31.76 -42.96 12.52
C PHE B 937 -30.98 -43.23 11.25
N SER B 938 -31.67 -43.63 10.18
CA SER B 938 -31.00 -44.10 8.98
C SER B 938 -30.56 -42.99 8.03
N THR B 939 -31.12 -41.78 8.18
CA THR B 939 -30.75 -40.70 7.29
C THR B 939 -29.31 -40.27 7.54
N PRO B 940 -28.60 -39.82 6.49
CA PRO B 940 -27.23 -39.30 6.68
C PRO B 940 -27.20 -38.11 7.61
N SER B 941 -27.94 -37.06 7.25
CA SER B 941 -28.05 -35.88 8.12
C SER B 941 -29.35 -35.16 7.77
N ALA B 942 -30.39 -35.39 8.57
CA ALA B 942 -31.61 -34.62 8.48
C ALA B 942 -31.60 -33.39 9.37
N LEU B 943 -30.62 -33.29 10.27
CA LEU B 943 -30.45 -32.14 11.16
C LEU B 943 -29.41 -31.16 10.67
N GLY B 944 -29.35 -30.95 9.35
CA GLY B 944 -28.33 -30.11 8.76
C GLY B 944 -28.36 -28.67 9.22
N LYS B 945 -29.52 -28.18 9.66
CA LYS B 945 -29.63 -26.79 10.07
C LYS B 945 -28.83 -26.51 11.35
N LEU B 946 -29.01 -27.34 12.37
CA LEU B 946 -28.29 -27.16 13.62
C LEU B 946 -26.79 -27.34 13.43
N GLN B 947 -26.38 -28.36 12.68
CA GLN B 947 -24.96 -28.56 12.42
C GLN B 947 -24.37 -27.42 11.61
N ASP B 948 -25.12 -26.90 10.64
CA ASP B 948 -24.66 -25.76 9.87
C ASP B 948 -24.47 -24.55 10.78
N VAL B 949 -25.39 -24.32 11.71
CA VAL B 949 -25.24 -23.23 12.66
C VAL B 949 -24.00 -23.42 13.50
N VAL B 950 -23.78 -24.66 13.98
CA VAL B 950 -22.66 -24.95 14.87
C VAL B 950 -21.31 -24.74 14.16
N ASN B 951 -21.21 -25.22 12.93
CA ASN B 951 -19.93 -25.21 12.21
C ASN B 951 -19.43 -23.81 11.91
N HIS B 952 -20.36 -22.88 11.63
CA HIS B 952 -19.95 -21.54 11.23
C HIS B 952 -19.24 -20.79 12.34
N ASN B 953 -19.70 -20.91 13.58
CA ASN B 953 -19.03 -20.25 14.69
C ASN B 953 -17.61 -20.77 14.86
N ALA B 954 -17.44 -22.09 14.78
CA ALA B 954 -16.11 -22.67 14.89
C ALA B 954 -15.19 -22.20 13.77
N GLN B 955 -15.67 -22.15 12.54
CA GLN B 955 -14.83 -21.65 11.45
C GLN B 955 -14.48 -20.18 11.63
N ALA B 956 -15.44 -19.35 12.02
CA ALA B 956 -15.20 -17.92 12.26
C ALA B 956 -14.27 -17.65 13.43
N LEU B 957 -14.19 -18.57 14.39
CA LEU B 957 -13.18 -18.46 15.44
C LEU B 957 -11.81 -18.96 14.99
N ASN B 958 -11.76 -20.04 14.22
CA ASN B 958 -10.48 -20.55 13.74
C ASN B 958 -9.79 -19.53 12.86
N THR B 959 -10.52 -18.86 11.96
CA THR B 959 -9.87 -17.87 11.10
C THR B 959 -9.32 -16.71 11.92
N LEU B 960 -10.07 -16.26 12.92
CA LEU B 960 -9.60 -15.17 13.77
C LEU B 960 -8.32 -15.55 14.50
N VAL B 961 -8.30 -16.75 15.09
CA VAL B 961 -7.11 -17.17 15.82
C VAL B 961 -5.92 -17.41 14.90
N LYS B 962 -6.14 -17.93 13.69
CA LYS B 962 -5.05 -18.19 12.76
C LYS B 962 -4.65 -16.96 11.97
N GLN B 963 -5.32 -15.82 12.18
CA GLN B 963 -4.90 -14.57 11.57
C GLN B 963 -3.93 -13.79 12.45
N LEU B 964 -3.10 -14.48 13.23
CA LEU B 964 -2.08 -13.84 14.05
C LEU B 964 -0.68 -14.09 13.55
N SER B 965 -0.52 -14.91 12.51
CA SER B 965 0.79 -15.23 11.96
C SER B 965 1.06 -14.44 10.69
N SER B 966 0.16 -13.53 10.34
CA SER B 966 0.29 -12.72 9.14
C SER B 966 1.03 -11.44 9.45
N LYS B 967 2.00 -11.11 8.58
CA LYS B 967 2.89 -9.99 8.79
C LYS B 967 2.22 -8.64 8.63
N PHE B 968 1.19 -8.54 7.79
CA PHE B 968 0.47 -7.29 7.55
C PHE B 968 1.38 -6.19 7.01
N GLY B 969 2.43 -6.55 6.29
CA GLY B 969 3.38 -5.60 5.77
C GLY B 969 4.56 -5.31 6.68
N ALA B 970 4.56 -5.82 7.91
CA ALA B 970 5.66 -5.60 8.83
C ALA B 970 6.81 -6.54 8.53
N ILE B 971 7.78 -6.64 9.44
CA ILE B 971 8.92 -7.52 9.27
C ILE B 971 8.72 -8.87 9.95
N SER B 972 7.96 -8.94 11.03
CA SER B 972 7.73 -10.20 11.73
C SER B 972 6.31 -10.20 12.28
N SER B 973 5.78 -11.41 12.46
CA SER B 973 4.40 -11.58 12.88
C SER B 973 4.26 -11.83 14.37
N VAL B 974 5.35 -11.82 15.13
CA VAL B 974 5.32 -12.07 16.56
C VAL B 974 5.80 -10.81 17.26
N LEU B 975 5.03 -10.34 18.26
CA LEU B 975 5.38 -9.12 18.96
C LEU B 975 6.34 -9.41 20.11
N ASN B 976 7.41 -10.14 19.84
CA ASN B 976 8.38 -10.44 20.89
C ASN B 976 9.80 -10.13 20.42
N ASP B 977 10.11 -10.44 19.16
CA ASP B 977 11.40 -10.07 18.58
C ASP B 977 11.34 -8.67 17.99
N ILE B 978 10.14 -8.22 17.61
CA ILE B 978 9.94 -6.87 17.10
C ILE B 978 10.40 -5.87 18.16
N LEU B 979 10.22 -6.23 19.44
CA LEU B 979 10.68 -5.43 20.55
C LEU B 979 11.99 -5.94 21.12
N SER B 980 12.60 -6.95 20.49
CA SER B 980 13.98 -7.31 20.75
C SER B 980 14.90 -6.97 19.58
N ARG B 981 14.38 -6.81 18.37
CA ARG B 981 15.15 -6.33 17.23
C ARG B 981 15.31 -4.83 17.20
N LEU B 982 14.27 -4.07 17.59
CA LEU B 982 14.17 -2.66 17.26
C LEU B 982 13.91 -1.87 18.54
N ASP B 983 14.61 -0.73 18.69
CA ASP B 983 14.35 0.15 19.86
C ASP B 983 12.90 0.62 19.80
N PRO B 984 12.26 1.02 20.92
CA PRO B 984 10.84 1.39 20.92
C PRO B 984 10.38 2.23 19.71
N PRO B 985 11.00 3.38 19.37
CA PRO B 985 10.48 4.21 18.26
C PRO B 985 10.49 3.44 16.93
N GLU B 986 11.61 2.82 16.60
CA GLU B 986 11.71 2.03 15.35
C GLU B 986 10.73 0.86 15.40
N ALA B 987 10.66 0.17 16.55
CA ALA B 987 9.72 -0.94 16.71
C ALA B 987 8.29 -0.41 16.58
N GLU B 988 8.02 0.76 17.16
CA GLU B 988 6.65 1.35 17.11
C GLU B 988 6.19 1.45 15.66
N VAL B 989 7.05 1.95 14.77
CA VAL B 989 6.70 2.02 13.31
C VAL B 989 6.07 0.68 12.92
N GLN B 990 6.82 -0.42 13.10
CA GLN B 990 6.29 -1.79 12.79
C GLN B 990 5.14 -2.16 13.75
N ILE B 991 5.19 -1.71 15.00
CA ILE B 991 4.14 -2.16 15.94
C ILE B 991 2.85 -1.52 15.48
N ASP B 992 2.87 -0.29 15.02
CA ASP B 992 1.64 0.34 14.49
C ASP B 992 1.13 -0.44 13.28
N ARG B 993 1.99 -0.86 12.37
CA ARG B 993 1.45 -1.72 11.29
C ARG B 993 0.72 -2.93 11.89
N LEU B 994 1.41 -3.71 12.70
CA LEU B 994 0.69 -4.90 13.17
C LEU B 994 -0.61 -4.48 13.87
N ILE B 995 -0.64 -3.44 14.72
CA ILE B 995 -1.86 -3.08 15.49
C ILE B 995 -3.00 -2.69 14.57
N THR B 996 -2.79 -1.86 13.55
CA THR B 996 -3.96 -1.57 12.68
C THR B 996 -4.44 -2.86 12.05
N GLY B 997 -3.51 -3.66 11.56
CA GLY B 997 -4.06 -4.89 10.98
C GLY B 997 -4.85 -5.73 11.96
N ARG B 998 -4.39 -5.92 13.20
CA ARG B 998 -5.06 -6.85 14.13
C ARG B 998 -6.32 -6.19 14.69
N LEU B 999 -6.48 -4.88 14.57
CA LEU B 999 -7.72 -4.18 14.98
C LEU B 999 -8.75 -4.35 13.89
N GLN B 1000 -8.35 -4.46 12.62
CA GLN B 1000 -9.41 -4.81 11.63
C GLN B 1000 -9.91 -6.24 11.90
N SER B 1001 -9.17 -7.31 11.65
CA SER B 1001 -9.68 -8.68 11.80
C SER B 1001 -10.76 -8.73 12.87
N LEU B 1002 -10.52 -8.08 14.01
CA LEU B 1002 -11.49 -8.09 15.09
C LEU B 1002 -12.80 -7.40 14.69
N GLN B 1003 -12.70 -6.27 13.99
CA GLN B 1003 -13.89 -5.57 13.55
C GLN B 1003 -14.72 -6.42 12.60
N THR B 1004 -14.05 -7.10 11.66
CA THR B 1004 -14.76 -7.99 10.74
C THR B 1004 -15.48 -9.10 11.50
N TYR B 1005 -14.79 -9.71 12.47
CA TYR B 1005 -15.42 -10.75 13.28
C TYR B 1005 -16.68 -10.23 13.95
N VAL B 1006 -16.59 -9.06 14.58
CA VAL B 1006 -17.73 -8.53 15.31
C VAL B 1006 -18.89 -8.24 14.37
N THR B 1007 -18.60 -7.67 13.19
CA THR B 1007 -19.68 -7.32 12.27
C THR B 1007 -20.39 -8.57 11.75
N GLN B 1008 -19.63 -9.61 11.38
CA GLN B 1008 -20.26 -10.84 10.92
C GLN B 1008 -21.10 -11.48 12.02
N GLN B 1009 -20.61 -11.47 13.26
CA GLN B 1009 -21.42 -12.03 14.35
C GLN B 1009 -22.71 -11.24 14.54
N LEU B 1010 -22.62 -9.91 14.47
CA LEU B 1010 -23.82 -9.09 14.62
C LEU B 1010 -24.84 -9.38 13.53
N ILE B 1011 -24.38 -9.54 12.29
CA ILE B 1011 -25.29 -9.87 11.20
C ILE B 1011 -25.89 -11.27 11.39
N ARG B 1012 -25.09 -12.26 11.78
CA ARG B 1012 -25.58 -13.62 11.96
C ARG B 1012 -26.56 -13.76 13.12
N ALA B 1013 -26.48 -12.90 14.14
CA ALA B 1013 -27.40 -12.99 15.27
C ALA B 1013 -28.85 -12.72 14.89
N ALA B 1014 -29.08 -11.81 13.94
CA ALA B 1014 -30.46 -11.44 13.58
C ALA B 1014 -31.20 -12.59 12.92
N GLU B 1015 -30.50 -13.39 12.10
CA GLU B 1015 -31.15 -14.52 11.45
C GLU B 1015 -31.63 -15.54 12.48
N ILE B 1016 -30.79 -15.84 13.47
CA ILE B 1016 -31.20 -16.78 14.51
C ILE B 1016 -32.29 -16.18 15.38
N ARG B 1017 -32.28 -14.85 15.56
CA ARG B 1017 -33.39 -14.23 16.29
C ARG B 1017 -34.71 -14.39 15.55
N ALA B 1018 -34.69 -14.22 14.23
CA ALA B 1018 -35.91 -14.43 13.45
C ALA B 1018 -36.36 -15.88 13.52
N SER B 1019 -35.43 -16.82 13.45
CA SER B 1019 -35.79 -18.22 13.58
C SER B 1019 -36.38 -18.52 14.96
N ALA B 1020 -35.83 -17.90 16.01
CA ALA B 1020 -36.36 -18.11 17.35
C ALA B 1020 -37.77 -17.53 17.50
N ASN B 1021 -38.03 -16.38 16.90
CA ASN B 1021 -39.39 -15.83 16.92
C ASN B 1021 -40.36 -16.76 16.20
N LEU B 1022 -39.94 -17.30 15.05
CA LEU B 1022 -40.77 -18.25 14.34
C LEU B 1022 -41.03 -19.49 15.19
N ALA B 1023 -40.01 -19.98 15.88
CA ALA B 1023 -40.17 -21.16 16.73
C ALA B 1023 -41.14 -20.89 17.88
N ALA B 1024 -41.04 -19.71 18.50
CA ALA B 1024 -41.95 -19.37 19.58
C ALA B 1024 -43.40 -19.30 19.09
N THR B 1025 -43.61 -18.66 17.93
CA THR B 1025 -44.96 -18.59 17.38
C THR B 1025 -45.49 -19.98 17.04
N LYS B 1026 -44.66 -20.81 16.41
CA LYS B 1026 -45.09 -22.15 16.04
C LYS B 1026 -45.43 -22.97 17.27
N MET B 1027 -44.63 -22.87 18.32
CA MET B 1027 -44.92 -23.58 19.56
C MET B 1027 -46.25 -23.12 20.15
N SER B 1028 -46.42 -21.81 20.32
CA SER B 1028 -47.64 -21.29 20.92
C SER B 1028 -48.88 -21.67 20.12
N GLU B 1029 -48.81 -21.72 18.79
CA GLU B 1029 -50.00 -21.98 18.00
C GLU B 1029 -50.27 -23.47 17.80
N CYS B 1030 -49.26 -24.22 17.34
CA CYS B 1030 -49.48 -25.63 17.06
C CYS B 1030 -49.56 -26.47 18.33
N VAL B 1031 -48.71 -26.21 19.32
CA VAL B 1031 -48.71 -27.05 20.52
C VAL B 1031 -49.83 -26.68 21.47
N LEU B 1032 -50.00 -25.38 21.73
CA LEU B 1032 -51.00 -24.92 22.70
C LEU B 1032 -52.34 -24.61 22.03
N GLY B 1033 -52.86 -25.57 21.27
CA GLY B 1033 -54.07 -25.40 20.51
C GLY B 1033 -53.95 -26.12 19.19
N GLN B 1034 -54.87 -25.82 18.28
CA GLN B 1034 -54.79 -26.36 16.92
C GLN B 1034 -55.05 -25.23 15.94
N SER B 1035 -54.34 -25.24 14.82
CA SER B 1035 -54.25 -24.10 13.92
C SER B 1035 -55.03 -24.35 12.64
N LYS B 1036 -55.68 -23.31 12.13
CA LYS B 1036 -56.40 -23.38 10.86
C LYS B 1036 -55.59 -22.86 9.69
N ARG B 1037 -54.38 -22.35 9.92
CA ARG B 1037 -53.52 -21.92 8.82
C ARG B 1037 -52.95 -23.14 8.12
N VAL B 1038 -53.04 -23.15 6.80
CA VAL B 1038 -52.64 -24.33 6.03
C VAL B 1038 -51.13 -24.33 5.87
N ASP B 1039 -50.54 -25.54 5.83
CA ASP B 1039 -49.11 -25.75 5.65
C ASP B 1039 -48.27 -25.06 6.70
N PHE B 1040 -48.87 -24.62 7.81
CA PHE B 1040 -48.13 -24.04 8.92
C PHE B 1040 -47.63 -25.09 9.88
N CYS B 1041 -48.55 -25.85 10.49
CA CYS B 1041 -48.18 -26.97 11.35
C CYS B 1041 -48.31 -28.28 10.57
N GLY B 1042 -47.42 -28.44 9.59
CA GLY B 1042 -47.33 -29.68 8.85
C GLY B 1042 -48.29 -29.76 7.68
N LYS B 1043 -47.96 -30.66 6.75
CA LYS B 1043 -48.78 -30.86 5.55
C LYS B 1043 -50.02 -31.67 5.87
N GLY B 1044 -51.18 -31.15 5.48
CA GLY B 1044 -52.45 -31.78 5.77
C GLY B 1044 -53.30 -30.94 6.70
N TYR B 1045 -54.30 -31.60 7.29
CA TYR B 1045 -55.15 -30.95 8.27
C TYR B 1045 -54.57 -31.17 9.66
N HIS B 1046 -54.30 -30.08 10.38
CA HIS B 1046 -53.58 -30.18 11.63
C HIS B 1046 -54.45 -30.80 12.72
N LEU B 1047 -53.84 -31.71 13.49
CA LEU B 1047 -54.48 -32.30 14.66
C LEU B 1047 -53.73 -31.97 15.94
N MET B 1048 -52.43 -32.26 16.03
CA MET B 1048 -51.67 -32.07 17.26
C MET B 1048 -50.25 -31.65 16.91
N SER B 1049 -49.41 -31.58 17.95
CA SER B 1049 -47.98 -31.34 17.82
C SER B 1049 -47.29 -31.60 19.15
N PHE B 1050 -46.06 -32.11 19.09
CA PHE B 1050 -45.28 -32.43 20.28
C PHE B 1050 -43.90 -31.82 20.17
N PRO B 1051 -43.38 -31.20 21.23
CA PRO B 1051 -42.02 -30.65 21.17
C PRO B 1051 -40.97 -31.62 21.67
N GLN B 1052 -39.77 -31.48 21.10
CA GLN B 1052 -38.59 -32.20 21.56
C GLN B 1052 -37.42 -31.24 21.58
N SER B 1053 -36.48 -31.49 22.48
CA SER B 1053 -35.33 -30.61 22.61
C SER B 1053 -34.15 -31.14 21.80
N ALA B 1054 -33.37 -30.22 21.26
CA ALA B 1054 -32.19 -30.52 20.49
C ALA B 1054 -31.10 -29.54 20.88
N PRO B 1055 -29.84 -29.86 20.65
CA PRO B 1055 -28.76 -28.91 20.96
C PRO B 1055 -28.88 -27.65 20.13
N HIS B 1056 -29.11 -26.52 20.80
CA HIS B 1056 -29.26 -25.22 20.16
C HIS B 1056 -30.45 -25.20 19.19
N GLY B 1057 -31.54 -25.85 19.57
CA GLY B 1057 -32.70 -25.86 18.70
C GLY B 1057 -33.84 -26.64 19.33
N VAL B 1058 -34.92 -26.75 18.55
CA VAL B 1058 -36.13 -27.47 18.96
C VAL B 1058 -36.66 -28.26 17.77
N VAL B 1059 -37.39 -29.33 18.06
CA VAL B 1059 -37.91 -30.23 17.05
C VAL B 1059 -39.39 -30.46 17.32
N PHE B 1060 -40.22 -30.25 16.29
CA PHE B 1060 -41.66 -30.40 16.39
C PHE B 1060 -42.10 -31.67 15.68
N LEU B 1061 -43.18 -32.27 16.17
CA LEU B 1061 -43.74 -33.52 15.64
C LEU B 1061 -45.20 -33.27 15.28
N HIS B 1062 -45.44 -32.84 14.04
CA HIS B 1062 -46.78 -32.45 13.63
C HIS B 1062 -47.59 -33.66 13.20
N VAL B 1063 -48.69 -33.93 13.90
CA VAL B 1063 -49.61 -35.02 13.54
C VAL B 1063 -50.76 -34.41 12.73
N THR B 1064 -50.95 -34.91 11.51
CA THR B 1064 -51.92 -34.36 10.59
C THR B 1064 -52.85 -35.44 10.07
N TYR B 1065 -54.02 -35.03 9.60
CA TYR B 1065 -55.03 -35.91 9.04
C TYR B 1065 -55.02 -35.71 7.53
N VAL B 1066 -54.74 -36.79 6.79
CA VAL B 1066 -54.62 -36.74 5.34
C VAL B 1066 -55.71 -37.63 4.75
N PRO B 1067 -56.52 -37.13 3.80
CA PRO B 1067 -57.54 -37.99 3.19
C PRO B 1067 -56.95 -39.14 2.39
N ALA B 1068 -57.80 -40.01 1.87
CA ALA B 1068 -57.33 -41.24 1.25
C ALA B 1068 -58.28 -41.60 0.11
N GLN B 1069 -58.25 -42.86 -0.30
CA GLN B 1069 -58.93 -43.36 -1.50
C GLN B 1069 -60.29 -42.69 -1.71
N GLU B 1070 -60.50 -42.18 -2.92
CA GLU B 1070 -61.63 -41.36 -3.25
C GLU B 1070 -62.34 -41.91 -4.48
N LYS B 1071 -63.62 -41.58 -4.60
CA LYS B 1071 -64.44 -42.05 -5.72
C LYS B 1071 -65.24 -40.91 -6.31
N ASN B 1072 -65.19 -40.79 -7.64
CA ASN B 1072 -66.02 -39.84 -8.36
C ASN B 1072 -67.49 -40.28 -8.30
N PHE B 1073 -68.38 -39.39 -7.83
CA PHE B 1073 -69.75 -39.81 -7.60
C PHE B 1073 -70.77 -39.10 -8.49
N THR B 1074 -71.12 -37.85 -8.19
CA THR B 1074 -72.03 -36.97 -8.93
C THR B 1074 -72.26 -35.76 -8.03
N THR B 1075 -72.77 -34.65 -8.55
CA THR B 1075 -73.14 -33.55 -7.66
C THR B 1075 -74.23 -32.72 -8.30
N ALA B 1076 -74.91 -31.93 -7.46
CA ALA B 1076 -75.95 -31.00 -7.89
C ALA B 1076 -75.95 -29.80 -6.96
N PRO B 1077 -75.99 -28.58 -7.49
CA PRO B 1077 -75.90 -27.40 -6.62
C PRO B 1077 -77.02 -27.33 -5.59
N ALA B 1078 -78.23 -27.71 -5.96
CA ALA B 1078 -79.36 -27.73 -5.07
C ALA B 1078 -80.34 -28.77 -5.58
N ILE B 1079 -81.28 -29.15 -4.73
CA ILE B 1079 -82.31 -30.13 -5.09
C ILE B 1079 -83.65 -29.42 -5.03
N CYS B 1080 -84.47 -29.63 -6.05
CA CYS B 1080 -85.77 -28.96 -6.16
C CYS B 1080 -86.85 -29.99 -5.86
N HIS B 1081 -87.17 -30.14 -4.57
CA HIS B 1081 -88.21 -31.09 -4.19
C HIS B 1081 -89.57 -30.63 -4.71
N ASP B 1082 -90.04 -29.48 -4.25
CA ASP B 1082 -91.36 -28.94 -4.64
C ASP B 1082 -91.21 -27.42 -4.78
N GLY B 1083 -90.86 -26.97 -5.98
CA GLY B 1083 -90.79 -25.55 -6.26
C GLY B 1083 -89.82 -24.75 -5.41
N LYS B 1084 -89.11 -25.43 -4.51
CA LYS B 1084 -88.21 -24.76 -3.58
C LYS B 1084 -86.86 -25.45 -3.57
N ALA B 1085 -85.80 -24.65 -3.65
CA ALA B 1085 -84.46 -25.21 -3.65
C ALA B 1085 -84.05 -25.57 -2.24
N HIS B 1086 -83.59 -26.81 -2.07
CA HIS B 1086 -83.09 -27.30 -0.80
C HIS B 1086 -81.57 -27.40 -0.86
N PHE B 1087 -80.90 -27.02 0.21
CA PHE B 1087 -79.45 -27.01 0.21
C PHE B 1087 -78.90 -27.77 1.41
N PRO B 1088 -77.78 -28.47 1.25
CA PRO B 1088 -77.19 -29.16 2.40
C PRO B 1088 -76.69 -28.16 3.43
N ARG B 1089 -77.05 -28.39 4.69
CA ARG B 1089 -76.63 -27.49 5.76
C ARG B 1089 -75.12 -27.48 5.92
N GLU B 1090 -74.55 -28.62 6.33
CA GLU B 1090 -73.10 -28.83 6.20
C GLU B 1090 -72.93 -30.00 5.24
N GLY B 1091 -72.33 -29.73 4.09
CA GLY B 1091 -72.03 -30.80 3.17
C GLY B 1091 -72.47 -30.58 1.74
N VAL B 1092 -72.51 -31.66 0.98
CA VAL B 1092 -72.73 -31.61 -0.46
C VAL B 1092 -73.81 -32.63 -0.82
N PHE B 1093 -74.59 -32.29 -1.85
CA PHE B 1093 -75.52 -33.25 -2.43
C PHE B 1093 -74.75 -34.18 -3.34
N VAL B 1094 -74.69 -35.45 -2.99
CA VAL B 1094 -73.97 -36.44 -3.76
C VAL B 1094 -74.94 -37.55 -4.17
N SER B 1095 -74.74 -38.09 -5.35
CA SER B 1095 -75.59 -39.16 -5.86
C SER B 1095 -74.74 -40.39 -6.13
N ASN B 1096 -75.19 -41.54 -5.61
CA ASN B 1096 -74.58 -42.82 -5.93
C ASN B 1096 -74.53 -43.04 -7.44
N GLY B 1097 -75.55 -42.56 -8.14
CA GLY B 1097 -75.77 -42.86 -9.54
C GLY B 1097 -77.24 -43.07 -9.78
N THR B 1098 -77.97 -43.41 -8.72
CA THR B 1098 -79.41 -43.67 -8.81
C THR B 1098 -80.22 -42.90 -7.78
N HIS B 1099 -79.63 -42.62 -6.61
CA HIS B 1099 -80.34 -42.00 -5.50
C HIS B 1099 -79.52 -40.83 -4.96
N TRP B 1100 -80.21 -39.77 -4.54
CA TRP B 1100 -79.51 -38.63 -3.98
C TRP B 1100 -79.42 -38.69 -2.47
N PHE B 1101 -78.30 -38.21 -1.93
CA PHE B 1101 -77.97 -38.33 -0.52
C PHE B 1101 -77.32 -37.04 -0.06
N VAL B 1102 -76.88 -37.03 1.20
CA VAL B 1102 -76.10 -35.93 1.75
C VAL B 1102 -74.91 -36.52 2.52
N THR B 1103 -73.76 -35.86 2.42
CA THR B 1103 -72.52 -36.29 3.07
C THR B 1103 -71.77 -35.06 3.56
N GLN B 1104 -70.64 -35.30 4.20
CA GLN B 1104 -69.76 -34.23 4.65
C GLN B 1104 -68.78 -33.87 3.54
N ARG B 1105 -67.74 -33.12 3.86
CA ARG B 1105 -66.71 -32.82 2.87
C ARG B 1105 -65.55 -33.82 2.95
N ASN B 1106 -64.86 -33.86 4.09
CA ASN B 1106 -63.59 -34.57 4.20
C ASN B 1106 -63.77 -36.07 4.45
N PHE B 1107 -65.01 -36.55 4.57
CA PHE B 1107 -65.25 -37.97 4.73
C PHE B 1107 -66.59 -38.29 4.09
N TYR B 1108 -66.77 -39.55 3.71
CA TYR B 1108 -67.96 -39.97 2.97
C TYR B 1108 -68.85 -40.80 3.89
N GLU B 1109 -69.84 -40.15 4.48
CA GLU B 1109 -70.81 -40.81 5.35
C GLU B 1109 -72.18 -40.63 4.73
N PRO B 1110 -72.65 -41.61 3.97
CA PRO B 1110 -73.88 -41.41 3.19
C PRO B 1110 -75.11 -41.45 4.08
N GLN B 1111 -75.98 -40.46 3.89
CA GLN B 1111 -77.12 -40.26 4.77
C GLN B 1111 -78.35 -40.00 3.92
N ILE B 1112 -79.51 -40.41 4.44
CA ILE B 1112 -80.78 -40.12 3.79
C ILE B 1112 -81.04 -38.62 3.87
N ILE B 1113 -81.56 -38.06 2.79
CA ILE B 1113 -81.72 -36.61 2.70
C ILE B 1113 -82.93 -36.19 3.52
N THR B 1114 -82.68 -35.73 4.75
CA THR B 1114 -83.73 -35.37 5.69
C THR B 1114 -83.76 -33.86 5.88
N THR B 1115 -84.91 -33.38 6.37
CA THR B 1115 -85.11 -31.95 6.55
C THR B 1115 -84.16 -31.34 7.58
N ASP B 1116 -83.51 -32.16 8.40
CA ASP B 1116 -82.50 -31.63 9.31
C ASP B 1116 -81.19 -31.36 8.59
N ASN B 1117 -80.94 -32.03 7.47
CA ASN B 1117 -79.72 -31.77 6.71
C ASN B 1117 -79.88 -30.63 5.71
N THR B 1118 -81.10 -30.14 5.51
CA THR B 1118 -81.34 -29.15 4.48
C THR B 1118 -82.18 -27.99 5.00
N PHE B 1119 -81.84 -26.79 4.54
CA PHE B 1119 -82.62 -25.59 4.78
C PHE B 1119 -83.21 -25.14 3.44
N VAL B 1120 -84.46 -24.71 3.47
CA VAL B 1120 -85.21 -24.38 2.27
C VAL B 1120 -85.26 -22.87 2.09
N SER B 1121 -84.77 -22.40 0.95
CA SER B 1121 -84.89 -20.99 0.58
C SER B 1121 -84.63 -20.89 -0.91
N GLY B 1122 -85.64 -20.51 -1.68
CA GLY B 1122 -85.49 -20.39 -3.11
C GLY B 1122 -86.83 -20.54 -3.82
N ASN B 1123 -86.74 -20.61 -5.15
CA ASN B 1123 -87.93 -20.70 -5.98
C ASN B 1123 -87.78 -21.68 -7.15
N CYS B 1124 -86.67 -22.41 -7.24
CA CYS B 1124 -86.47 -23.43 -8.27
C CYS B 1124 -86.52 -22.85 -9.68
N ASP B 1125 -85.95 -21.66 -9.89
CA ASP B 1125 -85.83 -21.12 -11.23
C ASP B 1125 -84.51 -20.42 -11.51
N VAL B 1126 -83.61 -20.32 -10.54
CA VAL B 1126 -82.39 -19.54 -10.69
C VAL B 1126 -81.13 -20.37 -10.53
N VAL B 1127 -81.23 -21.62 -10.08
CA VAL B 1127 -80.05 -22.43 -9.82
C VAL B 1127 -79.61 -23.09 -11.12
N ILE B 1128 -78.46 -22.67 -11.64
CA ILE B 1128 -77.92 -23.25 -12.87
C ILE B 1128 -77.33 -24.61 -12.56
N GLY B 1129 -77.91 -25.66 -13.14
CA GLY B 1129 -77.47 -27.01 -12.90
C GLY B 1129 -78.29 -27.79 -11.90
N ILE B 1130 -79.44 -27.27 -11.47
CA ILE B 1130 -80.26 -27.97 -10.49
C ILE B 1130 -80.72 -29.31 -11.05
N VAL B 1131 -81.07 -30.23 -10.14
CA VAL B 1131 -81.49 -31.58 -10.50
C VAL B 1131 -82.76 -31.90 -9.72
N ASN B 1132 -83.30 -33.09 -9.95
CA ASN B 1132 -84.60 -33.48 -9.44
C ASN B 1132 -84.52 -34.73 -8.56
N ASN B 1133 -85.14 -34.65 -7.39
CA ASN B 1133 -85.35 -35.79 -6.49
C ASN B 1133 -86.28 -35.31 -5.38
N THR B 1134 -86.47 -36.16 -4.38
CA THR B 1134 -87.34 -35.85 -3.25
C THR B 1134 -86.52 -35.63 -1.98
N VAL B 1135 -87.09 -34.87 -1.04
CA VAL B 1135 -86.48 -34.69 0.26
C VAL B 1135 -87.37 -35.38 1.30
N TYR B 1136 -86.80 -35.61 2.48
CA TYR B 1136 -87.49 -36.32 3.55
C TYR B 1136 -87.54 -35.45 4.80
N ASP B 1137 -88.55 -35.72 5.63
CA ASP B 1137 -88.77 -35.03 6.89
C ASP B 1137 -89.36 -35.98 7.91
N PRO B 1138 -88.84 -36.01 9.14
CA PRO B 1138 -89.37 -36.93 10.15
C PRO B 1138 -90.64 -36.46 10.82
N LEU B 1139 -91.14 -35.27 10.48
CA LEU B 1139 -92.29 -34.69 11.18
C LEU B 1139 -93.62 -35.09 10.57
N GLN B 1140 -93.68 -35.33 9.26
CA GLN B 1140 -94.94 -35.72 8.64
C GLN B 1140 -95.31 -37.15 8.97
N LEU B 1141 -94.32 -38.03 9.08
CA LEU B 1141 -94.59 -39.44 9.40
C LEU B 1141 -95.23 -39.58 10.77
N GLU B 1142 -94.71 -38.87 11.76
CA GLU B 1142 -95.21 -38.95 13.12
C GLU B 1142 -96.34 -37.95 13.35
N THR C 26 11.25 14.75 69.31
CA THR C 26 11.18 13.49 68.57
C THR C 26 9.81 13.33 67.90
N THR C 27 9.50 12.09 67.52
CA THR C 27 8.24 11.81 66.84
C THR C 27 7.92 10.33 66.98
N THR C 28 6.66 10.00 66.73
CA THR C 28 6.18 8.63 66.71
C THR C 28 5.87 8.23 65.27
N GLN C 29 5.42 6.99 65.09
CA GLN C 29 5.05 6.48 63.77
C GLN C 29 3.75 5.69 63.84
N SER C 30 2.74 6.27 64.51
CA SER C 30 1.42 5.67 64.52
C SER C 30 0.81 5.69 63.12
N TYR C 31 -0.06 4.72 62.86
CA TYR C 31 -0.71 4.57 61.56
C TYR C 31 -2.18 4.94 61.66
N THR C 32 -2.68 5.60 60.62
CA THR C 32 -4.06 6.04 60.57
C THR C 32 -4.62 5.80 59.18
N ASN C 33 -5.88 6.13 58.98
CA ASN C 33 -6.54 6.01 57.69
C ASN C 33 -6.85 7.39 57.13
N SER C 34 -6.62 7.55 55.82
CA SER C 34 -6.87 8.80 55.15
C SER C 34 -8.34 9.03 54.85
N PHE C 35 -9.09 7.97 54.57
CA PHE C 35 -10.48 8.05 54.12
C PHE C 35 -10.51 8.89 52.83
N THR C 36 -11.64 9.53 52.55
CA THR C 36 -11.82 10.26 51.31
C THR C 36 -11.09 11.59 51.41
N ARG C 37 -9.82 11.61 51.02
CA ARG C 37 -9.01 12.79 51.24
C ARG C 37 -7.80 12.73 50.30
N GLY C 38 -7.32 13.92 49.91
CA GLY C 38 -6.12 14.06 49.08
C GLY C 38 -6.34 14.20 47.59
N VAL C 39 -7.38 14.89 47.15
CA VAL C 39 -7.75 15.00 45.74
C VAL C 39 -7.61 16.45 45.33
N TYR C 40 -6.71 16.73 44.40
CA TYR C 40 -6.47 18.08 43.90
C TYR C 40 -6.97 18.19 42.47
N TYR C 41 -7.03 19.42 41.98
CA TYR C 41 -7.47 19.64 40.61
C TYR C 41 -6.44 19.10 39.64
N PRO C 42 -6.77 18.14 38.78
CA PRO C 42 -5.77 17.60 37.86
C PRO C 42 -5.36 18.59 36.77
N ASP C 43 -6.31 19.36 36.25
CA ASP C 43 -6.07 20.27 35.14
C ASP C 43 -6.80 21.58 35.43
N LYS C 44 -6.95 22.41 34.41
CA LYS C 44 -7.55 23.73 34.54
C LYS C 44 -8.78 23.88 33.64
N VAL C 45 -9.68 22.90 33.69
CA VAL C 45 -10.86 22.86 32.84
C VAL C 45 -12.11 23.02 33.71
N PHE C 46 -12.81 24.14 33.53
CA PHE C 46 -14.08 24.33 34.19
C PHE C 46 -15.08 23.28 33.71
N ARG C 47 -15.79 22.67 34.65
CA ARG C 47 -16.71 21.60 34.34
C ARG C 47 -17.90 21.68 35.28
N SER C 48 -19.05 21.20 34.82
CA SER C 48 -20.26 21.26 35.61
C SER C 48 -21.22 20.16 35.18
N SER C 49 -21.88 19.56 36.17
CA SER C 49 -22.83 18.46 35.94
C SER C 49 -22.18 17.34 35.13
N VAL C 50 -20.90 17.07 35.42
CA VAL C 50 -20.12 16.09 34.68
C VAL C 50 -19.45 15.17 35.70
N LEU C 51 -19.12 13.97 35.24
CA LEU C 51 -18.50 12.94 36.07
C LEU C 51 -17.13 12.60 35.51
N HIS C 52 -16.35 13.62 35.18
CA HIS C 52 -15.12 13.43 34.42
C HIS C 52 -14.15 12.50 35.13
N LEU C 53 -13.55 11.60 34.37
CA LEU C 53 -12.60 10.62 34.88
C LEU C 53 -11.20 10.98 34.41
N THR C 54 -10.23 10.91 35.33
CA THR C 54 -8.84 11.20 35.00
C THR C 54 -8.00 9.95 35.23
N GLN C 55 -6.80 9.99 34.67
CA GLN C 55 -5.75 9.01 34.93
C GLN C 55 -4.53 9.80 35.36
N ASP C 56 -4.26 9.81 36.65
CA ASP C 56 -3.25 10.71 37.15
C ASP C 56 -2.79 10.18 38.49
N LEU C 57 -2.04 11.01 39.18
CA LEU C 57 -1.21 10.62 40.31
C LEU C 57 -1.93 11.01 41.60
N PHE C 58 -2.91 10.20 42.00
CA PHE C 58 -3.87 10.54 43.03
C PHE C 58 -3.77 9.57 44.20
N LEU C 59 -3.95 10.12 45.40
CA LEU C 59 -3.73 9.38 46.64
C LEU C 59 -4.83 8.35 46.87
N PRO C 60 -4.51 7.14 47.34
CA PRO C 60 -5.54 6.10 47.47
C PRO C 60 -6.52 6.39 48.60
N PHE C 61 -7.75 5.94 48.42
CA PHE C 61 -8.76 6.11 49.45
C PHE C 61 -8.64 5.01 50.49
N PHE C 62 -8.95 5.35 51.74
CA PHE C 62 -8.83 4.42 52.88
C PHE C 62 -7.42 3.85 52.96
N SER C 63 -6.47 4.57 52.37
CA SER C 63 -5.10 4.13 52.26
C SER C 63 -4.40 4.26 53.61
N ASN C 64 -3.14 3.84 53.63
CA ASN C 64 -2.35 3.86 54.85
C ASN C 64 -1.54 5.14 54.92
N VAL C 65 -1.94 6.04 55.82
CA VAL C 65 -1.26 7.31 56.04
C VAL C 65 -0.56 7.23 57.39
N THR C 66 0.73 7.56 57.42
CA THR C 66 1.50 7.45 58.65
C THR C 66 1.40 8.76 59.43
N TRP C 67 0.96 8.66 60.68
CA TRP C 67 0.79 9.83 61.53
C TRP C 67 2.00 9.96 62.44
N PHE C 68 2.54 11.17 62.52
CA PHE C 68 3.71 11.46 63.32
C PHE C 68 3.29 12.28 64.53
N HIS C 69 4.30 12.74 65.28
CA HIS C 69 4.11 13.69 66.37
C HIS C 69 5.33 14.61 66.39
N ALA C 70 5.39 15.46 67.42
CA ALA C 70 6.49 16.41 67.53
C ALA C 70 6.63 16.85 68.97
N ILE C 71 7.86 17.18 69.35
CA ILE C 71 8.16 17.72 70.67
C ILE C 71 9.57 18.31 70.70
N ASP C 81 14.18 13.02 65.21
CA ASP C 81 14.07 14.46 65.04
C ASP C 81 14.02 14.84 63.57
N ASN C 82 12.79 14.97 63.04
CA ASN C 82 12.54 15.30 61.64
C ASN C 82 13.25 14.32 60.71
N PRO C 83 12.86 13.06 60.68
CA PRO C 83 13.49 12.12 59.75
C PRO C 83 13.11 12.43 58.30
N VAL C 84 14.01 12.08 57.40
CA VAL C 84 13.80 12.31 55.97
C VAL C 84 12.96 11.18 55.41
N LEU C 85 11.98 11.53 54.60
CA LEU C 85 11.12 10.52 54.00
C LEU C 85 11.36 10.43 52.51
N PRO C 86 11.27 9.24 51.92
CA PRO C 86 11.46 9.09 50.48
C PRO C 86 10.35 9.76 49.70
N PHE C 87 10.68 10.17 48.48
CA PHE C 87 9.70 10.73 47.55
C PHE C 87 9.60 9.80 46.35
N ASN C 88 8.37 9.43 45.99
CA ASN C 88 8.13 8.60 44.82
C ASN C 88 6.74 8.88 44.29
N ASP C 89 6.68 9.35 43.04
CA ASP C 89 5.42 9.62 42.33
C ASP C 89 4.57 10.65 43.07
N GLY C 90 5.15 11.38 44.02
CA GLY C 90 4.44 12.44 44.70
C GLY C 90 4.13 12.11 46.15
N VAL C 91 4.08 13.16 46.97
CA VAL C 91 3.85 13.00 48.40
C VAL C 91 2.63 13.81 48.81
N TYR C 92 1.85 13.25 49.72
CA TYR C 92 0.79 13.99 50.38
C TYR C 92 1.30 14.52 51.71
N PHE C 93 0.74 15.65 52.14
CA PHE C 93 1.04 16.23 53.43
C PHE C 93 -0.26 16.68 54.07
N ALA C 94 -0.31 16.66 55.40
CA ALA C 94 -1.41 17.27 56.13
C ALA C 94 -0.88 17.77 57.46
N SER C 95 -1.57 18.75 58.02
CA SER C 95 -1.26 19.23 59.35
C SER C 95 -2.41 20.10 59.84
N THR C 96 -2.89 19.80 61.04
CA THR C 96 -3.78 20.68 61.78
C THR C 96 -2.98 21.29 62.91
N GLU C 97 -3.15 22.60 63.12
CA GLU C 97 -2.24 23.35 63.97
C GLU C 97 -3.01 24.47 64.66
N LYS C 98 -2.42 24.98 65.74
CA LYS C 98 -3.05 26.07 66.46
C LYS C 98 -2.86 27.39 65.73
N SER C 99 -1.61 27.85 65.62
CA SER C 99 -1.29 29.01 64.79
C SER C 99 -0.28 28.66 63.71
N ASN C 100 0.90 28.13 64.09
CA ASN C 100 1.94 27.77 63.13
C ASN C 100 3.03 26.95 63.80
N ILE C 101 3.39 25.81 63.22
CA ILE C 101 4.47 24.99 63.75
C ILE C 101 5.37 24.43 62.67
N ILE C 102 5.02 24.67 61.42
CA ILE C 102 5.75 24.15 60.27
C ILE C 102 6.01 25.31 59.31
N ARG C 103 7.24 25.42 58.82
CA ARG C 103 7.61 26.49 57.91
C ARG C 103 7.54 26.06 56.44
N GLY C 104 8.23 24.97 56.08
CA GLY C 104 8.23 24.54 54.69
C GLY C 104 8.76 23.13 54.47
N TRP C 105 9.30 22.88 53.27
CA TRP C 105 9.81 21.57 52.90
C TRP C 105 11.12 21.74 52.16
N ILE C 106 11.96 20.71 52.22
CA ILE C 106 13.19 20.63 51.45
C ILE C 106 13.13 19.38 50.58
N PHE C 107 13.33 19.55 49.28
CA PHE C 107 13.38 18.45 48.33
C PHE C 107 14.80 18.30 47.79
N GLY C 108 14.94 17.40 46.82
CA GLY C 108 16.20 17.17 46.14
C GLY C 108 16.69 15.75 46.34
N THR C 109 18.00 15.57 46.15
CA THR C 109 18.66 14.28 46.31
C THR C 109 19.90 14.43 47.16
N THR C 110 20.05 13.56 48.16
CA THR C 110 21.21 13.45 49.02
C THR C 110 21.40 14.65 49.94
N LEU C 111 20.59 15.69 49.75
CA LEU C 111 20.57 16.87 50.62
C LEU C 111 21.97 17.36 50.93
N ASP C 112 22.77 17.63 49.90
CA ASP C 112 24.15 18.07 50.10
C ASP C 112 24.59 19.02 49.00
N SER C 113 25.85 19.48 49.06
CA SER C 113 26.40 20.37 48.05
C SER C 113 26.98 19.59 46.88
N LYS C 114 26.17 18.67 46.33
CA LYS C 114 26.54 17.92 45.14
C LYS C 114 25.40 17.96 44.14
N THR C 115 24.16 17.89 44.65
CA THR C 115 22.97 17.85 43.82
C THR C 115 22.05 18.99 44.21
N GLN C 116 21.46 19.64 43.20
CA GLN C 116 20.56 20.75 43.44
C GLN C 116 19.37 20.32 44.27
N SER C 117 18.91 21.22 45.15
CA SER C 117 17.83 20.93 46.07
C SER C 117 16.81 22.07 46.01
N LEU C 118 15.62 21.80 46.53
CA LEU C 118 14.50 22.72 46.50
C LEU C 118 14.16 23.19 47.90
N LEU C 119 14.03 24.52 48.06
CA LEU C 119 13.65 25.11 49.34
C LEU C 119 12.33 25.86 49.15
N ILE C 120 11.33 25.50 49.96
CA ILE C 120 10.01 26.09 49.87
C ILE C 120 9.63 26.68 51.23
N VAL C 121 10.61 27.20 51.95
CA VAL C 121 10.37 27.74 53.28
C VAL C 121 9.47 28.97 53.19
N ASN C 122 8.42 28.99 54.00
CA ASN C 122 7.52 30.13 54.10
C ASN C 122 7.94 31.05 55.25
N ASN C 123 7.33 32.23 55.29
CA ASN C 123 7.53 33.17 56.38
C ASN C 123 6.25 33.97 56.55
N ALA C 124 6.34 35.12 57.23
CA ALA C 124 5.15 35.84 57.67
C ALA C 124 4.28 36.28 56.50
N THR C 125 4.87 36.86 55.46
CA THR C 125 4.08 37.46 54.39
C THR C 125 4.31 36.86 53.01
N ASN C 126 5.45 36.24 52.75
CA ASN C 126 5.71 35.68 51.42
C ASN C 126 6.31 34.27 51.50
N VAL C 127 6.80 33.77 50.38
CA VAL C 127 7.46 32.48 50.31
C VAL C 127 8.86 32.70 49.74
N PHE C 128 9.66 31.63 49.78
CA PHE C 128 11.06 31.71 49.37
C PHE C 128 11.43 30.52 48.50
N ILE C 129 10.58 30.24 47.51
CA ILE C 129 10.82 29.10 46.61
C ILE C 129 12.06 29.36 45.78
N LYS C 130 12.97 28.38 45.75
CA LYS C 130 14.20 28.49 44.98
C LYS C 130 14.78 27.11 44.75
N VAL C 131 15.54 26.99 43.67
CA VAL C 131 16.25 25.76 43.33
C VAL C 131 17.74 26.05 43.40
N CYS C 132 18.45 25.32 44.25
CA CYS C 132 19.86 25.59 44.50
C CYS C 132 20.50 24.34 45.05
N GLU C 133 21.79 24.43 45.37
CA GLU C 133 22.59 23.28 45.78
C GLU C 133 23.14 23.48 47.18
N PHE C 134 22.29 23.88 48.12
CA PHE C 134 22.71 24.16 49.49
C PHE C 134 23.43 22.95 50.08
N GLN C 135 24.34 23.22 51.02
CA GLN C 135 25.13 22.15 51.63
C GLN C 135 24.35 21.45 52.75
N PHE C 136 24.05 22.18 53.82
CA PHE C 136 23.37 21.63 54.99
C PHE C 136 23.16 22.76 56.00
N CYS C 137 22.27 22.51 56.95
CA CYS C 137 22.07 23.38 58.10
C CYS C 137 22.15 22.65 59.43
N ASN C 138 21.63 21.43 59.50
CA ASN C 138 21.62 20.60 60.70
C ASN C 138 20.92 21.28 61.87
N ASP C 139 19.99 22.19 61.59
CA ASP C 139 19.27 22.90 62.65
C ASP C 139 17.82 23.14 62.26
N GLY C 158 18.00 31.13 58.20
CA GLY C 158 19.21 30.38 58.53
C GLY C 158 19.03 28.89 58.37
N VAL C 159 18.80 28.45 57.13
CA VAL C 159 18.60 27.04 56.82
C VAL C 159 19.56 26.54 55.75
N TYR C 160 20.47 27.38 55.28
CA TYR C 160 21.45 26.97 54.28
C TYR C 160 22.73 27.77 54.47
N SER C 161 23.81 27.29 53.85
CA SER C 161 25.10 27.95 53.94
C SER C 161 25.85 27.95 52.61
N SER C 162 25.13 27.86 51.49
CA SER C 162 25.79 27.83 50.18
C SER C 162 24.79 28.20 49.10
N ALA C 163 25.14 29.18 48.27
CA ALA C 163 24.32 29.60 47.15
C ALA C 163 25.17 29.86 45.91
N ASN C 164 26.22 29.04 45.72
CA ASN C 164 27.16 29.26 44.63
C ASN C 164 26.54 29.10 43.25
N ASN C 165 26.15 27.87 42.89
CA ASN C 165 25.57 27.59 41.58
C ASN C 165 24.05 27.49 41.68
N CYS C 166 23.41 28.62 41.99
CA CYS C 166 22.00 28.63 42.33
C CYS C 166 21.28 29.77 41.64
N THR C 167 20.11 29.47 41.06
CA THR C 167 19.26 30.44 40.37
C THR C 167 17.81 30.09 40.67
N PHE C 168 16.89 30.67 39.88
CA PHE C 168 15.47 30.34 39.94
C PHE C 168 14.87 30.66 41.31
N GLU C 169 14.96 31.93 41.69
CA GLU C 169 14.37 32.40 42.93
C GLU C 169 12.96 32.91 42.67
N TYR C 170 12.02 32.48 43.51
CA TYR C 170 10.61 32.80 43.30
C TYR C 170 10.01 33.25 44.62
N VAL C 171 9.23 34.33 44.57
CA VAL C 171 8.56 34.88 45.75
C VAL C 171 7.14 35.25 45.34
N SER C 172 6.17 34.90 46.18
CA SER C 172 4.77 35.17 45.90
C SER C 172 3.98 35.18 47.21
N GLN C 173 2.66 35.10 47.10
CA GLN C 173 1.80 35.11 48.26
C GLN C 173 2.04 33.88 49.13
N PRO C 174 1.86 34.00 50.45
CA PRO C 174 2.15 32.86 51.33
C PRO C 174 1.10 31.76 51.17
N PHE C 175 1.55 30.54 51.41
CA PHE C 175 0.67 29.37 51.28
C PHE C 175 -0.20 29.16 52.51
N LEU C 176 0.07 29.86 53.61
CA LEU C 176 -0.62 29.65 54.88
C LEU C 176 -1.68 30.73 55.04
N MET C 177 -2.94 30.32 54.93
CA MET C 177 -4.08 31.20 55.20
C MET C 177 -4.77 30.73 56.47
N ASP C 178 -4.68 31.54 57.52
CA ASP C 178 -5.19 31.17 58.85
C ASP C 178 -6.18 32.22 59.32
N LEU C 179 -7.44 31.80 59.49
CA LEU C 179 -8.50 32.65 59.97
C LEU C 179 -9.14 32.04 61.21
N GLU C 180 -9.50 32.89 62.17
CA GLU C 180 -10.09 32.45 63.42
C GLU C 180 -11.31 33.31 63.72
N GLY C 181 -12.32 32.69 64.33
CA GLY C 181 -13.52 33.40 64.73
C GLY C 181 -13.43 33.89 66.17
N LYS C 182 -12.40 34.68 66.46
CA LYS C 182 -12.12 35.18 67.80
C LYS C 182 -11.91 34.06 68.81
N GLN C 183 -11.51 32.87 68.34
CA GLN C 183 -11.25 31.75 69.21
C GLN C 183 -10.32 30.79 68.49
N GLY C 184 -9.53 30.06 69.27
CA GLY C 184 -8.56 29.12 68.73
C GLY C 184 -9.09 27.75 68.43
N ASN C 185 -10.39 27.50 68.65
CA ASN C 185 -10.96 26.17 68.39
C ASN C 185 -11.03 25.85 66.90
N PHE C 186 -10.90 26.85 66.02
CA PHE C 186 -10.98 26.62 64.58
C PHE C 186 -9.63 26.10 64.08
N LYS C 187 -9.38 24.83 64.38
CA LYS C 187 -8.14 24.16 63.97
C LYS C 187 -8.22 23.87 62.48
N ASN C 188 -7.81 24.86 61.70
CA ASN C 188 -7.90 24.76 60.25
C ASN C 188 -6.83 23.81 59.71
N LEU C 189 -7.26 22.80 58.98
CA LEU C 189 -6.37 21.80 58.40
C LEU C 189 -5.81 22.32 57.08
N ARG C 190 -4.56 21.95 56.79
CA ARG C 190 -3.86 22.42 55.60
C ARG C 190 -3.30 21.23 54.85
N GLU C 191 -4.12 20.62 54.00
CA GLU C 191 -3.71 19.48 53.21
C GLU C 191 -2.81 19.97 52.08
N PHE C 192 -1.65 19.34 51.92
CA PHE C 192 -0.66 19.73 50.93
C PHE C 192 -0.29 18.54 50.06
N VAL C 193 -0.18 18.76 48.75
CA VAL C 193 0.17 17.71 47.81
C VAL C 193 1.18 18.28 46.81
N PHE C 194 2.24 17.52 46.55
CA PHE C 194 3.23 17.87 45.56
C PHE C 194 3.41 16.72 44.56
N LYS C 195 3.83 17.06 43.34
CA LYS C 195 4.13 16.06 42.32
C LYS C 195 5.14 16.66 41.34
N ASN C 196 5.90 15.79 40.69
CA ASN C 196 7.02 16.21 39.85
C ASN C 196 7.08 15.43 38.55
N ILE C 197 5.93 15.26 37.88
CA ILE C 197 5.95 14.59 36.58
C ILE C 197 6.54 15.53 35.54
N ASP C 198 7.38 14.97 34.66
CA ASP C 198 8.11 15.67 33.60
C ASP C 198 8.55 17.07 34.01
N GLY C 199 9.16 17.18 35.19
CA GLY C 199 9.47 18.50 35.73
C GLY C 199 8.20 19.16 36.21
N TYR C 200 7.94 20.37 35.71
CA TYR C 200 6.67 21.09 35.84
C TYR C 200 6.03 20.86 37.21
N PHE C 201 6.78 21.24 38.24
CA PHE C 201 6.40 20.95 39.62
C PHE C 201 5.06 21.59 39.94
N LYS C 202 4.17 20.82 40.55
CA LYS C 202 2.80 21.24 40.80
C LYS C 202 2.49 21.15 42.29
N ILE C 203 2.21 22.30 42.90
CA ILE C 203 1.92 22.42 44.32
C ILE C 203 0.44 22.76 44.47
N TYR C 204 -0.23 22.11 45.41
CA TYR C 204 -1.64 22.33 45.65
C TYR C 204 -1.88 22.53 47.14
N SER C 205 -2.98 23.21 47.47
CA SER C 205 -3.33 23.46 48.86
C SER C 205 -4.80 23.82 48.98
N LYS C 206 -5.32 23.68 50.20
CA LYS C 206 -6.69 24.07 50.54
C LYS C 206 -6.87 24.03 52.04
N HIS C 207 -7.66 24.95 52.58
CA HIS C 207 -7.84 25.10 54.02
C HIS C 207 -9.33 24.99 54.34
N THR C 208 -9.66 24.11 55.28
CA THR C 208 -11.04 23.90 55.73
C THR C 208 -11.12 24.13 57.23
N PRO C 209 -11.46 25.35 57.68
CA PRO C 209 -11.52 25.68 59.10
C PRO C 209 -12.75 25.11 59.79
N ASP C 214 -9.69 12.20 65.37
CA ASP C 214 -8.57 11.77 64.53
C ASP C 214 -8.39 12.58 63.22
N PHE C 215 -9.28 12.37 62.25
CA PHE C 215 -9.01 12.82 60.89
C PHE C 215 -10.34 12.91 60.13
N PRO C 216 -10.81 14.08 59.70
CA PRO C 216 -12.15 14.14 59.10
C PRO C 216 -12.26 13.35 57.80
N GLN C 217 -13.43 12.73 57.62
CA GLN C 217 -13.74 11.92 56.45
C GLN C 217 -14.44 12.69 55.35
N GLY C 218 -14.84 13.93 55.59
CA GLY C 218 -15.50 14.71 54.55
C GLY C 218 -14.55 15.05 53.41
N PHE C 219 -15.11 15.09 52.21
CA PHE C 219 -14.31 15.43 51.03
C PHE C 219 -13.85 16.88 51.08
N SER C 220 -12.66 17.12 50.54
CA SER C 220 -12.11 18.47 50.45
C SER C 220 -11.30 18.57 49.17
N ALA C 221 -11.54 19.62 48.39
CA ALA C 221 -10.74 19.85 47.19
C ALA C 221 -9.35 20.36 47.56
N LEU C 222 -8.49 20.48 46.55
CA LEU C 222 -7.19 21.12 46.70
C LEU C 222 -6.92 21.98 45.48
N GLU C 223 -6.84 23.29 45.69
CA GLU C 223 -6.65 24.34 44.69
C GLU C 223 -5.17 24.62 44.49
N PRO C 224 -4.67 24.61 43.26
CA PRO C 224 -3.24 24.85 43.06
C PRO C 224 -2.84 26.30 43.29
N LEU C 225 -1.65 26.48 43.86
CA LEU C 225 -1.14 27.79 44.19
C LEU C 225 -0.01 28.22 43.27
N VAL C 226 0.95 27.35 43.00
CA VAL C 226 2.04 27.67 42.10
C VAL C 226 2.37 26.43 41.26
N ASP C 227 2.67 26.65 39.98
CA ASP C 227 3.01 25.58 39.04
C ASP C 227 4.27 26.02 38.30
N LEU C 228 5.43 25.71 38.86
CA LEU C 228 6.70 26.15 38.30
C LEU C 228 7.53 24.95 37.86
N PRO C 229 8.08 24.98 36.65
CA PRO C 229 8.81 23.82 36.13
C PRO C 229 10.20 23.64 36.73
N ILE C 230 10.28 22.97 37.87
CA ILE C 230 11.57 22.74 38.52
C ILE C 230 12.48 21.90 37.63
N GLY C 231 11.98 20.76 37.16
CA GLY C 231 12.70 19.92 36.22
C GLY C 231 14.04 19.38 36.69
N ILE C 232 14.10 18.87 37.92
CA ILE C 232 15.32 18.28 38.46
C ILE C 232 14.99 16.89 38.99
N ASN C 233 16.03 16.16 39.41
CA ASN C 233 15.86 14.84 40.00
C ASN C 233 15.72 14.98 41.51
N ILE C 234 14.59 14.51 42.04
CA ILE C 234 14.29 14.59 43.47
C ILE C 234 13.99 13.18 43.96
N THR C 235 14.61 12.81 45.07
CA THR C 235 14.42 11.49 45.68
C THR C 235 13.88 11.57 47.10
N ARG C 236 14.39 12.48 47.91
CA ARG C 236 14.03 12.58 49.31
C ARG C 236 12.97 13.65 49.53
N PHE C 237 12.43 13.67 50.75
CA PHE C 237 11.42 14.64 51.14
C PHE C 237 11.56 14.92 52.62
N GLN C 238 11.53 16.18 53.00
CA GLN C 238 11.64 16.57 54.40
C GLN C 238 10.66 17.71 54.68
N THR C 239 10.62 18.12 55.95
CA THR C 239 9.77 19.21 56.39
C THR C 239 10.48 19.98 57.50
N LEU C 240 10.07 21.24 57.67
CA LEU C 240 10.65 22.14 58.66
C LEU C 240 9.78 22.23 59.90
N LEU C 241 10.21 23.08 60.83
CA LEU C 241 9.49 23.29 62.08
C LEU C 241 9.52 24.76 62.49
N ALA C 242 8.75 25.10 63.52
CA ALA C 242 8.75 26.47 64.05
C ALA C 242 9.31 26.48 65.47
N LEU C 243 9.34 27.66 66.08
CA LEU C 243 9.92 27.84 67.41
C LEU C 243 8.84 28.25 68.40
N ASN C 244 8.97 27.77 69.63
CA ASN C 244 8.01 28.05 70.68
C ASN C 244 8.75 28.22 72.00
N ARG C 245 8.13 28.97 72.92
CA ARG C 245 8.68 29.13 74.26
C ARG C 245 7.56 29.04 75.30
N ALA C 262 -0.36 15.29 66.19
CA ALA C 262 -1.45 16.17 65.81
C ALA C 262 -1.11 16.93 64.53
N ASP C 263 -0.22 16.36 63.73
CA ASP C 263 0.28 17.00 62.52
C ASP C 263 1.00 15.94 61.70
N TYR C 264 1.76 16.38 60.69
CA TYR C 264 2.74 15.57 59.98
C TYR C 264 2.13 14.37 59.28
N TYR C 265 0.83 14.38 59.03
CA TYR C 265 0.23 13.29 58.28
C TYR C 265 0.81 13.27 56.87
N VAL C 266 1.61 12.26 56.57
CA VAL C 266 2.30 12.16 55.29
C VAL C 266 1.79 10.92 54.55
N GLY C 267 1.62 11.05 53.24
CA GLY C 267 1.19 9.94 52.42
C GLY C 267 1.89 9.99 51.08
N TYR C 268 1.83 8.86 50.37
CA TYR C 268 2.59 8.69 49.13
C TYR C 268 1.62 8.47 47.98
N LEU C 269 1.97 9.02 46.82
CA LEU C 269 1.07 9.05 45.69
C LEU C 269 1.33 7.86 44.76
N GLN C 270 0.28 7.38 44.12
CA GLN C 270 0.39 6.28 43.17
C GLN C 270 -0.51 6.57 41.98
N PRO C 271 -0.10 6.15 40.78
CA PRO C 271 -0.93 6.42 39.59
C PRO C 271 -2.21 5.61 39.58
N ARG C 272 -3.34 6.28 39.78
CA ARG C 272 -4.63 5.60 39.87
C ARG C 272 -5.65 6.38 39.05
N THR C 273 -6.40 5.66 38.23
CA THR C 273 -7.55 6.24 37.55
C THR C 273 -8.53 6.71 38.61
N PHE C 274 -9.04 7.93 38.46
CA PHE C 274 -9.99 8.50 39.41
C PHE C 274 -11.21 9.01 38.66
N LEU C 275 -12.36 8.93 39.31
CA LEU C 275 -13.60 9.48 38.80
C LEU C 275 -14.08 10.54 39.77
N LEU C 276 -14.14 11.79 39.32
CA LEU C 276 -14.47 12.94 40.15
C LEU C 276 -15.79 13.52 39.69
N LYS C 277 -16.66 13.85 40.63
CA LYS C 277 -17.92 14.52 40.30
C LYS C 277 -17.72 16.01 40.53
N TYR C 278 -18.15 16.81 39.57
CA TYR C 278 -17.99 18.26 39.60
C TYR C 278 -19.33 18.91 39.93
N ASN C 279 -19.32 19.83 40.89
CA ASN C 279 -20.54 20.56 41.21
C ASN C 279 -20.89 21.49 40.06
N GLU C 280 -22.16 21.90 40.03
CA GLU C 280 -22.62 22.77 38.94
C GLU C 280 -21.90 24.11 38.95
N ASN C 281 -21.21 24.45 40.04
CA ASN C 281 -20.48 25.70 40.15
C ASN C 281 -19.00 25.57 39.87
N GLY C 282 -18.53 24.41 39.43
CA GLY C 282 -17.14 24.20 39.11
C GLY C 282 -16.32 23.51 40.19
N THR C 283 -16.86 23.36 41.39
CA THR C 283 -16.16 22.66 42.46
C THR C 283 -16.42 21.17 42.39
N ILE C 284 -15.71 20.42 43.22
CA ILE C 284 -15.84 18.96 43.27
C ILE C 284 -16.50 18.59 44.59
N THR C 285 -17.56 17.79 44.50
CA THR C 285 -18.35 17.39 45.66
C THR C 285 -17.90 16.05 46.24
N ASP C 286 -17.65 15.06 45.38
CA ASP C 286 -17.25 13.73 45.81
C ASP C 286 -16.25 13.16 44.84
N ALA C 287 -15.47 12.18 45.31
CA ALA C 287 -14.57 11.42 44.45
C ALA C 287 -14.61 9.95 44.85
N VAL C 288 -14.38 9.08 43.87
CA VAL C 288 -14.34 7.64 44.10
C VAL C 288 -13.13 7.07 43.37
N ASP C 289 -12.33 6.28 44.08
CA ASP C 289 -11.17 5.66 43.47
C ASP C 289 -11.61 4.57 42.50
N CYS C 290 -10.65 4.06 41.73
CA CYS C 290 -10.92 3.00 40.76
C CYS C 290 -9.98 1.82 40.91
N ALA C 291 -9.22 1.74 42.00
CA ALA C 291 -8.34 0.59 42.21
C ALA C 291 -8.35 0.14 43.67
N LEU C 292 -9.51 0.19 44.32
CA LEU C 292 -9.61 -0.11 45.74
C LEU C 292 -10.63 -1.21 46.05
N ASP C 293 -11.77 -1.22 45.36
CA ASP C 293 -12.86 -2.13 45.66
C ASP C 293 -13.51 -2.62 44.38
N PRO C 294 -14.14 -3.80 44.41
CA PRO C 294 -14.98 -4.18 43.27
C PRO C 294 -16.09 -3.18 42.99
N LEU C 295 -16.68 -2.63 44.04
CA LEU C 295 -17.68 -1.58 43.85
C LEU C 295 -17.08 -0.35 43.20
N SER C 296 -15.87 0.01 43.60
CA SER C 296 -15.19 1.15 42.98
C SER C 296 -14.91 0.89 41.51
N GLU C 297 -14.47 -0.32 41.16
CA GLU C 297 -14.25 -0.64 39.76
C GLU C 297 -15.53 -0.58 38.95
N THR C 298 -16.63 -1.07 39.55
CA THR C 298 -17.95 -1.07 38.86
C THR C 298 -18.37 0.37 38.55
N LYS C 299 -18.53 1.20 39.59
CA LYS C 299 -18.98 2.60 39.38
C LYS C 299 -18.03 3.30 38.41
N CYS C 300 -16.74 3.02 38.52
CA CYS C 300 -15.73 3.62 37.59
C CYS C 300 -15.99 3.11 36.17
N THR C 301 -16.38 1.83 36.02
CA THR C 301 -16.58 1.25 34.66
C THR C 301 -17.77 1.91 33.97
N LEU C 302 -18.85 2.21 34.71
CA LEU C 302 -20.05 2.86 34.12
C LEU C 302 -19.95 4.37 34.32
N LYS C 303 -18.82 4.84 34.87
CA LYS C 303 -18.59 6.31 35.05
C LYS C 303 -19.84 6.96 35.66
N SER C 304 -20.36 6.40 36.76
CA SER C 304 -21.51 6.99 37.47
C SER C 304 -21.31 6.82 38.98
N PHE C 305 -22.25 7.30 39.80
CA PHE C 305 -22.12 7.08 41.23
C PHE C 305 -23.15 6.10 41.78
N THR C 306 -24.21 5.80 41.04
CA THR C 306 -25.24 4.85 41.45
C THR C 306 -25.19 3.66 40.52
N VAL C 307 -25.19 2.45 41.10
CA VAL C 307 -25.14 1.19 40.30
C VAL C 307 -26.44 0.43 40.50
N GLU C 308 -27.23 0.28 39.43
CA GLU C 308 -28.47 -0.48 39.50
C GLU C 308 -28.17 -1.95 39.81
N LYS C 309 -29.18 -2.64 40.33
CA LYS C 309 -29.04 -4.06 40.62
C LYS C 309 -28.72 -4.84 39.37
N GLY C 310 -27.77 -5.76 39.46
CA GLY C 310 -27.47 -6.64 38.36
C GLY C 310 -26.03 -7.13 38.41
N ILE C 311 -25.61 -7.70 37.29
CA ILE C 311 -24.25 -8.18 37.07
C ILE C 311 -23.56 -7.22 36.12
N TYR C 312 -22.27 -6.95 36.39
CA TYR C 312 -21.50 -6.00 35.56
C TYR C 312 -20.08 -6.53 35.31
N GLN C 313 -19.85 -7.14 34.14
CA GLN C 313 -18.52 -7.62 33.78
C GLN C 313 -17.60 -6.41 33.70
N THR C 314 -16.78 -6.21 34.73
CA THR C 314 -16.05 -4.96 34.89
C THR C 314 -14.63 -5.00 34.34
N SER C 315 -13.90 -6.10 34.50
CA SER C 315 -12.49 -6.07 34.14
C SER C 315 -12.00 -7.49 33.88
N ASN C 316 -10.69 -7.64 33.78
CA ASN C 316 -10.07 -8.91 33.40
C ASN C 316 -9.02 -9.23 34.47
N PHE C 317 -8.88 -10.53 34.78
CA PHE C 317 -7.88 -11.00 35.74
C PHE C 317 -6.90 -11.90 35.02
N ARG C 318 -5.66 -11.91 35.49
CA ARG C 318 -4.58 -12.65 34.86
C ARG C 318 -3.41 -12.72 35.81
N VAL C 319 -2.84 -13.91 35.97
CA VAL C 319 -1.80 -14.14 36.96
C VAL C 319 -0.49 -13.54 36.45
N GLN C 320 -0.02 -12.48 37.12
CA GLN C 320 1.32 -12.00 36.88
C GLN C 320 2.31 -13.04 37.36
N PRO C 321 3.36 -13.32 36.60
CA PRO C 321 4.28 -14.39 36.97
C PRO C 321 5.13 -14.03 38.17
N THR C 322 5.54 -15.05 38.91
CA THR C 322 6.38 -14.86 40.09
C THR C 322 7.83 -14.58 39.70
N GLU C 323 8.43 -15.48 38.93
CA GLU C 323 9.78 -15.29 38.40
C GLU C 323 9.74 -15.22 36.89
N SER C 324 10.92 -14.98 36.31
CA SER C 324 11.04 -14.84 34.86
C SER C 324 12.39 -15.41 34.43
N ILE C 325 12.36 -16.43 33.58
CA ILE C 325 13.59 -17.00 33.05
C ILE C 325 13.93 -16.31 31.73
N VAL C 326 15.22 -16.06 31.52
CA VAL C 326 15.71 -15.39 30.33
C VAL C 326 16.77 -16.27 29.67
N ARG C 327 16.60 -17.58 29.79
CA ARG C 327 17.63 -18.54 29.27
C ARG C 327 17.96 -18.25 27.80
N PHE C 328 19.25 -18.16 27.48
CA PHE C 328 19.68 -17.96 26.07
C PHE C 328 20.74 -19.01 25.74
N PRO C 329 21.10 -19.25 24.46
CA PRO C 329 22.18 -20.19 24.12
C PRO C 329 23.41 -19.96 25.02
N ASN C 330 24.04 -21.05 25.47
CA ASN C 330 25.20 -20.93 26.41
C ASN C 330 26.45 -20.42 25.68
N VAL C 331 26.34 -20.17 24.37
CA VAL C 331 27.49 -19.66 23.57
C VAL C 331 28.04 -18.40 24.27
N THR C 332 29.36 -18.17 24.21
CA THR C 332 29.96 -17.01 24.92
C THR C 332 31.09 -16.38 24.11
N ASN C 333 31.72 -17.15 23.21
CA ASN C 333 32.84 -16.64 22.42
C ASN C 333 32.44 -15.40 21.65
N LEU C 334 33.38 -14.47 21.52
CA LEU C 334 33.12 -13.18 20.88
C LEU C 334 33.08 -13.34 19.37
N CYS C 335 32.23 -12.54 18.73
CA CYS C 335 32.08 -12.61 17.28
C CYS C 335 33.22 -11.86 16.58
N PRO C 336 33.52 -12.22 15.33
CA PRO C 336 34.69 -11.66 14.65
C PRO C 336 34.47 -10.30 14.00
N PHE C 337 33.44 -9.54 14.41
CA PHE C 337 33.23 -8.20 13.84
C PHE C 337 34.52 -7.40 13.79
N HIS C 338 35.43 -7.59 14.76
CA HIS C 338 36.73 -6.95 14.70
C HIS C 338 37.46 -7.31 13.41
N GLU C 339 37.56 -8.60 13.11
CA GLU C 339 38.27 -9.08 11.94
C GLU C 339 37.57 -8.71 10.62
N VAL C 340 36.34 -8.21 10.69
CA VAL C 340 35.63 -7.73 9.51
C VAL C 340 35.72 -6.23 9.34
N PHE C 341 35.84 -5.47 10.42
CA PHE C 341 35.85 -4.01 10.34
C PHE C 341 37.22 -3.38 10.17
N ASN C 342 38.28 -4.00 10.66
CA ASN C 342 39.62 -3.41 10.55
C ASN C 342 40.47 -4.05 9.46
N ALA C 343 39.85 -4.67 8.46
CA ALA C 343 40.60 -5.23 7.35
C ALA C 343 41.26 -4.11 6.53
N THR C 344 42.09 -4.50 5.58
CA THR C 344 42.82 -3.57 4.74
C THR C 344 42.36 -3.55 3.29
N ARG C 345 41.71 -4.61 2.81
CA ARG C 345 41.37 -4.76 1.41
C ARG C 345 39.90 -5.15 1.25
N PHE C 346 39.02 -4.36 1.87
CA PHE C 346 37.59 -4.47 1.60
C PHE C 346 37.36 -4.51 0.10
N ALA C 347 36.83 -5.62 -0.40
CA ALA C 347 36.79 -5.86 -1.84
C ALA C 347 35.86 -4.85 -2.53
N SER C 348 36.05 -4.71 -3.83
CA SER C 348 35.28 -3.76 -4.60
C SER C 348 33.81 -4.20 -4.69
N VAL C 349 32.95 -3.25 -5.06
CA VAL C 349 31.51 -3.52 -5.09
C VAL C 349 31.17 -4.55 -6.15
N TYR C 350 31.96 -4.64 -7.21
CA TYR C 350 31.68 -5.63 -8.26
C TYR C 350 31.83 -7.05 -7.73
N ALA C 351 32.72 -7.26 -6.78
CA ALA C 351 32.90 -8.56 -6.11
C ALA C 351 32.79 -8.30 -4.61
N TRP C 352 31.58 -8.26 -4.09
CA TRP C 352 31.34 -7.94 -2.69
C TRP C 352 31.63 -9.18 -1.84
N ASN C 353 32.73 -9.14 -1.09
CA ASN C 353 33.06 -10.25 -0.20
C ASN C 353 32.02 -10.39 0.88
N ARG C 354 31.63 -11.62 1.18
CA ARG C 354 30.58 -11.91 2.15
C ARG C 354 31.15 -12.87 3.19
N THR C 355 30.92 -12.54 4.47
CA THR C 355 31.36 -13.38 5.58
C THR C 355 30.15 -13.81 6.40
N ARG C 356 30.24 -15.03 6.94
CA ARG C 356 29.16 -15.61 7.74
C ARG C 356 29.52 -15.54 9.21
N ILE C 357 28.60 -15.04 10.03
CA ILE C 357 28.80 -14.88 11.46
C ILE C 357 27.85 -15.82 12.18
N SER C 358 28.42 -16.74 12.96
CA SER C 358 27.62 -17.72 13.71
C SER C 358 28.44 -18.24 14.89
N ASN C 359 27.77 -19.06 15.71
CA ASN C 359 28.31 -19.68 16.93
C ASN C 359 29.26 -18.72 17.68
N CYS C 360 28.72 -17.58 18.06
CA CYS C 360 29.43 -16.61 18.89
C CYS C 360 28.39 -15.72 19.56
N VAL C 361 28.87 -14.72 20.30
CA VAL C 361 28.01 -13.77 21.00
C VAL C 361 28.30 -12.38 20.47
N ALA C 362 27.26 -11.68 20.04
CA ALA C 362 27.40 -10.38 19.38
C ALA C 362 27.11 -9.26 20.38
N ASP C 363 28.12 -8.43 20.62
CA ASP C 363 27.98 -7.21 21.40
C ASP C 363 28.51 -6.08 20.52
N TYR C 364 27.60 -5.36 19.86
CA TYR C 364 28.00 -4.37 18.82
C TYR C 364 28.68 -3.10 19.36
N SER C 365 29.00 -3.04 20.65
CA SER C 365 29.76 -1.89 21.13
C SER C 365 31.11 -1.77 20.42
N VAL C 366 31.74 -2.90 20.11
CA VAL C 366 32.97 -2.87 19.32
C VAL C 366 32.68 -2.34 17.92
N LEU C 367 31.57 -2.76 17.32
CA LEU C 367 31.15 -2.20 16.05
C LEU C 367 30.92 -0.70 16.14
N TYR C 368 30.38 -0.23 17.26
CA TYR C 368 30.17 1.21 17.45
C TYR C 368 31.49 1.95 17.54
N ASN C 369 32.42 1.45 18.36
CA ASN C 369 33.64 2.20 18.66
C ASN C 369 34.76 1.98 17.65
N PHE C 370 34.59 1.06 16.70
CA PHE C 370 35.59 0.84 15.67
C PHE C 370 35.33 1.63 14.39
N ALA C 371 34.34 2.51 14.39
CA ALA C 371 34.05 3.27 13.18
C ALA C 371 33.37 4.59 13.49
N PRO C 372 33.86 5.71 12.96
CA PRO C 372 33.15 6.98 13.09
C PRO C 372 31.93 7.00 12.18
N PHE C 373 30.82 6.47 12.69
CA PHE C 373 29.65 6.21 11.85
C PHE C 373 29.17 7.47 11.14
N PHE C 374 28.91 7.33 9.84
CA PHE C 374 28.29 8.38 9.05
C PHE C 374 26.83 8.10 8.74
N ALA C 375 26.47 6.84 8.55
CA ALA C 375 25.08 6.46 8.31
C ALA C 375 24.87 5.05 8.84
N PHE C 376 23.96 4.90 9.82
CA PHE C 376 23.61 3.56 10.36
C PHE C 376 22.16 3.29 10.00
N LYS C 377 21.78 3.56 8.74
CA LYS C 377 20.41 3.41 8.29
C LYS C 377 20.04 1.92 8.26
N CYS C 378 19.25 1.51 9.23
CA CYS C 378 18.76 0.13 9.32
C CYS C 378 17.26 0.11 9.06
N TYR C 379 16.77 -1.04 8.61
CA TYR C 379 15.38 -1.17 8.19
C TYR C 379 14.62 -2.21 9.00
N GLY C 380 15.17 -3.42 9.16
CA GLY C 380 14.47 -4.47 9.87
C GLY C 380 14.90 -4.69 11.31
N VAL C 381 15.91 -3.93 11.75
CA VAL C 381 16.47 -4.13 13.13
C VAL C 381 17.05 -2.79 13.58
N SER C 382 17.37 -2.65 14.87
CA SER C 382 17.86 -1.35 15.39
C SER C 382 19.10 -1.56 16.27
N PRO C 383 20.11 -0.67 16.20
CA PRO C 383 21.34 -0.81 17.00
C PRO C 383 21.11 -0.77 18.52
N THR C 384 20.21 0.09 18.99
CA THR C 384 19.99 0.24 20.46
C THR C 384 19.88 -1.17 21.07
N LYS C 385 19.10 -2.06 20.45
CA LYS C 385 19.02 -3.46 20.94
C LYS C 385 19.44 -4.39 19.79
N LEU C 386 20.74 -4.51 19.54
CA LEU C 386 21.25 -5.38 18.45
C LEU C 386 21.99 -6.57 19.08
N ASN C 387 22.03 -6.62 20.42
CA ASN C 387 22.75 -7.71 21.12
C ASN C 387 21.75 -8.67 21.78
N ASP C 388 20.72 -8.12 22.43
CA ASP C 388 19.74 -8.96 23.17
C ASP C 388 18.81 -9.67 22.17
N LEU C 389 19.37 -10.50 21.30
CA LEU C 389 18.56 -11.23 20.28
C LEU C 389 19.07 -12.65 20.15
N CYS C 390 18.62 -13.37 19.11
CA CYS C 390 19.12 -14.71 18.86
C CYS C 390 19.04 -14.95 17.36
N PHE C 391 20.09 -14.55 16.63
CA PHE C 391 20.07 -14.66 15.16
C PHE C 391 20.52 -16.05 14.71
N THR C 392 19.80 -16.65 13.76
CA THR C 392 20.17 -17.95 13.22
C THR C 392 21.51 -17.85 12.47
N ASN C 393 21.64 -16.86 11.60
CA ASN C 393 22.88 -16.63 10.87
C ASN C 393 22.98 -15.16 10.51
N VAL C 394 24.21 -14.63 10.54
CA VAL C 394 24.47 -13.23 10.26
C VAL C 394 25.46 -13.16 9.09
N TYR C 395 25.09 -12.40 8.07
CA TYR C 395 25.92 -12.23 6.88
C TYR C 395 26.46 -10.81 6.84
N ALA C 396 27.77 -10.68 6.63
CA ALA C 396 28.44 -9.39 6.59
C ALA C 396 29.13 -9.24 5.24
N ASP C 397 28.68 -8.25 4.45
CA ASP C 397 29.28 -7.93 3.17
C ASP C 397 30.02 -6.60 3.31
N SER C 398 31.24 -6.55 2.80
CA SER C 398 32.11 -5.39 2.95
C SER C 398 32.61 -4.93 1.58
N PHE C 399 32.48 -3.63 1.33
CA PHE C 399 32.94 -3.04 0.08
C PHE C 399 33.07 -1.54 0.25
N VAL C 400 33.89 -0.93 -0.60
CA VAL C 400 34.11 0.51 -0.58
C VAL C 400 33.38 1.14 -1.76
N ILE C 401 32.56 2.15 -1.47
CA ILE C 401 31.80 2.88 -2.48
C ILE C 401 31.96 4.37 -2.24
N LYS C 402 31.41 5.16 -3.15
CA LYS C 402 31.56 6.61 -3.10
C LYS C 402 30.43 7.23 -2.26
N GLY C 403 30.46 8.56 -2.14
CA GLY C 403 29.53 9.23 -1.25
C GLY C 403 28.08 9.08 -1.65
N ASN C 404 27.77 9.35 -2.92
CA ASN C 404 26.40 9.22 -3.38
C ASN C 404 25.94 7.76 -3.37
N GLU C 405 26.89 6.83 -3.48
CA GLU C 405 26.54 5.41 -3.42
C GLU C 405 25.99 5.02 -2.05
N VAL C 406 26.42 5.70 -0.99
CA VAL C 406 25.90 5.43 0.34
C VAL C 406 24.41 5.74 0.39
N SER C 407 24.01 6.87 -0.18
CA SER C 407 22.58 7.14 -0.35
C SER C 407 21.93 6.15 -1.29
N GLN C 408 22.69 5.68 -2.30
CA GLN C 408 22.17 4.71 -3.24
C GLN C 408 21.95 3.34 -2.59
N ILE C 409 22.92 2.88 -1.80
CA ILE C 409 22.85 1.52 -1.26
C ILE C 409 21.69 1.43 -0.27
N ALA C 410 20.64 0.72 -0.66
CA ALA C 410 19.41 0.59 0.10
C ALA C 410 18.56 -0.48 -0.58
N PRO C 411 17.64 -1.17 0.13
CA PRO C 411 16.76 -2.14 -0.51
C PRO C 411 15.99 -1.54 -1.70
N GLY C 412 16.09 -2.16 -2.87
CA GLY C 412 15.32 -1.70 -4.05
C GLY C 412 15.54 -0.25 -4.42
N GLN C 413 16.73 0.09 -4.93
CA GLN C 413 16.98 1.42 -5.43
C GLN C 413 17.45 1.36 -6.88
N THR C 414 17.71 2.53 -7.45
CA THR C 414 18.21 2.66 -8.81
C THR C 414 19.68 3.05 -8.80
N GLY C 415 20.30 2.98 -9.96
CA GLY C 415 21.70 3.29 -10.13
C GLY C 415 22.44 2.06 -10.61
N ASN C 416 23.54 2.30 -11.34
CA ASN C 416 24.34 1.19 -11.86
C ASN C 416 24.90 0.32 -10.74
N ILE C 417 25.25 0.91 -9.61
CA ILE C 417 25.71 0.12 -8.47
C ILE C 417 24.58 -0.74 -7.92
N ALA C 418 23.37 -0.17 -7.83
CA ALA C 418 22.25 -0.89 -7.24
C ALA C 418 21.60 -1.88 -8.21
N ASP C 419 21.93 -1.81 -9.50
CA ASP C 419 21.33 -2.69 -10.49
C ASP C 419 22.30 -3.67 -11.12
N TYR C 420 23.60 -3.41 -11.05
CA TYR C 420 24.61 -4.26 -11.68
C TYR C 420 25.72 -4.70 -10.72
N ASN C 421 25.94 -3.98 -9.63
CA ASN C 421 27.03 -4.27 -8.71
C ASN C 421 26.57 -4.93 -7.41
N TYR C 422 25.47 -4.48 -6.83
CA TYR C 422 24.98 -5.03 -5.58
C TYR C 422 23.52 -4.65 -5.40
N LYS C 423 22.69 -5.63 -5.04
CA LYS C 423 21.27 -5.41 -4.85
C LYS C 423 20.83 -6.12 -3.58
N LEU C 424 20.19 -5.37 -2.67
CA LEU C 424 19.61 -5.97 -1.48
C LEU C 424 18.18 -6.42 -1.77
N PRO C 425 17.71 -7.44 -1.06
CA PRO C 425 16.32 -7.89 -1.25
C PRO C 425 15.34 -6.82 -0.81
N ASP C 426 14.15 -6.82 -1.44
CA ASP C 426 13.11 -5.84 -1.07
C ASP C 426 12.79 -6.01 0.41
N ASP C 427 12.57 -7.25 0.85
CA ASP C 427 12.31 -7.50 2.27
C ASP C 427 13.62 -7.71 3.04
N PHE C 428 14.54 -6.75 2.91
CA PHE C 428 15.84 -6.87 3.55
C PHE C 428 15.69 -6.89 5.05
N THR C 429 16.52 -7.70 5.72
CA THR C 429 16.52 -7.83 7.18
C THR C 429 17.97 -7.66 7.66
N GLY C 430 18.31 -6.43 8.02
CA GLY C 430 19.65 -6.19 8.52
C GLY C 430 19.96 -4.70 8.61
N CYS C 431 21.25 -4.42 8.71
CA CYS C 431 21.76 -3.06 8.89
C CYS C 431 22.83 -2.77 7.85
N VAL C 432 23.00 -1.49 7.51
CA VAL C 432 24.10 -1.03 6.68
C VAL C 432 24.96 -0.08 7.52
N ILE C 433 26.27 -0.21 7.39
CA ILE C 433 27.23 0.56 8.17
C ILE C 433 28.13 1.30 7.20
N ALA C 434 28.25 2.61 7.37
CA ALA C 434 29.07 3.43 6.48
C ALA C 434 29.91 4.39 7.31
N TRP C 435 31.22 4.32 7.15
CA TRP C 435 32.15 5.26 7.77
C TRP C 435 33.17 5.71 6.75
N ASN C 436 33.58 6.98 6.84
CA ASN C 436 34.50 7.56 5.88
C ASN C 436 35.91 7.05 6.11
N SER C 437 36.55 6.58 5.04
CA SER C 437 37.91 6.03 5.10
C SER C 437 38.73 6.67 3.98
N ASN C 438 39.34 7.81 4.28
CA ASN C 438 40.23 8.49 3.34
C ASN C 438 41.70 8.23 3.64
N LYS C 439 42.01 7.43 4.66
CA LYS C 439 43.39 7.16 5.04
C LYS C 439 43.91 5.82 4.54
N LEU C 440 43.03 4.89 4.17
CA LEU C 440 43.44 3.58 3.68
C LEU C 440 43.19 3.39 2.19
N ASP C 441 42.31 4.17 1.58
CA ASP C 441 42.00 4.07 0.16
C ASP C 441 42.50 5.29 -0.60
N SER C 442 43.58 5.90 -0.12
CA SER C 442 44.10 7.09 -0.75
C SER C 442 45.60 7.19 -0.49
N LYS C 443 46.32 7.74 -1.46
CA LYS C 443 47.74 7.98 -1.34
C LYS C 443 48.15 9.01 -2.39
N HIS C 444 49.35 9.56 -2.21
CA HIS C 444 49.88 10.50 -3.18
C HIS C 444 50.07 9.82 -4.53
N SER C 445 49.88 10.59 -5.60
CA SER C 445 49.92 10.17 -7.00
C SER C 445 48.74 9.29 -7.39
N GLY C 446 47.72 9.17 -6.55
CA GLY C 446 46.51 8.45 -6.89
C GLY C 446 46.58 6.97 -6.56
N ASN C 447 45.40 6.34 -6.61
CA ASN C 447 45.27 4.91 -6.37
C ASN C 447 44.03 4.41 -7.11
N TYR C 448 44.24 3.59 -8.13
CA TYR C 448 43.17 3.11 -9.00
C TYR C 448 42.92 1.62 -8.79
N ASP C 449 43.01 1.16 -7.54
CA ASP C 449 42.94 -0.28 -7.27
C ASP C 449 41.52 -0.82 -7.39
N TYR C 450 40.54 -0.06 -6.93
CA TYR C 450 39.18 -0.57 -6.83
C TYR C 450 38.49 -0.58 -8.19
N TRP C 451 37.33 -1.26 -8.24
CA TRP C 451 36.61 -1.48 -9.49
C TRP C 451 35.11 -1.38 -9.22
N TYR C 452 34.36 -1.17 -10.29
CA TYR C 452 32.90 -1.19 -10.24
C TYR C 452 32.35 -1.38 -11.64
N ARG C 453 31.16 -1.97 -11.71
CA ARG C 453 30.55 -2.38 -12.98
C ARG C 453 29.41 -1.45 -13.35
N LEU C 454 29.35 -1.05 -14.61
CA LEU C 454 28.23 -0.29 -15.15
C LEU C 454 27.56 -0.96 -16.33
N PHE C 455 28.21 -1.93 -16.97
CA PHE C 455 27.70 -2.57 -18.18
C PHE C 455 27.38 -4.03 -17.86
N ARG C 456 26.10 -4.33 -17.71
CA ARG C 456 25.63 -5.69 -17.49
C ARG C 456 24.47 -5.97 -18.43
N LYS C 457 24.37 -7.23 -18.87
CA LYS C 457 23.31 -7.60 -19.81
C LYS C 457 21.92 -7.42 -19.21
N SER C 458 21.77 -7.66 -17.91
CA SER C 458 20.49 -7.54 -17.24
C SER C 458 20.72 -6.97 -15.84
N LYS C 459 19.67 -6.94 -15.03
CA LYS C 459 19.76 -6.46 -13.67
C LYS C 459 20.38 -7.54 -12.78
N LEU C 460 20.83 -7.13 -11.59
CA LEU C 460 21.47 -8.02 -10.64
C LEU C 460 20.42 -8.50 -9.63
N LYS C 461 20.26 -9.82 -9.53
CA LYS C 461 19.36 -10.37 -8.54
C LYS C 461 19.93 -10.15 -7.14
N PRO C 462 19.05 -10.03 -6.13
CA PRO C 462 19.54 -9.77 -4.77
C PRO C 462 20.49 -10.85 -4.29
N PHE C 463 21.57 -10.42 -3.64
CA PHE C 463 22.60 -11.30 -3.07
C PHE C 463 23.13 -12.28 -4.11
N GLU C 464 23.43 -11.75 -5.30
CA GLU C 464 24.03 -12.62 -6.36
C GLU C 464 25.30 -11.91 -6.88
N ARG C 465 26.39 -12.66 -7.03
CA ARG C 465 27.67 -12.05 -7.50
C ARG C 465 27.85 -12.35 -8.99
N ASP C 466 28.17 -11.32 -9.79
CA ASP C 466 28.32 -11.51 -11.25
C ASP C 466 29.75 -11.15 -11.65
N ILE C 467 30.75 -11.62 -10.88
CA ILE C 467 32.13 -11.36 -11.24
C ILE C 467 32.42 -11.97 -12.60
N SER C 468 32.64 -11.11 -13.60
CA SER C 468 32.93 -11.57 -14.94
C SER C 468 33.53 -10.41 -15.73
N THR C 469 34.38 -10.75 -16.71
CA THR C 469 34.97 -9.79 -17.62
C THR C 469 34.44 -10.10 -19.01
N GLU C 470 33.27 -9.58 -19.33
CA GLU C 470 32.63 -9.78 -20.63
C GLU C 470 32.28 -8.42 -21.22
N ILE C 471 32.79 -8.14 -22.41
CA ILE C 471 32.58 -6.84 -23.02
C ILE C 471 31.12 -6.69 -23.42
N TYR C 472 30.51 -5.59 -23.03
CA TYR C 472 29.10 -5.35 -23.32
C TYR C 472 28.87 -5.25 -24.83
N GLN C 473 27.87 -5.98 -25.30
CA GLN C 473 27.51 -5.93 -26.71
C GLN C 473 26.66 -4.69 -27.00
N ALA C 474 27.02 -3.99 -28.07
CA ALA C 474 26.28 -2.81 -28.52
C ALA C 474 26.05 -2.93 -30.02
N GLY C 475 24.85 -2.55 -30.45
CA GLY C 475 24.45 -2.77 -31.82
C GLY C 475 24.18 -4.23 -32.09
N ASN C 476 24.94 -4.83 -33.01
CA ASN C 476 24.83 -6.26 -33.28
C ASN C 476 26.19 -6.92 -33.52
N LYS C 477 27.27 -6.29 -33.08
CA LYS C 477 28.62 -6.80 -33.36
C LYS C 477 29.04 -7.81 -32.30
N PRO C 478 29.64 -8.94 -32.68
CA PRO C 478 30.18 -9.87 -31.69
C PRO C 478 31.55 -9.45 -31.19
N CYS C 479 31.89 -8.18 -31.43
CA CYS C 479 33.16 -7.59 -31.04
C CYS C 479 33.56 -7.96 -29.62
N LYS C 480 34.83 -8.29 -29.43
CA LYS C 480 35.38 -8.69 -28.14
C LYS C 480 36.66 -7.88 -27.90
N GLY C 481 36.57 -6.84 -27.09
CA GLY C 481 37.72 -6.03 -26.78
C GLY C 481 37.31 -4.63 -26.38
N LYS C 482 38.31 -3.75 -26.34
CA LYS C 482 38.11 -2.35 -26.01
C LYS C 482 38.15 -1.48 -27.26
N GLY C 483 37.54 -0.31 -27.15
CA GLY C 483 37.48 0.62 -28.25
C GLY C 483 36.06 1.12 -28.51
N PRO C 484 35.75 1.44 -29.76
CA PRO C 484 34.41 1.96 -30.08
C PRO C 484 33.40 0.82 -30.16
N ASN C 485 32.25 1.02 -29.51
CA ASN C 485 31.12 0.10 -29.52
C ASN C 485 31.48 -1.24 -28.87
N CYS C 486 32.64 -1.30 -28.22
CA CYS C 486 33.10 -2.48 -27.48
C CYS C 486 33.72 -1.95 -26.19
N TYR C 487 32.96 -1.96 -25.10
CA TYR C 487 33.37 -1.34 -23.86
C TYR C 487 33.54 -2.38 -22.76
N PHE C 488 34.52 -2.15 -21.89
CA PHE C 488 34.74 -3.02 -20.75
C PHE C 488 33.59 -2.90 -19.76
N PRO C 489 33.07 -4.01 -19.23
CA PRO C 489 31.91 -3.93 -18.33
C PRO C 489 32.19 -3.15 -17.05
N LEU C 490 33.42 -3.19 -16.54
CA LEU C 490 33.76 -2.61 -15.25
C LEU C 490 34.82 -1.53 -15.44
N GLN C 491 34.61 -0.38 -14.78
CA GLN C 491 35.50 0.76 -14.87
C GLN C 491 36.17 1.00 -13.54
N SER C 492 37.25 1.78 -13.56
CA SER C 492 38.03 2.05 -12.36
C SER C 492 37.21 2.84 -11.34
N TYR C 493 37.45 2.55 -10.07
CA TYR C 493 36.90 3.30 -8.94
C TYR C 493 37.97 4.19 -8.31
N GLY C 494 38.84 4.77 -9.14
CA GLY C 494 39.99 5.54 -8.69
C GLY C 494 39.75 6.51 -7.56
N PHE C 495 40.63 6.46 -6.55
CA PHE C 495 40.48 7.26 -5.36
C PHE C 495 41.75 8.05 -5.09
N ARG C 496 41.57 9.28 -4.62
CA ARG C 496 42.65 10.19 -4.27
C ARG C 496 42.31 10.87 -2.95
N PRO C 497 43.32 11.30 -2.19
CA PRO C 497 43.05 11.95 -0.90
C PRO C 497 42.29 13.26 -1.02
N THR C 498 42.31 13.92 -2.17
CA THR C 498 41.70 15.23 -2.35
C THR C 498 40.53 15.11 -3.33
N TYR C 499 39.36 14.77 -2.81
CA TYR C 499 38.10 14.80 -3.55
C TYR C 499 37.06 15.56 -2.75
N GLY C 500 35.87 15.68 -3.34
CA GLY C 500 34.73 16.21 -2.60
C GLY C 500 34.13 15.15 -1.70
N VAL C 501 33.21 15.60 -0.84
CA VAL C 501 32.60 14.70 0.14
C VAL C 501 31.88 13.55 -0.56
N GLY C 502 31.14 13.87 -1.62
CA GLY C 502 30.45 12.82 -2.38
C GLY C 502 31.38 11.92 -3.17
N HIS C 503 32.63 12.34 -3.36
CA HIS C 503 33.62 11.55 -4.09
C HIS C 503 34.65 10.91 -3.17
N GLN C 504 34.45 10.95 -1.86
CA GLN C 504 35.38 10.36 -0.92
C GLN C 504 35.21 8.85 -0.85
N PRO C 505 36.28 8.12 -0.49
CA PRO C 505 36.19 6.64 -0.36
C PRO C 505 35.44 6.18 0.89
N TYR C 506 34.11 6.15 0.78
CA TYR C 506 33.29 5.70 1.89
C TYR C 506 33.37 4.18 2.03
N ARG C 507 33.70 3.72 3.23
CA ARG C 507 33.76 2.29 3.52
C ARG C 507 32.40 1.84 4.06
N VAL C 508 31.76 0.93 3.33
CA VAL C 508 30.39 0.52 3.63
C VAL C 508 30.38 -0.98 3.90
N VAL C 509 29.90 -1.36 5.08
CA VAL C 509 29.72 -2.75 5.45
C VAL C 509 28.25 -2.97 5.76
N VAL C 510 27.62 -3.90 5.04
CA VAL C 510 26.23 -4.23 5.25
C VAL C 510 26.15 -5.46 6.15
N LEU C 511 25.12 -5.48 7.00
CA LEU C 511 24.88 -6.59 7.90
C LEU C 511 23.52 -7.19 7.57
N SER C 512 23.49 -8.50 7.36
CA SER C 512 22.27 -9.21 7.02
C SER C 512 21.92 -10.17 8.15
N PHE C 513 20.68 -10.11 8.62
CA PHE C 513 20.21 -10.95 9.70
C PHE C 513 19.05 -11.82 9.23
N GLU C 514 18.98 -13.03 9.79
CA GLU C 514 17.95 -14.00 9.46
C GLU C 514 17.28 -14.42 10.77
N LEU C 515 16.21 -13.72 11.13
CA LEU C 515 15.45 -14.02 12.34
C LEU C 515 14.16 -14.73 11.94
N LEU C 516 14.26 -16.06 11.85
CA LEU C 516 13.10 -16.90 11.58
C LEU C 516 13.11 -18.06 12.57
N HIS C 517 12.07 -18.90 12.49
CA HIS C 517 11.86 -19.98 13.45
C HIS C 517 12.85 -21.10 13.15
N ALA C 518 14.04 -20.99 13.74
CA ALA C 518 15.11 -21.95 13.55
C ALA C 518 16.10 -21.80 14.70
N PRO C 519 16.93 -22.82 14.95
CA PRO C 519 17.95 -22.69 16.00
C PRO C 519 18.89 -21.52 15.73
N ALA C 520 19.18 -20.73 16.77
CA ALA C 520 20.00 -19.54 16.61
C ALA C 520 21.46 -19.84 16.89
N THR C 521 22.32 -18.87 16.58
CA THR C 521 23.76 -19.03 16.75
C THR C 521 24.39 -17.89 17.54
N VAL C 522 23.90 -16.67 17.38
CA VAL C 522 24.54 -15.48 17.92
C VAL C 522 23.56 -14.73 18.81
N CYS C 523 24.05 -14.27 19.96
CA CYS C 523 23.24 -13.59 20.96
C CYS C 523 24.05 -12.46 21.57
N GLY C 524 23.56 -11.93 22.70
CA GLY C 524 24.27 -10.92 23.46
C GLY C 524 24.48 -11.34 24.90
N PRO C 525 24.25 -10.42 25.84
CA PRO C 525 24.34 -10.78 27.25
C PRO C 525 23.32 -11.84 27.62
N LYS C 526 23.74 -12.76 28.51
CA LYS C 526 22.85 -13.92 28.79
C LYS C 526 22.87 -14.36 30.25
N LYS C 527 21.70 -14.48 30.87
CA LYS C 527 21.52 -15.01 32.22
C LYS C 527 20.91 -16.40 32.14
N SER C 528 21.31 -17.26 33.07
CA SER C 528 20.97 -18.67 33.00
C SER C 528 20.12 -19.12 34.18
N THR C 529 19.08 -18.36 34.51
CA THR C 529 18.15 -18.75 35.56
C THR C 529 17.53 -20.10 35.23
N ASN C 530 17.48 -20.98 36.23
CA ASN C 530 17.03 -22.35 36.01
C ASN C 530 15.55 -22.38 35.67
N LEU C 531 15.14 -23.42 34.95
CA LEU C 531 13.75 -23.58 34.55
C LEU C 531 12.90 -24.05 35.72
N VAL C 532 11.78 -23.39 35.94
CA VAL C 532 10.84 -23.72 37.00
C VAL C 532 9.53 -24.12 36.33
N LYS C 533 8.97 -25.25 36.73
CA LYS C 533 7.81 -25.83 36.07
C LYS C 533 6.56 -25.68 36.92
N ASN C 534 5.41 -25.67 36.23
CA ASN C 534 4.10 -25.52 36.85
C ASN C 534 3.93 -24.16 37.52
N LYS C 535 4.73 -23.19 37.08
CA LYS C 535 4.60 -21.83 37.59
C LYS C 535 4.65 -20.85 36.42
N CYS C 536 3.81 -19.83 36.47
CA CYS C 536 3.79 -18.81 35.44
C CYS C 536 5.11 -18.05 35.44
N VAL C 537 5.69 -17.88 34.26
CA VAL C 537 7.04 -17.32 34.12
C VAL C 537 7.11 -16.54 32.81
N ASN C 538 7.70 -15.34 32.88
CA ASN C 538 8.08 -14.64 31.66
C ASN C 538 9.31 -15.32 31.07
N PHE C 539 9.16 -15.95 29.90
CA PHE C 539 10.24 -16.68 29.27
C PHE C 539 10.85 -15.85 28.15
N ASN C 540 12.13 -16.07 27.92
CA ASN C 540 12.86 -15.49 26.79
C ASN C 540 13.64 -16.57 26.08
N PHE C 541 12.96 -17.68 25.78
CA PHE C 541 13.55 -18.86 25.17
C PHE C 541 14.03 -18.55 23.76
N ASN C 542 15.34 -18.51 23.58
CA ASN C 542 15.98 -18.40 22.27
C ASN C 542 15.47 -17.18 21.50
N GLY C 543 15.55 -16.03 22.18
CA GLY C 543 15.15 -14.77 21.60
C GLY C 543 13.66 -14.54 21.58
N LEU C 544 12.88 -15.61 21.80
CA LEU C 544 11.42 -15.52 21.80
C LEU C 544 10.96 -15.20 23.21
N THR C 545 10.57 -13.95 23.43
CA THR C 545 10.04 -13.52 24.71
C THR C 545 8.58 -13.94 24.83
N GLY C 546 8.02 -13.74 26.02
CA GLY C 546 6.65 -14.11 26.26
C GLY C 546 6.47 -14.58 27.68
N THR C 547 5.25 -15.04 27.96
CA THR C 547 4.89 -15.52 29.28
C THR C 547 4.00 -16.74 29.17
N GLY C 548 4.36 -17.80 29.89
CA GLY C 548 3.57 -19.01 29.84
C GLY C 548 4.03 -20.01 30.89
N VAL C 549 3.21 -21.03 31.09
CA VAL C 549 3.45 -22.08 32.08
C VAL C 549 4.15 -23.24 31.37
N LEU C 550 5.25 -23.70 31.96
CA LEU C 550 6.04 -24.78 31.38
C LEU C 550 5.90 -26.04 32.22
N THR C 551 5.90 -27.18 31.53
CA THR C 551 5.76 -28.48 32.18
C THR C 551 6.22 -29.55 31.21
N LYS C 552 6.35 -30.77 31.72
CA LYS C 552 6.79 -31.88 30.89
C LYS C 552 5.72 -32.25 29.86
N SER C 553 6.16 -32.51 28.64
CA SER C 553 5.28 -32.91 27.55
C SER C 553 5.73 -34.27 27.01
N ASN C 554 4.85 -34.91 26.24
CA ASN C 554 5.10 -36.21 25.64
C ASN C 554 4.93 -36.15 24.13
N LYS C 555 5.30 -35.03 23.52
CA LYS C 555 5.29 -34.90 22.07
C LYS C 555 6.48 -35.66 21.50
N LYS C 556 6.60 -35.68 20.18
CA LYS C 556 7.65 -36.46 19.53
C LYS C 556 8.57 -35.56 18.70
N PHE C 557 8.97 -34.42 19.28
CA PHE C 557 9.75 -33.42 18.57
C PHE C 557 10.99 -34.04 17.94
N LEU C 558 11.05 -33.97 16.59
CA LEU C 558 12.09 -34.66 15.85
C LEU C 558 13.45 -33.99 16.05
N PRO C 559 14.55 -34.72 15.76
CA PRO C 559 15.88 -34.19 16.10
C PRO C 559 16.20 -32.81 15.52
N PHE C 560 15.82 -32.55 14.27
CA PHE C 560 16.12 -31.26 13.66
C PHE C 560 15.13 -30.18 14.09
N GLN C 561 14.09 -30.56 14.83
CA GLN C 561 13.01 -29.66 15.19
C GLN C 561 13.45 -28.70 16.30
N GLN C 562 13.02 -27.44 16.18
CA GLN C 562 13.36 -26.42 17.18
C GLN C 562 12.12 -25.79 17.81
N PHE C 563 11.21 -25.24 17.00
CA PHE C 563 10.18 -24.36 17.55
C PHE C 563 8.87 -25.09 17.85
N GLY C 564 8.21 -25.57 16.81
CA GLY C 564 6.91 -26.21 16.98
C GLY C 564 5.80 -25.20 17.21
N ARG C 565 4.67 -25.42 16.53
CA ARG C 565 3.46 -24.62 16.74
C ARG C 565 2.31 -25.58 16.97
N ASP C 566 1.13 -25.03 17.25
CA ASP C 566 -0.12 -25.76 17.31
C ASP C 566 -0.79 -25.69 15.94
N ILE C 567 -2.06 -26.10 15.84
CA ILE C 567 -2.78 -26.00 14.58
C ILE C 567 -2.81 -24.54 14.11
N VAL C 568 -3.49 -23.67 14.85
CA VAL C 568 -3.77 -22.30 14.37
C VAL C 568 -2.69 -21.39 14.92
N ASP C 569 -1.50 -21.50 14.32
CA ASP C 569 -0.51 -20.43 14.27
C ASP C 569 -0.18 -19.75 15.59
N THR C 570 0.42 -20.48 16.52
CA THR C 570 1.06 -19.87 17.70
C THR C 570 2.03 -20.88 18.30
N THR C 571 3.14 -20.39 18.83
CA THR C 571 4.15 -21.25 19.44
C THR C 571 3.57 -21.97 20.66
N ASP C 572 3.57 -23.31 20.63
CA ASP C 572 2.95 -24.09 21.68
C ASP C 572 3.94 -24.90 22.50
N ALA C 573 4.70 -25.79 21.86
CA ALA C 573 5.58 -26.72 22.57
C ALA C 573 7.00 -26.51 22.07
N VAL C 574 7.79 -25.77 22.84
CA VAL C 574 9.20 -25.56 22.56
C VAL C 574 9.99 -26.61 23.33
N ARG C 575 10.77 -27.40 22.61
CA ARG C 575 11.64 -28.36 23.29
C ARG C 575 12.70 -27.61 24.08
N ASP C 576 13.26 -28.28 25.08
CA ASP C 576 14.26 -27.64 25.92
C ASP C 576 15.64 -27.77 25.30
N PRO C 577 16.35 -26.66 25.03
CA PRO C 577 17.71 -26.78 24.51
C PRO C 577 18.64 -27.55 25.41
N GLN C 578 18.41 -27.50 26.74
CA GLN C 578 19.40 -28.11 27.67
C GLN C 578 19.05 -29.54 28.08
N THR C 579 17.76 -29.89 28.13
CA THR C 579 17.37 -31.20 28.62
C THR C 579 16.71 -32.07 27.57
N LEU C 580 16.53 -31.57 26.35
CA LEU C 580 15.91 -32.33 25.26
C LEU C 580 14.51 -32.81 25.60
N GLU C 581 13.86 -32.15 26.55
CA GLU C 581 12.46 -32.40 26.86
C GLU C 581 11.59 -31.40 26.11
N ILE C 582 10.28 -31.59 26.20
CA ILE C 582 9.31 -30.76 25.51
C ILE C 582 8.45 -30.06 26.56
N LEU C 583 8.24 -28.76 26.37
CA LEU C 583 7.56 -27.93 27.37
C LEU C 583 6.39 -27.21 26.71
N ASP C 584 5.17 -27.63 27.04
CA ASP C 584 3.99 -26.90 26.58
C ASP C 584 3.99 -25.50 27.15
N ILE C 585 3.36 -24.58 26.42
CA ILE C 585 3.14 -23.22 26.87
C ILE C 585 1.64 -22.98 26.91
N THR C 586 1.14 -22.59 28.07
CA THR C 586 -0.26 -22.48 28.39
C THR C 586 -0.63 -21.02 28.66
N PRO C 587 -1.90 -20.63 28.50
CA PRO C 587 -2.32 -19.32 28.98
C PRO C 587 -2.02 -19.19 30.47
N CYS C 588 -1.60 -18.00 30.91
CA CYS C 588 -1.22 -17.82 32.33
C CYS C 588 -2.40 -18.24 33.20
N SER C 589 -3.49 -17.49 33.16
CA SER C 589 -4.72 -17.81 33.91
C SER C 589 -5.81 -16.89 33.35
N PHE C 590 -5.67 -16.53 32.07
CA PHE C 590 -6.59 -15.57 31.47
C PHE C 590 -8.05 -15.96 31.68
N GLY C 591 -8.82 -15.02 32.22
CA GLY C 591 -10.25 -15.19 32.36
C GLY C 591 -10.98 -13.88 32.28
N GLY C 592 -11.94 -13.68 33.18
CA GLY C 592 -12.67 -12.43 33.27
C GLY C 592 -13.31 -12.27 34.62
N VAL C 593 -13.28 -11.06 35.17
CA VAL C 593 -13.82 -10.79 36.49
C VAL C 593 -15.11 -10.00 36.31
N SER C 594 -16.19 -10.49 36.94
CA SER C 594 -17.48 -9.81 36.94
C SER C 594 -17.96 -9.71 38.37
N VAL C 595 -18.63 -8.61 38.68
CA VAL C 595 -19.03 -8.29 40.05
C VAL C 595 -20.55 -8.27 40.12
N ILE C 596 -21.10 -9.00 41.09
CA ILE C 596 -22.55 -9.03 41.32
C ILE C 596 -22.85 -8.11 42.49
N THR C 597 -23.75 -7.16 42.29
CA THR C 597 -24.11 -6.25 43.36
C THR C 597 -25.57 -5.85 43.26
N PRO C 598 -26.26 -5.73 44.38
CA PRO C 598 -27.58 -5.10 44.38
C PRO C 598 -27.40 -3.59 44.25
N GLY C 599 -28.52 -2.89 44.14
CA GLY C 599 -28.48 -1.45 43.97
C GLY C 599 -27.73 -0.75 45.09
N THR C 600 -26.92 0.24 44.75
CA THR C 600 -26.19 0.98 45.77
C THR C 600 -27.14 1.74 46.69
N ASN C 601 -28.39 1.95 46.27
CA ASN C 601 -29.40 2.51 47.15
C ASN C 601 -29.97 1.49 48.11
N THR C 602 -29.63 0.20 47.95
CA THR C 602 -30.07 -0.85 48.85
C THR C 602 -28.95 -1.29 49.80
N SER C 603 -27.76 -1.53 49.26
CA SER C 603 -26.63 -1.98 50.08
C SER C 603 -25.33 -1.71 49.33
N ASN C 604 -24.23 -1.88 50.03
CA ASN C 604 -22.89 -1.70 49.47
C ASN C 604 -22.07 -2.98 49.43
N GLN C 605 -22.71 -4.14 49.55
CA GLN C 605 -21.99 -5.40 49.50
C GLN C 605 -21.79 -5.84 48.05
N VAL C 606 -20.70 -6.58 47.81
CA VAL C 606 -20.40 -7.12 46.48
C VAL C 606 -19.86 -8.54 46.62
N ALA C 607 -19.95 -9.28 45.53
CA ALA C 607 -19.33 -10.59 45.40
C ALA C 607 -18.70 -10.69 44.02
N VAL C 608 -17.66 -11.49 43.89
CA VAL C 608 -16.83 -11.52 42.68
C VAL C 608 -16.85 -12.91 42.08
N LEU C 609 -16.95 -12.98 40.75
CA LEU C 609 -16.94 -14.23 40.01
C LEU C 609 -15.76 -14.23 39.05
N TYR C 610 -14.95 -15.28 39.11
CA TYR C 610 -13.83 -15.44 38.20
C TYR C 610 -14.25 -16.36 37.06
N GLN C 611 -14.54 -15.78 35.90
CA GLN C 611 -15.10 -16.54 34.79
C GLN C 611 -14.07 -17.54 34.25
N GLY C 612 -14.54 -18.74 33.93
CA GLY C 612 -13.74 -19.72 33.22
C GLY C 612 -12.49 -20.19 33.90
N VAL C 613 -12.58 -20.39 35.22
CA VAL C 613 -11.41 -20.89 36.02
C VAL C 613 -11.94 -21.44 37.35
N ASN C 614 -11.38 -22.56 37.81
CA ASN C 614 -11.78 -23.12 39.14
C ASN C 614 -10.91 -22.44 40.20
N CYS C 615 -11.52 -21.98 41.31
CA CYS C 615 -10.69 -21.25 42.31
C CYS C 615 -9.80 -22.25 43.04
N THR C 616 -8.71 -22.68 42.41
CA THR C 616 -7.73 -23.59 43.04
C THR C 616 -6.34 -22.99 42.85
N GLU C 617 -5.86 -22.95 41.61
CA GLU C 617 -4.57 -22.27 41.34
C GLU C 617 -4.75 -20.78 41.61
N VAL C 618 -5.87 -20.21 41.17
CA VAL C 618 -6.16 -18.76 41.41
C VAL C 618 -6.45 -18.56 42.90
N SER C 619 -7.10 -19.53 43.55
CA SER C 619 -7.33 -19.43 45.02
C SER C 619 -5.98 -19.39 45.73
N VAL C 620 -5.06 -20.30 45.36
CA VAL C 620 -3.69 -20.27 45.94
C VAL C 620 -3.05 -18.95 45.51
N ALA C 621 -3.26 -18.54 44.26
CA ALA C 621 -2.72 -17.25 43.78
C ALA C 621 -3.26 -16.11 44.67
N ILE C 622 -4.55 -16.15 45.05
CA ILE C 622 -5.03 -15.13 45.98
C ILE C 622 -4.18 -15.14 47.25
N HIS C 623 -3.89 -16.32 47.78
CA HIS C 623 -3.10 -16.42 49.00
C HIS C 623 -1.66 -15.99 48.75
N ALA C 624 -1.19 -16.09 47.51
CA ALA C 624 0.19 -15.74 47.21
C ALA C 624 0.34 -14.43 46.45
N ASP C 625 -0.77 -13.77 46.10
CA ASP C 625 -0.75 -12.38 45.60
C ASP C 625 0.05 -12.23 44.31
N GLN C 626 -0.46 -12.83 43.22
CA GLN C 626 0.11 -12.63 41.89
C GLN C 626 -0.88 -12.11 40.86
N LEU C 627 -2.14 -11.93 41.22
CA LEU C 627 -3.13 -11.49 40.24
C LEU C 627 -2.95 -10.00 39.96
N THR C 628 -3.22 -9.61 38.71
CA THR C 628 -3.33 -8.19 38.41
C THR C 628 -4.42 -7.51 39.23
N PRO C 629 -5.61 -8.10 39.44
CA PRO C 629 -6.60 -7.47 40.34
C PRO C 629 -6.02 -7.09 41.69
N THR C 630 -5.96 -5.80 41.97
CA THR C 630 -5.55 -5.32 43.28
C THR C 630 -6.65 -5.45 44.32
N TRP C 631 -7.91 -5.30 43.92
CA TRP C 631 -9.03 -5.48 44.84
C TRP C 631 -9.08 -6.94 45.28
N ARG C 632 -9.17 -7.16 46.59
CA ARG C 632 -9.16 -8.50 47.17
C ARG C 632 -10.44 -8.70 47.97
N VAL C 633 -11.40 -9.41 47.39
CA VAL C 633 -12.66 -9.70 48.05
C VAL C 633 -12.41 -10.69 49.18
N TYR C 634 -13.19 -10.56 50.26
CA TYR C 634 -13.04 -11.45 51.41
C TYR C 634 -13.45 -12.87 51.05
N SER C 635 -12.84 -13.83 51.75
CA SER C 635 -13.15 -15.25 51.56
C SER C 635 -13.09 -15.91 52.94
N THR C 636 -14.26 -16.11 53.55
CA THR C 636 -14.36 -16.63 54.91
C THR C 636 -14.57 -18.14 54.95
N GLY C 637 -14.55 -18.82 53.81
CA GLY C 637 -14.78 -20.24 53.75
C GLY C 637 -16.22 -20.63 53.48
N SER C 638 -17.17 -19.88 54.05
CA SER C 638 -18.58 -20.08 53.73
C SER C 638 -18.96 -19.43 52.41
N ASN C 639 -18.06 -18.68 51.80
CA ASN C 639 -18.33 -18.03 50.51
C ASN C 639 -17.33 -18.56 49.49
N VAL C 640 -17.63 -19.75 48.96
CA VAL C 640 -16.95 -20.35 47.82
C VAL C 640 -17.94 -21.29 47.16
N PHE C 641 -18.06 -21.21 45.84
CA PHE C 641 -19.04 -22.01 45.13
C PHE C 641 -18.55 -22.22 43.70
N GLN C 642 -18.12 -23.44 43.40
CA GLN C 642 -17.67 -23.76 42.05
C GLN C 642 -18.87 -23.95 41.14
N THR C 643 -19.06 -23.04 40.19
CA THR C 643 -20.09 -23.17 39.17
C THR C 643 -19.48 -23.75 37.91
N ARG C 644 -20.35 -24.06 36.95
CA ARG C 644 -19.87 -24.44 35.63
C ARG C 644 -19.34 -23.25 34.84
N ALA C 645 -19.59 -22.03 35.30
CA ALA C 645 -19.20 -20.81 34.61
C ALA C 645 -18.02 -20.11 35.26
N GLY C 646 -17.21 -20.82 36.03
CA GLY C 646 -16.13 -20.22 36.78
C GLY C 646 -16.21 -20.61 38.24
N CYS C 647 -16.13 -19.63 39.14
CA CYS C 647 -16.43 -19.91 40.54
C CYS C 647 -16.71 -18.60 41.25
N LEU C 648 -17.51 -18.69 42.31
CA LEU C 648 -18.10 -17.52 42.96
C LEU C 648 -17.52 -17.38 44.37
N ILE C 649 -17.07 -16.16 44.69
CA ILE C 649 -16.47 -15.85 45.97
C ILE C 649 -17.22 -14.67 46.57
N GLY C 650 -17.59 -14.78 47.84
CA GLY C 650 -18.30 -13.73 48.53
C GLY C 650 -19.78 -14.00 48.76
N ALA C 651 -20.30 -15.12 48.29
CA ALA C 651 -21.71 -15.46 48.45
C ALA C 651 -21.84 -16.91 48.89
N GLU C 652 -22.74 -17.16 49.83
CA GLU C 652 -22.98 -18.51 50.33
C GLU C 652 -24.09 -19.19 49.53
N TYR C 653 -24.01 -20.51 49.45
CA TYR C 653 -24.89 -21.28 48.55
C TYR C 653 -25.96 -21.97 49.38
N VAL C 654 -27.19 -21.49 49.27
CA VAL C 654 -28.35 -22.14 49.89
C VAL C 654 -28.99 -23.07 48.88
N ASN C 655 -29.63 -24.13 49.38
CA ASN C 655 -30.19 -25.15 48.50
C ASN C 655 -31.63 -24.87 48.09
N ASN C 656 -32.24 -23.80 48.58
CA ASN C 656 -33.61 -23.49 48.20
C ASN C 656 -33.67 -23.08 46.74
N SER C 657 -34.89 -22.81 46.28
CA SER C 657 -35.11 -22.39 44.91
C SER C 657 -36.08 -21.22 44.88
N TYR C 658 -35.73 -20.18 44.13
CA TYR C 658 -36.56 -18.99 43.99
C TYR C 658 -36.62 -18.59 42.53
N GLU C 659 -37.51 -17.65 42.22
CA GLU C 659 -37.49 -17.02 40.92
C GLU C 659 -36.16 -16.31 40.70
N CYS C 660 -35.57 -16.52 39.53
CA CYS C 660 -34.24 -15.99 39.25
C CYS C 660 -34.24 -14.47 39.36
N ASP C 661 -33.30 -13.93 40.14
CA ASP C 661 -33.20 -12.50 40.37
C ASP C 661 -32.15 -11.83 39.50
N ILE C 662 -30.89 -12.25 39.61
CA ILE C 662 -29.85 -11.80 38.68
C ILE C 662 -29.19 -13.03 38.09
N PRO C 663 -29.02 -13.11 36.77
CA PRO C 663 -28.55 -14.35 36.16
C PRO C 663 -27.03 -14.43 36.14
N ILE C 664 -26.50 -15.47 36.78
CA ILE C 664 -25.06 -15.76 36.77
C ILE C 664 -24.69 -16.67 35.61
N GLY C 665 -25.35 -17.81 35.50
CA GLY C 665 -25.09 -18.76 34.43
C GLY C 665 -25.08 -20.19 34.91
N ALA C 666 -25.37 -21.11 33.99
CA ALA C 666 -25.36 -22.55 34.27
C ALA C 666 -26.37 -22.95 35.34
N GLY C 667 -27.52 -22.27 35.35
CA GLY C 667 -28.59 -22.63 36.25
C GLY C 667 -28.44 -22.15 37.67
N ILE C 668 -27.64 -21.11 37.92
CA ILE C 668 -27.48 -20.54 39.24
C ILE C 668 -27.79 -19.05 39.18
N CYS C 669 -28.59 -18.58 40.13
CA CYS C 669 -28.89 -17.16 40.29
C CYS C 669 -28.54 -16.74 41.70
N ALA C 670 -28.26 -15.46 41.88
CA ALA C 670 -27.97 -14.88 43.19
C ALA C 670 -28.96 -13.77 43.49
N SER C 671 -29.16 -13.50 44.78
CA SER C 671 -30.11 -12.47 45.17
C SER C 671 -29.74 -11.93 46.54
N TYR C 672 -30.22 -10.73 46.82
CA TYR C 672 -30.05 -10.07 48.11
C TYR C 672 -31.27 -10.35 48.96
N GLN C 673 -31.25 -11.45 49.69
CA GLN C 673 -32.37 -11.87 50.52
C GLN C 673 -32.02 -11.68 51.99
N THR C 674 -33.03 -11.35 52.78
CA THR C 674 -32.84 -11.18 54.21
C THR C 674 -32.47 -12.52 54.86
N GLN C 675 -31.83 -12.41 56.02
CA GLN C 675 -31.37 -13.60 56.73
C GLN C 675 -32.51 -14.28 57.47
N SER C 687 -28.43 -9.06 58.97
CA SER C 687 -29.73 -9.61 58.62
C SER C 687 -29.91 -9.69 57.10
N GLN C 688 -28.93 -9.17 56.38
CA GLN C 688 -28.97 -9.14 54.92
C GLN C 688 -27.60 -9.57 54.38
N SER C 689 -27.62 -10.35 53.30
CA SER C 689 -26.39 -10.84 52.69
C SER C 689 -26.71 -11.29 51.26
N ILE C 690 -25.70 -11.84 50.60
CA ILE C 690 -25.81 -12.29 49.21
C ILE C 690 -25.71 -13.81 49.21
N ILE C 691 -26.67 -14.46 48.56
CA ILE C 691 -26.77 -15.91 48.56
C ILE C 691 -26.77 -16.42 47.12
N ALA C 692 -26.45 -17.70 46.96
CA ALA C 692 -26.46 -18.37 45.67
C ALA C 692 -27.41 -19.56 45.73
N TYR C 693 -28.24 -19.70 44.69
CA TYR C 693 -29.24 -20.76 44.65
C TYR C 693 -29.45 -21.18 43.20
N THR C 694 -30.11 -22.33 43.04
CA THR C 694 -30.53 -22.77 41.72
C THR C 694 -31.94 -22.26 41.44
N MET C 695 -32.16 -21.73 40.24
CA MET C 695 -33.45 -21.16 39.90
C MET C 695 -34.53 -22.22 39.87
N SER C 696 -35.76 -21.82 40.22
CA SER C 696 -36.91 -22.71 40.19
C SER C 696 -37.71 -22.45 38.92
N LEU C 697 -38.03 -23.50 38.19
CA LEU C 697 -38.76 -23.37 36.93
C LEU C 697 -40.21 -22.94 37.12
N GLY C 698 -40.78 -23.16 38.29
CA GLY C 698 -42.14 -22.72 38.56
C GLY C 698 -42.75 -23.54 39.67
N ALA C 699 -43.98 -23.15 40.03
CA ALA C 699 -44.72 -23.89 41.04
C ALA C 699 -44.99 -25.30 40.55
N GLU C 700 -44.67 -26.29 41.38
CA GLU C 700 -44.81 -27.68 41.01
C GLU C 700 -46.28 -28.08 41.13
N ASN C 701 -46.78 -28.84 40.16
CA ASN C 701 -48.18 -29.20 40.11
C ASN C 701 -48.35 -30.58 39.48
N SER C 702 -49.48 -31.21 39.76
CA SER C 702 -49.87 -32.46 39.14
C SER C 702 -51.31 -32.36 38.66
N VAL C 703 -51.58 -32.94 37.50
CA VAL C 703 -52.92 -32.96 36.93
C VAL C 703 -53.54 -34.31 37.23
N ALA C 704 -54.86 -34.33 37.42
CA ALA C 704 -55.59 -35.47 37.97
C ALA C 704 -56.27 -36.29 36.90
N TYR C 705 -55.60 -36.50 35.76
CA TYR C 705 -56.21 -37.17 34.62
C TYR C 705 -56.75 -38.54 34.99
N SER C 706 -57.95 -38.84 34.51
CA SER C 706 -58.59 -40.13 34.72
C SER C 706 -59.37 -40.49 33.46
N ASN C 707 -60.05 -41.66 33.50
CA ASN C 707 -60.67 -42.18 32.29
C ASN C 707 -61.96 -41.43 31.94
N ASN C 708 -62.71 -40.99 32.95
CA ASN C 708 -63.99 -40.33 32.71
C ASN C 708 -64.20 -39.13 33.63
N SER C 709 -63.22 -38.27 33.79
CA SER C 709 -63.32 -37.10 34.64
C SER C 709 -63.04 -35.84 33.83
N ILE C 710 -63.92 -34.84 33.95
CA ILE C 710 -63.73 -33.55 33.32
C ILE C 710 -64.00 -32.45 34.34
N ALA C 711 -63.24 -31.38 34.26
CA ALA C 711 -63.48 -30.16 35.03
C ALA C 711 -64.05 -29.13 34.09
N ILE C 712 -65.23 -28.59 34.42
CA ILE C 712 -65.89 -27.62 33.56
C ILE C 712 -66.00 -26.30 34.32
N PRO C 713 -65.56 -25.18 33.75
CA PRO C 713 -65.58 -23.91 34.48
C PRO C 713 -67.01 -23.41 34.64
N THR C 714 -67.36 -23.01 35.86
CA THR C 714 -68.69 -22.48 36.14
C THR C 714 -68.70 -20.97 36.38
N ASN C 715 -67.65 -20.26 35.99
CA ASN C 715 -67.58 -18.81 36.13
C ASN C 715 -66.49 -18.29 35.21
N PHE C 716 -66.28 -16.98 35.22
CA PHE C 716 -65.27 -16.39 34.35
C PHE C 716 -64.71 -15.13 35.00
N THR C 717 -63.64 -14.63 34.39
CA THR C 717 -63.00 -13.39 34.80
C THR C 717 -62.40 -12.71 33.57
N ILE C 718 -62.15 -11.42 33.68
CA ILE C 718 -61.64 -10.60 32.59
C ILE C 718 -60.33 -9.95 33.00
N SER C 719 -59.34 -10.03 32.12
CA SER C 719 -58.04 -9.43 32.36
C SER C 719 -57.70 -8.50 31.21
N VAL C 720 -57.09 -7.36 31.53
CA VAL C 720 -56.66 -6.39 30.54
C VAL C 720 -55.14 -6.28 30.66
N THR C 721 -54.43 -6.88 29.71
CA THR C 721 -52.98 -6.84 29.71
C THR C 721 -52.48 -5.72 28.82
N THR C 722 -51.15 -5.64 28.66
CA THR C 722 -50.53 -4.58 27.87
C THR C 722 -49.40 -5.16 27.05
N GLU C 723 -49.13 -4.54 25.90
CA GLU C 723 -48.01 -4.89 25.04
C GLU C 723 -47.38 -3.61 24.52
N ILE C 724 -46.05 -3.51 24.63
CA ILE C 724 -45.30 -2.34 24.19
C ILE C 724 -44.46 -2.75 23.00
N LEU C 725 -44.48 -1.93 21.95
CA LEU C 725 -43.77 -2.22 20.71
C LEU C 725 -43.12 -0.96 20.17
N PRO C 726 -41.81 -0.93 19.96
CA PRO C 726 -41.19 0.20 19.24
C PRO C 726 -41.62 0.21 17.79
N VAL C 727 -41.70 1.40 17.21
CA VAL C 727 -42.15 1.54 15.83
C VAL C 727 -41.13 2.31 15.00
N SER C 728 -40.37 3.20 15.63
CA SER C 728 -39.46 4.05 14.89
C SER C 728 -38.39 4.57 15.84
N MET C 729 -37.31 5.11 15.25
CA MET C 729 -36.21 5.71 15.97
C MET C 729 -35.88 7.07 15.36
N THR C 730 -34.90 7.74 15.96
CA THR C 730 -34.58 9.11 15.57
C THR C 730 -33.93 9.12 14.19
N LYS C 731 -34.18 10.19 13.45
CA LYS C 731 -33.61 10.40 12.13
C LYS C 731 -32.39 11.30 12.23
N THR C 732 -31.29 10.89 11.60
CA THR C 732 -30.01 11.57 11.71
C THR C 732 -29.45 11.86 10.31
N SER C 733 -28.76 12.99 10.18
CA SER C 733 -28.27 13.51 8.91
C SER C 733 -26.81 13.93 9.00
N VAL C 734 -25.97 13.02 9.49
CA VAL C 734 -24.55 13.28 9.70
C VAL C 734 -23.90 13.79 8.42
N ASP C 735 -22.98 14.75 8.54
CA ASP C 735 -22.37 15.39 7.38
C ASP C 735 -20.86 15.16 7.34
N CYS C 736 -20.37 14.68 6.20
CA CYS C 736 -19.01 14.21 6.08
C CYS C 736 -17.99 15.29 6.41
N THR C 737 -17.94 16.33 5.59
CA THR C 737 -16.84 17.29 5.63
C THR C 737 -16.84 18.06 6.95
N MET C 738 -18.01 18.48 7.41
CA MET C 738 -18.07 19.17 8.68
C MET C 738 -17.60 18.27 9.82
N TYR C 739 -18.00 16.99 9.80
CA TYR C 739 -17.54 16.10 10.86
C TYR C 739 -16.03 15.90 10.82
N ILE C 740 -15.46 15.77 9.63
CA ILE C 740 -14.12 15.21 9.49
C ILE C 740 -13.04 16.29 9.41
N CYS C 741 -13.36 17.44 8.82
CA CYS C 741 -12.39 18.52 8.59
C CYS C 741 -13.12 19.85 8.80
N GLY C 742 -13.05 20.39 10.01
CA GLY C 742 -13.77 21.60 10.31
C GLY C 742 -13.32 22.77 9.45
N ASP C 743 -14.18 23.18 8.51
CA ASP C 743 -13.90 24.35 7.63
C ASP C 743 -12.40 24.44 7.29
N SER C 744 -11.79 23.35 6.84
CA SER C 744 -10.40 23.40 6.39
C SER C 744 -10.35 23.00 4.92
N THR C 745 -9.89 23.92 4.07
CA THR C 745 -9.88 23.68 2.63
C THR C 745 -8.90 22.57 2.26
N GLU C 746 -7.73 22.52 2.90
CA GLU C 746 -6.77 21.48 2.60
C GLU C 746 -7.29 20.10 2.97
N CYS C 747 -7.93 19.99 4.14
CA CYS C 747 -8.46 18.70 4.56
C CYS C 747 -9.61 18.28 3.65
N SER C 748 -10.45 19.22 3.22
CA SER C 748 -11.50 18.85 2.26
C SER C 748 -10.91 18.37 0.95
N ASN C 749 -9.88 19.05 0.45
CA ASN C 749 -9.25 18.63 -0.80
C ASN C 749 -8.65 17.24 -0.69
N LEU C 750 -8.00 16.95 0.45
CA LEU C 750 -7.44 15.62 0.63
C LEU C 750 -8.50 14.54 0.83
N LEU C 751 -9.63 14.87 1.47
CA LEU C 751 -10.74 13.94 1.52
C LEU C 751 -11.28 13.64 0.13
N LEU C 752 -11.28 14.63 -0.76
CA LEU C 752 -11.82 14.40 -2.10
C LEU C 752 -11.06 13.29 -2.84
N GLN C 753 -9.84 12.98 -2.42
CA GLN C 753 -9.03 11.97 -3.07
C GLN C 753 -9.53 10.55 -2.84
N TYR C 754 -10.39 10.33 -1.85
CA TYR C 754 -10.89 8.99 -1.55
C TYR C 754 -12.10 8.62 -2.40
N GLY C 755 -12.52 9.51 -3.30
CA GLY C 755 -13.63 9.20 -4.17
C GLY C 755 -14.97 9.34 -3.46
N SER C 756 -15.98 8.69 -4.05
CA SER C 756 -17.33 8.72 -3.51
C SER C 756 -17.44 7.79 -2.31
N PHE C 757 -16.73 8.10 -1.22
CA PHE C 757 -16.71 7.19 -0.09
C PHE C 757 -17.87 7.46 0.86
N CYS C 758 -18.19 8.72 1.13
CA CYS C 758 -19.25 9.03 2.07
C CYS C 758 -20.56 9.44 1.41
N THR C 759 -20.58 9.60 0.08
CA THR C 759 -21.86 9.71 -0.60
C THR C 759 -22.72 8.48 -0.30
N GLN C 760 -22.09 7.32 -0.20
CA GLN C 760 -22.78 6.13 0.27
C GLN C 760 -23.34 6.34 1.67
N LEU C 761 -22.58 7.00 2.54
CA LEU C 761 -23.05 7.25 3.91
C LEU C 761 -24.29 8.14 3.91
N LYS C 762 -24.27 9.21 3.12
CA LYS C 762 -25.42 10.10 3.05
C LYS C 762 -26.63 9.39 2.48
N ARG C 763 -26.43 8.58 1.44
CA ARG C 763 -27.54 7.82 0.87
C ARG C 763 -28.13 6.85 1.89
N ALA C 764 -27.27 6.17 2.65
CA ALA C 764 -27.75 5.24 3.67
C ALA C 764 -28.56 5.94 4.73
N LEU C 765 -28.08 7.09 5.21
CA LEU C 765 -28.83 7.82 6.24
C LEU C 765 -30.18 8.31 5.71
N THR C 766 -30.21 8.77 4.45
CA THR C 766 -31.48 9.17 3.86
C THR C 766 -32.45 8.00 3.79
N GLY C 767 -31.95 6.82 3.38
CA GLY C 767 -32.79 5.64 3.37
C GLY C 767 -33.34 5.31 4.75
N ILE C 768 -32.51 5.44 5.78
CA ILE C 768 -32.96 5.17 7.14
C ILE C 768 -34.09 6.11 7.53
N ALA C 769 -33.96 7.40 7.23
CA ALA C 769 -34.99 8.36 7.60
C ALA C 769 -36.31 8.06 6.90
N VAL C 770 -36.25 7.82 5.59
CA VAL C 770 -37.46 7.51 4.84
C VAL C 770 -38.11 6.25 5.38
N GLU C 771 -37.29 5.26 5.77
CA GLU C 771 -37.81 4.03 6.32
C GLU C 771 -38.56 4.28 7.63
N GLN C 772 -38.01 5.14 8.49
CA GLN C 772 -38.71 5.45 9.75
C GLN C 772 -40.07 6.06 9.50
N ASP C 773 -40.13 7.02 8.56
CA ASP C 773 -41.42 7.65 8.26
C ASP C 773 -42.42 6.63 7.72
N LYS C 774 -41.97 5.76 6.81
CA LYS C 774 -42.85 4.72 6.30
C LYS C 774 -43.34 3.79 7.39
N ASN C 775 -42.46 3.43 8.34
CA ASN C 775 -42.88 2.57 9.44
C ASN C 775 -44.03 3.19 10.23
N THR C 776 -43.87 4.45 10.64
CA THR C 776 -44.94 5.06 11.43
C THR C 776 -46.23 5.15 10.63
N GLN C 777 -46.14 5.43 9.32
CA GLN C 777 -47.34 5.49 8.51
C GLN C 777 -48.04 4.14 8.44
N GLU C 778 -47.28 3.07 8.18
CA GLU C 778 -47.88 1.75 8.08
C GLU C 778 -48.57 1.34 9.38
N VAL C 779 -47.92 1.60 10.52
CA VAL C 779 -48.53 1.19 11.78
C VAL C 779 -49.81 1.96 12.05
N PHE C 780 -49.78 3.29 11.89
CA PHE C 780 -50.86 4.10 12.44
C PHE C 780 -51.97 4.44 11.45
N ALA C 781 -51.63 4.74 10.19
CA ALA C 781 -52.65 5.18 9.22
C ALA C 781 -53.34 3.98 8.58
N GLN C 782 -54.14 3.28 9.39
CA GLN C 782 -54.88 2.11 8.94
C GLN C 782 -56.28 2.43 8.46
N VAL C 783 -56.77 3.65 8.70
CA VAL C 783 -58.14 4.04 8.36
C VAL C 783 -58.09 5.27 7.48
N LYS C 784 -58.91 5.28 6.43
CA LYS C 784 -58.98 6.41 5.51
C LYS C 784 -59.86 7.54 6.01
N GLN C 785 -60.87 7.23 6.81
CA GLN C 785 -61.83 8.22 7.31
C GLN C 785 -61.71 8.29 8.82
N ILE C 786 -61.55 9.51 9.35
CA ILE C 786 -61.46 9.69 10.79
C ILE C 786 -62.89 9.81 11.33
N TYR C 787 -63.19 9.02 12.37
CA TYR C 787 -64.50 9.07 12.99
C TYR C 787 -64.44 9.90 14.27
N LYS C 788 -65.61 10.14 14.84
CA LYS C 788 -65.72 10.90 16.07
C LYS C 788 -66.64 10.17 17.04
N THR C 789 -66.25 10.20 18.32
CA THR C 789 -67.04 9.55 19.35
C THR C 789 -68.38 10.26 19.51
N PRO C 790 -69.42 9.52 19.89
CA PRO C 790 -70.72 10.16 20.13
C PRO C 790 -70.62 11.14 21.27
N PRO C 791 -71.41 12.22 21.25
CA PRO C 791 -71.30 13.23 22.31
C PRO C 791 -71.56 12.69 23.70
N ILE C 792 -72.50 11.76 23.84
CA ILE C 792 -72.76 11.11 25.12
C ILE C 792 -71.91 9.85 25.22
N LYS C 793 -71.58 9.46 26.44
CA LYS C 793 -70.75 8.28 26.68
C LYS C 793 -71.48 7.38 27.68
N TYR C 794 -72.38 6.55 27.15
CA TYR C 794 -73.03 5.49 27.93
C TYR C 794 -73.17 4.30 26.99
N PHE C 795 -72.18 3.42 27.00
CA PHE C 795 -72.16 2.25 26.14
C PHE C 795 -72.57 1.01 26.93
N GLY C 796 -73.82 1.01 27.38
CA GLY C 796 -74.37 -0.14 28.07
C GLY C 796 -73.85 -0.35 29.47
N GLY C 797 -73.23 0.66 30.06
CA GLY C 797 -72.66 0.55 31.39
C GLY C 797 -71.16 0.39 31.41
N PHE C 798 -70.54 0.19 30.25
CA PHE C 798 -69.08 0.08 30.20
C PHE C 798 -68.46 1.46 30.34
N ASN C 799 -67.43 1.56 31.18
CA ASN C 799 -66.75 2.81 31.45
C ASN C 799 -65.51 2.90 30.57
N PHE C 800 -65.45 3.91 29.72
CA PHE C 800 -64.38 4.04 28.74
C PHE C 800 -63.55 5.30 28.90
N SER C 801 -63.90 6.20 29.82
CA SER C 801 -63.30 7.52 29.87
C SER C 801 -61.78 7.50 30.01
N GLN C 802 -61.18 6.36 30.30
CA GLN C 802 -59.73 6.32 30.47
C GLN C 802 -58.99 6.22 29.15
N ILE C 803 -59.69 5.94 28.04
CA ILE C 803 -59.01 5.75 26.77
C ILE C 803 -59.39 6.80 25.72
N LEU C 804 -60.60 7.34 25.75
CA LEU C 804 -60.95 8.37 24.77
C LEU C 804 -60.31 9.70 25.14
N PRO C 805 -60.11 10.59 24.16
CA PRO C 805 -59.40 11.83 24.44
C PRO C 805 -60.10 12.70 25.47
N ASP C 806 -59.30 13.43 26.24
CA ASP C 806 -59.80 14.35 27.24
C ASP C 806 -59.86 15.76 26.66
N PRO C 807 -61.05 16.33 26.49
CA PRO C 807 -61.13 17.67 25.87
C PRO C 807 -60.41 18.75 26.65
N SER C 808 -60.38 18.65 27.99
CA SER C 808 -59.78 19.70 28.80
C SER C 808 -58.29 19.85 28.54
N LYS C 809 -57.60 18.73 28.36
CA LYS C 809 -56.16 18.79 28.12
C LYS C 809 -55.87 19.49 26.79
N PRO C 810 -54.90 20.40 26.74
CA PRO C 810 -54.60 21.06 25.46
C PRO C 810 -54.13 20.11 24.38
N SER C 811 -53.44 19.04 24.75
CA SER C 811 -52.92 18.10 23.76
C SER C 811 -53.96 17.09 23.30
N LYS C 812 -55.13 17.06 23.91
CA LYS C 812 -56.23 16.16 23.53
C LYS C 812 -55.78 14.70 23.59
N ARG C 813 -55.26 14.32 24.75
CA ARG C 813 -54.74 12.97 24.97
C ARG C 813 -55.43 12.35 26.17
N SER C 814 -55.60 11.03 26.10
CA SER C 814 -56.23 10.29 27.19
C SER C 814 -55.30 10.25 28.41
N PRO C 815 -55.84 9.97 29.60
CA PRO C 815 -54.96 9.85 30.77
C PRO C 815 -53.87 8.79 30.61
N ILE C 816 -54.19 7.66 29.96
CA ILE C 816 -53.16 6.66 29.72
C ILE C 816 -52.09 7.19 28.78
N GLU C 817 -52.49 7.98 27.78
CA GLU C 817 -51.50 8.62 26.91
C GLU C 817 -50.62 9.58 27.71
N ASP C 818 -51.23 10.33 28.63
CA ASP C 818 -50.46 11.31 29.41
C ASP C 818 -49.43 10.62 30.29
N LEU C 819 -49.81 9.53 30.96
CA LEU C 819 -48.84 8.82 31.78
C LEU C 819 -47.69 8.29 30.94
N LEU C 820 -48.00 7.74 29.76
CA LEU C 820 -46.97 7.20 28.89
C LEU C 820 -46.02 8.30 28.41
N PHE C 821 -46.57 9.47 28.07
CA PHE C 821 -45.73 10.55 27.59
C PHE C 821 -44.93 11.19 28.73
N ASN C 822 -45.40 11.04 29.97
CA ASN C 822 -44.65 11.57 31.10
C ASN C 822 -43.65 10.58 31.68
N LYS C 823 -43.75 9.30 31.34
CA LYS C 823 -42.83 8.30 31.85
C LYS C 823 -41.67 8.00 30.91
N VAL C 824 -41.54 8.71 29.79
CA VAL C 824 -40.45 8.54 28.85
C VAL C 824 -39.77 9.89 28.66
N THR C 825 -38.45 9.91 28.77
CA THR C 825 -37.65 11.12 28.64
C THR C 825 -36.80 11.02 27.38
N LEU C 826 -36.91 12.01 26.50
CA LEU C 826 -36.16 12.03 25.26
C LEU C 826 -34.95 12.94 25.39
N ALA C 827 -33.76 12.38 25.08
CA ALA C 827 -32.54 13.17 25.18
C ALA C 827 -32.54 14.31 24.16
N ASP C 828 -32.96 14.05 22.93
CA ASP C 828 -33.00 15.05 21.87
C ASP C 828 -34.39 15.05 21.26
N ALA C 829 -35.13 16.14 21.46
CA ALA C 829 -36.45 16.26 20.85
C ALA C 829 -36.33 16.42 19.34
N GLY C 830 -35.40 17.23 18.88
CA GLY C 830 -35.23 17.49 17.46
C GLY C 830 -36.04 18.64 16.91
N PHE C 831 -37.30 18.72 17.31
CA PHE C 831 -38.19 19.79 16.84
C PHE C 831 -38.09 21.00 17.76
N ILE C 832 -36.87 21.48 18.01
CA ILE C 832 -36.67 22.52 19.01
C ILE C 832 -36.03 23.76 18.38
N LYS C 833 -35.27 23.56 17.29
CA LYS C 833 -34.52 24.71 16.71
C LYS C 833 -33.67 25.28 17.84
N GLN C 834 -32.98 24.41 18.58
CA GLN C 834 -32.17 24.85 19.76
C GLN C 834 -31.17 25.93 19.33
N TYR C 835 -30.60 25.80 18.13
CA TYR C 835 -29.64 26.81 17.62
C TYR C 835 -30.12 28.21 18.03
N GLY C 836 -29.33 28.92 18.84
CA GLY C 836 -29.71 30.28 19.27
C GLY C 836 -29.73 30.42 20.78
N ASP C 837 -29.90 29.30 21.51
CA ASP C 837 -29.87 29.34 23.00
C ASP C 837 -28.54 28.75 23.49
N CYS C 838 -27.84 28.00 22.64
CA CYS C 838 -26.53 27.46 23.01
C CYS C 838 -25.61 28.56 23.53
N LEU C 839 -25.67 29.74 22.92
CA LEU C 839 -24.90 30.87 23.42
C LEU C 839 -25.42 31.33 24.79
N GLY C 840 -26.73 31.26 24.99
CA GLY C 840 -27.34 31.62 26.26
C GLY C 840 -27.46 30.51 27.25
N ASP C 841 -26.72 29.41 27.06
CA ASP C 841 -26.80 28.26 27.96
C ASP C 841 -26.35 28.59 29.37
N ILE C 842 -25.54 29.65 29.54
CA ILE C 842 -25.02 30.08 30.83
C ILE C 842 -24.17 28.97 31.45
N ALA C 843 -24.79 27.84 31.75
CA ALA C 843 -24.06 26.67 32.23
C ALA C 843 -23.30 26.05 31.05
N ALA C 844 -22.60 24.95 31.31
CA ALA C 844 -21.93 24.24 30.23
C ALA C 844 -22.96 23.75 29.21
N ARG C 845 -22.67 23.97 27.93
CA ARG C 845 -23.61 23.58 26.88
C ARG C 845 -23.85 22.08 26.95
N ASP C 846 -25.09 21.67 26.64
CA ASP C 846 -25.51 20.30 26.84
C ASP C 846 -25.12 19.44 25.64
N LEU C 847 -25.54 18.18 25.67
CA LEU C 847 -25.16 17.23 24.63
C LEU C 847 -25.72 17.64 23.28
N ILE C 848 -26.91 18.24 23.26
CA ILE C 848 -27.51 18.66 21.99
C ILE C 848 -26.66 19.73 21.33
N CYS C 849 -26.26 20.76 22.09
CA CYS C 849 -25.41 21.81 21.54
C CYS C 849 -24.05 21.25 21.15
N ALA C 850 -23.52 20.32 21.96
CA ALA C 850 -22.23 19.71 21.64
C ALA C 850 -22.28 18.96 20.30
N GLN C 851 -23.35 18.21 20.06
CA GLN C 851 -23.51 17.52 18.79
C GLN C 851 -23.71 18.52 17.65
N LYS C 852 -24.39 19.63 17.94
CA LYS C 852 -24.59 20.68 16.90
C LYS C 852 -23.25 21.36 16.56
N PHE C 853 -22.27 21.29 17.48
CA PHE C 853 -21.01 21.98 17.26
C PHE C 853 -20.18 21.36 16.14
N ASN C 854 -20.39 20.09 15.80
CA ASN C 854 -19.45 19.38 14.95
C ASN C 854 -20.16 18.62 13.83
N GLY C 855 -21.34 19.10 13.43
CA GLY C 855 -21.90 18.65 12.16
C GLY C 855 -22.80 17.44 12.21
N LEU C 856 -23.57 17.26 13.28
CA LEU C 856 -24.51 16.15 13.37
C LEU C 856 -25.86 16.71 13.79
N THR C 857 -26.91 16.37 13.04
CA THR C 857 -28.26 16.88 13.33
C THR C 857 -29.24 15.73 13.52
N VAL C 858 -30.42 16.09 14.04
CA VAL C 858 -31.53 15.16 14.19
C VAL C 858 -32.75 15.80 13.53
N LEU C 859 -33.37 15.08 12.61
CA LEU C 859 -34.50 15.63 11.88
C LEU C 859 -35.81 15.31 12.58
N PRO C 860 -36.83 16.16 12.45
CA PRO C 860 -38.09 15.91 13.12
C PRO C 860 -38.97 14.97 12.31
N PRO C 861 -39.79 14.16 12.99
CA PRO C 861 -40.69 13.26 12.26
C PRO C 861 -41.75 14.05 11.50
N LEU C 862 -42.19 13.47 10.38
CA LEU C 862 -43.21 14.13 9.56
C LEU C 862 -44.55 14.16 10.26
N LEU C 863 -44.93 13.06 10.91
CA LEU C 863 -46.19 12.96 11.64
C LEU C 863 -45.95 13.37 13.08
N THR C 864 -46.51 14.50 13.48
CA THR C 864 -46.29 15.00 14.84
C THR C 864 -46.92 14.07 15.87
N ASP C 865 -46.53 14.26 17.12
CA ASP C 865 -47.09 13.49 18.22
C ASP C 865 -48.56 13.83 18.47
N GLU C 866 -49.09 14.86 17.81
CA GLU C 866 -50.46 15.31 18.02
C GLU C 866 -51.43 14.65 17.05
N MET C 867 -51.05 14.50 15.79
CA MET C 867 -51.91 13.83 14.82
C MET C 867 -51.86 12.32 14.93
N ILE C 868 -50.80 11.78 15.53
CA ILE C 868 -50.80 10.36 15.88
C ILE C 868 -51.92 10.08 16.88
N ALA C 869 -52.11 10.97 17.85
CA ALA C 869 -53.22 10.84 18.77
C ALA C 869 -54.57 10.94 18.06
N GLN C 870 -54.65 11.76 17.02
CA GLN C 870 -55.90 11.86 16.25
C GLN C 870 -56.19 10.54 15.54
N TYR C 871 -55.17 9.93 14.94
CA TYR C 871 -55.36 8.63 14.29
C TYR C 871 -55.78 7.58 15.31
N THR C 872 -55.13 7.57 16.47
CA THR C 872 -55.49 6.61 17.51
C THR C 872 -56.92 6.81 17.99
N SER C 873 -57.35 8.07 18.16
CA SER C 873 -58.71 8.34 18.57
C SER C 873 -59.71 7.89 17.51
N ALA C 874 -59.39 8.08 16.24
CA ALA C 874 -60.28 7.60 15.19
C ALA C 874 -60.41 6.08 15.24
N LEU C 875 -59.29 5.38 15.43
CA LEU C 875 -59.33 3.93 15.54
C LEU C 875 -60.16 3.50 16.74
N LEU C 876 -60.03 4.21 17.86
CA LEU C 876 -60.75 3.84 19.08
C LEU C 876 -62.24 4.08 18.93
N ALA C 877 -62.62 5.20 18.30
CA ALA C 877 -64.04 5.51 18.13
C ALA C 877 -64.70 4.63 17.08
N GLY C 878 -63.93 4.14 16.11
CA GLY C 878 -64.49 3.19 15.16
C GLY C 878 -64.85 1.87 15.80
N THR C 879 -64.05 1.41 16.76
CA THR C 879 -64.21 0.09 17.35
C THR C 879 -65.45 -0.01 18.21
N ILE C 880 -65.70 0.98 19.08
CA ILE C 880 -66.72 0.84 20.10
C ILE C 880 -68.10 1.27 19.64
N THR C 881 -68.27 1.68 18.38
CA THR C 881 -69.57 2.07 17.87
C THR C 881 -70.00 1.32 16.63
N SER C 882 -69.09 0.58 15.97
CA SER C 882 -69.42 -0.10 14.73
C SER C 882 -68.89 -1.52 14.67
N GLY C 883 -68.24 -2.00 15.72
CA GLY C 883 -67.74 -3.37 15.69
C GLY C 883 -66.48 -3.47 14.87
N TRP C 884 -66.40 -4.51 14.05
CA TRP C 884 -65.29 -4.70 13.13
C TRP C 884 -65.67 -4.47 11.68
N THR C 885 -66.86 -3.94 11.42
CA THR C 885 -67.28 -3.71 10.04
C THR C 885 -66.52 -2.56 9.41
N PHE C 886 -66.11 -1.58 10.23
CA PHE C 886 -65.37 -0.44 9.70
C PHE C 886 -64.01 -0.83 9.17
N GLY C 887 -63.48 -1.97 9.59
CA GLY C 887 -62.20 -2.44 9.09
C GLY C 887 -62.25 -3.19 7.78
N ALA C 888 -63.44 -3.59 7.34
CA ALA C 888 -63.60 -4.36 6.11
C ALA C 888 -64.26 -3.52 5.01
N GLY C 889 -65.40 -2.89 5.30
CA GLY C 889 -66.07 -2.06 4.33
C GLY C 889 -66.60 -0.79 4.95
N PRO C 890 -67.87 -0.48 4.68
CA PRO C 890 -68.48 0.69 5.30
C PRO C 890 -68.68 0.47 6.80
N ALA C 891 -68.81 1.58 7.53
CA ALA C 891 -69.00 1.51 8.98
C ALA C 891 -70.49 1.36 9.26
N LEU C 892 -70.87 0.25 9.88
CA LEU C 892 -72.25 -0.03 10.25
C LEU C 892 -72.36 -0.04 11.76
N GLN C 893 -73.26 0.77 12.31
CA GLN C 893 -73.35 0.89 13.76
C GLN C 893 -74.17 -0.24 14.36
N ILE C 894 -73.88 -0.56 15.63
CA ILE C 894 -74.51 -1.65 16.35
C ILE C 894 -74.27 -1.41 17.84
N PRO C 895 -75.26 -1.65 18.70
CA PRO C 895 -75.07 -1.41 20.14
C PRO C 895 -73.92 -2.23 20.72
N PHE C 896 -73.20 -1.62 21.66
CA PHE C 896 -72.08 -2.29 22.30
C PHE C 896 -72.46 -3.58 23.01
N PRO C 897 -73.60 -3.68 23.73
CA PRO C 897 -73.95 -4.99 24.29
C PRO C 897 -74.06 -6.08 23.23
N MET C 898 -74.61 -5.78 22.06
CA MET C 898 -74.73 -6.81 21.03
C MET C 898 -73.39 -7.11 20.39
N GLN C 899 -72.55 -6.11 20.21
CA GLN C 899 -71.19 -6.36 19.72
C GLN C 899 -70.45 -7.28 20.68
N MET C 900 -70.57 -7.02 21.98
CA MET C 900 -69.93 -7.88 22.97
C MET C 900 -70.53 -9.27 22.98
N ALA C 901 -71.85 -9.36 22.71
CA ALA C 901 -72.48 -10.67 22.62
C ALA C 901 -71.92 -11.48 21.46
N TYR C 902 -71.69 -10.83 20.32
CA TYR C 902 -71.10 -11.53 19.18
C TYR C 902 -69.67 -11.94 19.47
N ARG C 903 -68.89 -11.07 20.12
CA ARG C 903 -67.54 -11.44 20.49
C ARG C 903 -67.52 -12.59 21.49
N PHE C 904 -68.54 -12.66 22.35
CA PHE C 904 -68.70 -13.82 23.23
C PHE C 904 -69.00 -15.07 22.44
N ASN C 905 -69.93 -14.98 21.49
CA ASN C 905 -70.28 -16.12 20.65
C ASN C 905 -69.12 -16.63 19.84
N GLY C 906 -68.15 -15.76 19.52
CA GLY C 906 -67.03 -16.18 18.70
C GLY C 906 -66.07 -17.13 19.38
N ILE C 907 -66.02 -17.12 20.71
CA ILE C 907 -65.08 -17.95 21.46
C ILE C 907 -65.69 -19.27 21.89
N GLY C 908 -66.95 -19.52 21.55
CA GLY C 908 -67.57 -20.79 21.85
C GLY C 908 -68.53 -20.81 23.02
N VAL C 909 -68.89 -19.65 23.57
CA VAL C 909 -69.87 -19.57 24.66
C VAL C 909 -71.02 -18.69 24.19
N THR C 910 -72.25 -19.13 24.45
CA THR C 910 -73.44 -18.53 23.88
C THR C 910 -73.63 -17.09 24.39
N GLN C 911 -74.59 -16.40 23.77
CA GLN C 911 -74.81 -14.98 24.07
C GLN C 911 -75.63 -14.78 25.33
N ASN C 912 -76.46 -15.76 25.68
CA ASN C 912 -77.31 -15.60 26.85
C ASN C 912 -76.50 -15.41 28.12
N VAL C 913 -75.28 -15.95 28.19
CA VAL C 913 -74.46 -15.76 29.38
C VAL C 913 -74.12 -14.29 29.56
N LEU C 914 -73.85 -13.58 28.45
CA LEU C 914 -73.62 -12.15 28.55
C LEU C 914 -74.91 -11.42 28.90
N TYR C 915 -76.02 -11.81 28.27
CA TYR C 915 -77.26 -11.12 28.59
C TYR C 915 -77.74 -11.41 30.01
N GLU C 916 -77.15 -12.39 30.68
CA GLU C 916 -77.37 -12.62 32.10
C GLU C 916 -76.42 -11.83 32.98
N ASN C 917 -75.13 -11.82 32.67
CA ASN C 917 -74.11 -11.21 33.53
C ASN C 917 -73.56 -9.93 32.91
N GLN C 918 -74.43 -9.14 32.27
CA GLN C 918 -74.01 -7.82 31.78
C GLN C 918 -73.45 -6.94 32.89
N LYS C 919 -74.10 -6.91 34.06
CA LYS C 919 -73.60 -6.07 35.14
C LYS C 919 -72.23 -6.55 35.62
N LEU C 920 -72.07 -7.86 35.78
CA LEU C 920 -70.79 -8.38 36.24
C LEU C 920 -69.68 -8.11 35.22
N ILE C 921 -69.97 -8.30 33.93
CA ILE C 921 -68.95 -8.06 32.93
C ILE C 921 -68.57 -6.58 32.88
N ALA C 922 -69.55 -5.67 33.02
CA ALA C 922 -69.22 -4.26 33.05
C ALA C 922 -68.35 -3.92 34.26
N ASN C 923 -68.70 -4.45 35.43
CA ASN C 923 -67.93 -4.15 36.64
C ASN C 923 -66.50 -4.66 36.52
N GLN C 924 -66.32 -5.88 35.99
CA GLN C 924 -64.97 -6.42 35.83
C GLN C 924 -64.17 -5.61 34.82
N PHE C 925 -64.80 -5.20 33.72
CA PHE C 925 -64.14 -4.33 32.75
C PHE C 925 -63.64 -3.06 33.43
N ASN C 926 -64.51 -2.41 34.20
CA ASN C 926 -64.13 -1.16 34.85
C ASN C 926 -63.00 -1.36 35.84
N SER C 927 -63.06 -2.44 36.63
CA SER C 927 -61.99 -2.69 37.61
C SER C 927 -60.65 -2.91 36.92
N ALA C 928 -60.63 -3.71 35.84
CA ALA C 928 -59.37 -3.95 35.16
C ALA C 928 -58.81 -2.68 34.54
N ILE C 929 -59.67 -1.88 33.89
CA ILE C 929 -59.23 -0.63 33.29
C ILE C 929 -58.67 0.30 34.37
N GLY C 930 -59.31 0.33 35.54
CA GLY C 930 -58.81 1.16 36.61
C GLY C 930 -57.44 0.72 37.11
N LYS C 931 -57.26 -0.59 37.31
CA LYS C 931 -56.01 -1.05 37.91
C LYS C 931 -54.84 -1.04 36.94
N ILE C 932 -55.08 -1.05 35.62
CA ILE C 932 -53.95 -0.95 34.70
C ILE C 932 -53.23 0.39 34.86
N GLN C 933 -53.98 1.46 35.18
CA GLN C 933 -53.35 2.76 35.39
C GLN C 933 -52.41 2.73 36.58
N ASP C 934 -52.84 2.12 37.69
CA ASP C 934 -51.96 2.02 38.85
C ASP C 934 -50.75 1.14 38.56
N SER C 935 -50.94 0.05 37.82
CA SER C 935 -49.80 -0.80 37.47
C SER C 935 -48.77 -0.03 36.67
N LEU C 936 -49.21 0.77 35.70
CA LEU C 936 -48.26 1.56 34.92
C LEU C 936 -47.65 2.69 35.73
N PHE C 937 -48.40 3.26 36.68
CA PHE C 937 -47.90 4.37 37.48
C PHE C 937 -46.82 3.92 38.46
N SER C 938 -47.08 2.84 39.20
CA SER C 938 -46.22 2.48 40.31
C SER C 938 -44.98 1.69 39.91
N THR C 939 -45.01 1.02 38.75
CA THR C 939 -43.87 0.23 38.34
C THR C 939 -42.66 1.14 38.05
N PRO C 940 -41.45 0.70 38.41
CA PRO C 940 -40.26 1.51 38.16
C PRO C 940 -40.08 1.83 36.68
N SER C 941 -39.97 0.79 35.85
CA SER C 941 -39.81 0.97 34.41
C SER C 941 -40.49 -0.20 33.71
N ALA C 942 -41.76 -0.02 33.35
CA ALA C 942 -42.45 -0.94 32.47
C ALA C 942 -42.30 -0.57 31.00
N LEU C 943 -41.76 0.61 30.71
CA LEU C 943 -41.51 1.08 29.36
C LEU C 943 -40.06 0.95 28.96
N GLY C 944 -39.36 -0.08 29.44
CA GLY C 944 -37.94 -0.22 29.14
C GLY C 944 -37.66 -0.44 27.67
N LYS C 945 -38.57 -1.11 26.96
CA LYS C 945 -38.35 -1.39 25.55
C LYS C 945 -38.27 -0.12 24.72
N LEU C 946 -39.12 0.86 25.04
CA LEU C 946 -39.08 2.14 24.32
C LEU C 946 -37.86 2.96 24.74
N GLN C 947 -37.46 2.87 26.01
CA GLN C 947 -36.36 3.70 26.50
C GLN C 947 -35.02 3.19 26.00
N ASP C 948 -34.89 1.89 25.75
CA ASP C 948 -33.63 1.36 25.24
C ASP C 948 -33.28 1.97 23.90
N VAL C 949 -34.28 2.28 23.07
CA VAL C 949 -34.03 2.84 21.76
C VAL C 949 -33.33 4.19 21.88
N VAL C 950 -33.88 5.08 22.70
CA VAL C 950 -33.28 6.41 22.86
C VAL C 950 -31.93 6.30 23.54
N ASN C 951 -31.80 5.37 24.50
CA ASN C 951 -30.52 5.20 25.17
C ASN C 951 -29.43 4.81 24.18
N HIS C 952 -29.71 3.85 23.30
CA HIS C 952 -28.69 3.42 22.35
C HIS C 952 -28.42 4.50 21.30
N ASN C 953 -29.46 5.16 20.80
CA ASN C 953 -29.26 6.20 19.80
C ASN C 953 -28.51 7.40 20.36
N ALA C 954 -28.56 7.62 21.69
CA ALA C 954 -27.76 8.68 22.28
C ALA C 954 -26.34 8.24 22.61
N GLN C 955 -26.15 7.02 23.11
CA GLN C 955 -24.82 6.54 23.46
C GLN C 955 -24.01 6.11 22.25
N ALA C 956 -24.61 6.09 21.06
CA ALA C 956 -23.84 6.01 19.83
C ALA C 956 -23.34 7.37 19.34
N LEU C 957 -24.22 8.38 19.31
CA LEU C 957 -23.81 9.72 18.96
C LEU C 957 -22.77 10.29 19.91
N ASN C 958 -22.85 9.99 21.20
CA ASN C 958 -21.86 10.47 22.15
C ASN C 958 -20.46 9.94 21.84
N THR C 959 -20.35 8.65 21.53
CA THR C 959 -19.04 8.10 21.19
C THR C 959 -18.60 8.52 19.80
N LEU C 960 -19.52 8.93 18.94
CA LEU C 960 -19.09 9.49 17.65
C LEU C 960 -18.37 10.82 17.82
N VAL C 961 -18.79 11.66 18.77
CA VAL C 961 -18.18 12.98 18.96
C VAL C 961 -17.01 12.93 19.93
N LYS C 962 -17.03 12.01 20.89
CA LYS C 962 -15.91 11.89 21.83
C LYS C 962 -14.65 11.37 21.14
N GLN C 963 -14.77 10.94 19.89
CA GLN C 963 -13.65 10.44 19.11
C GLN C 963 -13.09 11.50 18.16
N LEU C 964 -13.50 12.75 18.32
CA LEU C 964 -12.93 13.87 17.59
C LEU C 964 -11.67 14.40 18.26
N SER C 965 -11.27 13.81 19.38
CA SER C 965 -10.15 14.30 20.16
C SER C 965 -9.18 13.15 20.43
N SER C 966 -8.96 12.31 19.43
CA SER C 966 -7.97 11.24 19.51
C SER C 966 -6.89 11.49 18.47
N LYS C 967 -5.63 11.36 18.88
CA LYS C 967 -4.52 11.74 18.01
C LYS C 967 -4.38 10.83 16.80
N PHE C 968 -4.74 9.55 16.93
CA PHE C 968 -4.69 8.57 15.85
C PHE C 968 -3.29 8.35 15.31
N GLY C 969 -2.27 8.91 15.95
CA GLY C 969 -0.91 8.76 15.46
C GLY C 969 -0.25 10.07 15.10
N ALA C 970 -1.04 11.13 15.00
CA ALA C 970 -0.49 12.46 14.69
C ALA C 970 0.10 13.09 15.95
N ILE C 971 0.46 14.37 15.88
CA ILE C 971 1.05 15.06 17.02
C ILE C 971 0.02 15.82 17.84
N SER C 972 -1.17 16.06 17.30
CA SER C 972 -2.21 16.77 18.03
C SER C 972 -3.56 16.44 17.40
N SER C 973 -4.63 16.70 18.15
CA SER C 973 -5.98 16.47 17.69
C SER C 973 -6.61 17.72 17.09
N VAL C 974 -5.85 18.81 16.98
CA VAL C 974 -6.36 20.09 16.50
C VAL C 974 -5.84 20.29 15.08
N LEU C 975 -6.76 20.27 14.12
CA LEU C 975 -6.39 20.45 12.73
C LEU C 975 -5.80 21.84 12.49
N ASN C 976 -6.37 22.86 13.13
CA ASN C 976 -5.84 24.21 13.00
C ASN C 976 -4.40 24.29 13.50
N ASP C 977 -4.15 23.70 14.67
CA ASP C 977 -2.81 23.72 15.25
C ASP C 977 -1.83 22.96 14.37
N ILE C 978 -2.27 21.86 13.78
CA ILE C 978 -1.42 21.12 12.85
C ILE C 978 -1.09 22.00 11.65
N LEU C 979 -2.09 22.74 11.18
CA LEU C 979 -1.95 23.55 9.96
C LEU C 979 -1.61 25.01 10.26
N SER C 980 -1.44 25.35 11.54
CA SER C 980 -0.87 26.63 11.91
C SER C 980 0.57 26.52 12.37
N ARG C 981 1.07 25.32 12.62
CA ARG C 981 2.42 25.08 13.06
C ARG C 981 3.32 24.48 11.99
N LEU C 982 2.77 23.70 11.06
CA LEU C 982 3.54 23.02 10.03
C LEU C 982 3.16 23.53 8.65
N ASP C 983 4.15 23.31 7.77
CA ASP C 983 4.02 23.73 6.36
C ASP C 983 3.76 22.55 5.40
N PRO C 984 3.53 22.81 4.10
CA PRO C 984 3.15 21.78 3.12
C PRO C 984 3.35 20.29 3.38
N PRO C 985 4.47 19.61 3.05
CA PRO C 985 4.50 18.14 3.15
C PRO C 985 4.28 17.55 4.55
N GLU C 986 4.66 18.25 5.61
CA GLU C 986 4.48 17.59 6.93
C GLU C 986 3.02 17.78 7.33
N ALA C 987 2.52 18.95 7.03
CA ALA C 987 1.07 19.08 7.27
C ALA C 987 0.44 17.88 6.55
N GLU C 988 0.82 17.64 5.31
CA GLU C 988 0.24 16.51 4.54
C GLU C 988 0.32 15.22 5.34
N VAL C 989 1.49 14.73 5.68
CA VAL C 989 1.49 13.42 6.40
C VAL C 989 0.53 13.42 7.61
N GLN C 990 0.60 14.43 8.47
CA GLN C 990 -0.28 14.28 9.66
C GLN C 990 -1.79 14.41 9.33
N ILE C 991 -2.16 15.31 8.44
CA ILE C 991 -3.59 15.46 8.06
C ILE C 991 -4.00 14.11 7.53
N ASP C 992 -3.18 13.43 6.77
CA ASP C 992 -3.68 12.14 6.24
C ASP C 992 -3.90 11.14 7.37
N ARG C 993 -2.96 11.02 8.28
CA ARG C 993 -3.32 10.10 9.40
C ARG C 993 -4.70 10.46 9.95
N LEU C 994 -4.90 11.73 10.32
CA LEU C 994 -6.23 12.04 10.93
C LEU C 994 -7.41 11.75 9.98
N ILE C 995 -7.38 12.07 8.69
CA ILE C 995 -8.47 11.73 7.73
C ILE C 995 -8.72 10.23 7.75
N THR C 996 -7.72 9.38 7.62
CA THR C 996 -8.05 7.94 7.66
C THR C 996 -8.74 7.61 8.97
N GLY C 997 -8.16 8.02 10.08
CA GLY C 997 -8.86 7.62 11.31
C GLY C 997 -10.29 8.11 11.43
N ARG C 998 -10.59 9.36 11.08
CA ARG C 998 -11.94 9.91 11.29
C ARG C 998 -12.89 9.44 10.19
N LEU C 999 -12.40 8.88 9.09
CA LEU C 999 -13.28 8.27 8.05
C LEU C 999 -13.63 6.87 8.53
N GLN C 1000 -12.75 6.21 9.28
CA GLN C 1000 -13.26 4.94 9.86
C GLN C 1000 -14.36 5.27 10.89
N SER C 1001 -14.04 5.82 12.05
CA SER C 1001 -15.02 6.07 13.09
C SER C 1001 -16.38 6.45 12.54
N LEU C 1002 -16.42 7.18 11.42
CA LEU C 1002 -17.67 7.53 10.77
C LEU C 1002 -18.33 6.37 10.04
N GLN C 1003 -17.53 5.51 9.40
CA GLN C 1003 -18.08 4.38 8.66
C GLN C 1003 -18.61 3.27 9.56
N THR C 1004 -18.10 3.16 10.79
CA THR C 1004 -18.59 2.18 11.75
C THR C 1004 -19.99 2.49 12.26
N TYR C 1005 -20.31 3.78 12.43
CA TYR C 1005 -21.60 4.22 12.93
C TYR C 1005 -22.75 3.89 11.97
N VAL C 1006 -22.54 4.04 10.67
CA VAL C 1006 -23.57 3.76 9.67
C VAL C 1006 -23.99 2.29 9.65
N THR C 1007 -23.05 1.34 9.76
CA THR C 1007 -23.42 -0.07 9.77
C THR C 1007 -24.26 -0.41 10.98
N GLN C 1008 -23.88 0.10 12.16
CA GLN C 1008 -24.68 -0.13 13.36
C GLN C 1008 -26.08 0.44 13.19
N GLN C 1009 -26.18 1.64 12.61
CA GLN C 1009 -27.49 2.24 12.38
C GLN C 1009 -28.32 1.40 11.40
N LEU C 1010 -27.68 0.83 10.38
CA LEU C 1010 -28.41 0.01 9.43
C LEU C 1010 -28.97 -1.24 10.09
N ILE C 1011 -28.17 -1.91 10.92
CA ILE C 1011 -28.66 -3.10 11.61
C ILE C 1011 -29.79 -2.74 12.56
N ARG C 1012 -29.63 -1.64 13.30
CA ARG C 1012 -30.69 -1.22 14.22
C ARG C 1012 -31.96 -0.86 13.48
N ALA C 1013 -31.83 -0.24 12.30
CA ALA C 1013 -33.00 0.11 11.51
C ALA C 1013 -33.73 -1.14 11.04
N ALA C 1014 -32.98 -2.18 10.65
CA ALA C 1014 -33.64 -3.44 10.30
C ALA C 1014 -34.40 -4.02 11.47
N GLU C 1015 -33.80 -4.00 12.66
CA GLU C 1015 -34.49 -4.48 13.86
C GLU C 1015 -35.79 -3.72 14.09
N ILE C 1016 -35.72 -2.39 14.01
CA ILE C 1016 -36.90 -1.56 14.28
C ILE C 1016 -37.97 -1.78 13.22
N ARG C 1017 -37.58 -1.98 11.96
CA ARG C 1017 -38.58 -2.24 10.93
C ARG C 1017 -39.27 -3.58 11.14
N ALA C 1018 -38.55 -4.62 11.57
CA ALA C 1018 -39.22 -5.87 11.94
C ALA C 1018 -40.20 -5.67 13.08
N SER C 1019 -39.80 -4.94 14.12
CA SER C 1019 -40.70 -4.64 15.23
C SER C 1019 -41.92 -3.81 14.81
N ALA C 1020 -41.78 -2.94 13.82
CA ALA C 1020 -42.90 -2.17 13.29
C ALA C 1020 -43.83 -2.98 12.42
N ASN C 1021 -43.29 -3.91 11.63
CA ASN C 1021 -44.14 -4.82 10.87
C ASN C 1021 -44.99 -5.68 11.80
N LEU C 1022 -44.38 -6.17 12.89
CA LEU C 1022 -45.16 -6.91 13.88
C LEU C 1022 -46.28 -6.05 14.46
N ALA C 1023 -45.98 -4.79 14.79
CA ALA C 1023 -46.99 -3.92 15.37
C ALA C 1023 -48.13 -3.66 14.39
N ALA C 1024 -47.80 -3.46 13.11
CA ALA C 1024 -48.85 -3.25 12.11
C ALA C 1024 -49.74 -4.47 11.99
N THR C 1025 -49.15 -5.67 11.94
CA THR C 1025 -49.95 -6.88 11.86
C THR C 1025 -50.84 -7.05 13.08
N LYS C 1026 -50.28 -6.83 14.27
CA LYS C 1026 -51.06 -6.96 15.50
C LYS C 1026 -52.20 -5.96 15.54
N MET C 1027 -51.95 -4.72 15.14
CA MET C 1027 -53.02 -3.73 15.09
C MET C 1027 -54.13 -4.19 14.16
N SER C 1028 -53.77 -4.56 12.92
CA SER C 1028 -54.78 -4.94 11.94
C SER C 1028 -55.61 -6.12 12.42
N GLU C 1029 -54.97 -7.13 13.01
CA GLU C 1029 -55.69 -8.35 13.36
C GLU C 1029 -56.46 -8.22 14.69
N CYS C 1030 -55.80 -7.81 15.76
CA CYS C 1030 -56.47 -7.75 17.06
C CYS C 1030 -57.43 -6.58 17.15
N VAL C 1031 -57.06 -5.41 16.63
CA VAL C 1031 -57.89 -4.21 16.81
C VAL C 1031 -59.07 -4.22 15.85
N LEU C 1032 -58.80 -4.45 14.57
CA LEU C 1032 -59.86 -4.42 13.56
C LEU C 1032 -60.45 -5.81 13.34
N GLY C 1033 -60.87 -6.47 14.41
CA GLY C 1033 -61.42 -7.80 14.31
C GLY C 1033 -61.09 -8.66 15.50
N GLN C 1034 -61.50 -9.93 15.46
CA GLN C 1034 -61.24 -10.87 16.54
C GLN C 1034 -60.40 -12.03 16.02
N SER C 1035 -59.32 -12.35 16.71
CA SER C 1035 -58.33 -13.31 16.25
C SER C 1035 -58.53 -14.64 16.98
N LYS C 1036 -58.30 -15.74 16.28
CA LYS C 1036 -58.41 -17.07 16.88
C LYS C 1036 -57.07 -17.66 17.26
N ARG C 1037 -55.98 -17.25 16.61
CA ARG C 1037 -54.66 -17.81 16.90
C ARG C 1037 -54.29 -17.50 18.35
N VAL C 1038 -53.84 -18.53 19.06
CA VAL C 1038 -53.70 -18.42 20.51
C VAL C 1038 -52.45 -17.64 20.88
N ASP C 1039 -52.51 -16.96 22.02
CA ASP C 1039 -51.40 -16.22 22.62
C ASP C 1039 -50.83 -15.16 21.68
N PHE C 1040 -51.59 -14.78 20.65
CA PHE C 1040 -51.17 -13.68 19.80
C PHE C 1040 -51.64 -12.34 20.35
N CYS C 1041 -52.96 -12.19 20.51
CA CYS C 1041 -53.52 -10.99 21.12
C CYS C 1041 -53.78 -11.23 22.60
N GLY C 1042 -52.69 -11.46 23.33
CA GLY C 1042 -52.74 -11.57 24.76
C GLY C 1042 -53.08 -12.96 25.26
N LYS C 1043 -52.71 -13.20 26.52
CA LYS C 1043 -52.95 -14.48 27.17
C LYS C 1043 -54.44 -14.68 27.46
N GLY C 1044 -54.95 -15.84 27.06
CA GLY C 1044 -56.36 -16.15 27.21
C GLY C 1044 -57.11 -16.09 25.89
N TYR C 1045 -58.43 -16.12 26.00
CA TYR C 1045 -59.29 -16.01 24.83
C TYR C 1045 -59.49 -14.55 24.46
N HIS C 1046 -59.38 -14.22 23.18
CA HIS C 1046 -59.37 -12.82 22.78
C HIS C 1046 -60.77 -12.27 22.60
N LEU C 1047 -60.99 -11.05 23.10
CA LEU C 1047 -62.23 -10.32 22.87
C LEU C 1047 -62.00 -9.00 22.15
N MET C 1048 -61.13 -8.13 22.66
CA MET C 1048 -60.95 -6.78 22.12
C MET C 1048 -59.46 -6.45 22.09
N SER C 1049 -59.17 -5.19 21.75
CA SER C 1049 -57.85 -4.59 21.91
C SER C 1049 -57.98 -3.10 21.66
N PHE C 1050 -57.28 -2.29 22.44
CA PHE C 1050 -57.37 -0.85 22.35
C PHE C 1050 -55.99 -0.25 22.15
N PRO C 1051 -55.76 0.55 21.10
CA PRO C 1051 -54.43 1.13 20.90
C PRO C 1051 -54.24 2.40 21.71
N GLN C 1052 -52.99 2.65 22.11
CA GLN C 1052 -52.60 3.88 22.76
C GLN C 1052 -51.25 4.30 22.21
N SER C 1053 -51.09 5.60 21.96
CA SER C 1053 -49.85 6.11 21.42
C SER C 1053 -48.84 6.34 22.53
N ALA C 1054 -47.57 6.07 22.24
CA ALA C 1054 -46.46 6.28 23.14
C ALA C 1054 -45.31 6.86 22.33
N PRO C 1055 -44.35 7.53 22.99
CA PRO C 1055 -43.22 8.10 22.25
C PRO C 1055 -42.43 7.04 21.50
N HIS C 1056 -42.40 7.14 20.18
CA HIS C 1056 -41.67 6.19 19.33
C HIS C 1056 -42.16 4.76 19.54
N GLY C 1057 -43.47 4.59 19.65
CA GLY C 1057 -44.01 3.26 19.84
C GLY C 1057 -45.52 3.28 19.97
N VAL C 1058 -46.06 2.08 20.18
CA VAL C 1058 -47.49 1.86 20.35
C VAL C 1058 -47.71 0.93 21.53
N VAL C 1059 -48.88 1.03 22.14
CA VAL C 1059 -49.22 0.22 23.31
C VAL C 1059 -50.62 -0.35 23.11
N PHE C 1060 -50.74 -1.67 23.24
CA PHE C 1060 -52.00 -2.36 23.07
C PHE C 1060 -52.58 -2.75 24.42
N LEU C 1061 -53.91 -2.69 24.53
CA LEU C 1061 -54.63 -3.04 25.75
C LEU C 1061 -55.56 -4.19 25.41
N HIS C 1062 -55.06 -5.42 25.56
CA HIS C 1062 -55.79 -6.60 25.13
C HIS C 1062 -56.84 -6.99 26.17
N VAL C 1063 -58.11 -6.91 25.80
CA VAL C 1063 -59.20 -7.39 26.64
C VAL C 1063 -59.42 -8.87 26.33
N THR C 1064 -59.34 -9.71 27.35
CA THR C 1064 -59.36 -11.15 27.16
C THR C 1064 -60.29 -11.82 28.16
N TYR C 1065 -60.69 -13.03 27.83
CA TYR C 1065 -61.63 -13.82 28.63
C TYR C 1065 -60.88 -15.02 29.22
N VAL C 1066 -60.87 -15.11 30.55
CA VAL C 1066 -60.14 -16.14 31.27
C VAL C 1066 -61.14 -16.92 32.11
N PRO C 1067 -61.19 -18.26 32.01
CA PRO C 1067 -62.14 -19.03 32.82
C PRO C 1067 -61.86 -18.93 34.31
N ALA C 1068 -62.68 -19.59 35.12
CA ALA C 1068 -62.65 -19.41 36.56
C ALA C 1068 -63.02 -20.74 37.21
N GLN C 1069 -63.44 -20.68 38.48
CA GLN C 1069 -63.65 -21.84 39.33
C GLN C 1069 -64.21 -23.03 38.58
N GLU C 1070 -63.55 -24.17 38.72
CA GLU C 1070 -63.89 -25.39 38.00
C GLU C 1070 -64.19 -26.49 39.01
N LYS C 1071 -64.81 -27.57 38.51
CA LYS C 1071 -65.25 -28.66 39.36
C LYS C 1071 -65.33 -29.95 38.58
N ASN C 1072 -64.80 -31.03 39.17
CA ASN C 1072 -64.86 -32.36 38.58
C ASN C 1072 -66.30 -32.80 38.42
N PHE C 1073 -66.69 -33.28 37.24
CA PHE C 1073 -68.06 -33.76 37.19
C PHE C 1073 -68.22 -35.25 36.88
N THR C 1074 -68.10 -35.61 35.60
CA THR C 1074 -68.13 -36.97 35.07
C THR C 1074 -68.20 -36.78 33.55
N THR C 1075 -67.96 -37.80 32.74
CA THR C 1075 -68.26 -37.66 31.32
C THR C 1075 -68.37 -39.03 30.67
N ALA C 1076 -69.01 -39.06 29.50
CA ALA C 1076 -69.17 -40.27 28.73
C ALA C 1076 -69.04 -39.96 27.24
N PRO C 1077 -68.32 -40.79 26.48
CA PRO C 1077 -68.14 -40.50 25.05
C PRO C 1077 -69.44 -40.35 24.29
N ALA C 1078 -70.32 -41.33 24.39
CA ALA C 1078 -71.61 -41.31 23.73
C ALA C 1078 -72.62 -41.87 24.70
N ILE C 1079 -73.90 -41.62 24.43
CA ILE C 1079 -74.97 -42.14 25.28
C ILE C 1079 -75.82 -43.08 24.43
N CYS C 1080 -76.06 -44.29 24.95
CA CYS C 1080 -76.77 -45.33 24.23
C CYS C 1080 -78.24 -45.30 24.67
N HIS C 1081 -79.04 -44.44 24.02
CA HIS C 1081 -80.45 -44.36 24.37
C HIS C 1081 -81.19 -45.63 23.94
N ASP C 1082 -81.23 -45.90 22.64
CA ASP C 1082 -81.90 -47.07 22.09
C ASP C 1082 -81.05 -47.58 20.91
N GLY C 1083 -80.10 -48.45 21.22
CA GLY C 1083 -79.26 -49.05 20.21
C GLY C 1083 -78.47 -48.10 19.33
N LYS C 1084 -78.49 -46.81 19.66
CA LYS C 1084 -77.83 -45.79 18.85
C LYS C 1084 -77.05 -44.84 19.74
N ALA C 1085 -75.81 -44.56 19.35
CA ALA C 1085 -75.01 -43.59 20.07
C ALA C 1085 -75.47 -42.18 19.75
N HIS C 1086 -75.60 -41.35 20.78
CA HIS C 1086 -76.01 -39.97 20.64
C HIS C 1086 -74.84 -39.08 20.99
N PHE C 1087 -74.66 -38.00 20.25
CA PHE C 1087 -73.54 -37.12 20.53
C PHE C 1087 -73.99 -35.67 20.57
N PRO C 1088 -73.42 -34.85 21.44
CA PRO C 1088 -73.78 -33.42 21.44
C PRO C 1088 -73.36 -32.76 20.14
N ARG C 1089 -74.17 -31.79 19.71
CA ARG C 1089 -73.78 -30.98 18.55
C ARG C 1089 -72.57 -30.13 18.87
N GLU C 1090 -72.60 -29.43 20.00
CA GLU C 1090 -71.39 -28.83 20.54
C GLU C 1090 -71.45 -29.00 22.05
N GLY C 1091 -70.29 -29.16 22.68
CA GLY C 1091 -70.22 -29.40 24.10
C GLY C 1091 -70.12 -30.88 24.40
N VAL C 1092 -70.11 -31.19 25.69
CA VAL C 1092 -69.79 -32.52 26.19
C VAL C 1092 -70.98 -33.08 26.96
N PHE C 1093 -71.04 -34.40 27.07
CA PHE C 1093 -71.95 -35.05 28.00
C PHE C 1093 -71.38 -34.97 29.40
N VAL C 1094 -72.16 -34.44 30.33
CA VAL C 1094 -71.73 -34.24 31.70
C VAL C 1094 -72.75 -34.89 32.62
N SER C 1095 -72.27 -35.48 33.71
CA SER C 1095 -73.13 -36.08 34.72
C SER C 1095 -72.88 -35.39 36.06
N ASN C 1096 -73.96 -34.92 36.69
CA ASN C 1096 -73.88 -34.38 38.04
C ASN C 1096 -73.26 -35.38 39.00
N GLY C 1097 -73.51 -36.66 38.76
CA GLY C 1097 -73.20 -37.72 39.70
C GLY C 1097 -74.33 -38.72 39.70
N THR C 1098 -75.52 -38.27 39.28
CA THR C 1098 -76.69 -39.13 39.18
C THR C 1098 -77.45 -39.00 37.86
N HIS C 1099 -77.41 -37.84 37.20
CA HIS C 1099 -78.15 -37.61 35.96
C HIS C 1099 -77.22 -37.01 34.91
N TRP C 1100 -77.50 -37.31 33.64
CA TRP C 1100 -76.67 -36.81 32.55
C TRP C 1100 -77.28 -35.58 31.90
N PHE C 1101 -76.40 -34.72 31.38
CA PHE C 1101 -76.75 -33.40 30.88
C PHE C 1101 -75.81 -33.03 29.75
N VAL C 1102 -76.00 -31.82 29.22
CA VAL C 1102 -75.19 -31.27 28.16
C VAL C 1102 -74.67 -29.91 28.60
N THR C 1103 -73.52 -29.49 28.06
CA THR C 1103 -72.89 -28.25 28.47
C THR C 1103 -72.19 -27.61 27.28
N GLN C 1104 -71.56 -26.47 27.54
CA GLN C 1104 -70.71 -25.79 26.56
C GLN C 1104 -69.27 -26.24 26.74
N ARG C 1105 -68.35 -25.56 26.05
CA ARG C 1105 -66.93 -25.73 26.29
C ARG C 1105 -66.46 -24.94 27.50
N ASN C 1106 -66.58 -23.61 27.46
CA ASN C 1106 -65.94 -22.73 28.42
C ASN C 1106 -66.89 -22.22 29.49
N PHE C 1107 -68.08 -22.80 29.62
CA PHE C 1107 -69.00 -22.38 30.66
C PHE C 1107 -69.90 -23.55 31.03
N TYR C 1108 -70.33 -23.58 32.28
CA TYR C 1108 -71.19 -24.66 32.77
C TYR C 1108 -72.63 -24.19 32.77
N GLU C 1109 -73.39 -24.57 31.75
CA GLU C 1109 -74.81 -24.25 31.64
C GLU C 1109 -75.57 -25.55 31.47
N PRO C 1110 -75.84 -26.25 32.56
CA PRO C 1110 -76.46 -27.57 32.46
C PRO C 1110 -77.84 -27.48 31.82
N GLN C 1111 -78.10 -28.41 30.91
CA GLN C 1111 -79.32 -28.39 30.12
C GLN C 1111 -79.77 -29.83 29.89
N ILE C 1112 -81.08 -30.03 29.88
CA ILE C 1112 -81.63 -31.36 29.62
C ILE C 1112 -81.18 -31.82 28.24
N ILE C 1113 -80.84 -33.10 28.14
CA ILE C 1113 -80.30 -33.65 26.89
C ILE C 1113 -81.41 -33.71 25.85
N THR C 1114 -81.42 -32.74 24.94
CA THR C 1114 -82.46 -32.61 23.94
C THR C 1114 -81.96 -32.99 22.56
N THR C 1115 -82.88 -33.49 21.73
CA THR C 1115 -82.54 -33.86 20.36
C THR C 1115 -82.11 -32.65 19.54
N ASP C 1116 -82.44 -31.44 19.98
CA ASP C 1116 -81.74 -30.28 19.44
C ASP C 1116 -80.26 -30.33 19.79
N ASN C 1117 -79.94 -30.80 21.00
CA ASN C 1117 -78.55 -30.84 21.44
C ASN C 1117 -77.80 -32.09 20.99
N THR C 1118 -78.49 -33.10 20.46
CA THR C 1118 -77.81 -34.34 20.09
C THR C 1118 -78.17 -34.78 18.67
N PHE C 1119 -77.17 -35.29 17.97
CA PHE C 1119 -77.35 -35.95 16.67
C PHE C 1119 -77.07 -37.43 16.83
N VAL C 1120 -77.85 -38.26 16.15
CA VAL C 1120 -77.75 -39.71 16.27
C VAL C 1120 -77.04 -40.28 15.06
N SER C 1121 -75.95 -40.99 15.29
CA SER C 1121 -75.25 -41.71 14.22
C SER C 1121 -74.36 -42.76 14.89
N GLY C 1122 -74.66 -44.03 14.66
CA GLY C 1122 -73.90 -45.10 15.27
C GLY C 1122 -74.77 -46.32 15.50
N ASN C 1123 -74.20 -47.27 16.24
CA ASN C 1123 -74.87 -48.55 16.49
C ASN C 1123 -74.67 -49.08 17.91
N CYS C 1124 -74.02 -48.31 18.79
CA CYS C 1124 -73.82 -48.67 20.20
C CYS C 1124 -73.00 -49.95 20.38
N ASP C 1125 -72.04 -50.22 19.49
CA ASP C 1125 -71.18 -51.38 19.64
C ASP C 1125 -69.70 -51.11 19.41
N VAL C 1126 -69.33 -49.94 18.88
CA VAL C 1126 -67.95 -49.64 18.55
C VAL C 1126 -67.36 -48.51 19.39
N VAL C 1127 -68.18 -47.75 20.09
CA VAL C 1127 -67.69 -46.69 20.96
C VAL C 1127 -67.19 -47.31 22.25
N ILE C 1128 -66.04 -46.84 22.74
CA ILE C 1128 -65.39 -47.40 23.92
C ILE C 1128 -65.61 -46.43 25.08
N GLY C 1129 -66.15 -46.96 26.18
CA GLY C 1129 -66.44 -46.14 27.34
C GLY C 1129 -67.86 -45.65 27.42
N ILE C 1130 -68.77 -46.21 26.62
CA ILE C 1130 -70.13 -45.68 26.54
C ILE C 1130 -70.87 -45.99 27.83
N VAL C 1131 -71.69 -45.05 28.28
CA VAL C 1131 -72.43 -45.14 29.53
C VAL C 1131 -73.90 -44.87 29.21
N ASN C 1132 -74.79 -45.57 29.89
CA ASN C 1132 -76.21 -45.56 29.54
C ASN C 1132 -76.94 -44.35 30.12
N ASN C 1133 -77.96 -43.88 29.40
CA ASN C 1133 -79.00 -43.01 29.95
C ASN C 1133 -80.09 -42.84 28.89
N THR C 1134 -81.02 -41.91 29.15
CA THR C 1134 -82.12 -41.61 28.22
C THR C 1134 -81.97 -40.18 27.69
N VAL C 1135 -82.12 -40.00 26.37
CA VAL C 1135 -82.10 -38.67 25.77
C VAL C 1135 -83.55 -38.22 25.54
N TYR C 1136 -83.71 -36.93 25.25
CA TYR C 1136 -85.03 -36.33 25.13
C TYR C 1136 -85.19 -35.62 23.79
N ASP C 1137 -86.44 -35.56 23.35
CA ASP C 1137 -86.88 -34.91 22.13
C ASP C 1137 -88.13 -34.09 22.41
N PRO C 1138 -88.33 -32.99 21.70
CA PRO C 1138 -89.51 -32.15 21.93
C PRO C 1138 -90.69 -32.53 21.04
N LEU C 1139 -90.62 -33.68 20.38
CA LEU C 1139 -91.58 -34.03 19.34
C LEU C 1139 -92.62 -35.06 19.79
N GLN C 1140 -92.24 -36.01 20.65
CA GLN C 1140 -93.15 -37.10 20.96
C GLN C 1140 -94.26 -36.67 21.90
N LEU C 1141 -94.03 -35.62 22.70
CA LEU C 1141 -95.06 -35.16 23.63
C LEU C 1141 -96.22 -34.51 22.89
N GLU C 1142 -95.94 -33.68 21.89
CA GLU C 1142 -96.98 -33.02 21.11
C GLU C 1142 -97.45 -33.93 19.98
N SER D 1 59.79 41.82 -12.00
CA SER D 1 60.71 42.51 -11.12
C SER D 1 62.13 42.01 -11.30
N THR D 2 62.33 40.70 -11.12
CA THR D 2 63.63 40.09 -11.27
C THR D 2 64.01 39.96 -12.74
N ILE D 3 65.29 39.68 -12.98
CA ILE D 3 65.81 39.63 -14.34
C ILE D 3 65.68 38.24 -14.96
N GLU D 4 65.72 37.18 -14.15
CA GLU D 4 65.65 35.83 -14.68
C GLU D 4 64.30 35.57 -15.37
N GLU D 5 63.21 36.11 -14.81
CA GLU D 5 61.91 35.93 -15.47
C GLU D 5 61.83 36.70 -16.78
N GLN D 6 62.45 37.89 -16.85
CA GLN D 6 62.50 38.61 -18.11
C GLN D 6 63.27 37.84 -19.16
N ALA D 7 64.41 37.26 -18.77
CA ALA D 7 65.16 36.41 -19.69
C ALA D 7 64.34 35.19 -20.10
N LYS D 8 63.57 34.63 -19.17
CA LYS D 8 62.72 33.49 -19.49
C LYS D 8 61.67 33.86 -20.55
N THR D 9 61.04 35.03 -20.39
CA THR D 9 60.04 35.47 -21.37
C THR D 9 60.69 35.73 -22.73
N PHE D 10 61.86 36.37 -22.73
CA PHE D 10 62.57 36.62 -23.98
C PHE D 10 62.92 35.31 -24.68
N LEU D 11 63.39 34.31 -23.93
CA LEU D 11 63.69 33.02 -24.52
C LEU D 11 62.43 32.33 -25.02
N ASP D 12 61.31 32.50 -24.30
CA ASP D 12 60.05 31.92 -24.73
C ASP D 12 59.63 32.48 -26.09
N LYS D 13 59.77 33.78 -26.29
CA LYS D 13 59.44 34.36 -27.58
C LYS D 13 60.45 33.97 -28.65
N PHE D 14 61.73 33.90 -28.27
CA PHE D 14 62.78 33.53 -29.21
C PHE D 14 62.55 32.13 -29.76
N ASN D 15 62.19 31.18 -28.89
CA ASN D 15 61.99 29.82 -29.36
C ASN D 15 60.87 29.76 -30.39
N HIS D 16 59.75 30.44 -30.10
CA HIS D 16 58.61 30.40 -31.01
C HIS D 16 58.93 31.02 -32.37
N GLU D 17 59.63 32.16 -32.37
CA GLU D 17 59.94 32.79 -33.66
C GLU D 17 61.01 32.02 -34.41
N ALA D 18 62.06 31.59 -33.70
CA ALA D 18 63.17 30.90 -34.33
C ALA D 18 62.76 29.54 -34.87
N GLU D 19 61.77 28.88 -34.27
CA GLU D 19 61.28 27.62 -34.83
C GLU D 19 60.78 27.82 -36.25
N ASP D 20 59.91 28.80 -36.47
CA ASP D 20 59.38 29.05 -37.81
C ASP D 20 60.48 29.51 -38.75
N LEU D 21 61.35 30.43 -38.30
CA LEU D 21 62.38 30.94 -39.18
C LEU D 21 63.36 29.83 -39.60
N PHE D 22 63.79 29.00 -38.65
CA PHE D 22 64.71 27.92 -38.96
C PHE D 22 64.04 26.84 -39.81
N TYR D 23 62.75 26.60 -39.59
CA TYR D 23 62.03 25.68 -40.45
C TYR D 23 62.01 26.17 -41.89
N GLN D 24 61.74 27.47 -42.09
CA GLN D 24 61.76 28.04 -43.43
C GLN D 24 63.15 27.89 -44.06
N SER D 25 64.19 28.23 -43.31
CA SER D 25 65.54 28.17 -43.84
C SER D 25 65.93 26.74 -44.21
N SER D 26 65.62 25.79 -43.33
CA SER D 26 66.03 24.41 -43.59
C SER D 26 65.20 23.78 -44.70
N LEU D 27 63.93 24.14 -44.83
CA LEU D 27 63.13 23.67 -45.95
C LEU D 27 63.67 24.22 -47.26
N ALA D 28 64.09 25.49 -47.27
CA ALA D 28 64.74 26.04 -48.45
C ALA D 28 66.02 25.28 -48.79
N SER D 29 66.80 24.93 -47.77
CA SER D 29 68.02 24.16 -48.01
C SER D 29 67.71 22.79 -48.59
N TRP D 30 66.67 22.14 -48.06
CA TRP D 30 66.29 20.82 -48.55
C TRP D 30 65.84 20.89 -50.00
N ASN D 31 65.07 21.93 -50.36
CA ASN D 31 64.61 22.02 -51.74
C ASN D 31 65.73 22.44 -52.69
N TYR D 32 66.72 23.21 -52.22
CA TYR D 32 67.86 23.53 -53.06
C TYR D 32 68.73 22.30 -53.29
N ASN D 33 69.08 21.59 -52.23
CA ASN D 33 69.99 20.46 -52.33
C ASN D 33 69.41 19.31 -53.15
N THR D 34 68.09 19.09 -53.08
CA THR D 34 67.44 18.06 -53.87
C THR D 34 67.30 18.44 -55.34
N ASN D 35 67.12 19.73 -55.64
CA ASN D 35 66.84 20.17 -57.00
C ASN D 35 67.72 21.39 -57.27
N ILE D 36 68.85 21.17 -57.93
CA ILE D 36 69.87 22.20 -58.11
C ILE D 36 69.43 23.13 -59.24
N THR D 37 68.99 24.34 -58.88
CA THR D 37 68.69 25.39 -59.84
C THR D 37 69.28 26.70 -59.36
N GLU D 38 68.92 27.82 -59.99
CA GLU D 38 69.40 29.13 -59.59
C GLU D 38 68.43 29.86 -58.67
N GLU D 39 67.12 29.74 -58.93
CA GLU D 39 66.14 30.35 -58.04
C GLU D 39 66.14 29.68 -56.68
N ASN D 40 66.47 28.38 -56.62
CA ASN D 40 66.66 27.73 -55.33
C ASN D 40 67.83 28.34 -54.57
N VAL D 41 68.92 28.66 -55.29
CA VAL D 41 70.06 29.33 -54.66
C VAL D 41 69.64 30.70 -54.15
N GLN D 42 68.83 31.43 -54.92
CA GLN D 42 68.37 32.75 -54.50
C GLN D 42 67.52 32.66 -53.23
N ASN D 43 66.63 31.66 -53.18
CA ASN D 43 65.81 31.46 -51.98
C ASN D 43 66.68 31.11 -50.79
N MET D 44 67.74 30.33 -51.04
CA MET D 44 68.74 30.08 -50.01
C MET D 44 69.39 31.35 -49.50
N ASN D 45 69.80 32.27 -50.38
CA ASN D 45 70.38 33.50 -49.87
C ASN D 45 69.36 34.27 -49.04
N ASN D 46 68.12 34.36 -49.54
CA ASN D 46 67.11 35.13 -48.82
C ASN D 46 66.91 34.59 -47.41
N ALA D 47 66.66 33.28 -47.30
CA ALA D 47 66.50 32.65 -46.00
C ALA D 47 67.77 32.76 -45.17
N GLY D 48 68.94 32.72 -45.81
CA GLY D 48 70.19 32.71 -45.05
C GLY D 48 70.44 34.02 -44.32
N ASP D 49 70.37 35.14 -45.04
CA ASP D 49 70.52 36.42 -44.35
C ASP D 49 69.30 36.74 -43.49
N LYS D 50 68.12 36.21 -43.79
CA LYS D 50 67.01 36.40 -42.85
C LYS D 50 67.31 35.73 -41.51
N TRP D 51 67.76 34.48 -41.53
CA TRP D 51 68.07 33.77 -40.30
C TRP D 51 69.25 34.42 -39.57
N SER D 52 70.29 34.81 -40.31
CA SER D 52 71.45 35.44 -39.68
C SER D 52 71.09 36.79 -39.07
N ALA D 53 70.25 37.58 -39.76
CA ALA D 53 69.79 38.84 -39.20
C ALA D 53 68.96 38.62 -37.95
N PHE D 54 68.10 37.61 -37.94
CA PHE D 54 67.37 37.29 -36.73
C PHE D 54 68.31 36.93 -35.59
N LEU D 55 69.33 36.13 -35.87
CA LEU D 55 70.28 35.74 -34.83
C LEU D 55 71.00 36.96 -34.25
N LYS D 56 71.51 37.83 -35.14
CA LYS D 56 72.26 38.99 -34.66
C LYS D 56 71.37 39.97 -33.92
N GLU D 57 70.13 40.16 -34.41
CA GLU D 57 69.20 41.05 -33.72
C GLU D 57 68.86 40.52 -32.33
N GLN D 58 68.62 39.21 -32.21
CA GLN D 58 68.28 38.64 -30.91
C GLN D 58 69.47 38.72 -29.96
N SER D 59 70.68 38.49 -30.47
CA SER D 59 71.86 38.64 -29.61
C SER D 59 72.04 40.07 -29.14
N THR D 60 71.86 41.04 -30.05
CA THR D 60 72.04 42.44 -29.68
C THR D 60 70.89 42.91 -28.78
N LEU D 61 69.79 42.17 -28.76
CA LEU D 61 68.70 42.51 -27.85
C LEU D 61 68.91 41.90 -26.48
N ALA D 62 69.41 40.66 -26.42
CA ALA D 62 69.51 39.95 -25.16
C ALA D 62 70.90 40.04 -24.52
N GLN D 63 71.84 40.77 -25.12
CA GLN D 63 73.15 40.91 -24.50
C GLN D 63 73.10 41.68 -23.19
N MET D 64 72.07 42.51 -22.98
CA MET D 64 72.02 43.38 -21.80
C MET D 64 71.66 42.63 -20.52
N TYR D 65 71.26 41.37 -20.60
CA TYR D 65 71.01 40.59 -19.40
C TYR D 65 72.33 40.10 -18.82
N PRO D 66 72.69 40.48 -17.59
CA PRO D 66 73.93 39.96 -16.99
C PRO D 66 73.74 38.53 -16.49
N LEU D 67 74.69 37.66 -16.84
CA LEU D 67 74.58 36.25 -16.50
C LEU D 67 74.73 36.01 -15.01
N GLN D 68 75.20 37.00 -14.24
CA GLN D 68 75.47 36.79 -12.82
C GLN D 68 74.21 36.74 -11.97
N GLU D 69 73.04 37.05 -12.52
CA GLU D 69 71.81 37.18 -11.76
C GLU D 69 70.73 36.21 -12.24
N ILE D 70 71.13 35.00 -12.63
CA ILE D 70 70.19 33.95 -13.00
C ILE D 70 70.56 32.68 -12.23
N GLN D 71 69.56 32.04 -11.62
CA GLN D 71 69.77 30.84 -10.83
C GLN D 71 69.31 29.56 -11.53
N ASN D 72 68.28 29.62 -12.36
CA ASN D 72 67.81 28.45 -13.10
C ASN D 72 68.86 28.09 -14.15
N LEU D 73 69.29 26.82 -14.14
CA LEU D 73 70.43 26.41 -14.98
C LEU D 73 70.05 26.37 -16.46
N THR D 74 68.82 25.96 -16.76
CA THR D 74 68.42 25.83 -18.16
C THR D 74 68.43 27.16 -18.88
N VAL D 75 67.82 28.18 -18.27
CA VAL D 75 67.81 29.51 -18.89
C VAL D 75 69.21 30.12 -18.85
N LYS D 76 70.00 29.77 -17.84
CA LYS D 76 71.40 30.20 -17.83
C LYS D 76 72.14 29.71 -19.06
N LEU D 77 72.01 28.42 -19.37
CA LEU D 77 72.68 27.86 -20.54
C LEU D 77 72.09 28.44 -21.82
N GLN D 78 70.77 28.64 -21.86
CA GLN D 78 70.14 29.26 -23.02
C GLN D 78 70.74 30.63 -23.30
N LEU D 79 70.82 31.48 -22.27
CA LEU D 79 71.32 32.83 -22.46
C LEU D 79 72.82 32.85 -22.71
N GLN D 80 73.56 31.87 -22.18
CA GLN D 80 74.99 31.78 -22.47
C GLN D 80 75.23 31.40 -23.92
N ALA D 81 74.46 30.42 -24.43
CA ALA D 81 74.61 30.01 -25.83
C ALA D 81 74.14 31.11 -26.77
N LEU D 82 73.09 31.84 -26.42
CA LEU D 82 72.60 32.91 -27.28
C LEU D 82 73.54 34.11 -27.24
N GLN D 83 74.05 34.45 -26.06
CA GLN D 83 74.81 35.68 -25.86
C GLN D 83 76.17 35.66 -26.55
N GLN D 84 76.65 34.51 -27.00
CA GLN D 84 77.90 34.47 -27.77
C GLN D 84 77.65 35.27 -29.04
N ASN D 85 78.43 36.34 -29.21
CA ASN D 85 78.17 37.27 -30.30
C ASN D 85 78.98 36.95 -31.55
N GLY D 86 79.88 35.97 -31.47
CA GLY D 86 80.70 35.62 -32.61
C GLY D 86 81.57 36.76 -33.09
N SER D 87 81.60 36.97 -34.41
CA SER D 87 82.49 37.98 -34.99
C SER D 87 81.98 39.39 -34.81
N SER D 88 80.79 39.56 -34.21
CA SER D 88 80.17 40.88 -34.14
C SER D 88 80.89 41.84 -33.20
N VAL D 89 81.50 41.36 -32.12
CA VAL D 89 82.12 42.26 -31.16
C VAL D 89 83.35 42.93 -31.76
N LEU D 90 83.94 42.32 -32.78
CA LEU D 90 85.08 42.93 -33.45
C LEU D 90 84.62 44.07 -34.35
N SER D 91 85.58 44.91 -34.74
CA SER D 91 85.27 46.03 -35.62
C SER D 91 84.76 45.52 -36.96
N GLU D 92 83.86 46.30 -37.56
CA GLU D 92 83.20 45.86 -38.80
C GLU D 92 84.20 45.69 -39.93
N ASP D 93 85.22 46.56 -40.02
CA ASP D 93 86.21 46.44 -41.06
C ASP D 93 86.96 45.11 -40.96
N LYS D 94 87.41 44.76 -39.75
CA LYS D 94 88.10 43.48 -39.57
C LYS D 94 87.15 42.31 -39.76
N SER D 95 85.87 42.48 -39.43
CA SER D 95 84.90 41.39 -39.66
C SER D 95 84.72 41.13 -41.15
N LYS D 96 84.59 42.19 -41.95
CA LYS D 96 84.52 42.00 -43.40
C LYS D 96 85.81 41.45 -43.96
N ARG D 97 86.96 41.87 -43.43
CA ARG D 97 88.22 41.29 -43.87
C ARG D 97 88.26 39.80 -43.56
N LEU D 98 87.79 39.40 -42.38
CA LEU D 98 87.79 38.00 -41.99
C LEU D 98 86.86 37.18 -42.89
N ASN D 99 85.67 37.70 -43.18
CA ASN D 99 84.74 36.94 -44.03
C ASN D 99 85.24 36.88 -45.46
N THR D 100 85.88 37.94 -45.94
CA THR D 100 86.49 37.91 -47.27
C THR D 100 87.62 36.88 -47.33
N ILE D 101 88.44 36.81 -46.28
CA ILE D 101 89.49 35.80 -46.22
C ILE D 101 88.89 34.40 -46.23
N LEU D 102 87.82 34.19 -45.45
CA LEU D 102 87.17 32.89 -45.41
C LEU D 102 86.65 32.51 -46.79
N ASN D 103 85.95 33.44 -47.46
CA ASN D 103 85.43 33.15 -48.79
C ASN D 103 86.54 32.85 -49.78
N THR D 104 87.59 33.68 -49.78
CA THR D 104 88.68 33.49 -50.74
C THR D 104 89.37 32.15 -50.53
N MET D 105 89.64 31.79 -49.28
CA MET D 105 90.43 30.59 -49.03
C MET D 105 89.56 29.35 -49.23
N SER D 106 88.25 29.47 -48.96
CA SER D 106 87.34 28.38 -49.25
C SER D 106 87.28 28.13 -50.75
N THR D 107 87.22 29.20 -51.54
CA THR D 107 87.25 29.06 -52.99
C THR D 107 88.58 28.48 -53.47
N ILE D 108 89.69 28.85 -52.83
CA ILE D 108 90.98 28.27 -53.19
C ILE D 108 90.99 26.78 -52.94
N TYR D 109 90.46 26.35 -51.80
CA TYR D 109 90.40 24.91 -51.51
C TYR D 109 89.47 24.19 -52.49
N SER D 110 88.32 24.79 -52.80
CA SER D 110 87.32 24.08 -53.60
C SER D 110 87.69 24.05 -55.08
N THR D 111 88.37 25.08 -55.58
CA THR D 111 88.68 25.20 -57.00
C THR D 111 90.17 25.05 -57.31
N GLY D 112 90.96 24.64 -56.33
CA GLY D 112 92.38 24.41 -56.56
C GLY D 112 92.62 23.34 -57.61
N LYS D 113 93.47 23.65 -58.60
CA LYS D 113 93.71 22.75 -59.71
C LYS D 113 95.21 22.60 -59.92
N VAL D 114 95.63 21.38 -60.29
CA VAL D 114 97.02 21.07 -60.58
C VAL D 114 97.09 20.42 -61.96
N CYS D 115 98.04 20.87 -62.77
CA CYS D 115 98.22 20.39 -64.13
C CYS D 115 99.49 19.57 -64.24
N ASN D 116 99.42 18.49 -65.01
CA ASN D 116 100.60 17.66 -65.22
C ASN D 116 101.66 18.43 -66.01
N PRO D 117 102.94 18.17 -65.76
CA PRO D 117 104.00 18.98 -66.39
C PRO D 117 104.19 18.70 -67.87
N ASP D 118 103.33 17.88 -68.47
CA ASP D 118 103.41 17.57 -69.89
C ASP D 118 102.28 18.16 -70.72
N ASN D 119 101.19 18.58 -70.10
CA ASN D 119 100.04 19.14 -70.82
C ASN D 119 99.47 20.29 -70.01
N PRO D 120 99.71 21.54 -70.42
CA PRO D 120 99.19 22.68 -69.65
C PRO D 120 97.67 22.73 -69.59
N GLN D 121 96.98 22.29 -70.64
CA GLN D 121 95.53 22.34 -70.68
C GLN D 121 94.86 21.19 -69.95
N GLU D 122 95.61 20.16 -69.57
CA GLU D 122 95.08 19.03 -68.82
C GLU D 122 95.40 19.23 -67.35
N CYS D 123 94.40 19.65 -66.58
CA CYS D 123 94.54 19.87 -65.16
C CYS D 123 93.46 19.10 -64.41
N LEU D 124 93.77 18.68 -63.19
CA LEU D 124 92.86 17.87 -62.39
C LEU D 124 92.51 18.58 -61.09
N LEU D 125 91.21 18.54 -60.72
CA LEU D 125 90.79 19.12 -59.42
C LEU D 125 91.05 18.11 -58.31
N LEU D 126 91.08 18.54 -57.05
CA LEU D 126 91.37 17.63 -55.92
C LEU D 126 90.28 16.57 -55.78
N GLU D 127 89.02 16.98 -55.69
CA GLU D 127 87.91 16.01 -55.45
C GLU D 127 88.01 14.84 -56.45
N PRO D 128 87.79 15.05 -57.77
CA PRO D 128 87.32 13.98 -58.64
C PRO D 128 88.49 13.29 -59.36
N GLY D 129 89.71 13.41 -58.82
CA GLY D 129 90.88 12.84 -59.50
C GLY D 129 92.10 12.69 -58.61
N LEU D 130 92.54 13.79 -57.97
CA LEU D 130 93.81 13.71 -57.20
C LEU D 130 93.69 12.60 -56.15
N ASN D 131 92.56 12.55 -55.45
CA ASN D 131 92.35 11.49 -54.42
C ASN D 131 92.57 10.13 -55.09
N GLU D 132 91.86 9.86 -56.18
CA GLU D 132 91.97 8.56 -56.89
C GLU D 132 93.43 8.34 -57.31
N ILE D 133 94.04 9.35 -57.93
CA ILE D 133 95.45 9.22 -58.43
C ILE D 133 96.28 8.51 -57.37
N MET D 134 96.07 8.82 -56.09
CA MET D 134 96.93 8.24 -55.06
C MET D 134 96.20 7.24 -54.18
N ALA D 135 94.89 7.08 -54.31
CA ALA D 135 94.17 6.07 -53.56
C ALA D 135 93.90 4.80 -54.35
N ASN D 136 94.26 4.76 -55.64
CA ASN D 136 94.07 3.55 -56.42
C ASN D 136 95.37 3.12 -57.10
N SER D 137 96.17 4.08 -57.57
CA SER D 137 97.42 3.76 -58.25
C SER D 137 98.51 3.44 -57.24
N LEU D 138 99.30 2.42 -57.53
CA LEU D 138 100.37 1.96 -56.65
C LEU D 138 101.74 2.51 -57.04
N ASP D 139 101.81 3.40 -58.04
CA ASP D 139 103.10 3.92 -58.49
C ASP D 139 103.59 5.00 -57.55
N TYR D 140 104.84 4.88 -57.12
CA TYR D 140 105.43 5.85 -56.20
C TYR D 140 105.52 7.23 -56.84
N ASN D 141 105.95 7.29 -58.11
CA ASN D 141 106.18 8.57 -58.75
C ASN D 141 104.89 9.37 -58.93
N GLU D 142 103.81 8.70 -59.33
CA GLU D 142 102.55 9.41 -59.52
C GLU D 142 102.02 9.99 -58.20
N ARG D 143 102.09 9.20 -57.13
CA ARG D 143 101.67 9.69 -55.82
C ARG D 143 102.53 10.86 -55.37
N LEU D 144 103.85 10.76 -55.56
CA LEU D 144 104.74 11.85 -55.21
C LEU D 144 104.40 13.11 -56.00
N TRP D 145 104.17 12.97 -57.30
CA TRP D 145 103.86 14.13 -58.13
C TRP D 145 102.55 14.77 -57.70
N ALA D 146 101.52 13.96 -57.43
CA ALA D 146 100.24 14.50 -57.02
C ALA D 146 100.37 15.25 -55.69
N TRP D 147 101.04 14.64 -54.72
CA TRP D 147 101.21 15.26 -53.41
C TRP D 147 101.97 16.58 -53.52
N GLU D 148 103.10 16.57 -54.23
CA GLU D 148 103.91 17.78 -54.38
C GLU D 148 103.16 18.87 -55.12
N SER D 149 102.51 18.52 -56.23
CA SER D 149 101.79 19.52 -57.01
C SER D 149 100.65 20.14 -56.21
N TRP D 150 99.87 19.30 -55.52
CA TRP D 150 98.75 19.83 -54.75
C TRP D 150 99.24 20.77 -53.64
N ARG D 151 100.26 20.35 -52.90
CA ARG D 151 100.74 21.20 -51.81
C ARG D 151 101.37 22.48 -52.34
N SER D 152 102.20 22.38 -53.38
CA SER D 152 102.81 23.57 -53.95
C SER D 152 101.78 24.51 -54.56
N GLU D 153 100.62 23.99 -54.97
CA GLU D 153 99.59 24.84 -55.54
C GLU D 153 98.70 25.50 -54.49
N VAL D 154 98.45 24.84 -53.37
CA VAL D 154 97.53 25.37 -52.38
C VAL D 154 98.24 26.11 -51.24
N GLY D 155 99.32 25.54 -50.70
CA GLY D 155 99.93 26.13 -49.52
C GLY D 155 100.60 27.47 -49.80
N LYS D 156 101.25 27.59 -50.96
CA LYS D 156 101.90 28.86 -51.29
C LYS D 156 100.89 29.99 -51.36
N GLN D 157 99.72 29.73 -51.95
CA GLN D 157 98.66 30.73 -51.98
C GLN D 157 98.09 30.99 -50.60
N LEU D 158 97.89 29.94 -49.80
CA LEU D 158 97.14 30.05 -48.56
C LEU D 158 97.99 30.43 -47.35
N ARG D 159 99.31 30.55 -47.49
CA ARG D 159 100.13 30.87 -46.34
C ARG D 159 99.81 32.25 -45.74
N PRO D 160 99.98 33.36 -46.47
CA PRO D 160 99.68 34.65 -45.84
C PRO D 160 98.23 34.82 -45.45
N LEU D 161 97.32 34.23 -46.22
CA LEU D 161 95.91 34.27 -45.86
C LEU D 161 95.67 33.57 -44.52
N TYR D 162 96.31 32.41 -44.31
CA TYR D 162 96.19 31.72 -43.04
C TYR D 162 96.85 32.49 -41.91
N GLU D 163 97.96 33.18 -42.19
CA GLU D 163 98.58 34.01 -41.16
C GLU D 163 97.64 35.12 -40.70
N GLU D 164 97.04 35.83 -41.65
CA GLU D 164 96.08 36.87 -41.30
C GLU D 164 94.86 36.29 -40.60
N TYR D 165 94.41 35.12 -41.04
CA TYR D 165 93.27 34.46 -40.40
C TYR D 165 93.58 34.13 -38.94
N VAL D 166 94.77 33.57 -38.67
CA VAL D 166 95.15 33.22 -37.32
C VAL D 166 95.27 34.48 -36.46
N VAL D 167 95.88 35.53 -36.99
CA VAL D 167 96.01 36.78 -36.24
C VAL D 167 94.64 37.32 -35.87
N LEU D 168 93.73 37.36 -36.86
CA LEU D 168 92.37 37.84 -36.60
C LEU D 168 91.67 36.97 -35.58
N LYS D 169 91.93 35.66 -35.60
CA LYS D 169 91.30 34.78 -34.62
C LYS D 169 91.85 35.02 -33.22
N ASN D 170 93.13 35.36 -33.11
CA ASN D 170 93.67 35.71 -31.80
C ASN D 170 93.05 37.01 -31.27
N GLU D 171 92.90 38.01 -32.13
CA GLU D 171 92.20 39.22 -31.69
C GLU D 171 90.75 38.91 -31.32
N MET D 172 90.11 38.03 -32.09
CA MET D 172 88.76 37.60 -31.78
C MET D 172 88.67 36.95 -30.42
N ALA D 173 89.61 36.07 -30.10
CA ALA D 173 89.60 35.39 -28.80
C ALA D 173 89.84 36.36 -27.66
N ARG D 174 90.82 37.27 -27.81
CA ARG D 174 91.08 38.22 -26.74
C ARG D 174 89.93 39.22 -26.59
N ALA D 175 89.13 39.41 -27.64
CA ALA D 175 87.98 40.31 -27.55
C ALA D 175 86.95 39.78 -26.57
N ASN D 176 86.66 38.48 -26.61
CA ASN D 176 85.66 37.87 -25.74
C ASN D 176 86.27 37.05 -24.61
N HIS D 177 87.38 37.51 -24.03
CA HIS D 177 87.95 36.98 -22.80
C HIS D 177 88.47 35.55 -22.93
N TYR D 178 89.04 35.18 -24.07
CA TYR D 178 89.80 33.95 -24.20
C TYR D 178 91.24 34.29 -24.60
N GLU D 179 92.18 33.44 -24.17
CA GLU D 179 93.58 33.70 -24.45
C GLU D 179 93.94 33.44 -25.91
N ASP D 180 93.28 32.48 -26.55
CA ASP D 180 93.62 32.12 -27.92
C ASP D 180 92.41 31.46 -28.57
N TYR D 181 92.45 31.39 -29.91
CA TYR D 181 91.36 30.76 -30.66
C TYR D 181 91.27 29.28 -30.35
N GLY D 182 92.40 28.63 -30.04
CA GLY D 182 92.35 27.26 -29.56
C GLY D 182 91.54 27.13 -28.29
N ASP D 183 91.67 28.13 -27.40
CA ASP D 183 90.83 28.16 -26.20
C ASP D 183 89.37 28.35 -26.57
N TYR D 184 89.09 29.18 -27.58
CA TYR D 184 87.71 29.36 -28.03
C TYR D 184 87.11 28.05 -28.52
N TRP D 185 87.89 27.27 -29.27
CA TRP D 185 87.38 25.98 -29.75
C TRP D 185 87.28 24.96 -28.63
N ARG D 186 88.21 24.98 -27.68
CA ARG D 186 88.12 24.10 -26.52
C ARG D 186 86.95 24.45 -25.61
N GLY D 187 86.44 25.68 -25.71
CA GLY D 187 85.28 26.11 -24.92
C GLY D 187 84.03 25.28 -25.12
N ASP D 188 84.03 24.36 -26.09
CA ASP D 188 82.86 23.52 -26.33
C ASP D 188 82.61 22.56 -25.17
N TYR D 189 83.67 22.10 -24.51
CA TYR D 189 83.58 21.08 -23.48
C TYR D 189 83.52 21.65 -22.07
N GLU D 190 83.12 22.91 -21.91
CA GLU D 190 83.15 23.57 -20.62
C GLU D 190 81.77 23.59 -19.96
N VAL D 191 81.76 23.34 -18.65
CA VAL D 191 80.56 23.43 -17.83
C VAL D 191 80.96 23.96 -16.47
N ASN D 192 80.13 24.85 -15.92
CA ASN D 192 80.41 25.45 -14.62
C ASN D 192 79.14 25.52 -13.81
N GLY D 193 79.29 25.56 -12.49
CA GLY D 193 78.16 25.66 -11.59
C GLY D 193 77.51 24.34 -11.25
N VAL D 194 78.10 23.22 -11.63
CA VAL D 194 77.58 21.89 -11.32
C VAL D 194 78.64 21.16 -10.51
N ASP D 195 78.34 20.88 -9.25
CA ASP D 195 79.30 20.20 -8.38
C ASP D 195 79.49 18.75 -8.81
N GLY D 196 80.73 18.30 -8.79
CA GLY D 196 81.05 16.93 -9.16
C GLY D 196 81.06 16.64 -10.64
N TYR D 197 80.85 17.66 -11.47
CA TYR D 197 80.79 17.46 -12.92
C TYR D 197 81.50 18.56 -13.70
N ASP D 198 82.31 19.38 -13.04
CA ASP D 198 82.95 20.51 -13.71
C ASP D 198 84.11 20.02 -14.58
N TYR D 199 84.57 20.92 -15.46
CA TYR D 199 85.66 20.60 -16.38
C TYR D 199 86.36 21.89 -16.77
N SER D 200 87.69 21.89 -16.71
CA SER D 200 88.48 23.06 -17.05
C SER D 200 89.00 22.99 -18.48
N ARG D 201 89.54 24.11 -18.96
CA ARG D 201 89.98 24.19 -20.34
C ARG D 201 91.30 23.46 -20.58
N GLY D 202 92.22 23.47 -19.62
CA GLY D 202 93.42 22.66 -19.74
C GLY D 202 93.23 21.21 -19.38
N GLN D 203 92.12 20.88 -18.72
CA GLN D 203 91.81 19.49 -18.40
C GLN D 203 91.64 18.66 -19.66
N LEU D 204 91.04 19.25 -20.71
CA LEU D 204 90.89 18.54 -21.97
C LEU D 204 92.25 18.19 -22.57
N ILE D 205 93.18 19.14 -22.57
CA ILE D 205 94.52 18.89 -23.10
C ILE D 205 95.21 17.80 -22.29
N GLU D 206 95.13 17.90 -20.96
CA GLU D 206 95.75 16.90 -20.11
C GLU D 206 95.17 15.51 -20.36
N ASP D 207 93.85 15.43 -20.47
CA ASP D 207 93.19 14.14 -20.67
C ASP D 207 93.54 13.54 -22.02
N VAL D 208 93.55 14.36 -23.07
CA VAL D 208 93.87 13.83 -24.39
C VAL D 208 95.33 13.40 -24.44
N GLU D 209 96.22 14.13 -23.77
CA GLU D 209 97.62 13.70 -23.72
C GLU D 209 97.77 12.37 -22.99
N HIS D 210 97.07 12.20 -21.86
CA HIS D 210 97.13 10.95 -21.13
C HIS D 210 96.57 9.79 -21.95
N THR D 211 95.43 10.02 -22.62
CA THR D 211 94.84 8.98 -23.45
C THR D 211 95.75 8.59 -24.60
N PHE D 212 96.38 9.57 -25.25
CA PHE D 212 97.30 9.25 -26.33
C PHE D 212 98.51 8.49 -25.82
N GLU D 213 99.01 8.85 -24.63
CA GLU D 213 100.11 8.12 -24.03
C GLU D 213 99.72 6.66 -23.78
N GLU D 214 98.49 6.43 -23.31
CA GLU D 214 98.03 5.07 -23.08
C GLU D 214 97.82 4.30 -24.38
N ILE D 215 97.46 4.99 -25.47
CA ILE D 215 97.14 4.32 -26.73
C ILE D 215 98.35 4.08 -27.62
N LYS D 216 99.43 4.86 -27.46
CA LYS D 216 100.52 4.82 -28.43
C LYS D 216 101.16 3.45 -28.65
N PRO D 217 101.15 2.49 -27.69
CA PRO D 217 101.69 1.16 -28.04
C PRO D 217 100.99 0.50 -29.22
N LEU D 218 99.65 0.59 -29.27
CA LEU D 218 98.92 0.01 -30.39
C LEU D 218 99.30 0.67 -31.70
N TYR D 219 99.38 2.01 -31.70
CA TYR D 219 99.77 2.71 -32.92
C TYR D 219 101.17 2.30 -33.37
N GLU D 220 102.11 2.20 -32.43
CA GLU D 220 103.48 1.89 -32.83
C GLU D 220 103.60 0.45 -33.33
N HIS D 221 102.85 -0.49 -32.73
CA HIS D 221 102.87 -1.86 -33.25
C HIS D 221 102.27 -1.92 -34.65
N LEU D 222 101.15 -1.23 -34.87
CA LEU D 222 100.55 -1.20 -36.20
C LEU D 222 101.48 -0.51 -37.20
N HIS D 223 102.18 0.53 -36.76
CA HIS D 223 103.14 1.21 -37.63
C HIS D 223 104.27 0.28 -38.03
N ALA D 224 104.80 -0.49 -37.08
CA ALA D 224 105.85 -1.46 -37.41
C ALA D 224 105.35 -2.50 -38.39
N TYR D 225 104.13 -3.02 -38.18
CA TYR D 225 103.60 -4.03 -39.09
C TYR D 225 103.39 -3.47 -40.49
N VAL D 226 102.83 -2.25 -40.58
CA VAL D 226 102.60 -1.64 -41.89
C VAL D 226 103.92 -1.32 -42.58
N ARG D 227 104.93 -0.92 -41.80
CA ARG D 227 106.25 -0.68 -42.38
C ARG D 227 106.86 -1.96 -42.93
N ALA D 228 106.68 -3.07 -42.21
CA ALA D 228 107.18 -4.36 -42.72
C ALA D 228 106.46 -4.77 -43.99
N LYS D 229 105.13 -4.56 -44.03
CA LYS D 229 104.38 -4.90 -45.24
C LYS D 229 104.82 -4.03 -46.42
N LEU D 230 105.06 -2.74 -46.18
CA LEU D 230 105.53 -1.86 -47.24
C LEU D 230 106.95 -2.21 -47.66
N MET D 231 107.74 -2.73 -46.72
CA MET D 231 109.05 -3.27 -47.07
C MET D 231 108.92 -4.43 -48.04
N ASN D 232 107.98 -5.34 -47.76
CA ASN D 232 107.70 -6.41 -48.71
C ASN D 232 107.13 -5.87 -50.02
N ALA D 233 106.54 -4.67 -49.96
CA ALA D 233 105.92 -4.11 -51.16
C ALA D 233 106.90 -3.26 -51.96
N TYR D 234 107.53 -2.26 -51.31
CA TYR D 234 108.40 -1.30 -51.99
C TYR D 234 109.78 -1.39 -51.35
N PRO D 235 110.67 -2.23 -51.88
CA PRO D 235 111.91 -2.55 -51.15
C PRO D 235 112.94 -1.43 -51.13
N SER D 236 112.82 -0.42 -51.98
CA SER D 236 113.90 0.55 -52.15
C SER D 236 113.48 2.00 -51.90
N TYR D 237 112.61 2.25 -50.91
CA TYR D 237 112.12 3.59 -50.67
C TYR D 237 112.14 4.03 -49.21
N ILE D 238 112.05 3.11 -48.25
CA ILE D 238 111.93 3.47 -46.84
C ILE D 238 112.94 2.63 -46.05
N SER D 239 113.52 3.24 -45.01
CA SER D 239 114.35 2.48 -44.10
C SER D 239 113.49 1.63 -43.18
N PRO D 240 113.90 0.38 -42.91
CA PRO D 240 113.12 -0.47 -41.98
C PRO D 240 113.03 0.08 -40.57
N ILE D 241 113.73 1.18 -40.26
CA ILE D 241 113.61 1.83 -38.97
C ILE D 241 113.11 3.27 -39.09
N GLY D 242 112.92 3.78 -40.30
CA GLY D 242 112.50 5.16 -40.49
C GLY D 242 110.99 5.32 -40.55
N CYS D 243 110.57 6.56 -40.75
CA CYS D 243 109.15 6.90 -40.81
C CYS D 243 108.58 6.63 -42.20
N LEU D 244 107.28 6.42 -42.24
CA LEU D 244 106.60 6.18 -43.52
C LEU D 244 106.47 7.49 -44.31
N PRO D 245 106.51 7.43 -45.63
CA PRO D 245 106.30 8.65 -46.42
C PRO D 245 104.86 9.12 -46.33
N ALA D 246 104.68 10.43 -46.54
CA ALA D 246 103.34 11.02 -46.46
C ALA D 246 102.44 10.49 -47.58
N HIS D 247 102.98 10.35 -48.79
CA HIS D 247 102.18 9.97 -49.95
C HIS D 247 102.06 8.46 -50.14
N LEU D 248 102.27 7.67 -49.08
CA LEU D 248 102.09 6.23 -49.13
C LEU D 248 101.15 5.78 -48.00
N LEU D 249 100.13 6.58 -47.72
CA LEU D 249 99.26 6.34 -46.58
C LEU D 249 97.80 6.12 -46.96
N GLY D 250 97.42 6.35 -48.22
CA GLY D 250 96.11 6.00 -48.71
C GLY D 250 95.24 7.17 -49.13
N ASP D 251 95.24 8.27 -48.39
CA ASP D 251 94.39 9.41 -48.72
C ASP D 251 95.23 10.67 -48.76
N MET D 252 94.56 11.80 -48.98
CA MET D 252 95.25 13.04 -49.32
C MET D 252 96.33 13.43 -48.31
N TRP D 253 96.10 13.16 -47.03
CA TRP D 253 97.03 13.62 -46.00
C TRP D 253 97.44 12.52 -45.04
N GLY D 254 97.16 11.26 -45.36
CA GLY D 254 97.42 10.20 -44.41
C GLY D 254 96.42 10.13 -43.28
N ARG D 255 95.21 10.67 -43.47
CA ARG D 255 94.22 10.67 -42.41
C ARG D 255 93.78 9.25 -42.06
N PHE D 256 93.45 8.45 -43.08
CA PHE D 256 92.98 7.08 -42.89
C PHE D 256 93.90 6.10 -43.60
N TRP D 257 94.08 4.93 -42.99
CA TRP D 257 94.83 3.83 -43.59
C TRP D 257 93.92 2.75 -44.15
N THR D 258 92.69 3.11 -44.54
CA THR D 258 91.77 2.14 -45.09
C THR D 258 92.26 1.58 -46.43
N ASN D 259 92.91 2.42 -47.24
CA ASN D 259 93.34 1.99 -48.56
C ASN D 259 94.35 0.85 -48.49
N LEU D 260 95.29 0.93 -47.55
CA LEU D 260 96.37 -0.06 -47.50
C LEU D 260 95.93 -1.42 -47.00
N TYR D 261 94.63 -1.71 -46.83
CA TYR D 261 94.23 -3.05 -46.44
C TYR D 261 94.60 -4.07 -47.50
N SER D 262 94.44 -3.72 -48.78
CA SER D 262 94.77 -4.65 -49.85
C SER D 262 96.25 -5.01 -49.85
N LEU D 263 97.14 -4.03 -49.65
CA LEU D 263 98.56 -4.29 -49.60
C LEU D 263 99.01 -4.93 -48.30
N THR D 264 98.29 -4.68 -47.21
CA THR D 264 98.66 -5.18 -45.89
C THR D 264 97.67 -6.20 -45.35
N VAL D 265 96.98 -6.93 -46.21
CA VAL D 265 96.07 -7.96 -45.71
C VAL D 265 96.88 -9.14 -45.16
N PRO D 266 96.59 -9.62 -43.96
CA PRO D 266 97.35 -10.75 -43.41
C PRO D 266 97.08 -12.04 -44.17
N PHE D 267 95.81 -12.30 -44.46
CA PHE D 267 95.37 -13.52 -45.15
C PHE D 267 94.44 -13.10 -46.29
N GLY D 268 95.01 -12.98 -47.48
CA GLY D 268 94.25 -12.55 -48.65
C GLY D 268 93.43 -13.60 -49.33
N GLN D 269 93.48 -14.85 -48.85
CA GLN D 269 92.69 -15.93 -49.43
C GLN D 269 91.36 -16.16 -48.72
N LYS D 270 91.21 -15.69 -47.49
CA LYS D 270 89.95 -15.85 -46.78
C LYS D 270 88.90 -14.92 -47.38
N PRO D 271 87.66 -15.38 -47.51
CA PRO D 271 86.61 -14.53 -48.10
C PRO D 271 86.28 -13.35 -47.19
N ASN D 272 85.86 -12.26 -47.82
CA ASN D 272 85.45 -11.05 -47.12
C ASN D 272 83.93 -10.96 -47.11
N ILE D 273 83.40 -10.37 -46.04
CA ILE D 273 81.96 -10.25 -45.86
C ILE D 273 81.43 -9.17 -46.80
N ASP D 274 80.68 -9.59 -47.82
CA ASP D 274 80.07 -8.66 -48.77
C ASP D 274 78.70 -9.20 -49.14
N VAL D 275 77.64 -8.48 -48.77
CA VAL D 275 76.28 -8.91 -49.03
C VAL D 275 75.71 -8.27 -50.29
N THR D 276 76.56 -7.69 -51.14
CA THR D 276 76.10 -7.11 -52.40
C THR D 276 75.53 -8.19 -53.31
N ASP D 277 76.16 -9.37 -53.32
CA ASP D 277 75.59 -10.49 -54.07
C ASP D 277 74.23 -10.88 -53.50
N ALA D 278 74.11 -10.95 -52.17
CA ALA D 278 72.81 -11.17 -51.56
C ALA D 278 71.88 -9.97 -51.77
N MET D 279 72.45 -8.78 -51.92
CA MET D 279 71.65 -7.61 -52.25
C MET D 279 70.95 -7.79 -53.60
N VAL D 280 71.69 -8.22 -54.62
CA VAL D 280 71.12 -8.28 -55.96
C VAL D 280 70.30 -9.56 -56.13
N ASP D 281 70.67 -10.63 -55.44
CA ASP D 281 69.97 -11.90 -55.60
C ASP D 281 68.53 -11.82 -55.11
N GLN D 282 68.31 -11.16 -53.98
CA GLN D 282 66.99 -11.08 -53.36
C GLN D 282 66.19 -9.87 -53.81
N ALA D 283 66.70 -9.10 -54.78
CA ALA D 283 66.01 -7.94 -55.34
C ALA D 283 65.68 -6.92 -54.26
N TRP D 284 66.63 -6.70 -53.34
CA TRP D 284 66.48 -5.66 -52.34
C TRP D 284 66.65 -4.28 -52.97
N ASP D 285 65.96 -3.29 -52.41
CA ASP D 285 66.05 -1.91 -52.86
C ASP D 285 66.27 -1.01 -51.65
N ALA D 286 66.21 0.31 -51.89
CA ALA D 286 66.43 1.26 -50.83
C ALA D 286 65.35 1.18 -49.76
N GLN D 287 64.09 1.01 -50.18
CA GLN D 287 63.00 0.96 -49.21
C GLN D 287 63.14 -0.25 -48.30
N ARG D 288 63.59 -1.39 -48.84
CA ARG D 288 63.80 -2.57 -48.00
C ARG D 288 64.99 -2.39 -47.07
N ILE D 289 66.03 -1.70 -47.53
CA ILE D 289 67.18 -1.42 -46.66
C ILE D 289 66.75 -0.55 -45.48
N PHE D 290 65.97 0.49 -45.75
CA PHE D 290 65.55 1.37 -44.68
C PHE D 290 64.49 0.72 -43.78
N LYS D 291 63.73 -0.23 -44.33
CA LYS D 291 62.79 -0.99 -43.47
C LYS D 291 63.62 -1.89 -42.55
N GLU D 292 64.67 -2.53 -43.10
CA GLU D 292 65.56 -3.35 -42.29
C GLU D 292 66.17 -2.53 -41.16
N ALA D 293 66.63 -1.32 -41.47
CA ALA D 293 67.16 -0.45 -40.42
C ALA D 293 66.09 -0.07 -39.42
N GLU D 294 64.87 0.15 -39.91
CA GLU D 294 63.73 0.52 -39.02
C GLU D 294 63.50 -0.63 -38.04
N LYS D 295 63.43 -1.87 -38.54
CA LYS D 295 63.16 -3.01 -37.67
C LYS D 295 64.33 -3.25 -36.71
N PHE D 296 65.57 -3.01 -37.17
CA PHE D 296 66.71 -3.11 -36.27
C PHE D 296 66.60 -2.11 -35.13
N PHE D 297 66.14 -0.89 -35.43
CA PHE D 297 66.00 0.13 -34.41
C PHE D 297 64.81 -0.13 -33.49
N VAL D 298 63.76 -0.75 -34.03
CA VAL D 298 62.53 -1.03 -33.23
C VAL D 298 62.81 -2.26 -32.35
N SER D 299 63.78 -3.08 -32.73
CA SER D 299 64.12 -4.27 -31.93
C SER D 299 64.61 -3.91 -30.54
N VAL D 300 65.29 -2.76 -30.37
CA VAL D 300 65.75 -2.33 -29.06
C VAL D 300 64.73 -1.49 -28.32
N GLY D 301 63.65 -1.10 -28.98
CA GLY D 301 62.59 -0.36 -28.34
C GLY D 301 62.40 1.06 -28.81
N LEU D 302 63.26 1.54 -29.70
CA LEU D 302 63.12 2.88 -30.25
C LEU D 302 61.90 2.98 -31.16
N PRO D 303 61.20 4.14 -31.29
CA PRO D 303 60.00 4.19 -32.12
C PRO D 303 60.34 4.16 -33.62
N ASN D 304 59.39 3.73 -34.45
CA ASN D 304 59.64 3.74 -35.93
C ASN D 304 59.54 5.18 -36.43
N MET D 305 60.04 5.45 -37.64
CA MET D 305 60.08 6.86 -38.16
C MET D 305 58.67 7.36 -38.50
N THR D 306 58.51 8.67 -38.66
CA THR D 306 57.18 9.28 -38.95
C THR D 306 56.78 9.02 -40.41
N GLN D 307 55.50 9.27 -40.75
CA GLN D 307 55.00 9.00 -42.12
C GLN D 307 55.59 10.03 -43.11
N GLY D 308 55.74 11.29 -42.67
CA GLY D 308 56.30 12.30 -43.54
C GLY D 308 57.67 11.93 -44.07
N PHE D 309 58.46 11.24 -43.23
CA PHE D 309 59.83 10.83 -43.62
C PHE D 309 59.74 9.79 -44.75
N TRP D 310 58.73 8.92 -44.70
CA TRP D 310 58.59 7.84 -45.72
C TRP D 310 57.79 8.35 -46.92
N GLU D 311 57.17 9.53 -46.79
CA GLU D 311 56.38 10.09 -47.89
C GLU D 311 57.19 11.07 -48.72
N ASN D 312 57.88 12.01 -48.07
CA ASN D 312 58.48 13.15 -48.75
C ASN D 312 59.99 13.07 -48.92
N SER D 313 60.69 12.36 -48.04
CA SER D 313 62.14 12.28 -48.15
C SER D 313 62.54 11.49 -49.39
N MET D 314 63.59 11.95 -50.06
CA MET D 314 64.10 11.32 -51.28
C MET D 314 65.05 10.19 -50.88
N LEU D 315 64.65 8.96 -51.18
CA LEU D 315 65.43 7.78 -50.82
C LEU D 315 66.23 7.22 -51.98
N THR D 316 66.33 7.94 -53.09
CA THR D 316 67.07 7.46 -54.25
C THR D 316 67.55 8.66 -55.06
N ASP D 317 68.49 8.38 -55.98
CA ASP D 317 68.96 9.42 -56.88
C ASP D 317 67.81 9.89 -57.76
N PRO D 318 67.55 11.20 -57.84
CA PRO D 318 66.42 11.72 -58.61
C PRO D 318 66.65 11.72 -60.13
N GLY D 319 67.09 10.57 -60.65
CA GLY D 319 67.30 10.43 -62.07
C GLY D 319 68.41 11.31 -62.61
N ASN D 320 68.30 11.62 -63.90
CA ASN D 320 69.25 12.49 -64.58
C ASN D 320 68.67 13.86 -64.92
N VAL D 321 67.35 14.01 -64.90
CA VAL D 321 66.73 15.29 -65.24
C VAL D 321 67.11 16.35 -64.23
N GLN D 322 67.07 16.00 -62.93
CA GLN D 322 67.40 16.92 -61.86
C GLN D 322 68.62 16.42 -61.11
N LYS D 323 69.56 17.33 -60.86
CA LYS D 323 70.80 17.01 -60.16
C LYS D 323 70.64 17.31 -58.67
N ALA D 324 71.34 16.53 -57.84
CA ALA D 324 71.30 16.71 -56.40
C ALA D 324 72.63 16.32 -55.81
N VAL D 325 72.97 16.96 -54.68
CA VAL D 325 74.16 16.64 -53.91
C VAL D 325 73.70 15.78 -52.74
N CYS D 326 74.12 14.52 -52.73
CA CYS D 326 73.56 13.51 -51.84
C CYS D 326 74.61 12.90 -50.92
N HIS D 327 75.46 13.73 -50.31
CA HIS D 327 76.33 13.24 -49.26
C HIS D 327 75.46 12.83 -48.08
N PRO D 328 75.83 11.79 -47.33
CA PRO D 328 74.97 11.32 -46.24
C PRO D 328 74.82 12.36 -45.14
N THR D 329 73.63 12.94 -45.02
CA THR D 329 73.36 14.00 -44.06
C THR D 329 71.95 13.84 -43.51
N ALA D 330 71.80 14.01 -42.20
CA ALA D 330 70.51 13.96 -41.54
C ALA D 330 70.06 15.38 -41.22
N TRP D 331 68.83 15.71 -41.62
CA TRP D 331 68.32 17.07 -41.52
C TRP D 331 67.22 17.14 -40.47
N ASP D 332 67.35 18.11 -39.56
CA ASP D 332 66.34 18.39 -38.53
C ASP D 332 65.70 19.72 -38.89
N LEU D 333 64.64 19.66 -39.70
CA LEU D 333 63.94 20.88 -40.12
C LEU D 333 63.12 21.50 -38.99
N GLY D 334 62.83 20.75 -37.93
CA GLY D 334 61.98 21.24 -36.87
C GLY D 334 60.51 21.03 -37.16
N LYS D 335 59.70 21.38 -36.17
CA LYS D 335 58.24 21.23 -36.24
C LYS D 335 57.83 19.79 -36.51
N GLY D 336 58.61 18.84 -36.00
CA GLY D 336 58.30 17.44 -36.18
C GLY D 336 58.51 16.90 -37.57
N ASP D 337 59.38 17.52 -38.35
CA ASP D 337 59.67 17.10 -39.72
C ASP D 337 61.10 16.58 -39.79
N PHE D 338 61.28 15.37 -40.31
CA PHE D 338 62.60 14.76 -40.39
C PHE D 338 62.81 14.19 -41.79
N ARG D 339 64.04 14.33 -42.30
CA ARG D 339 64.33 14.03 -43.69
C ARG D 339 65.69 13.37 -43.81
N ILE D 340 65.86 12.58 -44.88
CA ILE D 340 67.14 11.97 -45.22
C ILE D 340 67.37 12.16 -46.72
N LEU D 341 68.62 12.41 -47.11
CA LEU D 341 68.96 12.62 -48.52
C LEU D 341 70.30 11.94 -48.78
N MET D 342 70.27 10.89 -49.60
CA MET D 342 71.47 10.17 -49.98
C MET D 342 71.17 9.28 -51.18
N CYS D 343 72.04 9.32 -52.18
CA CYS D 343 71.89 8.47 -53.36
C CYS D 343 72.16 7.03 -52.94
N THR D 344 71.09 6.24 -52.87
CA THR D 344 71.20 4.87 -52.36
C THR D 344 71.55 3.91 -53.48
N LYS D 345 72.58 3.10 -53.25
CA LYS D 345 72.97 2.02 -54.14
C LYS D 345 72.86 0.70 -53.41
N VAL D 346 72.77 -0.39 -54.17
CA VAL D 346 72.56 -1.73 -53.58
C VAL D 346 73.95 -2.25 -53.22
N THR D 347 74.44 -1.82 -52.07
CA THR D 347 75.75 -2.22 -51.56
C THR D 347 75.69 -2.37 -50.04
N MET D 348 76.64 -3.12 -49.50
CA MET D 348 76.76 -3.25 -48.05
C MET D 348 77.18 -1.93 -47.40
N ASP D 349 78.05 -1.18 -48.07
CA ASP D 349 78.48 0.11 -47.54
C ASP D 349 77.31 1.07 -47.43
N ASP D 350 76.42 1.06 -48.42
CA ASP D 350 75.21 1.87 -48.33
C ASP D 350 74.28 1.37 -47.24
N PHE D 351 74.24 0.07 -46.98
CA PHE D 351 73.49 -0.45 -45.85
C PHE D 351 73.99 0.13 -44.53
N LEU D 352 75.30 0.07 -44.30
CA LEU D 352 75.86 0.62 -43.07
C LEU D 352 75.67 2.13 -42.99
N THR D 353 75.81 2.83 -44.13
CA THR D 353 75.62 4.27 -44.14
C THR D 353 74.18 4.65 -43.85
N ALA D 354 73.22 3.89 -44.37
CA ALA D 354 71.81 4.14 -44.07
C ALA D 354 71.53 3.89 -42.59
N HIS D 355 72.13 2.84 -42.03
CA HIS D 355 71.98 2.62 -40.59
C HIS D 355 72.54 3.79 -39.79
N HIS D 356 73.71 4.31 -40.21
CA HIS D 356 74.30 5.46 -39.55
C HIS D 356 73.39 6.68 -39.64
N GLU D 357 72.83 6.93 -40.82
CA GLU D 357 71.99 8.10 -41.02
C GLU D 357 70.70 8.01 -40.21
N MET D 358 70.08 6.82 -40.14
CA MET D 358 68.89 6.71 -39.33
C MET D 358 69.21 6.69 -37.84
N GLY D 359 70.43 6.30 -37.46
CA GLY D 359 70.86 6.54 -36.09
C GLY D 359 70.98 8.02 -35.78
N HIS D 360 71.51 8.79 -36.73
CA HIS D 360 71.50 10.25 -36.63
C HIS D 360 70.08 10.77 -36.45
N ILE D 361 69.15 10.27 -37.27
CA ILE D 361 67.73 10.71 -37.18
C ILE D 361 67.21 10.39 -35.77
N GLN D 362 67.46 9.17 -35.29
CA GLN D 362 66.96 8.77 -33.98
C GLN D 362 67.50 9.68 -32.89
N TYR D 363 68.80 9.97 -32.93
CA TYR D 363 69.38 10.90 -31.95
C TYR D 363 68.72 12.26 -32.04
N ASP D 364 68.48 12.74 -33.27
CA ASP D 364 67.93 14.07 -33.44
C ASP D 364 66.49 14.16 -32.97
N MET D 365 65.72 13.09 -33.18
CA MET D 365 64.29 13.07 -32.74
C MET D 365 64.22 12.80 -31.23
N ALA D 366 65.31 12.33 -30.63
CA ALA D 366 65.30 12.00 -29.21
C ALA D 366 65.03 13.22 -28.34
N TYR D 367 65.67 14.35 -28.67
CA TYR D 367 65.54 15.58 -27.90
C TYR D 367 64.61 16.59 -28.58
N ALA D 368 63.61 16.12 -29.32
CA ALA D 368 62.71 17.02 -30.03
C ALA D 368 61.89 17.88 -29.07
N ALA D 369 61.68 17.40 -27.83
CA ALA D 369 60.91 18.16 -26.86
C ALA D 369 61.70 19.26 -26.18
N GLN D 370 63.03 19.26 -26.34
CA GLN D 370 63.86 20.27 -25.71
C GLN D 370 63.68 21.62 -26.42
N PRO D 371 64.01 22.73 -25.72
CA PRO D 371 63.85 24.04 -26.34
C PRO D 371 64.73 24.24 -27.57
N PHE D 372 64.53 25.36 -28.27
CA PHE D 372 65.25 25.59 -29.52
C PHE D 372 66.75 25.75 -29.28
N LEU D 373 67.15 26.40 -28.20
CA LEU D 373 68.56 26.58 -27.90
C LEU D 373 69.25 25.29 -27.48
N LEU D 374 68.50 24.27 -27.06
CA LEU D 374 69.07 23.08 -26.45
C LEU D 374 68.89 21.82 -27.29
N ARG D 375 68.38 21.93 -28.52
CA ARG D 375 68.16 20.75 -29.37
C ARG D 375 69.47 20.42 -30.09
N ASN D 376 70.42 19.90 -29.32
CA ASN D 376 71.70 19.43 -29.83
C ASN D 376 72.27 18.47 -28.80
N GLY D 377 73.28 17.70 -29.21
CA GLY D 377 73.89 16.76 -28.32
C GLY D 377 74.63 17.43 -27.17
N ALA D 378 74.94 16.62 -26.15
CA ALA D 378 75.61 17.14 -24.96
C ALA D 378 76.87 17.92 -25.33
N ASN D 379 77.60 17.44 -26.33
CA ASN D 379 78.60 18.23 -27.03
C ASN D 379 78.53 17.85 -28.50
N GLU D 380 79.54 18.27 -29.28
CA GLU D 380 79.52 17.99 -30.70
C GLU D 380 79.77 16.52 -31.01
N GLY D 381 80.39 15.78 -30.09
CA GLY D 381 80.90 14.45 -30.36
C GLY D 381 79.96 13.29 -30.14
N PHE D 382 78.68 13.52 -29.85
CA PHE D 382 77.74 12.43 -29.62
C PHE D 382 76.95 12.03 -30.87
N HIS D 383 76.68 12.98 -31.77
CA HIS D 383 75.86 12.69 -32.94
C HIS D 383 76.50 11.63 -33.81
N GLU D 384 77.69 11.90 -34.34
CA GLU D 384 78.33 10.97 -35.25
C GLU D 384 78.76 9.69 -34.55
N ALA D 385 79.08 9.76 -33.26
CA ALA D 385 79.40 8.55 -32.51
C ALA D 385 78.19 7.63 -32.40
N VAL D 386 77.02 8.19 -32.09
CA VAL D 386 75.81 7.39 -32.02
C VAL D 386 75.43 6.86 -33.39
N GLY D 387 75.68 7.65 -34.44
CA GLY D 387 75.47 7.15 -35.79
C GLY D 387 76.36 5.97 -36.13
N GLU D 388 77.64 6.04 -35.74
CA GLU D 388 78.61 5.02 -36.10
C GLU D 388 78.48 3.75 -35.26
N ILE D 389 78.02 3.87 -34.01
CA ILE D 389 77.87 2.67 -33.18
C ILE D 389 76.80 1.76 -33.77
N MET D 390 75.76 2.35 -34.36
CA MET D 390 74.71 1.54 -34.99
C MET D 390 75.26 0.77 -36.18
N SER D 391 76.09 1.41 -37.01
CA SER D 391 76.72 0.73 -38.12
C SER D 391 77.66 -0.37 -37.64
N LEU D 392 78.38 -0.10 -36.54
CA LEU D 392 79.26 -1.13 -35.97
C LEU D 392 78.46 -2.33 -35.50
N SER D 393 77.31 -2.10 -34.85
CA SER D 393 76.47 -3.20 -34.40
C SER D 393 75.90 -3.97 -35.59
N ALA D 394 75.48 -3.26 -36.63
CA ALA D 394 74.90 -3.93 -37.80
C ALA D 394 75.93 -4.67 -38.64
N ALA D 395 77.21 -4.27 -38.57
CA ALA D 395 78.25 -4.92 -39.35
C ALA D 395 78.61 -6.31 -38.80
N THR D 396 78.11 -6.68 -37.64
CA THR D 396 78.43 -7.98 -37.06
C THR D 396 77.85 -9.08 -37.94
N PRO D 397 78.62 -10.13 -38.24
CA PRO D 397 78.08 -11.24 -39.06
C PRO D 397 76.90 -11.94 -38.41
N LYS D 398 76.78 -11.89 -37.08
CA LYS D 398 75.66 -12.54 -36.41
C LYS D 398 74.33 -11.91 -36.81
N HIS D 399 74.28 -10.58 -36.86
CA HIS D 399 73.05 -9.91 -37.26
C HIS D 399 72.70 -10.22 -38.71
N LEU D 400 73.70 -10.21 -39.59
CA LEU D 400 73.45 -10.51 -41.00
C LEU D 400 72.95 -11.94 -41.17
N LYS D 401 73.52 -12.88 -40.42
CA LYS D 401 73.02 -14.25 -40.45
C LYS D 401 71.59 -14.33 -39.94
N SER D 402 71.28 -13.58 -38.89
CA SER D 402 69.92 -13.59 -38.33
C SER D 402 68.91 -13.03 -39.33
N ILE D 403 69.29 -11.99 -40.07
CA ILE D 403 68.38 -11.35 -41.01
C ILE D 403 68.47 -12.02 -42.37
N GLY D 404 69.21 -13.13 -42.43
CA GLY D 404 69.24 -13.95 -43.63
C GLY D 404 70.02 -13.39 -44.80
N LEU D 405 71.01 -12.54 -44.56
CA LEU D 405 71.87 -12.06 -45.64
C LEU D 405 73.09 -12.93 -45.88
N LEU D 406 73.55 -13.65 -44.85
CA LEU D 406 74.61 -14.64 -45.00
C LEU D 406 74.03 -16.02 -44.72
N SER D 407 74.51 -17.01 -45.46
CA SER D 407 74.07 -18.38 -45.21
C SER D 407 74.55 -18.84 -43.84
N PRO D 408 73.73 -19.58 -43.09
CA PRO D 408 74.15 -20.04 -41.76
C PRO D 408 75.36 -20.96 -41.81
N ASP D 409 75.67 -21.55 -42.95
CA ASP D 409 76.81 -22.45 -43.08
C ASP D 409 78.15 -21.73 -43.08
N PHE D 410 78.16 -20.40 -43.10
CA PHE D 410 79.40 -19.65 -43.06
C PHE D 410 80.17 -19.98 -41.79
N GLN D 411 81.47 -20.27 -41.94
CA GLN D 411 82.30 -20.74 -40.85
C GLN D 411 83.18 -19.58 -40.36
N GLU D 412 82.85 -19.05 -39.19
CA GLU D 412 83.69 -18.03 -38.58
C GLU D 412 84.92 -18.67 -37.95
N ASP D 413 86.08 -18.07 -38.20
CA ASP D 413 87.34 -18.61 -37.73
C ASP D 413 88.22 -17.48 -37.24
N ASN D 414 89.42 -17.84 -36.78
CA ASN D 414 90.35 -16.83 -36.26
C ASN D 414 90.86 -15.92 -37.37
N GLU D 415 91.08 -16.47 -38.57
CA GLU D 415 91.69 -15.68 -39.63
C GLU D 415 90.77 -14.55 -40.10
N THR D 416 89.50 -14.85 -40.33
CA THR D 416 88.56 -13.83 -40.79
C THR D 416 88.38 -12.74 -39.76
N GLU D 417 88.26 -13.12 -38.48
CA GLU D 417 88.13 -12.14 -37.41
C GLU D 417 89.38 -11.29 -37.26
N ILE D 418 90.56 -11.90 -37.44
CA ILE D 418 91.80 -11.13 -37.42
C ILE D 418 91.82 -10.12 -38.55
N ASN D 419 91.40 -10.53 -39.75
CA ASN D 419 91.34 -9.61 -40.88
C ASN D 419 90.37 -8.47 -40.59
N PHE D 420 89.21 -8.79 -40.01
CA PHE D 420 88.23 -7.76 -39.67
C PHE D 420 88.81 -6.76 -38.66
N LEU D 421 89.46 -7.27 -37.62
CA LEU D 421 90.08 -6.38 -36.63
C LEU D 421 91.17 -5.53 -37.26
N LEU D 422 91.93 -6.10 -38.20
CA LEU D 422 93.01 -5.34 -38.82
C LEU D 422 92.46 -4.22 -39.71
N LYS D 423 91.41 -4.49 -40.48
CA LYS D 423 90.84 -3.43 -41.30
C LYS D 423 90.20 -2.35 -40.42
N GLN D 424 89.54 -2.76 -39.33
CA GLN D 424 89.01 -1.77 -38.39
C GLN D 424 90.12 -0.92 -37.79
N ALA D 425 91.25 -1.53 -37.44
CA ALA D 425 92.38 -0.75 -36.92
C ALA D 425 92.93 0.20 -37.96
N LEU D 426 93.08 -0.26 -39.21
CA LEU D 426 93.56 0.61 -40.27
C LEU D 426 92.63 1.79 -40.49
N THR D 427 91.33 1.58 -40.30
CA THR D 427 90.38 2.69 -40.41
C THR D 427 90.44 3.61 -39.20
N ILE D 428 90.67 3.06 -38.02
CA ILE D 428 90.50 3.79 -36.76
C ILE D 428 91.83 4.17 -36.13
N VAL D 429 92.72 3.20 -35.95
CA VAL D 429 93.97 3.46 -35.23
C VAL D 429 94.82 4.47 -35.99
N GLY D 430 94.75 4.45 -37.32
CA GLY D 430 95.57 5.35 -38.10
C GLY D 430 95.22 6.81 -37.91
N THR D 431 93.93 7.11 -37.76
CA THR D 431 93.50 8.50 -37.73
C THR D 431 93.72 9.17 -36.38
N LEU D 432 93.80 8.41 -35.29
CA LEU D 432 93.93 9.03 -33.97
C LEU D 432 95.20 9.84 -33.81
N PRO D 433 96.41 9.32 -34.12
CA PRO D 433 97.60 10.17 -34.00
C PRO D 433 97.56 11.38 -34.91
N PHE D 434 96.99 11.25 -36.11
CA PHE D 434 96.96 12.39 -37.03
C PHE D 434 96.01 13.47 -36.53
N THR D 435 94.84 13.09 -36.04
CA THR D 435 93.91 14.07 -35.48
C THR D 435 94.52 14.75 -34.25
N TYR D 436 95.09 13.96 -33.34
CA TYR D 436 95.76 14.54 -32.17
C TYR D 436 96.85 15.51 -32.60
N MET D 437 97.69 15.09 -33.53
CA MET D 437 98.80 15.93 -33.99
C MET D 437 98.29 17.23 -34.59
N LEU D 438 97.33 17.14 -35.51
CA LEU D 438 96.82 18.35 -36.17
C LEU D 438 96.20 19.30 -35.17
N GLU D 439 95.37 18.78 -34.25
CA GLU D 439 94.70 19.66 -33.30
C GLU D 439 95.68 20.27 -32.31
N LYS D 440 96.70 19.51 -31.90
CA LYS D 440 97.71 20.06 -31.01
C LYS D 440 98.54 21.13 -31.72
N TRP D 441 98.86 20.92 -32.99
CA TRP D 441 99.58 21.94 -33.75
C TRP D 441 98.74 23.20 -33.88
N ARG D 442 97.44 23.04 -34.13
CA ARG D 442 96.56 24.20 -34.19
C ARG D 442 96.51 24.94 -32.85
N TRP D 443 96.39 24.19 -31.75
CA TRP D 443 96.44 24.82 -30.43
C TRP D 443 97.72 25.61 -30.25
N MET D 444 98.86 25.01 -30.59
CA MET D 444 100.15 25.60 -30.30
C MET D 444 100.53 26.72 -31.27
N VAL D 445 99.89 26.82 -32.44
CA VAL D 445 100.08 28.01 -33.26
C VAL D 445 99.13 29.12 -32.80
N PHE D 446 97.94 28.75 -32.33
CA PHE D 446 97.00 29.76 -31.84
C PHE D 446 97.50 30.42 -30.57
N LYS D 447 98.10 29.63 -29.65
CA LYS D 447 98.57 30.19 -28.39
C LYS D 447 99.80 31.06 -28.54
N GLY D 448 100.48 31.01 -29.69
CA GLY D 448 101.66 31.82 -29.92
C GLY D 448 102.95 31.25 -29.40
N GLU D 449 102.98 29.98 -29.00
CA GLU D 449 104.22 29.37 -28.54
C GLU D 449 105.25 29.22 -29.66
N ILE D 450 104.84 29.41 -30.91
CA ILE D 450 105.72 29.17 -32.04
C ILE D 450 105.79 30.41 -32.93
N PRO D 451 106.97 31.00 -33.11
CA PRO D 451 107.11 32.09 -34.10
C PRO D 451 106.78 31.60 -35.51
N LYS D 452 106.50 32.58 -36.38
CA LYS D 452 106.03 32.27 -37.72
C LYS D 452 107.06 31.48 -38.52
N ASP D 453 108.33 31.84 -38.41
CA ASP D 453 109.36 31.35 -39.33
C ASP D 453 109.78 29.90 -39.06
N GLN D 454 109.10 29.15 -38.19
CA GLN D 454 109.40 27.73 -38.05
C GLN D 454 108.14 26.88 -37.88
N TRP D 455 106.99 27.38 -38.33
CA TRP D 455 105.75 26.60 -38.25
C TRP D 455 105.91 25.24 -38.91
N MET D 456 106.34 25.23 -40.17
CA MET D 456 106.45 23.98 -40.91
C MET D 456 107.55 23.08 -40.34
N LYS D 457 108.68 23.67 -39.94
CA LYS D 457 109.76 22.88 -39.37
C LYS D 457 109.31 22.15 -38.11
N LYS D 458 108.66 22.87 -37.19
CA LYS D 458 108.18 22.23 -35.97
C LYS D 458 107.07 21.23 -36.27
N TRP D 459 106.19 21.56 -37.22
CA TRP D 459 105.14 20.65 -37.65
C TRP D 459 105.72 19.31 -38.08
N TRP D 460 106.69 19.34 -38.99
CA TRP D 460 107.28 18.11 -39.50
C TRP D 460 108.14 17.41 -38.46
N GLU D 461 108.85 18.17 -37.61
CA GLU D 461 109.66 17.54 -36.56
C GLU D 461 108.79 16.77 -35.59
N MET D 462 107.74 17.40 -35.08
CA MET D 462 106.85 16.69 -34.15
C MET D 462 106.12 15.56 -34.85
N LYS D 463 105.84 15.70 -36.16
CA LYS D 463 105.21 14.59 -36.88
C LYS D 463 106.14 13.38 -36.94
N ARG D 464 107.39 13.59 -37.37
CA ARG D 464 108.32 12.46 -37.39
C ARG D 464 108.62 11.95 -35.98
N GLU D 465 108.36 12.78 -34.96
CA GLU D 465 108.53 12.32 -33.59
C GLU D 465 107.40 11.36 -33.17
N ILE D 466 106.14 11.75 -33.37
CA ILE D 466 105.01 11.02 -32.80
C ILE D 466 104.23 10.23 -33.87
N VAL D 467 103.84 10.88 -34.96
CA VAL D 467 103.02 10.19 -35.97
C VAL D 467 103.85 9.36 -36.93
N GLY D 468 105.17 9.44 -36.85
CA GLY D 468 106.02 8.58 -37.66
C GLY D 468 105.86 8.75 -39.15
N VAL D 469 105.75 9.98 -39.62
CA VAL D 469 105.65 10.28 -41.05
C VAL D 469 106.70 11.33 -41.39
N VAL D 470 107.50 11.05 -42.41
CA VAL D 470 108.59 11.94 -42.83
C VAL D 470 108.33 12.36 -44.27
N GLU D 471 108.59 13.63 -44.58
CA GLU D 471 108.31 14.13 -45.96
C GLU D 471 109.36 13.59 -46.93
N PRO D 472 108.97 13.18 -48.16
CA PRO D 472 109.94 12.73 -49.16
C PRO D 472 110.67 13.92 -49.81
N VAL D 473 110.11 15.12 -49.70
CA VAL D 473 110.75 16.33 -50.31
C VAL D 473 110.82 17.44 -49.25
N PRO D 474 112.00 18.04 -49.00
CA PRO D 474 112.14 19.07 -47.96
C PRO D 474 111.35 20.33 -48.35
N HIS D 475 110.71 20.98 -47.37
CA HIS D 475 109.85 22.15 -47.69
C HIS D 475 110.26 23.38 -46.87
N ASP D 476 110.10 24.58 -47.44
CA ASP D 476 110.42 25.81 -46.73
C ASP D 476 109.17 26.37 -46.05
N GLU D 477 109.29 27.57 -45.48
CA GLU D 477 108.18 28.24 -44.79
C GLU D 477 107.21 28.94 -45.75
N THR D 478 107.42 28.81 -47.06
CA THR D 478 106.49 29.39 -48.02
C THR D 478 105.23 28.56 -48.19
N TYR D 479 105.13 27.41 -47.52
CA TYR D 479 104.02 26.49 -47.68
C TYR D 479 103.01 26.63 -46.54
N CYS D 480 101.76 26.31 -46.87
CA CYS D 480 100.66 26.25 -45.90
C CYS D 480 99.97 24.89 -46.00
N ASP D 481 100.79 23.84 -46.01
CA ASP D 481 100.28 22.48 -46.20
C ASP D 481 99.19 22.07 -45.22
N PRO D 482 99.12 22.58 -43.98
CA PRO D 482 97.93 22.30 -43.17
C PRO D 482 96.63 22.72 -43.83
N ALA D 483 96.61 23.83 -44.57
CA ALA D 483 95.40 24.27 -45.24
C ALA D 483 95.04 23.41 -46.46
N SER D 484 95.78 22.33 -46.71
CA SER D 484 95.42 21.39 -47.76
C SER D 484 94.28 20.46 -47.36
N LEU D 485 93.83 20.52 -46.11
CA LEU D 485 92.77 19.68 -45.59
C LEU D 485 91.46 20.46 -45.53
N PHE D 486 90.35 19.74 -45.78
CA PHE D 486 89.03 20.35 -45.74
C PHE D 486 88.76 21.00 -44.38
N HIS D 487 89.14 20.31 -43.29
CA HIS D 487 88.81 20.80 -41.96
C HIS D 487 89.62 22.05 -41.61
N VAL D 488 90.92 22.06 -41.90
CA VAL D 488 91.73 23.23 -41.61
C VAL D 488 91.33 24.38 -42.52
N SER D 489 91.00 24.09 -43.77
CA SER D 489 90.78 25.13 -44.77
C SER D 489 89.36 25.69 -44.76
N ASN D 490 88.50 25.25 -43.85
CA ASN D 490 87.15 25.80 -43.79
C ASN D 490 86.65 25.98 -42.37
N ASP D 491 87.56 26.21 -41.43
CA ASP D 491 87.22 26.61 -40.07
C ASP D 491 86.34 25.57 -39.37
N TYR D 492 86.91 24.39 -39.16
CA TYR D 492 86.30 23.36 -38.33
C TYR D 492 87.31 22.84 -37.33
N SER D 493 86.81 22.41 -36.17
CA SER D 493 87.64 21.74 -35.18
C SER D 493 87.92 20.30 -35.61
N PHE D 494 89.01 19.74 -35.09
CA PHE D 494 89.45 18.41 -35.50
C PHE D 494 89.65 17.42 -34.37
N ILE D 495 89.68 17.85 -33.11
CA ILE D 495 89.69 16.90 -32.00
C ILE D 495 88.38 16.15 -31.89
N ARG D 496 87.36 16.59 -32.65
CA ARG D 496 86.06 15.94 -32.63
C ARG D 496 86.17 14.46 -33.01
N TYR D 497 87.05 14.13 -33.96
CA TYR D 497 87.15 12.74 -34.40
C TYR D 497 87.78 11.86 -33.33
N TYR D 498 88.80 12.36 -32.63
CA TYR D 498 89.39 11.60 -31.53
C TYR D 498 88.38 11.40 -30.41
N THR D 499 87.66 12.47 -30.05
CA THR D 499 86.64 12.35 -29.01
C THR D 499 85.55 11.37 -29.43
N ARG D 500 85.15 11.39 -30.70
CA ARG D 500 84.16 10.46 -31.20
C ARG D 500 84.66 9.03 -31.15
N THR D 501 85.93 8.81 -31.51
CA THR D 501 86.49 7.47 -31.46
C THR D 501 86.47 6.92 -30.04
N LEU D 502 86.81 7.77 -29.06
CA LEU D 502 86.70 7.32 -27.67
C LEU D 502 85.25 7.06 -27.28
N TYR D 503 84.34 7.98 -27.61
CA TYR D 503 82.96 7.89 -27.16
C TYR D 503 82.25 6.68 -27.73
N GLN D 504 82.43 6.41 -29.03
CA GLN D 504 81.67 5.34 -29.67
C GLN D 504 82.04 3.99 -29.08
N PHE D 505 83.34 3.75 -28.84
CA PHE D 505 83.74 2.46 -28.27
C PHE D 505 83.43 2.36 -26.79
N GLN D 506 83.49 3.47 -26.05
CA GLN D 506 83.03 3.45 -24.66
C GLN D 506 81.55 3.10 -24.59
N PHE D 507 80.75 3.71 -25.47
CA PHE D 507 79.32 3.40 -25.54
C PHE D 507 79.10 1.94 -25.93
N GLN D 508 79.88 1.43 -26.88
CA GLN D 508 79.74 0.05 -27.30
C GLN D 508 80.04 -0.90 -26.14
N GLU D 509 81.09 -0.62 -25.38
CA GLU D 509 81.41 -1.45 -24.22
C GLU D 509 80.28 -1.41 -23.20
N ALA D 510 79.75 -0.22 -22.91
CA ALA D 510 78.68 -0.11 -21.92
C ALA D 510 77.43 -0.86 -22.37
N LEU D 511 77.03 -0.68 -23.63
CA LEU D 511 75.82 -1.32 -24.12
C LEU D 511 76.00 -2.83 -24.23
N CYS D 512 77.21 -3.29 -24.58
CA CYS D 512 77.46 -4.73 -24.62
C CYS D 512 77.43 -5.33 -23.23
N GLN D 513 77.93 -4.61 -22.23
CA GLN D 513 77.78 -5.08 -20.86
C GLN D 513 76.31 -5.14 -20.47
N ALA D 514 75.53 -4.14 -20.88
CA ALA D 514 74.10 -4.15 -20.59
C ALA D 514 73.36 -5.23 -21.38
N ALA D 515 73.93 -5.68 -22.50
CA ALA D 515 73.27 -6.64 -23.37
C ALA D 515 73.50 -8.08 -22.96
N LYS D 516 74.31 -8.34 -21.92
CA LYS D 516 74.59 -9.70 -21.45
C LYS D 516 75.15 -10.57 -22.57
N HIS D 517 76.19 -10.09 -23.23
CA HIS D 517 76.83 -10.83 -24.30
C HIS D 517 78.18 -11.38 -23.84
N GLU D 518 78.48 -12.59 -24.29
CA GLU D 518 79.72 -13.28 -23.92
C GLU D 518 80.59 -13.47 -25.15
N GLY D 519 81.89 -13.24 -24.97
CA GLY D 519 82.84 -13.39 -26.05
C GLY D 519 83.49 -12.08 -26.46
N PRO D 520 84.12 -12.06 -27.63
CA PRO D 520 84.78 -10.84 -28.09
C PRO D 520 83.76 -9.74 -28.40
N LEU D 521 84.22 -8.50 -28.29
CA LEU D 521 83.31 -7.35 -28.42
C LEU D 521 82.90 -7.10 -29.87
N HIS D 522 83.73 -7.50 -30.84
CA HIS D 522 83.37 -7.28 -32.24
C HIS D 522 82.19 -8.13 -32.67
N LYS D 523 81.93 -9.24 -32.00
CA LYS D 523 80.78 -10.09 -32.28
C LYS D 523 79.52 -9.62 -31.54
N CYS D 524 79.69 -8.76 -30.55
CA CYS D 524 78.58 -8.31 -29.71
C CYS D 524 77.50 -7.63 -30.52
N ASP D 525 76.24 -7.94 -30.19
CA ASP D 525 75.08 -7.34 -30.82
C ASP D 525 74.13 -6.86 -29.73
N ILE D 526 73.38 -5.79 -30.03
CA ILE D 526 72.47 -5.19 -29.06
C ILE D 526 71.00 -5.35 -29.43
N SER D 527 70.70 -6.04 -30.53
CA SER D 527 69.33 -6.23 -30.93
C SER D 527 68.61 -7.17 -29.96
N ASN D 528 67.28 -7.08 -29.96
CA ASN D 528 66.41 -7.86 -29.08
C ASN D 528 66.70 -7.60 -27.60
N SER D 529 67.18 -6.40 -27.27
CA SER D 529 67.51 -6.03 -25.90
C SER D 529 66.85 -4.68 -25.60
N THR D 530 65.64 -4.72 -25.03
CA THR D 530 64.96 -3.47 -24.69
C THR D 530 65.65 -2.75 -23.55
N GLU D 531 66.43 -3.46 -22.74
CA GLU D 531 67.24 -2.80 -21.72
C GLU D 531 68.28 -1.90 -22.35
N ALA D 532 68.94 -2.38 -23.41
CA ALA D 532 69.89 -1.54 -24.14
C ALA D 532 69.18 -0.33 -24.74
N GLY D 533 67.97 -0.54 -25.28
CA GLY D 533 67.23 0.58 -25.86
C GLY D 533 66.86 1.63 -24.83
N GLN D 534 66.38 1.20 -23.66
CA GLN D 534 65.99 2.17 -22.65
C GLN D 534 67.22 2.87 -22.06
N LYS D 535 68.34 2.15 -21.93
CA LYS D 535 69.57 2.79 -21.49
C LYS D 535 70.04 3.84 -22.50
N LEU D 536 69.92 3.52 -23.79
CA LEU D 536 70.27 4.49 -24.83
C LEU D 536 69.35 5.70 -24.77
N PHE D 537 68.06 5.47 -24.60
CA PHE D 537 67.10 6.59 -24.55
C PHE D 537 67.32 7.47 -23.34
N ASN D 538 67.75 6.88 -22.21
CA ASN D 538 67.98 7.64 -21.00
C ASN D 538 69.03 8.73 -21.18
N MET D 539 69.97 8.55 -22.12
CA MET D 539 70.88 9.62 -22.50
C MET D 539 70.43 10.36 -23.76
N LEU D 540 69.63 9.71 -24.60
CA LEU D 540 69.15 10.34 -25.82
C LEU D 540 68.26 11.53 -25.51
N ARG D 541 67.44 11.40 -24.46
CA ARG D 541 66.40 12.39 -24.19
C ARG D 541 66.93 13.76 -23.74
N LEU D 542 67.99 13.80 -22.92
CA LEU D 542 68.38 15.07 -22.29
C LEU D 542 68.79 16.12 -23.31
N GLY D 543 69.57 15.74 -24.32
CA GLY D 543 70.11 16.74 -25.22
C GLY D 543 71.40 17.30 -24.66
N LYS D 544 71.39 18.61 -24.35
CA LYS D 544 72.56 19.26 -23.75
C LYS D 544 72.16 20.23 -22.65
N SER D 545 70.95 20.13 -22.11
CA SER D 545 70.54 20.99 -21.00
C SER D 545 71.34 20.69 -19.74
N GLU D 546 71.96 19.52 -19.67
CA GLU D 546 72.76 19.07 -18.56
C GLU D 546 74.21 18.86 -19.01
N PRO D 547 75.16 18.85 -18.06
CA PRO D 547 76.57 18.69 -18.44
C PRO D 547 76.80 17.39 -19.19
N TRP D 548 77.73 17.45 -20.16
CA TRP D 548 78.05 16.28 -20.96
C TRP D 548 78.61 15.15 -20.11
N THR D 549 79.28 15.48 -19.01
CA THR D 549 79.78 14.45 -18.10
C THR D 549 78.63 13.67 -17.48
N LEU D 550 77.56 14.37 -17.08
CA LEU D 550 76.40 13.68 -16.52
C LEU D 550 75.74 12.78 -17.57
N ALA D 551 75.64 13.27 -18.81
CA ALA D 551 75.07 12.45 -19.88
C ALA D 551 75.93 11.21 -20.14
N LEU D 552 77.25 11.36 -20.06
CA LEU D 552 78.14 10.21 -20.25
C LEU D 552 77.98 9.21 -19.11
N GLU D 553 77.89 9.71 -17.87
CA GLU D 553 77.69 8.82 -16.73
C GLU D 553 76.33 8.14 -16.81
N ASN D 554 75.35 8.77 -17.45
CA ASN D 554 74.03 8.17 -17.57
C ASN D 554 74.05 6.87 -18.36
N VAL D 555 75.05 6.68 -19.22
CA VAL D 555 75.13 5.50 -20.06
C VAL D 555 76.26 4.57 -19.64
N VAL D 556 77.39 5.13 -19.18
CA VAL D 556 78.54 4.30 -18.83
C VAL D 556 78.87 4.34 -17.33
N GLY D 557 78.35 5.31 -16.58
CA GLY D 557 78.69 5.42 -15.18
C GLY D 557 80.01 6.10 -14.89
N ALA D 558 80.67 6.66 -15.90
CA ALA D 558 81.94 7.36 -15.73
C ALA D 558 81.76 8.82 -16.12
N LYS D 559 82.50 9.69 -15.45
CA LYS D 559 82.39 11.12 -15.63
C LYS D 559 83.45 11.69 -16.58
N ASN D 560 84.28 10.84 -17.18
CA ASN D 560 85.36 11.32 -18.02
C ASN D 560 85.71 10.27 -19.07
N MET D 561 86.41 10.72 -20.10
CA MET D 561 86.84 9.82 -21.17
C MET D 561 87.86 8.81 -20.64
N ASN D 562 87.76 7.58 -21.12
CA ASN D 562 88.70 6.53 -20.74
C ASN D 562 89.01 5.67 -21.96
N VAL D 563 90.19 5.05 -21.95
CA VAL D 563 90.68 4.30 -23.11
C VAL D 563 90.56 2.78 -22.94
N ARG D 564 90.01 2.31 -21.83
CA ARG D 564 89.87 0.87 -21.63
C ARG D 564 89.02 0.18 -22.71
N PRO D 565 87.87 0.72 -23.14
CA PRO D 565 87.09 0.01 -24.17
C PRO D 565 87.86 -0.23 -25.46
N LEU D 566 88.67 0.72 -25.92
CA LEU D 566 89.39 0.55 -27.17
C LEU D 566 90.42 -0.59 -27.08
N LEU D 567 91.22 -0.57 -26.01
CA LEU D 567 92.23 -1.63 -25.85
C LEU D 567 91.58 -2.98 -25.60
N ASN D 568 90.47 -3.01 -24.86
CA ASN D 568 89.75 -4.27 -24.67
C ASN D 568 89.20 -4.79 -26.00
N TYR D 569 88.71 -3.88 -26.85
CA TYR D 569 88.21 -4.25 -28.17
C TYR D 569 89.33 -4.83 -29.04
N PHE D 570 90.51 -4.22 -29.01
CA PHE D 570 91.59 -4.60 -29.92
C PHE D 570 92.62 -5.52 -29.28
N GLU D 571 92.34 -6.05 -28.10
CA GLU D 571 93.26 -6.98 -27.44
C GLU D 571 93.61 -8.21 -28.28
N PRO D 572 92.65 -8.91 -28.92
CA PRO D 572 93.08 -10.00 -29.80
C PRO D 572 94.00 -9.53 -30.92
N LEU D 573 93.68 -8.39 -31.52
CA LEU D 573 94.59 -7.80 -32.49
C LEU D 573 95.89 -7.36 -31.83
N PHE D 574 95.82 -6.90 -30.58
CA PHE D 574 97.03 -6.59 -29.84
C PHE D 574 97.98 -7.77 -29.76
N THR D 575 97.48 -8.94 -29.33
CA THR D 575 98.36 -10.08 -29.15
C THR D 575 98.82 -10.64 -30.49
N TRP D 576 97.94 -10.64 -31.50
CA TRP D 576 98.36 -11.07 -32.83
C TRP D 576 99.46 -10.17 -33.38
N LEU D 577 99.31 -8.86 -33.20
CA LEU D 577 100.27 -7.91 -33.73
C LEU D 577 101.60 -7.98 -33.00
N LYS D 578 101.56 -8.17 -31.67
CA LYS D 578 102.82 -8.30 -30.94
C LYS D 578 103.50 -9.63 -31.23
N ASP D 579 102.73 -10.67 -31.55
CA ASP D 579 103.33 -11.93 -31.99
C ASP D 579 104.03 -11.74 -33.33
N GLN D 580 103.40 -11.00 -34.25
CA GLN D 580 104.05 -10.72 -35.53
C GLN D 580 105.29 -9.86 -35.37
N ASN D 581 105.23 -8.86 -34.50
CA ASN D 581 106.29 -7.87 -34.38
C ASN D 581 107.49 -8.35 -33.57
N LYS D 582 107.62 -9.65 -33.31
CA LYS D 582 108.79 -10.13 -32.58
C LYS D 582 110.06 -10.06 -33.41
N ASN D 583 109.94 -10.15 -34.74
CA ASN D 583 111.09 -10.15 -35.64
C ASN D 583 111.23 -8.83 -36.38
N SER D 584 110.54 -7.79 -35.95
CA SER D 584 110.61 -6.48 -36.59
C SER D 584 110.87 -5.40 -35.55
N PHE D 585 111.56 -4.35 -35.97
CA PHE D 585 111.90 -3.25 -35.07
C PHE D 585 110.64 -2.48 -34.69
N VAL D 586 110.50 -2.15 -33.42
CA VAL D 586 109.36 -1.38 -32.91
C VAL D 586 109.81 0.05 -32.66
N GLY D 587 109.12 1.00 -33.27
CA GLY D 587 109.49 2.40 -33.21
C GLY D 587 109.94 2.93 -34.57
N TRP D 588 110.30 4.22 -34.56
CA TRP D 588 110.69 4.90 -35.78
C TRP D 588 111.80 5.89 -35.47
N SER D 589 112.68 6.11 -36.45
CA SER D 589 113.78 7.05 -36.31
C SER D 589 113.44 8.36 -37.02
N THR D 590 113.58 9.47 -36.31
CA THR D 590 113.20 10.77 -36.84
C THR D 590 114.24 11.33 -37.81
N ASP D 591 115.48 10.87 -37.75
CA ASP D 591 116.54 11.49 -38.55
C ASP D 591 116.44 11.12 -40.02
N TRP D 592 116.11 9.86 -40.32
CA TRP D 592 116.10 9.42 -41.71
C TRP D 592 114.96 10.08 -42.49
N SER D 593 115.26 10.47 -43.72
CA SER D 593 114.27 11.03 -44.63
C SER D 593 114.53 10.48 -46.03
N PRO D 594 113.48 10.35 -46.86
CA PRO D 594 113.68 9.85 -48.22
C PRO D 594 114.61 10.72 -49.06
N TYR D 595 114.63 12.03 -48.81
CA TYR D 595 115.43 12.96 -49.64
C TYR D 595 116.89 12.99 -49.18
N ALA D 596 117.19 12.43 -48.01
CA ALA D 596 118.55 12.43 -47.48
C ALA D 596 119.19 11.09 -47.78
N ASP D 597 120.29 11.11 -48.54
CA ASP D 597 120.98 9.89 -48.92
C ASP D 597 122.47 9.99 -48.63
C1 NAG E . 22.96 28.97 30.37
C2 NAG E . 22.41 29.04 31.78
C3 NAG E . 21.58 30.31 31.95
C4 NAG E . 22.34 31.55 31.45
C5 NAG E . 23.06 31.30 30.12
C6 NAG E . 24.06 32.38 29.78
C7 NAG E . 22.14 26.71 32.51
C8 NAG E . 21.17 25.60 32.79
N2 NAG E . 21.61 27.87 32.10
O3 NAG E . 21.23 30.48 33.32
O4 NAG E . 21.38 32.57 31.23
O5 NAG E . 23.79 30.06 30.14
O6 NAG E . 25.12 32.42 30.71
O7 NAG E . 23.35 26.56 32.64
C1 BMA E . 21.69 33.85 31.83
C2 BMA E . 20.40 34.35 32.54
C3 BMA E . 20.69 35.68 33.24
C4 BMA E . 21.97 35.62 34.09
C5 BMA E . 23.15 35.07 33.25
C6 BMA E . 24.44 34.93 34.03
O2 BMA E . 20.00 33.43 33.55
O3 BMA E . 19.59 36.09 34.05
O4 BMA E . 22.30 36.91 34.57
O5 BMA E . 22.78 33.78 32.74
O6 BMA E . 24.93 36.24 34.30
C1 NAG F . -24.06 9.54 -35.96
C2 NAG F . -25.25 10.37 -36.41
C3 NAG F . -26.01 9.64 -37.50
C4 NAG F . -25.06 9.24 -38.63
C5 NAG F . -23.85 8.49 -38.08
C6 NAG F . -22.80 8.23 -39.14
C7 NAG F . -26.58 11.92 -35.04
C8 NAG F . -26.13 13.00 -35.97
N2 NAG F . -26.14 10.69 -35.29
O3 NAG F . -27.05 10.48 -38.01
O4 NAG F . -25.74 8.39 -39.55
O5 NAG F . -23.21 9.27 -37.05
O6 NAG F . -22.29 9.44 -39.67
O7 NAG F . -27.33 12.15 -34.09
C1 BMA F . -25.96 9.14 -40.76
C2 BMA F . -26.07 8.12 -41.92
C3 BMA F . -26.49 8.83 -43.21
C4 BMA F . -27.70 9.74 -42.98
C5 BMA F . -27.42 10.70 -41.82
C6 BMA F . -28.60 11.60 -41.51
O2 BMA F . -27.07 7.14 -41.66
O3 BMA F . -26.76 7.90 -44.25
O4 BMA F . -27.97 10.49 -44.16
O5 BMA F . -27.15 9.92 -40.66
O6 BMA F . -28.16 12.62 -40.62
C1 NAG G . -94.03 -7.19 27.50
C2 NAG G . -93.66 -6.01 28.41
C3 NAG G . -93.73 -6.44 29.87
C4 NAG G . -95.08 -7.09 30.18
C5 NAG G . -95.36 -8.21 29.19
C6 NAG G . -96.73 -8.83 29.36
C7 NAG G . -92.12 -4.47 27.27
C8 NAG G . -90.68 -4.08 27.07
N2 NAG G . -92.33 -5.51 28.10
O3 NAG G . -93.55 -5.30 30.70
O4 NAG G . -95.07 -7.63 31.49
O5 NAG G . -95.30 -7.68 27.86
O6 NAG G . -96.92 -9.91 28.47
O7 NAG G . -93.04 -3.87 26.72
C1 BMA G . -95.93 -6.80 32.29
C2 BMA G . -96.75 -7.72 33.21
C3 BMA G . -97.56 -6.88 34.18
C4 BMA G . -96.70 -5.80 34.86
C5 BMA G . -95.94 -4.98 33.80
C6 BMA G . -95.00 -3.95 34.42
O2 BMA G . -95.90 -8.55 33.98
O3 BMA G . -98.18 -7.69 35.17
O4 BMA G . -97.53 -4.93 35.62
O5 BMA G . -95.15 -5.89 33.03
O6 BMA G . -94.27 -3.33 33.36
C1 NAG H . -63.07 -13.76 -21.81
C2 NAG H . -63.91 -13.76 -23.10
C3 NAG H . -63.03 -13.41 -24.29
C4 NAG H . -62.26 -12.12 -24.06
C5 NAG H . -61.48 -12.23 -22.75
C6 NAG H . -60.75 -10.95 -22.39
C7 NAG H . -65.65 -15.42 -22.64
C8 NAG H . -66.18 -16.78 -22.97
N2 NAG H . -64.55 -15.04 -23.29
O3 NAG H . -63.84 -13.29 -25.46
O4 NAG H . -61.36 -11.88 -25.13
O5 NAG H . -62.38 -12.51 -21.68
O6 NAG H . -59.35 -11.07 -22.58
O7 NAG H . -66.20 -14.69 -21.82
C1 BMA H . -61.80 -10.74 -25.88
C2 BMA H . -60.77 -9.61 -25.73
C3 BMA H . -61.21 -8.42 -26.57
C4 BMA H . -61.49 -8.83 -28.02
C5 BMA H . -62.49 -10.00 -28.06
C6 BMA H . -62.73 -10.53 -29.45
O2 BMA H . -59.51 -10.01 -26.23
O3 BMA H . -60.23 -7.38 -26.54
O4 BMA H . -62.02 -7.74 -28.74
O5 BMA H . -61.97 -11.08 -27.26
O6 BMA H . -63.66 -11.60 -29.37
C1 NAG I . -76.26 -4.48 -6.37
C2 NAG I . -77.55 -4.27 -7.16
C3 NAG I . -77.35 -4.64 -8.62
C4 NAG I . -76.14 -3.90 -9.19
C5 NAG I . -74.91 -4.11 -8.32
C6 NAG I . -73.72 -3.30 -8.76
C7 NAG I . -79.48 -4.55 -5.68
C8 NAG I . -80.55 -5.50 -5.19
N2 NAG I . -78.64 -5.05 -6.59
O3 NAG I . -78.52 -4.32 -9.36
O4 NAG I . -75.86 -4.38 -10.50
O5 NAG I . -75.21 -3.73 -6.97
O6 NAG I . -72.75 -3.20 -7.73
O7 NAG I . -79.39 -3.41 -5.25
C1 BMA I . -76.15 -3.31 -11.44
C2 BMA I . -74.99 -3.23 -12.44
C3 BMA I . -75.31 -2.18 -13.50
C4 BMA I . -76.70 -2.39 -14.10
C5 BMA I . -77.76 -2.51 -13.00
C6 BMA I . -79.14 -2.85 -13.54
O2 BMA I . -74.83 -4.47 -13.13
O3 BMA I . -74.32 -2.17 -14.51
O4 BMA I . -77.03 -1.30 -14.94
O5 BMA I . -77.38 -3.57 -12.11
O6 BMA I . -79.95 -3.27 -12.45
C1 NAG J . -92.47 -4.50 7.55
C2 NAG J . -92.47 -3.39 6.55
C3 NAG J . -93.51 -3.70 5.48
C4 NAG J . -93.44 -5.15 5.01
C5 NAG J . -92.94 -6.18 6.05
C6 NAG J . -92.29 -7.38 5.41
C7 NAG J . -91.86 -1.10 7.20
C8 NAG J . -92.30 0.15 7.88
N2 NAG J . -92.75 -2.11 7.18
O3 NAG J . -93.31 -2.82 4.38
O4 NAG J . -94.78 -5.55 4.74
O5 NAG J . -91.99 -5.63 6.97
O6 NAG J . -93.10 -8.54 5.54
O7 NAG J . -90.76 -1.21 6.67
C1 BMA J . -95.05 -5.82 3.36
C2 BMA J . -95.20 -7.36 3.27
C3 BMA J . -96.03 -7.79 2.05
C4 BMA J . -97.24 -6.88 1.83
C5 BMA J . -96.76 -5.44 1.71
C6 BMA J . -97.89 -4.46 1.43
O2 BMA J . -95.87 -7.86 4.41
O3 BMA J . -96.46 -9.14 2.16
O4 BMA J . -97.92 -7.25 0.64
O5 BMA J . -96.19 -5.09 2.97
O6 BMA J . -97.46 -3.17 1.83
C1 NAG K . 2.54 -43.86 18.05
C2 NAG K . 1.81 -45.03 17.38
C3 NAG K . 1.25 -45.97 18.45
C4 NAG K . 2.35 -46.39 19.42
C5 NAG K . 3.05 -45.17 19.99
C6 NAG K . 4.24 -45.52 20.86
C7 NAG K . 0.68 -44.85 15.22
C8 NAG K . 1.77 -45.72 14.68
N2 NAG K . 0.75 -44.56 16.51
O3 NAG K . 0.69 -47.12 17.81
O4 NAG K . 1.78 -47.15 20.49
O5 NAG K . 3.55 -44.36 18.91
O6 NAG K . 5.17 -46.33 20.16
O7 NAG K . -0.23 -44.43 14.50
C1 BMA K . 2.32 -48.48 20.45
C2 BMA K . 2.27 -49.03 21.89
C3 BMA K . 2.69 -50.51 21.89
C4 BMA K . 1.93 -51.31 20.82
C5 BMA K . 2.08 -50.63 19.45
C6 BMA K . 1.31 -51.34 18.35
O2 BMA K . 0.96 -48.97 22.40
O3 BMA K . 2.49 -51.10 23.17
O4 BMA K . 2.44 -52.62 20.76
O5 BMA K . 1.58 -49.30 19.55
O6 BMA K . 1.38 -50.54 17.18
C1 NAG L . -87.85 -31.35 -12.36
C2 NAG L . -87.45 -30.72 -13.71
C3 NAG L . -88.38 -29.54 -14.03
C4 NAG L . -89.84 -29.95 -13.92
C5 NAG L . -90.10 -30.59 -12.56
C6 NAG L . -91.52 -31.11 -12.41
C7 NAG L . -85.10 -30.96 -14.33
C8 NAG L . -83.72 -30.37 -14.22
N2 NAG L . -86.07 -30.30 -13.70
O3 NAG L . -88.09 -29.06 -15.34
O4 NAG L . -90.68 -28.82 -14.06
O5 NAG L . -89.22 -31.71 -12.38
O6 NAG L . -91.92 -31.13 -11.05
O7 NAG L . -85.32 -31.99 -14.96
C1 BMA L . -91.36 -28.92 -15.33
C2 BMA L . -92.78 -28.36 -15.16
C3 BMA L . -93.50 -28.34 -16.51
C4 BMA L . -92.63 -27.69 -17.60
C5 BMA L . -91.23 -28.33 -17.63
C6 BMA L . -90.29 -27.66 -18.62
O2 BMA L . -92.74 -27.02 -14.70
O3 BMA L . -94.74 -27.67 -16.42
O4 BMA L . -93.25 -27.85 -18.87
O5 BMA L . -90.65 -28.22 -16.33
O6 BMA L . -88.97 -28.10 -18.34
C1 NAG M . -45.03 -48.50 22.86
C2 NAG M . -45.50 -49.86 23.38
C3 NAG M . -44.29 -50.64 23.90
C4 NAG M . -43.13 -50.64 22.91
C5 NAG M . -42.87 -49.22 22.39
C6 NAG M . -41.86 -49.17 21.26
C7 NAG M . -47.56 -50.49 24.54
C8 NAG M . -48.48 -50.18 25.69
N2 NAG M . -46.49 -49.70 24.42
O3 NAG M . -44.68 -51.98 24.19
O4 NAG M . -41.96 -51.08 23.59
O5 NAG M . -44.09 -48.68 21.86
O6 NAG M . -40.89 -48.16 21.49
O7 NAG M . -47.79 -51.41 23.75
C1 BMA M . -41.40 -52.24 22.93
C2 BMA M . -40.03 -51.85 22.39
C3 BMA M . -39.42 -53.04 21.68
C4 BMA M . -39.36 -54.23 22.64
C5 BMA M . -40.75 -54.52 23.24
C6 BMA M . -40.72 -55.59 24.31
O2 BMA M . -39.16 -51.50 23.44
O3 BMA M . -38.13 -52.74 21.18
O4 BMA M . -38.89 -55.38 21.95
O5 BMA M . -41.28 -53.32 23.84
O6 BMA M . -41.95 -55.52 25.05
C1 NAG N . -58.39 -47.40 5.22
C2 NAG N . -58.96 -48.81 5.10
C3 NAG N . -58.37 -49.71 6.18
C4 NAG N . -56.84 -49.65 6.15
C5 NAG N . -56.35 -48.21 6.16
C6 NAG N . -54.85 -48.09 5.96
C7 NAG N . -61.20 -48.76 4.11
C8 NAG N . -62.68 -48.75 4.38
N2 NAG N . -60.40 -48.79 5.19
O3 NAG N . -58.80 -51.04 5.97
O4 NAG N . -56.33 -50.31 7.30
O5 NAG N . -56.97 -47.45 5.12
O6 NAG N . -54.47 -46.78 5.60
O7 NAG N . -60.75 -48.74 2.97
C1 BMA N . -55.71 -51.56 6.92
C2 BMA N . -54.36 -51.64 7.66
C3 BMA N . -53.73 -53.01 7.44
C4 BMA N . -54.72 -54.15 7.70
C5 BMA N . -56.01 -53.92 6.89
C6 BMA N . -57.07 -54.97 7.18
O2 BMA N . -54.54 -51.51 9.05
O3 BMA N . -52.58 -53.18 8.25
O4 BMA N . -54.15 -55.38 7.32
O5 BMA N . -56.56 -52.64 7.25
O6 BMA N . -58.33 -54.45 6.78
C1 NAG O . -77.42 -46.09 -4.60
C2 NAG O . -76.55 -47.18 -5.16
C3 NAG O . -77.03 -48.52 -4.63
C4 NAG O . -77.36 -48.47 -3.13
C5 NAG O . -77.74 -47.08 -2.54
C6 NAG O . -77.30 -46.92 -1.11
C7 NAG O . -75.49 -46.87 -7.35
C8 NAG O . -75.66 -46.91 -8.83
N2 NAG O . -76.56 -47.17 -6.61
O3 NAG O . -76.04 -49.50 -4.87
O4 NAG O . -78.53 -49.26 -2.94
O5 NAG O . -77.18 -45.97 -3.27
O6 NAG O . -78.41 -46.61 -0.26
O7 NAG O . -74.41 -46.59 -6.82
C1 BMA O . -78.29 -50.42 -2.11
C2 BMA O . -79.01 -50.15 -0.78
C3 BMA O . -79.23 -51.45 0.01
C4 BMA O . -79.77 -52.56 -0.89
C5 BMA O . -78.80 -52.76 -2.06
C6 BMA O . -79.23 -53.87 -2.99
O2 BMA O . -80.29 -49.58 -1.00
O3 BMA O . -80.12 -51.24 1.11
O4 BMA O . -79.88 -53.76 -0.15
O5 BMA O . -78.77 -51.55 -2.81
O6 BMA O . -78.43 -53.79 -4.16
C1 NAG P . 36.37 -11.93 3.05
C2 NAG P . 37.22 -13.03 2.42
C3 NAG P . 37.60 -14.06 3.47
C4 NAG P . 38.24 -13.39 4.68
C5 NAG P . 37.37 -12.26 5.20
C6 NAG P . 38.02 -11.46 6.30
C7 NAG P . 36.82 -13.39 0.03
C8 NAG P . 36.01 -14.14 -0.99
N2 NAG P . 36.54 -13.66 1.31
O3 NAG P . 38.50 -15.01 2.90
O4 NAG P . 38.42 -14.34 5.72
O5 NAG P . 37.07 -11.34 4.14
O6 NAG P . 37.82 -12.06 7.57
O7 NAG P . 37.70 -12.59 -0.29
C1 BMA P . 39.82 -14.70 5.84
C2 BMA P . 39.98 -15.53 7.14
C3 BMA P . 41.38 -16.13 7.22
C4 BMA P . 41.77 -16.83 5.92
C5 BMA P . 41.63 -15.84 4.75
C6 BMA P . 41.99 -16.45 3.41
O2 BMA P . 39.07 -16.61 7.16
O3 BMA P . 41.49 -17.05 8.31
O4 BMA P . 43.12 -17.28 5.98
O5 BMA P . 40.25 -15.42 4.70
O6 BMA P . 41.89 -15.43 2.42
C1 NAG Q . -23.47 28.50 42.75
C2 NAG Q . -24.32 27.85 43.83
C3 NAG Q . -25.68 28.55 43.94
C4 NAG Q . -25.48 30.05 44.12
C5 NAG Q . -24.56 30.60 43.03
C6 NAG Q . -24.22 32.06 43.21
C7 NAG Q . -24.05 25.46 44.35
C8 NAG Q . -23.30 25.91 45.57
N2 NAG Q . -24.51 26.43 43.56
O3 NAG Q . -26.40 28.02 45.03
O4 NAG Q . -26.74 30.71 44.05
O5 NAG Q . -23.32 29.88 43.03
O6 NAG Q . -23.02 32.22 43.96
O7 NAG Q . -24.22 24.28 44.10
C1 BMA Q . -26.96 31.41 45.29
C2 BMA Q . -27.73 32.71 44.95
C3 BMA Q . -28.10 33.45 46.23
C4 BMA Q . -28.78 32.50 47.25
C5 BMA Q . -27.91 31.25 47.48
C6 BMA Q . -28.54 30.24 48.42
O2 BMA Q . -28.94 32.41 44.29
O3 BMA Q . -28.93 34.56 45.98
O4 BMA Q . -28.96 33.17 48.48
O5 BMA Q . -27.71 30.62 46.21
O6 BMA Q . -27.62 29.20 48.65
C1 NAG R . -76.82 -50.30 28.57
C2 NAG R . -75.68 -51.28 28.87
C3 NAG R . -75.74 -52.48 27.92
C4 NAG R . -77.14 -53.09 27.92
C5 NAG R . -78.18 -52.01 27.64
C6 NAG R . -79.60 -52.53 27.70
C7 NAG R . -73.66 -50.23 29.81
C8 NAG R . -72.34 -49.58 29.50
N2 NAG R . -74.38 -50.63 28.76
O3 NAG R . -74.79 -53.45 28.32
O4 NAG R . -77.23 -54.09 26.92
O5 NAG R . -78.07 -50.98 28.62
O6 NAG R . -80.53 -51.53 27.29
O7 NAG R . -74.05 -50.38 30.97
C1 BMA R . -77.31 -55.38 27.57
C2 BMA R . -78.43 -56.20 26.86
C3 BMA R . -78.42 -57.65 27.37
C4 BMA R . -77.00 -58.25 27.37
C5 BMA R . -76.05 -57.33 28.14
C6 BMA R . -74.62 -57.84 28.16
O2 BMA R . -78.21 -56.26 25.46
O3 BMA R . -79.29 -58.47 26.59
O4 BMA R . -77.02 -59.54 27.96
O5 BMA R . -76.06 -56.04 27.51
O6 BMA R . -73.81 -56.88 28.85
C1 NAG S . -65.79 6.30 34.49
C2 NAG S . -66.72 7.08 35.42
C3 NAG S . -66.04 8.36 35.89
C4 NAG S . -64.67 8.07 36.47
C5 NAG S . -63.84 7.27 35.48
C6 NAG S . -62.48 6.87 36.01
C7 NAG S . -68.93 6.47 34.53
C8 NAG S . -70.17 6.97 33.85
N2 NAG S . -67.98 7.38 34.76
O3 NAG S . -66.86 8.97 36.88
O4 NAG S . -63.99 9.29 36.75
O5 NAG S . -64.53 6.07 35.13
O6 NAG S . -61.44 7.52 35.33
O7 NAG S . -68.80 5.30 34.85
C1 BMA S . -63.83 9.45 38.17
C2 BMA S . -62.34 9.72 38.45
C3 BMA S . -62.14 10.02 39.93
C4 BMA S . -63.14 11.09 40.43
C5 BMA S . -64.57 10.69 40.07
C6 BMA S . -65.59 11.73 40.46
O2 BMA S . -61.90 10.87 37.75
O3 BMA S . -60.81 10.43 40.21
O4 BMA S . -63.02 11.23 41.84
O5 BMA S . -64.65 10.50 38.65
O6 BMA S . -66.82 11.42 39.82
C1 NAG T . -68.10 -15.30 39.57
C2 NAG T . -69.13 -15.26 40.69
C3 NAG T . -69.45 -13.82 41.06
C4 NAG T . -68.18 -13.03 41.35
C5 NAG T . -67.18 -13.19 40.22
C6 NAG T . -65.83 -12.56 40.50
C7 NAG T . -70.52 -17.28 40.55
C8 NAG T . -71.82 -17.85 40.09
N2 NAG T . -70.33 -15.98 40.31
O3 NAG T . -70.29 -13.81 42.21
O4 NAG T . -68.51 -11.65 41.48
O5 NAG T . -66.94 -14.58 39.96
O6 NAG T . -64.81 -13.13 39.70
O7 NAG T . -69.67 -17.97 41.10
C1 BMA T . -68.27 -11.22 42.83
C2 BMA T . -67.68 -9.79 42.76
C3 BMA T . -67.54 -9.22 44.17
C4 BMA T . -68.83 -9.38 44.97
C5 BMA T . -69.30 -10.83 44.94
C6 BMA T . -70.62 -11.04 45.67
O2 BMA T . -68.55 -8.91 42.06
O3 BMA T . -67.14 -7.86 44.13
O4 BMA T . -68.62 -8.97 46.31
O5 BMA T . -69.48 -11.23 43.58
O6 BMA T . -70.98 -12.41 45.55
C1 NAG U . -78.13 -34.02 39.64
C2 NAG U . -77.62 -33.48 40.95
C3 NAG U . -78.79 -32.91 41.72
C4 NAG U . -79.74 -32.08 40.85
C5 NAG U . -79.73 -32.38 39.33
C6 NAG U . -79.95 -31.15 38.50
C7 NAG U . -75.66 -34.45 42.06
C8 NAG U . -75.13 -35.60 42.86
N2 NAG U . -76.95 -34.52 41.71
O3 NAG U . -78.28 -32.08 42.77
O4 NAG U . -81.06 -32.41 41.26
O5 NAG U . -78.51 -32.98 38.86
O6 NAG U . -81.17 -31.23 37.75
O7 NAG U . -74.95 -33.50 41.74
C1 BMA U . -81.76 -31.31 41.86
C2 BMA U . -82.78 -30.81 40.82
C3 BMA U . -83.87 -29.96 41.46
C4 BMA U . -84.41 -30.61 42.73
C5 BMA U . -83.25 -30.85 43.69
C6 BMA U . -83.69 -31.48 45.00
O2 BMA U . -83.43 -31.92 40.20
O3 BMA U . -84.94 -29.71 40.55
O4 BMA U . -85.37 -29.77 43.34
O5 BMA U . -82.34 -31.76 43.06
O6 BMA U . -82.53 -31.95 45.68
C1 NAG V . 2.80 34.69 -41.33
C2 NAG V . 3.08 34.58 -42.83
C3 NAG V . 3.90 33.32 -43.12
C4 NAG V . 5.15 33.28 -42.25
C5 NAG V . 4.79 33.46 -40.79
C6 NAG V . 6.00 33.55 -39.89
C7 NAG V . 1.49 35.58 -44.41
C8 NAG V . 2.44 36.74 -44.50
N2 NAG V . 1.86 34.58 -43.59
O3 NAG V . 4.25 33.29 -44.50
O4 NAG V . 5.81 32.03 -42.42
O5 NAG V . 4.04 34.67 -40.61
O6 NAG V . 6.97 34.43 -40.43
O7 NAG V . 0.44 35.55 -45.05
C1 NAG W . 25.15 39.46 19.50
C2 NAG W . 25.15 38.95 18.03
C3 NAG W . 25.72 40.01 17.09
C4 NAG W . 25.05 41.35 17.28
C5 NAG W . 25.16 41.77 18.74
C6 NAG W . 24.46 43.07 19.05
C7 NAG W . 25.65 36.80 16.96
C8 NAG W . 26.54 35.58 16.98
N2 NAG W . 25.90 37.72 17.90
O3 NAG W . 25.57 39.58 15.74
O4 NAG W . 25.68 42.34 16.48
O5 NAG W . 24.53 40.77 19.56
O6 NAG W . 25.10 44.17 18.41
O7 NAG W . 24.77 36.94 16.12
C1 NAG X . -5.73 43.70 28.93
C2 NAG X . -6.30 43.91 30.34
C3 NAG X . -7.70 44.52 30.28
C4 NAG X . -7.73 45.73 29.36
C5 NAG X . -7.20 45.33 27.99
C6 NAG X . -7.18 46.48 27.01
C7 NAG X . -5.51 42.37 32.07
C8 NAG X . -5.75 41.08 32.77
N2 NAG X . -6.33 42.66 31.06
O3 NAG X . -8.11 44.88 31.60
O4 NAG X . -9.07 46.19 29.23
O5 NAG X . -5.84 44.87 28.14
O6 NAG X . -6.34 47.54 27.47
O7 NAG X . -4.60 43.14 32.41
C1 NAG Y . -36.16 31.19 16.16
C2 NAG Y . -35.53 30.67 17.45
C3 NAG Y . -35.30 31.83 18.41
C4 NAG Y . -36.59 32.62 18.65
C5 NAG Y . -37.32 33.00 17.36
C6 NAG Y . -36.78 34.26 16.69
C7 NAG Y . -35.91 28.86 19.07
C8 NAG Y . -36.94 28.00 19.72
N2 NAG Y . -36.34 29.64 18.07
O3 NAG Y . -34.27 32.67 17.90
O4 NAG Y . -37.45 31.81 19.44
O5 NAG Y . -37.34 31.95 16.36
O6 NAG Y . -35.42 34.17 16.29
O7 NAG Y . -34.74 28.87 19.44
C1 NAG Z . -56.25 30.85 7.17
C2 NAG Z . -56.93 30.32 8.43
C3 NAG Z . -56.61 31.21 9.61
C4 NAG Z . -55.11 31.38 9.77
C5 NAG Z . -54.49 31.86 8.45
C6 NAG Z . -52.97 31.91 8.51
C7 NAG Z . -59.01 29.03 8.16
C8 NAG Z . -60.48 29.11 7.95
N2 NAG Z . -58.36 30.20 8.23
O3 NAG Z . -57.16 30.64 10.80
O4 NAG Z . -54.82 32.34 10.78
O5 NAG Z . -54.82 30.95 7.39
O6 NAG Z . -52.40 31.76 7.21
O7 NAG Z . -58.41 27.96 8.24
C1 NAG AA . -79.65 4.90 25.79
C2 NAG AA . -79.80 6.40 25.53
C3 NAG AA . -79.24 7.19 26.70
C4 NAG AA . -79.86 6.74 28.01
C5 NAG AA . -79.70 5.23 28.17
C6 NAG AA . -80.39 4.70 29.40
C7 NAG AA . -79.82 7.06 23.17
C8 NAG AA . -78.98 7.44 21.99
N2 NAG AA . -79.15 6.78 24.29
O3 NAG AA . -79.49 8.58 26.49
O4 NAG AA . -79.23 7.40 29.11
O5 NAG AA . -80.28 4.56 27.05
O6 NAG AA . -81.80 4.68 29.24
O7 NAG AA . -81.04 7.01 23.12
C1 NAG BA . -79.65 5.82 9.95
C2 NAG BA . -78.52 6.14 8.96
C3 NAG BA . -77.45 7.02 9.63
C4 NAG BA . -78.09 8.27 10.20
C5 NAG BA . -79.17 7.87 11.19
C6 NAG BA . -79.92 9.05 11.76
C7 NAG BA . -78.02 4.55 7.16
C8 NAG BA . -78.81 5.47 6.27
N2 NAG BA . -77.92 4.92 8.44
O3 NAG BA . -76.46 7.37 8.67
O4 NAG BA . -77.12 9.07 10.84
O5 NAG BA . -80.14 7.05 10.54
O6 NAG BA . -79.25 10.28 11.46
O7 NAG BA . -77.50 3.51 6.75
C1 NAG CA . -23.77 41.73 -13.53
C2 NAG CA . -23.93 43.06 -12.83
C3 NAG CA . -25.36 43.22 -12.30
C4 NAG CA . -26.20 41.95 -12.46
C5 NAG CA . -26.07 41.29 -13.85
C6 NAG CA . -27.14 41.77 -14.82
C7 NAG CA . -22.02 44.15 -11.75
C8 NAG CA . -22.01 45.08 -12.92
N2 NAG CA . -22.96 43.20 -11.76
O3 NAG CA . -25.99 44.31 -12.95
O4 NAG CA . -25.88 41.00 -11.45
O5 NAG CA . -24.81 41.57 -14.46
O6 NAG CA . -26.60 41.92 -16.12
O7 NAG CA . -21.20 44.25 -10.85
C1 NAG DA . 16.03 32.59 -19.71
C2 NAG DA . 17.34 32.30 -18.96
C3 NAG DA . 17.25 30.97 -18.22
C4 NAG DA . 16.01 30.96 -17.32
C5 NAG DA . 14.77 31.29 -18.12
C6 NAG DA . 13.52 31.40 -17.27
C7 NAG DA . 19.60 32.97 -19.65
C8 NAG DA . 19.65 33.77 -18.39
N2 NAG DA . 18.47 32.29 -19.88
O3 NAG DA . 18.42 30.78 -17.45
O4 NAG DA . 15.87 29.67 -16.72
O5 NAG DA . 14.93 32.56 -18.78
O6 NAG DA . 13.82 31.23 -15.89
O7 NAG DA . 20.54 32.95 -20.44
C1 NAG EA . 6.34 30.40 -11.96
C2 NAG EA . 5.88 29.97 -10.55
C3 NAG EA . 6.83 28.89 -10.01
C4 NAG EA . 6.97 27.74 -10.99
C5 NAG EA . 7.37 28.26 -12.36
C6 NAG EA . 7.41 27.18 -13.42
C7 NAG EA . 5.14 31.08 -8.50
C8 NAG EA . 5.19 32.35 -7.69
N2 NAG EA . 5.82 31.10 -9.65
O3 NAG EA . 6.35 28.41 -8.76
O4 NAG EA . 7.94 26.81 -10.53
O5 NAG EA . 6.43 29.24 -12.81
O6 NAG EA . 7.28 25.89 -12.84
O7 NAG EA . 4.51 30.10 -8.13
C1 NAG FA . 35.77 -41.86 4.51
C2 NAG FA . 37.25 -42.16 4.78
C3 NAG FA . 37.69 -41.52 6.10
C4 NAG FA . 37.34 -40.03 6.10
C5 NAG FA . 35.87 -39.82 5.77
C6 NAG FA . 35.50 -38.36 5.65
C7 NAG FA . 36.99 -44.47 5.65
C8 NAG FA . 37.41 -45.89 5.48
N2 NAG FA . 37.53 -43.59 4.79
O3 NAG FA . 39.08 -41.69 6.27
O4 NAG FA . 37.63 -39.47 7.37
O5 NAG FA . 35.55 -40.45 4.52
O6 NAG FA . 36.48 -37.52 6.21
O7 NAG FA . 36.22 -44.12 6.53
C1 NAG GA . 6.46 -38.73 -19.89
C2 NAG GA . 5.43 -37.58 -19.95
C3 NAG GA . 4.29 -37.93 -20.92
C4 NAG GA . 4.85 -38.34 -22.28
C5 NAG GA . 5.83 -39.49 -22.11
C6 NAG GA . 6.50 -39.89 -23.41
C7 NAG GA . 4.29 -36.14 -18.32
C8 NAG GA . 3.78 -36.03 -16.91
N2 NAG GA . 4.87 -37.30 -18.64
O3 NAG GA . 3.43 -36.82 -21.08
O4 NAG GA . 3.78 -38.76 -23.13
O5 NAG GA . 6.88 -39.07 -21.23
O6 NAG GA . 7.27 -38.83 -23.95
O7 NAG GA . 4.18 -35.22 -19.12
C1 NAG HA . 29.28 30.44 -36.44
C2 NAG HA . 28.64 31.59 -35.66
C3 NAG HA . 27.47 32.19 -36.43
C4 NAG HA . 27.91 32.58 -37.83
C5 NAG HA . 28.55 31.39 -38.54
C6 NAG HA . 29.11 31.74 -39.90
C7 NAG HA . 28.66 31.71 -33.20
C8 NAG HA . 29.66 32.82 -33.35
N2 NAG HA . 28.22 31.16 -34.34
O3 NAG HA . 26.97 33.33 -35.74
O4 NAG HA . 26.78 33.01 -38.59
O5 NAG HA . 29.65 30.90 -37.76
O6 NAG HA . 30.24 32.60 -39.80
O7 NAG HA . 28.29 31.31 -32.10
C1 NAG IA . 42.03 -17.06 -5.28
C2 NAG IA . 43.30 -17.23 -6.11
C3 NAG IA . 44.15 -15.95 -6.05
C4 NAG IA . 43.32 -14.74 -6.45
C5 NAG IA . 42.05 -14.66 -5.61
C6 NAG IA . 41.12 -13.55 -6.05
C7 NAG IA . 44.60 -19.29 -6.48
C8 NAG IA . 44.34 -19.07 -7.95
N2 NAG IA . 44.07 -18.37 -5.65
O3 NAG IA . 45.28 -16.09 -6.91
O4 NAG IA . 44.08 -13.55 -6.27
O5 NAG IA . 41.31 -15.90 -5.73
O6 NAG IA . 41.75 -12.68 -6.97
O7 NAG IA . 45.24 -20.24 -6.06
C1 NAG JA . 29.41 17.37 -47.19
C2 NAG JA . 29.66 15.86 -47.32
C3 NAG JA . 29.92 15.48 -48.78
C4 NAG JA . 28.80 16.00 -49.67
C5 NAG JA . 28.62 17.50 -49.47
C6 NAG JA . 27.45 18.07 -50.24
C7 NAG JA . 30.87 14.19 -45.99
C8 NAG JA . 32.07 13.92 -45.14
N2 NAG JA . 30.76 15.43 -46.48
O3 NAG JA . 30.03 14.08 -48.90
O4 NAG JA . 29.10 15.75 -51.04
O5 NAG JA . 28.37 17.77 -48.08
O6 NAG JA . 26.75 19.05 -49.48
O7 NAG JA . 30.03 13.32 -46.23
C1 NAG KA . 23.86 -18.27 -12.35
C2 NAG KA . 23.80 -16.75 -12.49
C3 NAG KA . 22.65 -16.36 -13.40
C4 NAG KA . 22.74 -17.09 -14.73
C5 NAG KA . 22.83 -18.60 -14.47
C6 NAG KA . 23.01 -19.41 -15.74
C7 NAG KA . 24.72 -15.46 -10.64
C8 NAG KA . 24.91 -15.66 -9.17
N2 NAG KA . 23.71 -16.14 -11.19
O3 NAG KA . 22.67 -14.95 -13.60
O4 NAG KA . 21.57 -16.82 -15.50
O5 NAG KA . 23.96 -18.88 -13.63
O6 NAG KA . 24.21 -19.03 -16.42
O7 NAG KA . 25.44 -14.72 -11.30
C1 NAG LA . 2.79 6.45 -38.43
C2 NAG LA . 2.09 6.87 -39.72
C3 NAG LA . 2.82 6.27 -40.92
C4 NAG LA . 4.22 5.82 -40.52
C5 NAG LA . 4.12 4.72 -39.49
C6 NAG LA . 5.45 4.39 -38.86
C7 NAG LA . -0.30 7.36 -39.65
C8 NAG LA . -1.65 6.87 -40.04
N2 NAG LA . 0.70 6.48 -39.74
O3 NAG LA . 2.87 7.22 -41.98
O4 NAG LA . 4.90 5.32 -41.67
O5 NAG LA . 3.25 5.11 -38.40
O6 NAG LA . 6.39 3.95 -39.85
O7 NAG LA . -0.11 8.52 -39.28
C1 NAG MA . -20.62 -17.75 -28.18
C2 NAG MA . -20.72 -16.53 -29.10
C3 NAG MA . -21.53 -16.88 -30.35
C4 NAG MA . -22.90 -17.47 -29.98
C5 NAG MA . -22.73 -18.56 -28.92
C6 NAG MA . -23.39 -19.86 -29.32
C7 NAG MA . -20.61 -14.31 -28.11
C8 NAG MA . -21.41 -13.11 -27.69
N2 NAG MA . -21.31 -15.40 -28.43
O3 NAG MA . -20.80 -17.80 -31.14
O4 NAG MA . -23.71 -16.43 -29.44
O5 NAG MA . -21.33 -18.84 -28.75
O6 NAG MA . -22.83 -20.37 -30.53
O7 NAG MA . -19.39 -14.28 -28.17
C1 NAG NA . -33.11 -36.66 -27.03
C2 NAG NA . -34.34 -35.79 -27.33
C3 NAG NA . -34.04 -34.84 -28.49
C4 NAG NA . -32.78 -34.04 -28.21
C5 NAG NA . -31.62 -34.98 -27.87
C6 NAG NA . -30.36 -34.24 -27.46
C7 NAG NA . -36.60 -36.59 -26.83
C8 NAG NA . -37.72 -37.49 -27.25
N2 NAG NA . -35.52 -36.59 -27.60
O3 NAG NA . -35.14 -33.96 -28.68
O4 NAG NA . -32.43 -33.27 -29.35
O5 NAG NA . -31.97 -35.82 -26.77
O6 NAG NA . -29.37 -35.14 -26.99
O7 NAG NA . -36.68 -35.89 -25.82
C1 NAG OA . -70.75 -27.82 -19.02
C2 NAG OA . -69.96 -28.50 -20.14
C3 NAG OA . -69.71 -27.52 -21.28
C4 NAG OA . -71.03 -26.91 -21.75
C5 NAG OA . -71.77 -26.29 -20.56
C6 NAG OA . -73.13 -25.76 -20.92
C7 NAG OA . -68.51 -30.32 -19.34
C8 NAG OA . -67.14 -30.68 -18.85
N2 NAG OA . -68.69 -29.02 -19.65
O3 NAG OA . -69.09 -28.20 -22.36
O4 NAG OA . -70.79 -25.90 -22.72
O5 NAG OA . -71.97 -27.28 -19.55
O6 NAG OA . -74.08 -26.03 -19.89
O7 NAG OA . -69.40 -31.15 -19.45
C1 NAG PA . -63.53 -40.20 -12.00
C2 NAG PA . -62.10 -40.41 -11.50
C3 NAG PA . -61.11 -39.59 -12.32
C4 NAG PA . -61.27 -39.90 -13.80
C5 NAG PA . -62.70 -39.63 -14.22
C6 NAG PA . -62.97 -39.98 -15.67
C7 NAG PA . -61.40 -40.89 -9.19
C8 NAG PA . -60.86 -42.19 -9.72
N2 NAG PA . -61.98 -40.09 -10.09
O3 NAG PA . -59.77 -39.87 -11.90
O4 NAG PA . -60.38 -39.10 -14.58
O5 NAG PA . -63.58 -40.43 -13.43
O6 NAG PA . -61.78 -39.93 -16.44
O7 NAG PA . -61.31 -40.59 -8.01
C1 NAG QA . 9.70 36.80 53.76
C2 NAG QA . 10.36 38.07 54.26
C3 NAG QA . 10.30 39.16 53.19
C4 NAG QA . 10.86 38.64 51.87
C5 NAG QA . 10.20 37.32 51.49
C6 NAG QA . 10.82 36.68 50.27
C7 NAG QA . 8.50 38.87 55.68
C8 NAG QA . 8.11 39.32 57.05
N2 NAG QA . 9.79 38.53 55.52
O3 NAG QA . 11.03 40.30 53.63
O4 NAG QA . 10.64 39.59 50.84
O5 NAG QA . 10.31 36.37 52.55
O6 NAG QA . 11.25 37.67 49.34
O7 NAG QA . 7.69 38.79 54.76
C1 NAG RA . -1.79 0.72 57.42
C2 NAG RA . -2.23 -0.37 56.39
C3 NAG RA . -2.99 -1.49 57.08
C4 NAG RA . -2.21 -2.03 58.27
C5 NAG RA . -1.90 -0.90 59.23
C6 NAG RA . -1.07 -1.36 60.41
C7 NAG RA . -3.19 -0.35 54.13
C8 NAG RA . -4.07 0.39 53.17
N2 NAG RA . -3.04 0.21 55.33
O3 NAG RA . -3.25 -2.54 56.16
O4 NAG RA . -2.99 -3.03 58.94
O5 NAG RA . -1.14 0.09 58.54
O6 NAG RA . 0.25 -1.71 60.01
O7 NAG RA . -2.64 -1.40 53.82
C1 NAG SA . 29.35 25.58 39.08
C2 NAG SA . 30.62 25.61 39.94
C3 NAG SA . 31.86 25.70 39.03
C4 NAG SA . 31.84 24.56 38.03
C5 NAG SA . 30.53 24.56 37.24
C6 NAG SA . 30.41 23.38 36.31
C7 NAG SA . 30.92 26.62 42.15
C8 NAG SA . 31.33 25.26 42.62
N2 NAG SA . 30.59 26.74 40.87
O3 NAG SA . 33.03 25.63 39.83
O4 NAG SA . 32.93 24.71 37.11
O5 NAG SA . 29.43 24.48 38.16
O6 NAG SA . 31.66 22.76 36.08
O7 NAG SA . 30.89 27.59 42.92
C1 NAG TA . 17.61 10.26 40.36
C2 NAG TA . 17.72 9.42 39.10
C3 NAG TA . 17.49 7.95 39.41
C4 NAG TA . 18.41 7.49 40.54
C5 NAG TA . 18.27 8.42 41.74
C6 NAG TA . 19.24 8.08 42.86
C7 NAG TA . 17.14 10.61 37.03
C8 NAG TA . 16.03 10.99 36.08
N2 NAG TA . 16.78 9.88 38.09
O3 NAG TA . 17.72 7.17 38.25
O4 NAG TA . 18.10 6.16 40.91
O5 NAG TA . 18.53 9.77 41.36
O6 NAG TA . 20.35 8.98 42.86
O7 NAG TA . 18.30 10.94 36.83
C1 NAG UA . -11.47 -27.46 38.06
C2 NAG UA . -10.99 -28.74 37.41
C3 NAG UA . -10.18 -29.56 38.40
C4 NAG UA . -11.01 -29.88 39.65
C5 NAG UA . -11.75 -28.67 40.22
C6 NAG UA . -10.92 -27.83 41.18
C7 NAG UA . -11.97 -30.37 35.86
C8 NAG UA . -13.22 -31.08 35.44
N2 NAG UA . -12.10 -29.51 36.87
O3 NAG UA . -9.01 -28.85 38.76
O4 NAG UA . -11.96 -30.90 39.35
O5 NAG UA . -12.29 -27.78 39.22
O6 NAG UA . -9.62 -27.55 40.68
O7 NAG UA . -10.89 -30.55 35.29
C1 NAG VA . -29.13 -28.40 51.24
C2 NAG VA . -29.64 -29.61 50.44
C3 NAG VA . -28.57 -30.69 50.39
C4 NAG VA . -27.27 -30.12 49.85
C5 NAG VA . -26.86 -28.89 50.64
C6 NAG VA . -25.63 -28.19 50.08
C7 NAG VA . -32.05 -30.11 50.40
C8 NAG VA . -33.21 -30.69 51.14
N2 NAG VA . -30.87 -30.13 51.03
O3 NAG VA . -29.02 -31.76 49.56
O4 NAG VA . -26.24 -31.10 49.94
O5 NAG VA . -27.91 -27.92 50.65
O6 NAG VA . -25.68 -26.80 50.28
O7 NAG VA . -32.16 -29.66 49.26
C1 NAG WA . -58.69 -46.68 32.32
C2 NAG WA . -57.91 -46.92 33.62
C3 NAG WA . -56.75 -47.88 33.36
C4 NAG WA . -57.26 -49.16 32.69
C5 NAG WA . -58.06 -48.82 31.45
C6 NAG WA . -58.68 -50.03 30.79
C7 NAG WA . -58.04 -45.01 35.15
C8 NAG WA . -57.39 -43.74 35.61
N2 NAG WA . -57.41 -45.67 34.17
O3 NAG WA . -56.11 -48.20 34.59
O4 NAG WA . -56.15 -49.99 32.34
O5 NAG WA . -59.13 -47.92 31.79
O6 NAG WA . -59.99 -50.26 31.28
O7 NAG WA . -59.08 -45.41 35.65
C1 NAG XA . -60.57 -33.62 40.78
C2 NAG XA . -60.11 -32.24 41.27
C3 NAG XA . -58.61 -32.25 41.56
C4 NAG XA . -58.26 -33.38 42.52
C5 NAG XA . -58.78 -34.71 41.98
C6 NAG XA . -58.58 -35.86 42.95
C7 NAG XA . -61.24 -30.17 40.57
C8 NAG XA . -61.82 -30.14 41.96
N2 NAG XA . -60.44 -31.21 40.30
O3 NAG XA . -58.22 -31.01 42.12
O4 NAG XA . -56.84 -33.47 42.67
O5 NAG XA . -60.20 -34.62 41.74
O6 NAG XA . -57.94 -35.42 44.14
O7 NAG XA . -61.50 -29.32 39.74
C1 NAG YA . 43.05 -3.78 13.15
C2 NAG YA . 43.87 -3.32 11.95
C3 NAG YA . 44.88 -2.26 12.38
C4 NAG YA . 44.17 -1.11 13.09
C5 NAG YA . 43.34 -1.65 14.25
C6 NAG YA . 42.53 -0.57 14.93
C7 NAG YA . 44.83 -4.50 10.02
C8 NAG YA . 45.52 -5.74 9.56
N2 NAG YA . 44.56 -4.44 11.33
O3 NAG YA . 45.57 -1.77 11.24
O4 NAG YA . 45.13 -0.17 13.58
O5 NAG YA . 42.42 -2.64 13.78
O6 NAG YA . 41.78 0.18 14.01
O7 NAG YA . 44.51 -3.60 9.26
C1 NAG ZA . 27.12 -24.35 24.46
C2 NAG ZA . 26.99 -23.80 23.03
C3 NAG ZA . 27.72 -24.69 22.02
C4 NAG ZA . 29.10 -25.07 22.52
C5 NAG ZA . 28.97 -25.75 23.87
C6 NAG ZA . 30.29 -26.20 24.45
C7 NAG ZA . 24.53 -24.26 23.07
C8 NAG ZA . 23.29 -23.41 23.10
N2 NAG ZA . 25.62 -23.66 22.56
O3 NAG ZA . 27.79 -24.01 20.77
O4 NAG ZA . 29.71 -25.98 21.60
O5 NAG ZA . 28.42 -24.79 24.80
O6 NAG ZA . 30.13 -26.83 25.72
O7 NAG ZA . 24.54 -25.42 23.45
ZN ZN AB . 76.09 10.37 -39.92
CL CL BB . 99.17 16.74 -44.59
C1 NAG CB . 65.25 -11.48 -32.25
C2 NAG CB . 66.07 -12.58 -32.92
C3 NAG CB . 65.29 -13.17 -34.10
C4 NAG CB . 63.90 -13.60 -33.67
C5 NAG CB . 63.18 -12.44 -32.97
C6 NAG CB . 61.84 -12.85 -32.41
C7 NAG CB . 68.47 -12.19 -32.59
C8 NAG CB . 69.72 -11.63 -33.19
N2 NAG CB . 67.37 -12.10 -33.34
O3 NAG CB . 66.00 -14.28 -34.63
O4 NAG CB . 63.14 -13.99 -34.81
O5 NAG CB . 63.97 -11.98 -31.86
O6 NAG CB . 61.90 -14.13 -31.78
O7 NAG CB . 68.45 -12.69 -31.47
C1 NAG DB . 63.57 26.47 -14.73
C2 NAG DB . 62.83 25.84 -13.55
C3 NAG DB . 61.88 24.74 -14.05
C4 NAG DB . 60.94 25.29 -15.11
C5 NAG DB . 61.76 25.92 -16.24
C6 NAG DB . 60.90 26.57 -17.30
C7 NAG DB . 64.02 25.89 -11.41
C8 NAG DB . 65.02 25.20 -10.53
N2 NAG DB . 63.76 25.29 -12.58
O3 NAG DB . 61.13 24.22 -12.96
O4 NAG DB . 60.13 24.26 -15.64
O5 NAG DB . 62.62 26.94 -15.71
O6 NAG DB . 59.84 27.32 -16.73
O7 NAG DB . 63.50 26.95 -11.09
C1 NAG EB . 55.74 0.64 -35.86
C2 NAG EB . 55.07 -0.34 -36.83
C3 NAG EB . 53.89 -1.02 -36.15
C4 NAG EB . 54.32 -1.65 -34.84
C5 NAG EB . 54.99 -0.60 -33.96
C6 NAG EB . 55.54 -1.17 -32.66
C7 NAG EB . 55.24 0.14 -39.22
C8 NAG EB . 54.68 0.90 -40.37
N2 NAG EB . 54.64 0.33 -38.04
O3 NAG EB . 53.34 -2.00 -37.02
O4 NAG EB . 53.18 -2.18 -34.16
O5 NAG EB . 56.11 -0.04 -34.67
O6 NAG EB . 56.53 -2.15 -32.92
O7 NAG EB . 56.20 -0.63 -39.34
C1 NAG FB . 63.06 20.87 -60.17
C2 NAG FB . 61.85 19.94 -60.29
C3 NAG FB . 61.23 20.06 -61.69
C4 NAG FB . 60.92 21.51 -62.00
C5 NAG FB . 62.17 22.37 -61.81
C6 NAG FB . 61.90 23.85 -62.00
C7 NAG FB . 61.52 17.75 -59.20
C8 NAG FB . 60.30 18.36 -58.56
N2 NAG FB . 62.22 18.56 -60.01
O3 NAG FB . 60.04 19.28 -61.74
O4 NAG FB . 60.47 21.63 -63.35
O5 NAG FB . 62.67 22.21 -60.48
O6 NAG FB . 60.61 24.21 -61.53
O7 NAG FB . 61.86 16.60 -58.99
#